data_3PCM
#
_entry.id   3PCM
#
_cell.length_a   196.100
_cell.length_b   127.300
_cell.length_c   134.500
_cell.angle_alpha   90.00
_cell.angle_beta   97.70
_cell.angle_gamma   90.00
#
_symmetry.space_group_name_H-M   'I 1 2 1'
#
loop_
_entity.id
_entity.type
_entity.pdbx_description
1 polymer 'PROTOCATECHUATE 3,4-DIOXYGENASE'
2 polymer 'PROTOCATECHUATE 3,4-DIOXYGENASE'
3 non-polymer 'CYANIDE ION'
4 non-polymer 'FE (III) ION'
5 non-polymer '6-HYDROXYISONICOTINIC ACID N-OXIDE'
6 water water
#
loop_
_entity_poly.entity_id
_entity_poly.type
_entity_poly.pdbx_seq_one_letter_code
_entity_poly.pdbx_strand_id
1 'polypeptide(L)'
;PIELLPETPSQTAGPYVHIGLALEAAGNPTRDQEIWNRLAKPDAPGEHILLLGQVYDGNGHLVRDSFLEVWQADANGEYQ
DAYNLENAFNSFGRTATTFDAGEWTLHTVKPGVVNNAAGVPMAPHINISLFARGINIHLHTRLYFDDEAQANAKCPVLNL
IEQPQRRETLIAKRCEVDGKTAYRFDIRIQGEGETVFFDF
;
A,B,C,D,E,F
2 'polypeptide(L)'
;PAQDNSRFVIRDRNWHPKALTPDYKTSIARSPRQALVSIPQSISETTGPNFSHLGFGAHDHDLLLNFNNGGLPIGERIIV
AGRVVDQYGKPVPNTLVEMWQANAGGRYRHKNDRYLAPLDPNFGGVGRCLTDSDGYYSFRTIKPGPYPWRNGPNDWRPAH
IHFGISGPSIATKLITQLYFEGDPLIPMCPIVKSIANPEAVQQLIAKLDMNNANPMDCLAYRFDIVLRGQRKTHFENC
;
M,N,O,P,Q,R
#
loop_
_chem_comp.id
_chem_comp.type
_chem_comp.name
_chem_comp.formula
CYN non-polymer 'CYANIDE ION' 'C N -1'
FE non-polymer 'FE (III) ION' 'Fe 3'
NNO non-polymer '6-HYDROXYISONICOTINIC ACID N-OXIDE' 'C6 H5 N O4'
#
# COMPACT_ATOMS: atom_id res chain seq x y z
N PRO A 1 -11.69 11.30 -26.95
CA PRO A 1 -10.84 12.39 -27.48
C PRO A 1 -9.39 12.01 -27.15
N ILE A 2 -8.45 12.84 -27.59
CA ILE A 2 -7.02 12.62 -27.32
C ILE A 2 -6.67 13.11 -25.91
N GLU A 3 -5.76 12.39 -25.30
CA GLU A 3 -5.27 12.74 -23.94
C GLU A 3 -3.75 12.75 -23.91
N LEU A 4 -3.21 13.80 -23.29
CA LEU A 4 -1.72 13.93 -23.21
C LEU A 4 -1.34 13.46 -21.79
N LEU A 5 -0.07 13.60 -21.46
CA LEU A 5 0.32 13.26 -20.05
C LEU A 5 -0.33 14.44 -19.27
N PRO A 6 -0.82 14.17 -18.10
CA PRO A 6 -1.42 15.20 -17.26
C PRO A 6 -0.25 16.00 -16.63
N GLU A 7 -0.51 17.29 -16.49
CA GLU A 7 0.51 18.20 -15.92
C GLU A 7 0.70 17.90 -14.45
N THR A 8 1.90 18.06 -13.94
CA THR A 8 2.11 17.82 -12.47
C THR A 8 1.20 18.84 -11.78
N PRO A 9 0.53 18.39 -10.73
CA PRO A 9 -0.35 19.23 -9.93
C PRO A 9 0.45 20.21 -9.09
N SER A 10 -0.11 21.41 -8.97
CA SER A 10 0.51 22.49 -8.16
C SER A 10 0.17 22.27 -6.68
N GLN A 11 0.95 22.87 -5.82
CA GLN A 11 0.77 22.88 -4.37
C GLN A 11 1.18 24.28 -3.88
N THR A 12 0.60 24.65 -2.78
CA THR A 12 0.91 25.97 -2.17
C THR A 12 2.43 26.02 -2.06
N ALA A 13 2.93 27.25 -2.00
CA ALA A 13 4.35 27.50 -1.86
C ALA A 13 4.74 27.32 -0.39
N GLY A 14 3.77 27.48 0.48
CA GLY A 14 3.95 27.35 1.92
C GLY A 14 4.51 28.66 2.52
N PRO A 15 4.46 28.76 3.84
CA PRO A 15 4.96 29.89 4.58
C PRO A 15 6.45 30.17 4.51
N TYR A 16 7.27 29.18 4.33
CA TYR A 16 8.72 29.28 4.30
C TYR A 16 9.34 29.34 2.93
N VAL A 17 8.57 29.77 1.94
CA VAL A 17 8.99 29.90 0.55
C VAL A 17 10.28 30.68 0.41
N HIS A 18 10.48 31.63 1.31
CA HIS A 18 11.67 32.48 1.32
C HIS A 18 12.96 31.71 1.41
N ILE A 19 12.99 30.62 2.17
CA ILE A 19 14.25 29.86 2.28
C ILE A 19 14.72 29.44 0.90
N GLY A 20 13.78 29.11 0.05
CA GLY A 20 14.04 28.66 -1.29
C GLY A 20 14.22 29.72 -2.35
N LEU A 21 13.33 30.69 -2.35
CA LEU A 21 13.24 31.77 -3.31
C LEU A 21 13.56 33.17 -2.90
N ALA A 22 13.74 33.47 -1.67
CA ALA A 22 14.03 34.81 -1.12
C ALA A 22 14.93 34.69 0.12
N LEU A 23 16.10 34.14 -0.13
CA LEU A 23 17.09 33.87 0.91
C LEU A 23 17.22 34.95 1.95
N GLU A 24 17.51 36.16 1.49
CA GLU A 24 17.65 37.32 2.39
C GLU A 24 16.51 37.33 3.40
N ALA A 25 15.29 37.42 2.91
CA ALA A 25 14.06 37.47 3.67
C ALA A 25 13.92 36.38 4.70
N ALA A 26 14.35 35.19 4.31
CA ALA A 26 14.28 34.02 5.21
C ALA A 26 15.23 34.33 6.39
N GLY A 27 16.12 35.27 6.08
CA GLY A 27 17.16 35.72 7.03
C GLY A 27 18.32 34.72 6.98
N ASN A 28 18.56 34.21 5.79
CA ASN A 28 19.64 33.25 5.53
C ASN A 28 20.67 33.85 4.55
N PRO A 29 21.87 33.33 4.63
CA PRO A 29 22.96 33.75 3.76
C PRO A 29 22.54 33.55 2.30
N THR A 30 22.87 34.49 1.44
CA THR A 30 22.50 34.34 0.01
C THR A 30 23.69 33.76 -0.75
N ARG A 31 23.44 33.40 -1.99
CA ARG A 31 24.47 32.84 -2.89
C ARG A 31 25.05 33.96 -3.71
N ASP A 32 26.07 33.69 -4.48
CA ASP A 32 26.74 34.67 -5.30
C ASP A 32 25.74 35.39 -6.20
N GLN A 33 24.93 34.62 -6.89
CA GLN A 33 23.93 35.18 -7.83
C GLN A 33 22.52 34.80 -7.42
N GLU A 34 21.68 35.79 -7.27
CA GLU A 34 20.29 35.66 -6.90
C GLU A 34 19.38 36.47 -7.83
N ILE A 35 18.19 35.93 -8.01
CA ILE A 35 17.12 36.52 -8.81
C ILE A 35 16.32 37.37 -7.80
N TRP A 36 16.45 38.68 -7.96
CA TRP A 36 15.78 39.60 -7.01
C TRP A 36 14.95 40.68 -7.66
N ASN A 37 14.64 41.72 -6.93
CA ASN A 37 13.79 42.81 -7.29
C ASN A 37 14.35 44.03 -7.98
N ARG A 38 15.44 43.92 -8.69
CA ARG A 38 16.07 45.03 -9.42
C ARG A 38 16.24 44.58 -10.87
N LEU A 39 15.23 44.79 -11.68
CA LEU A 39 15.24 44.39 -13.09
C LEU A 39 16.16 45.27 -13.93
N ALA A 40 16.29 46.52 -13.50
CA ALA A 40 17.12 47.48 -14.24
C ALA A 40 18.22 48.10 -13.40
N LYS A 41 19.36 48.21 -14.05
CA LYS A 41 20.56 48.89 -13.48
C LYS A 41 20.37 50.37 -13.91
N PRO A 42 20.90 51.24 -13.10
CA PRO A 42 20.82 52.69 -13.32
C PRO A 42 21.09 53.09 -14.76
N ASP A 43 21.93 52.36 -15.43
CA ASP A 43 22.32 52.62 -16.82
C ASP A 43 21.40 52.01 -17.85
N ALA A 44 20.22 51.62 -17.45
CA ALA A 44 19.27 50.99 -18.40
C ALA A 44 18.37 52.08 -19.01
N PRO A 45 18.21 51.98 -20.33
CA PRO A 45 17.36 52.89 -21.09
C PRO A 45 15.90 52.68 -20.68
N GLY A 46 15.16 53.76 -20.69
CA GLY A 46 13.73 53.77 -20.35
C GLY A 46 13.54 54.65 -19.10
N GLU A 47 12.29 54.76 -18.69
CA GLU A 47 11.93 55.55 -17.52
C GLU A 47 11.99 54.64 -16.29
N HIS A 48 12.93 54.98 -15.44
CA HIS A 48 13.15 54.26 -14.17
C HIS A 48 12.04 54.64 -13.18
N ILE A 49 11.32 53.61 -12.76
CA ILE A 49 10.23 53.74 -11.79
C ILE A 49 10.49 52.75 -10.63
N LEU A 50 9.69 52.93 -9.62
CA LEU A 50 9.64 52.11 -8.42
C LEU A 50 8.20 51.60 -8.27
N LEU A 51 8.10 50.29 -8.11
CA LEU A 51 6.77 49.66 -7.89
C LEU A 51 6.72 49.23 -6.42
N LEU A 52 5.56 49.38 -5.84
CA LEU A 52 5.33 48.99 -4.45
C LEU A 52 3.86 48.69 -4.26
N GLY A 53 3.58 47.84 -3.29
CA GLY A 53 2.17 47.48 -3.00
C GLY A 53 2.12 46.50 -1.85
N GLN A 54 0.88 46.27 -1.44
CA GLN A 54 0.52 45.33 -0.37
C GLN A 54 -0.51 44.33 -0.92
N VAL A 55 -0.57 43.20 -0.26
CA VAL A 55 -1.47 42.09 -0.60
C VAL A 55 -2.48 41.92 0.52
N TYR A 56 -3.76 41.87 0.21
CA TYR A 56 -4.83 41.72 1.17
C TYR A 56 -5.62 40.43 1.00
N ASP A 57 -5.97 39.86 2.14
CA ASP A 57 -6.77 38.60 2.16
C ASP A 57 -8.23 39.07 2.17
N GLY A 58 -9.16 38.17 2.17
CA GLY A 58 -10.57 38.44 2.17
C GLY A 58 -11.10 39.10 3.40
N ASN A 59 -10.36 39.23 4.47
CA ASN A 59 -10.82 39.88 5.69
C ASN A 59 -10.28 41.32 5.71
N GLY A 60 -9.48 41.62 4.72
CA GLY A 60 -8.86 42.95 4.59
C GLY A 60 -7.58 42.95 5.37
N HIS A 61 -7.06 41.77 5.69
CA HIS A 61 -5.80 41.65 6.45
C HIS A 61 -4.61 41.47 5.52
N LEU A 62 -3.48 42.05 5.90
CA LEU A 62 -2.24 41.98 5.15
C LEU A 62 -1.76 40.52 5.07
N VAL A 63 -1.28 40.16 3.91
CA VAL A 63 -0.69 38.84 3.60
C VAL A 63 0.82 39.12 3.58
N ARG A 64 1.44 38.88 4.72
CA ARG A 64 2.84 39.14 4.95
C ARG A 64 3.83 38.10 4.48
N ASP A 65 3.35 37.03 3.88
CA ASP A 65 4.22 35.95 3.39
C ASP A 65 4.05 35.68 1.90
N SER A 66 3.60 36.69 1.16
CA SER A 66 3.41 36.52 -0.28
C SER A 66 4.74 36.56 -1.01
N PHE A 67 4.76 35.91 -2.15
CA PHE A 67 5.96 35.83 -3.02
C PHE A 67 5.48 36.24 -4.42
N LEU A 68 6.25 37.11 -5.06
CA LEU A 68 5.84 37.58 -6.40
C LEU A 68 6.90 37.40 -7.46
N GLU A 69 6.42 37.08 -8.65
CA GLU A 69 7.29 36.93 -9.84
C GLU A 69 6.70 37.85 -10.90
N VAL A 70 7.52 38.64 -11.54
CA VAL A 70 7.09 39.61 -12.56
C VAL A 70 7.83 39.37 -13.88
N TRP A 71 7.14 39.69 -14.93
CA TRP A 71 7.66 39.52 -16.30
C TRP A 71 7.16 40.71 -17.13
N GLN A 72 8.14 41.42 -17.69
CA GLN A 72 7.83 42.61 -18.50
C GLN A 72 8.80 42.83 -19.64
N ALA A 73 8.31 43.60 -20.62
CA ALA A 73 9.15 43.99 -21.77
C ALA A 73 10.08 45.14 -21.30
N ASP A 74 11.12 45.33 -22.09
CA ASP A 74 12.05 46.47 -21.83
C ASP A 74 11.32 47.72 -22.37
N ALA A 75 11.96 48.86 -22.30
CA ALA A 75 11.46 50.15 -22.74
C ALA A 75 11.04 50.19 -24.20
N ASN A 76 11.55 49.33 -25.03
CA ASN A 76 11.27 49.21 -26.44
C ASN A 76 10.10 48.24 -26.72
N GLY A 77 9.56 47.67 -25.67
CA GLY A 77 8.46 46.72 -25.76
C GLY A 77 9.00 45.36 -26.23
N GLU A 78 10.17 45.03 -25.75
CA GLU A 78 10.87 43.78 -26.08
C GLU A 78 11.19 42.96 -24.83
N TYR A 79 10.86 41.69 -24.96
CA TYR A 79 11.06 40.69 -23.90
C TYR A 79 12.47 40.13 -23.98
N GLN A 80 13.19 40.37 -22.91
CA GLN A 80 14.60 39.92 -22.78
C GLN A 80 14.62 38.67 -21.89
N ASP A 81 14.63 37.53 -22.55
CA ASP A 81 14.63 36.24 -21.90
C ASP A 81 15.97 35.75 -21.42
N ALA A 82 17.07 36.25 -21.97
CA ALA A 82 18.41 35.81 -21.57
C ALA A 82 18.81 36.40 -20.22
N TYR A 83 18.37 35.75 -19.16
CA TYR A 83 18.66 36.22 -17.81
C TYR A 83 20.15 36.21 -17.48
N ASN A 84 20.64 37.35 -17.05
CA ASN A 84 22.05 37.56 -16.68
C ASN A 84 22.15 38.77 -15.75
N LEU A 85 22.90 38.61 -14.70
CA LEU A 85 23.07 39.69 -13.71
C LEU A 85 23.92 40.83 -14.28
N GLU A 86 24.57 40.53 -15.39
CA GLU A 86 25.42 41.50 -16.08
C GLU A 86 24.60 42.46 -16.92
N ASN A 87 23.45 42.01 -17.37
CA ASN A 87 22.51 42.80 -18.16
C ASN A 87 22.17 44.06 -17.34
N ALA A 88 21.87 45.12 -18.09
CA ALA A 88 21.49 46.41 -17.53
C ALA A 88 19.98 46.37 -17.23
N PHE A 89 19.33 45.45 -17.91
CA PHE A 89 17.92 45.18 -17.80
C PHE A 89 17.62 43.69 -18.02
N ASN A 90 16.78 43.17 -17.15
CA ASN A 90 16.29 41.77 -17.19
C ASN A 90 14.75 41.90 -17.11
N SER A 91 14.07 41.14 -17.92
CA SER A 91 12.61 41.12 -18.03
C SER A 91 11.94 40.44 -16.85
N PHE A 92 12.73 39.63 -16.15
CA PHE A 92 12.25 38.86 -14.99
C PHE A 92 12.84 39.32 -13.68
N GLY A 93 12.02 39.23 -12.65
CA GLY A 93 12.37 39.57 -11.27
C GLY A 93 11.44 38.86 -10.27
N ARG A 94 11.81 38.95 -9.00
CA ARG A 94 11.12 38.38 -7.86
C ARG A 94 11.16 39.41 -6.73
N THR A 95 10.16 39.38 -5.92
CA THR A 95 10.00 40.25 -4.75
C THR A 95 9.11 39.48 -3.78
N ALA A 96 9.01 39.98 -2.60
CA ALA A 96 8.21 39.42 -1.52
C ALA A 96 7.85 40.54 -0.56
N THR A 97 6.74 40.35 0.14
CA THR A 97 6.27 41.31 1.14
C THR A 97 6.97 41.06 2.47
N THR A 98 7.30 42.18 3.11
CA THR A 98 7.95 42.23 4.42
C THR A 98 7.01 41.62 5.48
N PHE A 99 7.63 40.93 6.41
CA PHE A 99 6.90 40.27 7.52
C PHE A 99 6.32 41.36 8.42
N ASP A 100 6.91 42.52 8.36
CA ASP A 100 6.48 43.67 9.19
C ASP A 100 5.40 44.47 8.48
N ALA A 101 5.85 45.46 7.73
CA ALA A 101 4.97 46.37 6.98
C ALA A 101 4.06 45.65 6.00
N GLY A 102 4.54 44.55 5.44
CA GLY A 102 3.80 43.73 4.51
C GLY A 102 3.73 44.33 3.11
N GLU A 103 4.83 44.94 2.73
CA GLU A 103 4.93 45.63 1.43
C GLU A 103 6.07 45.13 0.58
N TRP A 104 5.81 45.03 -0.72
CA TRP A 104 6.88 44.59 -1.67
C TRP A 104 7.33 45.82 -2.46
N THR A 105 8.47 45.68 -3.09
CA THR A 105 9.04 46.73 -3.95
C THR A 105 9.84 46.09 -5.09
N LEU A 106 9.80 46.82 -6.19
CA LEU A 106 10.48 46.43 -7.44
C LEU A 106 11.10 47.71 -8.03
N HIS A 107 12.28 47.54 -8.57
CA HIS A 107 13.05 48.61 -9.23
C HIS A 107 13.17 48.20 -10.69
N THR A 108 12.46 48.93 -11.55
CA THR A 108 12.49 48.60 -13.00
C THR A 108 12.40 49.87 -13.85
N VAL A 109 12.01 49.64 -15.10
CA VAL A 109 11.76 50.62 -16.13
C VAL A 109 10.35 50.35 -16.65
N LYS A 110 9.70 51.44 -17.07
CA LYS A 110 8.32 51.32 -17.62
C LYS A 110 8.47 50.59 -18.96
N PRO A 111 7.67 49.53 -19.13
CA PRO A 111 7.72 48.71 -20.33
C PRO A 111 7.10 49.40 -21.54
N GLY A 112 7.58 49.08 -22.72
CA GLY A 112 7.10 49.59 -24.01
C GLY A 112 5.89 48.73 -24.41
N VAL A 113 5.19 49.13 -25.42
CA VAL A 113 4.02 48.49 -25.97
C VAL A 113 4.38 47.21 -26.74
N VAL A 114 3.53 46.22 -26.56
CA VAL A 114 3.63 44.92 -27.23
C VAL A 114 2.25 44.62 -27.82
N ASN A 115 2.23 43.98 -28.95
CA ASN A 115 1.01 43.58 -29.65
C ASN A 115 0.59 42.16 -29.22
N ASN A 116 -0.71 41.94 -29.30
CA ASN A 116 -1.29 40.62 -28.97
C ASN A 116 -1.07 39.75 -30.22
N ALA A 117 -1.56 38.55 -30.18
CA ALA A 117 -1.37 37.62 -31.33
C ALA A 117 -1.98 38.21 -32.59
N ALA A 118 -3.09 38.91 -32.44
CA ALA A 118 -3.82 39.51 -33.55
C ALA A 118 -3.25 40.80 -34.11
N GLY A 119 -2.12 41.27 -33.67
CA GLY A 119 -1.50 42.48 -34.14
C GLY A 119 -1.97 43.76 -33.52
N VAL A 120 -2.79 43.72 -32.49
CA VAL A 120 -3.31 44.88 -31.74
C VAL A 120 -2.46 45.11 -30.49
N PRO A 121 -2.10 46.36 -30.25
CA PRO A 121 -1.29 46.75 -29.12
C PRO A 121 -1.99 46.74 -27.77
N MET A 122 -1.28 46.20 -26.78
CA MET A 122 -1.77 46.14 -25.40
C MET A 122 -1.17 47.34 -24.69
N ALA A 123 -1.81 47.85 -23.67
CA ALA A 123 -1.19 49.01 -22.94
C ALA A 123 0.00 48.46 -22.17
N PRO A 124 0.97 49.31 -21.88
CA PRO A 124 2.16 48.90 -21.09
C PRO A 124 1.65 48.12 -19.88
N HIS A 125 2.26 46.99 -19.58
CA HIS A 125 1.85 46.17 -18.43
C HIS A 125 2.98 45.27 -17.95
N ILE A 126 2.82 44.85 -16.70
CA ILE A 126 3.74 43.95 -16.02
C ILE A 126 2.95 42.69 -15.65
N ASN A 127 3.47 41.56 -16.08
CA ASN A 127 2.83 40.24 -15.79
C ASN A 127 3.27 39.84 -14.39
N ILE A 128 2.30 39.57 -13.55
CA ILE A 128 2.54 39.17 -12.18
C ILE A 128 1.89 37.82 -11.82
N SER A 129 2.69 37.03 -11.10
CA SER A 129 2.28 35.73 -10.57
C SER A 129 2.42 35.81 -9.03
N LEU A 130 1.34 35.52 -8.36
CA LEU A 130 1.34 35.54 -6.88
C LEU A 130 1.30 34.14 -6.28
N PHE A 131 2.22 33.96 -5.35
CA PHE A 131 2.42 32.72 -4.59
C PHE A 131 2.35 33.01 -3.09
N ALA A 132 1.81 32.04 -2.37
CA ALA A 132 1.74 32.11 -0.92
C ALA A 132 0.99 30.92 -0.31
N ARG A 133 1.28 30.81 0.95
CA ARG A 133 0.63 29.83 1.86
C ARG A 133 -0.87 30.20 1.74
N GLY A 134 -1.70 29.19 1.57
CA GLY A 134 -3.13 29.37 1.43
C GLY A 134 -3.54 29.44 -0.04
N ILE A 135 -2.55 29.60 -0.90
CA ILE A 135 -2.83 29.69 -2.36
C ILE A 135 -2.39 28.38 -2.99
N ASN A 136 -3.33 27.58 -3.41
CA ASN A 136 -3.02 26.22 -3.96
C ASN A 136 -2.33 26.27 -5.27
N ILE A 137 -2.81 27.19 -6.12
CA ILE A 137 -2.30 27.43 -7.47
C ILE A 137 -2.15 28.96 -7.57
N HIS A 138 -0.98 29.36 -7.99
CA HIS A 138 -0.64 30.78 -8.07
C HIS A 138 -1.67 31.54 -8.89
N LEU A 139 -1.75 32.83 -8.59
CA LEU A 139 -2.71 33.73 -9.26
C LEU A 139 -1.92 34.60 -10.24
N HIS A 140 -2.51 34.75 -11.41
CA HIS A 140 -1.87 35.57 -12.46
C HIS A 140 -2.68 36.88 -12.58
N THR A 141 -1.94 37.96 -12.62
CA THR A 141 -2.57 39.29 -12.81
C THR A 141 -1.69 40.14 -13.73
N ARG A 142 -2.11 41.36 -13.92
CA ARG A 142 -1.38 42.33 -14.77
C ARG A 142 -1.46 43.71 -14.13
N LEU A 143 -0.35 44.41 -14.09
CA LEU A 143 -0.29 45.77 -13.53
C LEU A 143 -0.22 46.73 -14.74
N TYR A 144 -1.16 47.61 -14.79
CA TYR A 144 -1.28 48.67 -15.80
C TYR A 144 -1.03 50.00 -15.06
N PHE A 145 -0.73 51.04 -15.80
CA PHE A 145 -0.42 52.36 -15.23
C PHE A 145 -1.49 53.39 -15.50
N ASP A 146 -1.76 54.20 -14.50
CA ASP A 146 -2.76 55.24 -14.50
C ASP A 146 -2.48 56.38 -15.48
N ASP A 147 -1.24 56.59 -15.82
CA ASP A 147 -0.79 57.62 -16.71
C ASP A 147 -0.72 57.18 -18.17
N GLU A 148 -1.39 56.12 -18.50
CA GLU A 148 -1.45 55.50 -19.81
C GLU A 148 -2.92 55.26 -20.17
N ALA A 149 -3.72 56.13 -19.58
CA ALA A 149 -5.16 56.18 -19.71
C ALA A 149 -5.64 55.97 -21.13
N GLN A 150 -5.08 56.68 -22.07
CA GLN A 150 -5.45 56.59 -23.49
C GLN A 150 -5.20 55.19 -24.04
N ALA A 151 -4.07 54.64 -23.69
CA ALA A 151 -3.67 53.29 -24.12
C ALA A 151 -4.53 52.21 -23.48
N ASN A 152 -4.81 52.38 -22.19
CA ASN A 152 -5.60 51.45 -21.40
C ASN A 152 -7.01 51.26 -21.95
N ALA A 153 -7.61 52.31 -22.46
CA ALA A 153 -8.97 52.27 -23.00
C ALA A 153 -9.07 51.34 -24.20
N LYS A 154 -7.97 51.19 -24.92
CA LYS A 154 -7.88 50.38 -26.11
C LYS A 154 -7.25 49.02 -25.99
N CYS A 155 -6.70 48.65 -24.87
CA CYS A 155 -6.07 47.34 -24.67
C CYS A 155 -7.09 46.21 -24.85
N PRO A 156 -6.77 45.28 -25.72
CA PRO A 156 -7.64 44.14 -25.99
C PRO A 156 -7.80 43.25 -24.78
N VAL A 157 -6.78 43.20 -23.94
CA VAL A 157 -6.82 42.35 -22.73
C VAL A 157 -7.78 42.91 -21.71
N LEU A 158 -7.55 44.18 -21.40
CA LEU A 158 -8.36 44.94 -20.45
C LEU A 158 -9.81 45.00 -20.87
N ASN A 159 -10.04 45.03 -22.17
CA ASN A 159 -11.37 45.07 -22.77
C ASN A 159 -12.06 43.73 -22.66
N LEU A 160 -11.32 42.71 -22.26
CA LEU A 160 -11.88 41.35 -22.08
C LEU A 160 -12.65 41.26 -20.75
N ILE A 161 -12.29 42.11 -19.81
CA ILE A 161 -12.94 42.19 -18.49
C ILE A 161 -14.32 42.82 -18.69
N GLU A 162 -15.32 41.97 -18.70
CA GLU A 162 -16.71 42.32 -18.90
C GLU A 162 -17.18 43.56 -18.19
N GLN A 163 -16.87 43.70 -16.92
CA GLN A 163 -17.32 44.82 -16.10
C GLN A 163 -16.26 45.87 -15.89
N PRO A 164 -16.53 47.03 -16.46
CA PRO A 164 -15.64 48.19 -16.39
C PRO A 164 -15.11 48.47 -15.01
N GLN A 165 -15.93 48.36 -13.99
CA GLN A 165 -15.48 48.65 -12.61
C GLN A 165 -14.34 47.73 -12.18
N ARG A 166 -14.23 46.56 -12.81
CA ARG A 166 -13.21 45.58 -12.49
C ARG A 166 -11.87 45.88 -13.13
N ARG A 167 -11.90 46.55 -14.26
CA ARG A 167 -10.68 46.92 -14.99
C ARG A 167 -9.77 47.81 -14.18
N GLU A 168 -10.37 48.63 -13.34
CA GLU A 168 -9.65 49.57 -12.48
C GLU A 168 -8.83 48.94 -11.39
N THR A 169 -9.10 47.71 -11.04
CA THR A 169 -8.38 46.96 -10.01
C THR A 169 -6.96 46.69 -10.50
N LEU A 170 -6.79 46.75 -11.82
CA LEU A 170 -5.52 46.50 -12.47
C LEU A 170 -4.67 47.72 -12.71
N ILE A 171 -5.14 48.89 -12.35
CA ILE A 171 -4.39 50.14 -12.59
C ILE A 171 -3.61 50.68 -11.43
N ALA A 172 -2.29 50.70 -11.56
CA ALA A 172 -1.38 51.22 -10.54
C ALA A 172 -1.53 52.76 -10.51
N LYS A 173 -1.51 53.28 -9.31
CA LYS A 173 -1.63 54.71 -9.02
C LYS A 173 -0.26 55.35 -8.84
N ARG A 174 0.05 56.26 -9.77
CA ARG A 174 1.28 57.01 -9.83
C ARG A 174 1.45 57.96 -8.66
N CYS A 175 2.68 58.04 -8.20
CA CYS A 175 3.09 58.91 -7.09
C CYS A 175 4.61 59.02 -7.17
N GLU A 176 5.17 59.61 -6.14
CA GLU A 176 6.62 59.80 -6.05
C GLU A 176 7.09 59.27 -4.70
N VAL A 177 8.23 58.62 -4.73
CA VAL A 177 8.82 58.06 -3.50
C VAL A 177 10.27 58.51 -3.50
N ASP A 178 10.55 59.39 -2.54
CA ASP A 178 11.94 59.93 -2.43
C ASP A 178 12.28 60.70 -3.70
N GLY A 179 11.27 61.36 -4.25
CA GLY A 179 11.39 62.15 -5.46
C GLY A 179 11.48 61.33 -6.73
N LYS A 180 11.26 60.02 -6.64
CA LYS A 180 11.29 59.12 -7.79
C LYS A 180 9.85 58.76 -8.20
N THR A 181 9.70 58.42 -9.47
CA THR A 181 8.40 58.02 -10.00
C THR A 181 8.10 56.60 -9.44
N ALA A 182 6.96 56.53 -8.78
CA ALA A 182 6.49 55.30 -8.16
C ALA A 182 5.02 55.08 -8.49
N TYR A 183 4.66 53.82 -8.56
CA TYR A 183 3.30 53.36 -8.79
C TYR A 183 3.00 52.35 -7.66
N ARG A 184 1.84 52.55 -7.10
CA ARG A 184 1.34 51.70 -6.02
C ARG A 184 0.28 50.75 -6.61
N PHE A 185 0.56 49.47 -6.39
CA PHE A 185 -0.30 48.39 -6.86
C PHE A 185 -0.58 47.38 -5.74
N ASP A 186 -1.74 47.53 -5.17
CA ASP A 186 -2.28 46.72 -4.08
C ASP A 186 -3.17 45.62 -4.68
N ILE A 187 -2.96 44.41 -4.21
CA ILE A 187 -3.72 43.25 -4.65
C ILE A 187 -4.69 42.85 -3.54
N ARG A 188 -5.93 42.69 -3.89
CA ARG A 188 -6.99 42.24 -2.94
C ARG A 188 -7.43 40.89 -3.53
N ILE A 189 -7.03 39.84 -2.84
CA ILE A 189 -7.29 38.47 -3.28
C ILE A 189 -8.76 38.08 -3.26
N GLN A 190 -9.47 38.64 -2.31
CA GLN A 190 -10.89 38.28 -2.13
C GLN A 190 -11.74 39.40 -1.57
N GLY A 191 -12.98 39.45 -1.98
CA GLY A 191 -13.95 40.40 -1.48
C GLY A 191 -13.99 41.70 -2.23
N GLU A 192 -14.36 42.71 -1.47
CA GLU A 192 -14.51 44.10 -1.90
C GLU A 192 -13.28 44.59 -2.63
N GLY A 193 -13.46 44.93 -3.89
CA GLY A 193 -12.39 45.42 -4.74
C GLY A 193 -11.42 44.33 -5.16
N GLU A 194 -11.90 43.10 -5.17
CA GLU A 194 -11.08 41.93 -5.55
C GLU A 194 -10.43 42.19 -6.90
N THR A 195 -9.14 41.96 -6.98
CA THR A 195 -8.33 42.14 -8.17
C THR A 195 -8.66 41.04 -9.18
N VAL A 196 -8.66 41.45 -10.44
CA VAL A 196 -8.91 40.52 -11.53
C VAL A 196 -7.67 39.61 -11.66
N PHE A 197 -7.95 38.34 -11.75
CA PHE A 197 -6.91 37.31 -11.90
C PHE A 197 -7.28 36.63 -13.23
N PHE A 198 -6.28 36.23 -13.97
CA PHE A 198 -6.48 35.60 -15.28
C PHE A 198 -6.11 34.12 -15.34
N ASP A 199 -6.56 33.56 -16.47
CA ASP A 199 -6.27 32.15 -16.85
C ASP A 199 -5.87 32.18 -18.33
N PHE A 200 -4.75 31.57 -18.63
CA PHE A 200 -4.25 31.49 -20.02
C PHE A 200 -3.46 30.17 -20.19
N PRO B 1 15.28 39.01 -29.02
CA PRO B 1 14.57 38.73 -27.76
C PRO B 1 13.58 37.58 -28.03
N ALA B 2 12.75 37.34 -27.04
CA ALA B 2 11.73 36.29 -27.06
C ALA B 2 10.66 36.60 -28.10
N GLN B 3 10.16 35.54 -28.72
CA GLN B 3 9.14 35.67 -29.75
C GLN B 3 8.01 34.65 -29.54
N ASP B 4 6.83 35.09 -29.95
CA ASP B 4 5.59 34.34 -29.85
C ASP B 4 5.46 33.32 -30.98
N ASN B 5 6.11 32.20 -30.81
CA ASN B 5 6.03 31.13 -31.82
C ASN B 5 5.22 29.96 -31.25
N SER B 6 5.09 29.89 -29.94
CA SER B 6 4.40 28.83 -29.23
C SER B 6 3.06 29.14 -28.64
N ARG B 7 2.38 28.04 -28.38
CA ARG B 7 1.05 28.02 -27.72
C ARG B 7 1.24 26.90 -26.67
N PHE B 8 0.54 27.00 -25.58
CA PHE B 8 0.63 26.01 -24.50
C PHE B 8 -0.73 25.41 -24.22
N VAL B 9 -0.71 24.08 -24.07
CA VAL B 9 -1.98 23.37 -23.77
C VAL B 9 -2.61 24.10 -22.58
N ILE B 10 -3.92 24.17 -22.61
CA ILE B 10 -4.73 24.83 -21.58
C ILE B 10 -4.72 23.95 -20.33
N ARG B 11 -4.54 24.61 -19.20
CA ARG B 11 -4.47 23.95 -17.92
C ARG B 11 -5.85 23.41 -17.53
N ASP B 12 -5.76 22.24 -16.92
CA ASP B 12 -6.99 21.57 -16.40
C ASP B 12 -7.05 21.92 -14.92
N ARG B 13 -7.94 22.86 -14.62
CA ARG B 13 -8.13 23.36 -13.27
C ARG B 13 -8.95 22.49 -12.36
N ASN B 14 -9.34 21.34 -12.87
CA ASN B 14 -10.07 20.33 -12.11
C ASN B 14 -9.04 19.24 -11.74
N TRP B 15 -7.90 19.27 -12.40
CA TRP B 15 -6.81 18.33 -12.14
C TRP B 15 -5.98 18.88 -10.97
N HIS B 16 -5.69 20.18 -11.10
CA HIS B 16 -4.92 20.91 -10.08
C HIS B 16 -5.94 21.16 -8.95
N PRO B 17 -5.39 21.47 -7.79
CA PRO B 17 -6.24 21.79 -6.61
C PRO B 17 -7.02 23.08 -6.95
N LYS B 18 -8.18 23.16 -6.33
CA LYS B 18 -9.03 24.37 -6.54
C LYS B 18 -8.48 25.40 -5.52
N ALA B 19 -8.95 26.61 -5.70
CA ALA B 19 -8.59 27.72 -4.85
C ALA B 19 -9.17 27.52 -3.44
N LEU B 20 -10.45 27.25 -3.36
CA LEU B 20 -11.10 27.11 -2.05
C LEU B 20 -11.20 25.63 -1.66
N THR B 21 -10.44 25.31 -0.64
CA THR B 21 -10.40 23.93 -0.10
C THR B 21 -10.40 24.10 1.42
N PRO B 22 -11.61 24.26 1.97
CA PRO B 22 -11.83 24.51 3.36
C PRO B 22 -11.09 23.77 4.42
N ASP B 23 -10.65 22.54 4.23
CA ASP B 23 -9.93 21.80 5.28
C ASP B 23 -8.52 22.37 5.52
N TYR B 24 -8.06 22.99 4.47
CA TYR B 24 -6.78 23.72 4.43
C TYR B 24 -7.24 25.20 4.68
N LYS B 25 -7.38 25.48 5.96
CA LYS B 25 -7.86 26.66 6.57
C LYS B 25 -7.46 27.98 5.97
N THR B 26 -6.17 28.16 5.71
CA THR B 26 -5.67 29.39 5.14
C THR B 26 -6.25 29.71 3.77
N SER B 27 -6.69 28.75 3.02
CA SER B 27 -7.24 28.90 1.68
C SER B 27 -8.55 29.65 1.63
N ILE B 28 -9.29 29.60 2.71
CA ILE B 28 -10.60 30.25 2.83
C ILE B 28 -10.60 31.74 2.52
N ALA B 29 -9.69 32.43 3.19
CA ALA B 29 -9.49 33.88 3.08
C ALA B 29 -8.54 34.29 1.98
N ARG B 30 -7.81 33.32 1.42
CA ARG B 30 -6.86 33.61 0.35
C ARG B 30 -7.25 33.02 -0.98
N SER B 31 -8.53 32.91 -1.22
CA SER B 31 -9.00 32.35 -2.55
C SER B 31 -9.98 33.41 -3.10
N PRO B 32 -9.84 33.69 -4.38
CA PRO B 32 -10.72 34.67 -5.04
C PRO B 32 -12.15 34.14 -5.07
N ARG B 33 -13.08 35.02 -4.98
CA ARG B 33 -14.51 34.70 -5.02
C ARG B 33 -15.04 34.92 -6.42
N GLN B 34 -14.35 35.69 -7.23
CA GLN B 34 -14.74 35.94 -8.62
C GLN B 34 -14.05 34.88 -9.50
N ALA B 35 -14.65 34.64 -10.64
CA ALA B 35 -14.13 33.70 -11.62
C ALA B 35 -12.88 34.31 -12.28
N LEU B 36 -11.95 33.46 -12.66
CA LEU B 36 -10.74 33.95 -13.32
C LEU B 36 -11.24 34.36 -14.73
N VAL B 37 -10.58 35.35 -15.25
CA VAL B 37 -10.93 35.81 -16.63
C VAL B 37 -9.98 35.10 -17.58
N SER B 38 -10.52 34.36 -18.56
CA SER B 38 -9.63 33.69 -19.52
C SER B 38 -9.20 34.72 -20.57
N ILE B 39 -7.94 34.59 -21.00
CA ILE B 39 -7.37 35.48 -22.00
C ILE B 39 -6.51 34.65 -22.96
N PRO B 40 -6.54 35.06 -24.22
CA PRO B 40 -5.75 34.37 -25.24
C PRO B 40 -4.26 34.58 -24.90
N GLN B 41 -3.46 33.62 -25.30
CA GLN B 41 -2.00 33.63 -25.11
C GLN B 41 -1.45 34.66 -26.12
N SER B 42 -0.50 35.41 -25.62
CA SER B 42 0.19 36.48 -26.36
C SER B 42 1.66 36.32 -26.00
N ILE B 43 2.51 37.13 -26.56
CA ILE B 43 3.95 37.04 -26.28
C ILE B 43 4.21 37.24 -24.80
N SER B 44 3.32 37.98 -24.15
CA SER B 44 3.44 38.26 -22.72
C SER B 44 3.45 36.95 -21.90
N GLU B 45 2.55 36.06 -22.22
CA GLU B 45 2.34 34.77 -21.62
C GLU B 45 3.07 33.57 -22.15
N THR B 46 3.48 33.60 -23.40
CA THR B 46 4.15 32.51 -24.08
C THR B 46 5.66 32.61 -24.01
N THR B 47 6.18 33.61 -23.32
CA THR B 47 7.65 33.74 -23.17
C THR B 47 7.93 33.65 -21.67
N GLY B 48 9.19 33.66 -21.32
CA GLY B 48 9.67 33.60 -19.94
C GLY B 48 11.21 33.57 -20.01
N PRO B 49 11.82 33.71 -18.84
CA PRO B 49 13.26 33.70 -18.71
C PRO B 49 13.92 32.37 -18.93
N ASN B 50 15.17 32.50 -19.38
CA ASN B 50 16.09 31.44 -19.64
C ASN B 50 17.26 31.69 -18.66
N PHE B 51 17.55 30.70 -17.86
CA PHE B 51 18.59 30.79 -16.85
C PHE B 51 19.91 30.14 -17.23
N SER B 52 20.19 29.92 -18.48
CA SER B 52 21.43 29.32 -18.94
C SER B 52 22.68 30.02 -18.41
N HIS B 53 22.63 31.34 -18.35
CA HIS B 53 23.73 32.15 -17.91
C HIS B 53 23.74 32.52 -16.45
N LEU B 54 22.88 31.88 -15.68
CA LEU B 54 22.87 32.18 -14.21
C LEU B 54 24.18 31.53 -13.73
N GLY B 55 24.86 32.21 -12.83
CA GLY B 55 26.16 31.67 -12.33
C GLY B 55 25.88 30.86 -11.08
N PHE B 56 25.81 29.58 -11.29
CA PHE B 56 25.54 28.57 -10.24
C PHE B 56 26.83 28.20 -9.49
N GLY B 57 26.67 28.14 -8.19
CA GLY B 57 27.75 27.73 -7.27
C GLY B 57 27.99 26.23 -7.58
N ALA B 58 29.16 25.77 -7.18
CA ALA B 58 29.58 24.39 -7.40
C ALA B 58 28.73 23.37 -6.65
N HIS B 59 28.18 23.75 -5.52
CA HIS B 59 27.35 22.80 -4.73
C HIS B 59 25.94 23.30 -4.60
N ASP B 60 25.46 23.99 -5.61
CA ASP B 60 24.11 24.58 -5.60
C ASP B 60 23.05 23.52 -5.38
N HIS B 61 23.29 22.41 -6.04
CA HIS B 61 22.40 21.23 -6.04
C HIS B 61 22.75 20.16 -5.05
N ASP B 62 23.68 20.41 -4.16
CA ASP B 62 24.10 19.38 -3.15
C ASP B 62 23.92 19.94 -1.76
N LEU B 63 22.81 19.61 -1.13
CA LEU B 63 22.45 20.04 0.20
C LEU B 63 23.28 19.45 1.31
N LEU B 64 24.14 18.51 1.00
CA LEU B 64 25.04 17.88 1.98
C LEU B 64 26.26 18.77 2.19
N LEU B 65 26.67 19.48 1.15
CA LEU B 65 27.83 20.37 1.20
C LEU B 65 27.60 21.86 1.07
N ASN B 66 26.49 22.32 0.54
CA ASN B 66 26.28 23.75 0.30
C ASN B 66 25.93 24.61 1.46
N PHE B 67 25.99 24.16 2.69
CA PHE B 67 25.62 25.04 3.82
C PHE B 67 26.88 25.36 4.65
N GLY B 71 31.27 20.02 8.31
CA GLY B 71 30.39 19.02 8.98
C GLY B 71 29.36 18.49 7.99
N LEU B 72 28.93 17.28 8.24
CA LEU B 72 27.91 16.60 7.40
C LEU B 72 26.59 16.65 8.20
N PRO B 73 25.50 16.88 7.48
CA PRO B 73 24.17 16.91 8.10
C PRO B 73 23.86 15.49 8.63
N ILE B 74 22.98 15.45 9.59
CA ILE B 74 22.50 14.19 10.19
C ILE B 74 21.17 13.88 9.51
N GLY B 75 21.06 12.72 8.92
CA GLY B 75 19.79 12.34 8.25
C GLY B 75 20.08 11.32 7.18
N GLU B 76 18.99 10.79 6.65
CA GLU B 76 19.09 9.75 5.59
C GLU B 76 19.57 10.45 4.33
N ARG B 77 20.72 10.09 3.86
CA ARG B 77 21.31 10.68 2.67
C ARG B 77 20.57 10.10 1.46
N ILE B 78 20.04 10.91 0.62
CA ILE B 78 19.34 10.46 -0.59
C ILE B 78 19.68 11.43 -1.75
N ILE B 79 19.48 10.90 -2.92
CA ILE B 79 19.58 11.56 -4.21
C ILE B 79 18.12 11.68 -4.68
N VAL B 80 17.76 12.86 -5.10
CA VAL B 80 16.43 13.13 -5.65
C VAL B 80 16.73 13.54 -7.11
N ALA B 81 16.34 12.71 -8.04
CA ALA B 81 16.59 12.97 -9.46
C ALA B 81 15.32 12.65 -10.25
N GLY B 82 15.34 13.00 -11.52
CA GLY B 82 14.21 12.75 -12.42
C GLY B 82 14.38 13.57 -13.71
N ARG B 83 13.30 13.60 -14.43
CA ARG B 83 13.21 14.29 -15.71
C ARG B 83 12.03 15.26 -15.76
N VAL B 84 12.26 16.30 -16.56
CA VAL B 84 11.28 17.36 -16.82
C VAL B 84 10.90 17.26 -18.29
N VAL B 85 9.65 16.91 -18.52
CA VAL B 85 9.08 16.76 -19.85
C VAL B 85 7.78 17.59 -19.92
N ASP B 86 7.33 17.82 -21.13
CA ASP B 86 6.05 18.54 -21.34
C ASP B 86 5.00 17.44 -21.52
N GLN B 87 3.75 17.82 -21.69
CA GLN B 87 2.65 16.87 -21.86
C GLN B 87 2.78 16.01 -23.10
N TYR B 88 3.58 16.41 -24.07
CA TYR B 88 3.80 15.67 -25.30
C TYR B 88 4.90 14.64 -25.11
N GLY B 89 5.52 14.67 -23.95
CA GLY B 89 6.61 13.76 -23.61
C GLY B 89 7.96 14.31 -24.03
N LYS B 90 7.98 15.54 -24.45
CA LYS B 90 9.24 16.20 -24.90
C LYS B 90 10.02 16.70 -23.72
N PRO B 91 11.31 16.46 -23.70
CA PRO B 91 12.17 16.92 -22.61
C PRO B 91 12.27 18.43 -22.55
N VAL B 92 12.42 18.97 -21.34
CA VAL B 92 12.57 20.41 -21.11
C VAL B 92 14.01 20.66 -20.63
N PRO B 93 14.89 20.92 -21.59
CA PRO B 93 16.30 21.15 -21.31
C PRO B 93 16.60 22.55 -20.81
N ASN B 94 17.66 22.63 -20.05
CA ASN B 94 18.19 23.83 -19.46
C ASN B 94 17.16 24.67 -18.75
N THR B 95 16.22 24.06 -18.07
CA THR B 95 15.18 24.82 -17.32
C THR B 95 15.61 24.87 -15.86
N LEU B 96 15.10 25.85 -15.13
CA LEU B 96 15.45 26.04 -13.72
C LEU B 96 14.57 25.24 -12.76
N VAL B 97 15.24 24.50 -11.90
CA VAL B 97 14.69 23.68 -10.84
C VAL B 97 15.29 24.11 -9.48
N GLU B 98 14.41 24.56 -8.62
CA GLU B 98 14.70 25.02 -7.28
C GLU B 98 13.91 24.19 -6.28
N MET B 99 14.55 23.89 -5.17
CA MET B 99 13.93 23.05 -4.12
C MET B 99 14.31 23.54 -2.76
N TRP B 100 13.46 23.41 -1.78
CA TRP B 100 13.77 23.82 -0.37
C TRP B 100 13.05 22.82 0.52
N GLN B 101 13.54 22.70 1.75
CA GLN B 101 12.93 21.73 2.69
C GLN B 101 13.43 21.90 4.11
N ALA B 102 12.81 21.12 5.00
CA ALA B 102 13.17 21.09 6.44
C ALA B 102 14.32 20.09 6.60
N ASN B 103 14.82 20.05 7.84
CA ASN B 103 15.93 19.09 8.13
C ASN B 103 15.28 17.74 8.49
N ALA B 104 16.15 16.82 8.85
CA ALA B 104 15.76 15.45 9.22
C ALA B 104 14.71 15.37 10.29
N GLY B 105 14.60 16.39 11.13
CA GLY B 105 13.65 16.52 12.20
C GLY B 105 12.41 17.31 11.88
N GLY B 106 12.35 17.84 10.67
CA GLY B 106 11.18 18.66 10.23
C GLY B 106 11.31 20.12 10.66
N ARG B 107 12.51 20.56 10.95
CA ARG B 107 12.79 21.96 11.33
C ARG B 107 13.27 22.73 10.09
N TYR B 108 12.73 23.90 9.88
CA TYR B 108 13.07 24.76 8.74
C TYR B 108 13.97 25.90 9.25
N ARG B 109 14.96 26.20 8.43
CA ARG B 109 15.94 27.28 8.76
C ARG B 109 15.31 28.58 8.24
N HIS B 110 14.29 29.01 8.95
CA HIS B 110 13.49 30.20 8.66
C HIS B 110 13.00 30.81 9.97
N LYS B 111 13.20 32.09 10.10
CA LYS B 111 12.86 32.95 11.21
C LYS B 111 11.56 32.56 11.94
N ASN B 112 10.53 32.43 11.14
CA ASN B 112 9.19 32.13 11.56
C ASN B 112 8.93 30.70 12.00
N ASP B 113 9.92 29.84 12.01
CA ASP B 113 9.73 28.44 12.39
C ASP B 113 10.08 28.23 13.86
N ARG B 114 9.01 28.06 14.63
CA ARG B 114 9.06 27.87 16.07
C ARG B 114 9.00 26.44 16.51
N TYR B 115 9.02 25.51 15.56
CA TYR B 115 8.96 24.07 15.91
C TYR B 115 10.11 23.76 16.85
N LEU B 116 9.82 22.98 17.87
CA LEU B 116 10.79 22.59 18.89
C LEU B 116 11.90 21.69 18.42
N ALA B 117 11.81 21.12 17.24
CA ALA B 117 12.90 20.22 16.73
C ALA B 117 14.06 21.17 16.42
N PRO B 118 15.28 20.75 16.72
CA PRO B 118 16.46 21.59 16.54
C PRO B 118 16.93 21.79 15.13
N LEU B 119 17.68 22.86 14.94
CA LEU B 119 18.29 23.15 13.63
C LEU B 119 19.51 22.22 13.53
N ASP B 120 19.91 21.97 12.32
CA ASP B 120 21.09 21.15 12.03
C ASP B 120 22.19 22.11 11.57
N PRO B 121 23.22 22.19 12.38
CA PRO B 121 24.36 23.05 12.14
C PRO B 121 24.93 22.98 10.73
N ASN B 122 24.90 21.81 10.12
CA ASN B 122 25.42 21.61 8.77
C ASN B 122 24.37 21.55 7.67
N PHE B 123 23.18 22.01 7.96
CA PHE B 123 22.11 21.95 6.95
C PHE B 123 21.39 23.27 6.71
N GLY B 124 21.29 23.64 5.45
CA GLY B 124 20.59 24.89 5.04
C GLY B 124 19.19 24.56 4.54
N GLY B 125 19.07 23.74 3.51
CA GLY B 125 17.80 23.34 2.96
C GLY B 125 17.39 23.93 1.65
N VAL B 126 18.28 24.46 0.86
CA VAL B 126 18.02 25.06 -0.45
C VAL B 126 18.94 24.50 -1.52
N GLY B 127 18.37 24.17 -2.65
CA GLY B 127 19.16 23.66 -3.78
C GLY B 127 18.55 24.20 -5.07
N ARG B 128 19.36 24.35 -6.09
CA ARG B 128 18.91 24.81 -7.39
C ARG B 128 19.80 24.14 -8.43
N CYS B 129 19.20 24.00 -9.59
CA CYS B 129 20.01 23.38 -10.67
C CYS B 129 19.27 23.57 -11.98
N LEU B 130 19.97 23.31 -13.05
CA LEU B 130 19.45 23.44 -14.41
C LEU B 130 19.31 22.02 -14.98
N THR B 131 18.19 21.75 -15.62
CA THR B 131 18.01 20.44 -16.24
C THR B 131 19.05 20.42 -17.37
N ASP B 132 19.39 19.23 -17.77
CA ASP B 132 20.41 19.02 -18.81
C ASP B 132 19.73 18.93 -20.17
N SER B 133 20.56 18.62 -21.13
CA SER B 133 20.12 18.48 -22.54
C SER B 133 19.00 17.51 -22.72
N ASP B 134 18.83 16.55 -21.83
CA ASP B 134 17.76 15.55 -21.91
C ASP B 134 16.61 15.82 -20.94
N GLY B 135 16.67 16.88 -20.18
CA GLY B 135 15.64 17.24 -19.21
C GLY B 135 15.85 16.63 -17.83
N TYR B 136 17.02 16.11 -17.54
CA TYR B 136 17.38 15.52 -16.28
C TYR B 136 17.96 16.50 -15.27
N TYR B 137 17.62 16.30 -14.03
CA TYR B 137 18.08 17.10 -12.88
C TYR B 137 18.41 16.14 -11.75
N SER B 138 19.12 16.64 -10.74
CA SER B 138 19.44 15.76 -9.59
C SER B 138 20.04 16.58 -8.48
N PHE B 139 19.54 16.29 -7.29
CA PHE B 139 19.97 16.96 -6.06
C PHE B 139 20.47 15.86 -5.11
N ARG B 140 21.17 16.33 -4.10
CA ARG B 140 21.67 15.46 -3.05
C ARG B 140 21.30 16.19 -1.75
N THR B 141 20.53 15.47 -0.96
CA THR B 141 20.09 16.10 0.32
C THR B 141 19.92 14.98 1.33
N ILE B 142 19.18 15.27 2.36
CA ILE B 142 18.83 14.32 3.40
C ILE B 142 17.29 14.35 3.41
N LYS B 143 16.67 13.22 3.71
CA LYS B 143 15.22 13.08 3.75
C LYS B 143 14.69 13.92 4.94
N PRO B 144 13.76 14.81 4.59
CA PRO B 144 13.15 15.71 5.58
C PRO B 144 12.18 14.93 6.48
N GLY B 145 11.83 15.53 7.60
CA GLY B 145 10.89 14.88 8.55
C GLY B 145 9.56 15.62 8.53
N PRO B 146 8.54 14.91 8.96
CA PRO B 146 7.17 15.44 9.06
C PRO B 146 7.24 16.69 9.93
N TYR B 147 6.20 17.48 9.78
CA TYR B 147 6.12 18.78 10.49
C TYR B 147 4.70 19.03 10.96
N PRO B 148 4.56 19.36 12.22
CA PRO B 148 3.24 19.69 12.81
C PRO B 148 2.97 21.17 12.44
N TRP B 149 1.71 21.48 12.21
CA TRP B 149 1.30 22.83 11.80
C TRP B 149 -0.10 23.11 12.33
N ARG B 150 -0.30 24.38 12.62
CA ARG B 150 -1.58 24.85 13.17
C ARG B 150 -2.60 24.99 12.08
N ASN B 151 -3.34 23.94 11.83
CA ASN B 151 -4.43 23.77 10.90
C ASN B 151 -5.56 23.18 11.81
N GLY B 152 -5.63 21.88 11.82
CA GLY B 152 -6.60 21.20 12.74
C GLY B 152 -5.72 21.05 14.02
N PRO B 153 -6.32 20.53 15.06
CA PRO B 153 -5.64 20.32 16.34
C PRO B 153 -4.50 19.34 16.32
N ASN B 154 -4.43 18.42 15.35
CA ASN B 154 -3.31 17.46 15.29
C ASN B 154 -2.92 17.17 13.87
N ASP B 155 -2.63 18.17 13.06
CA ASP B 155 -2.23 18.02 11.66
C ASP B 155 -0.70 17.99 11.59
N TRP B 156 -0.25 17.14 10.67
CA TRP B 156 1.16 16.93 10.41
C TRP B 156 1.37 16.84 8.88
N ARG B 157 2.30 17.65 8.43
CA ARG B 157 2.64 17.57 6.97
C ARG B 157 3.44 16.27 6.81
N PRO B 158 3.22 15.60 5.70
CA PRO B 158 4.02 14.40 5.37
C PRO B 158 5.44 14.94 5.10
N ALA B 159 6.46 14.08 5.12
CA ALA B 159 7.82 14.59 4.77
C ALA B 159 7.65 15.13 3.32
N HIS B 160 8.26 16.26 3.02
CA HIS B 160 8.06 16.80 1.63
C HIS B 160 9.18 17.74 1.27
N ILE B 161 9.39 17.86 -0.02
CA ILE B 161 10.40 18.79 -0.56
C ILE B 161 9.61 19.79 -1.44
N HIS B 162 9.87 21.05 -1.26
CA HIS B 162 9.16 22.10 -2.06
C HIS B 162 9.90 22.27 -3.37
N PHE B 163 9.14 22.27 -4.46
CA PHE B 163 9.80 22.43 -5.80
C PHE B 163 9.22 23.61 -6.59
N GLY B 164 10.08 24.20 -7.39
CA GLY B 164 9.74 25.33 -8.28
C GLY B 164 10.39 25.01 -9.64
N ILE B 165 9.59 25.03 -10.68
CA ILE B 165 10.10 24.72 -12.04
C ILE B 165 9.65 25.85 -12.97
N SER B 166 10.60 26.41 -13.71
CA SER B 166 10.29 27.53 -14.61
C SER B 166 9.71 27.13 -15.92
N GLY B 167 10.38 26.27 -16.65
CA GLY B 167 9.85 25.86 -17.98
C GLY B 167 10.21 26.95 -19.00
N PRO B 168 9.70 26.70 -20.21
CA PRO B 168 9.96 27.61 -21.34
C PRO B 168 9.30 28.96 -21.21
N SER B 169 8.25 29.11 -20.43
CA SER B 169 7.58 30.42 -20.32
C SER B 169 6.89 30.57 -18.99
N ILE B 170 6.32 31.74 -18.74
CA ILE B 170 5.62 32.01 -17.49
C ILE B 170 4.32 31.24 -17.40
N ALA B 171 3.84 30.81 -18.57
CA ALA B 171 2.62 29.99 -18.65
C ALA B 171 2.89 28.58 -18.06
N THR B 172 4.15 28.13 -18.16
CA THR B 172 4.55 26.82 -17.68
C THR B 172 5.04 26.80 -16.24
N LYS B 173 5.49 27.90 -15.68
CA LYS B 173 6.02 27.98 -14.33
C LYS B 173 5.14 27.26 -13.31
N LEU B 174 5.74 26.46 -12.45
CA LEU B 174 4.96 25.71 -11.44
C LEU B 174 5.71 25.58 -10.15
N ILE B 175 4.96 25.63 -9.06
CA ILE B 175 5.50 25.42 -7.70
C ILE B 175 4.70 24.19 -7.19
N THR B 176 5.42 23.24 -6.60
CA THR B 176 4.66 22.03 -6.14
C THR B 176 5.42 21.42 -4.97
N GLN B 177 5.05 20.19 -4.63
CA GLN B 177 5.71 19.50 -3.49
C GLN B 177 5.84 18.01 -3.83
N LEU B 178 6.98 17.47 -3.52
CA LEU B 178 7.33 16.06 -3.68
C LEU B 178 7.00 15.35 -2.35
N TYR B 179 6.35 14.22 -2.46
CA TYR B 179 6.05 13.38 -1.26
C TYR B 179 6.78 12.06 -1.49
N PHE B 180 7.02 11.34 -0.42
CA PHE B 180 7.78 10.08 -0.51
C PHE B 180 6.91 8.83 -0.45
N GLU B 181 7.22 7.91 -1.30
CA GLU B 181 6.57 6.62 -1.43
C GLU B 181 6.35 5.91 -0.09
N GLY B 182 5.10 5.59 0.18
CA GLY B 182 4.62 4.87 1.30
C GLY B 182 4.27 5.61 2.55
N ASP B 183 4.59 6.90 2.58
CA ASP B 183 4.31 7.77 3.74
C ASP B 183 2.83 7.74 4.12
N PRO B 184 2.57 7.25 5.35
CA PRO B 184 1.23 7.10 5.87
C PRO B 184 0.53 8.40 6.17
N LEU B 185 1.29 9.49 6.29
CA LEU B 185 0.68 10.81 6.55
C LEU B 185 0.04 11.38 5.28
N ILE B 186 0.48 10.98 4.13
CA ILE B 186 0.00 11.48 2.83
C ILE B 186 -1.49 11.60 2.69
N PRO B 187 -2.21 10.49 2.92
CA PRO B 187 -3.65 10.45 2.80
C PRO B 187 -4.35 11.25 3.87
N MET B 188 -3.67 11.76 4.87
CA MET B 188 -4.39 12.55 5.91
C MET B 188 -4.19 14.04 5.78
N CYS B 189 -3.30 14.45 4.93
CA CYS B 189 -2.98 15.84 4.74
C CYS B 189 -4.00 16.62 3.94
N PRO B 190 -4.49 17.69 4.57
CA PRO B 190 -5.43 18.63 3.99
C PRO B 190 -4.89 19.36 2.77
N ILE B 191 -3.60 19.65 2.71
CA ILE B 191 -2.94 20.29 1.59
C ILE B 191 -2.86 19.30 0.42
N VAL B 192 -2.58 18.03 0.76
CA VAL B 192 -2.51 16.98 -0.26
C VAL B 192 -3.91 16.85 -0.88
N LYS B 193 -4.88 16.75 -0.03
CA LYS B 193 -6.29 16.59 -0.35
C LYS B 193 -6.91 17.79 -1.04
N SER B 194 -6.14 18.85 -1.14
CA SER B 194 -6.59 20.07 -1.86
C SER B 194 -6.78 19.58 -3.30
N ILE B 195 -6.09 18.50 -3.64
CA ILE B 195 -6.15 17.83 -4.96
C ILE B 195 -7.24 16.76 -4.89
N ALA B 196 -8.28 16.89 -5.69
CA ALA B 196 -9.42 16.00 -5.70
C ALA B 196 -9.24 14.64 -6.35
N ASN B 197 -8.49 14.55 -7.42
CA ASN B 197 -8.29 13.28 -8.11
C ASN B 197 -7.11 12.52 -7.49
N PRO B 198 -7.40 11.32 -7.01
CA PRO B 198 -6.39 10.45 -6.39
C PRO B 198 -5.27 10.20 -7.37
N GLU B 199 -5.64 10.18 -8.64
CA GLU B 199 -4.64 9.98 -9.70
C GLU B 199 -3.67 11.14 -9.76
N ALA B 200 -4.12 12.33 -9.45
CA ALA B 200 -3.31 13.55 -9.45
C ALA B 200 -2.29 13.48 -8.29
N VAL B 201 -2.75 13.00 -7.18
CA VAL B 201 -1.95 12.80 -5.97
C VAL B 201 -0.75 11.92 -6.23
N GLN B 202 -1.01 10.82 -6.94
CA GLN B 202 0.04 9.89 -7.30
C GLN B 202 1.23 10.58 -8.00
N GLN B 203 0.98 11.63 -8.78
CA GLN B 203 2.05 12.30 -9.51
C GLN B 203 3.02 13.02 -8.57
N LEU B 204 2.60 13.26 -7.37
CA LEU B 204 3.42 13.95 -6.37
C LEU B 204 4.25 13.01 -5.53
N ILE B 205 4.13 11.71 -5.75
CA ILE B 205 4.90 10.73 -4.95
C ILE B 205 6.15 10.24 -5.65
N ALA B 206 7.30 10.55 -5.10
CA ALA B 206 8.60 10.13 -5.61
C ALA B 206 8.73 8.62 -5.29
N LYS B 207 9.22 7.83 -6.20
CA LYS B 207 9.36 6.37 -6.01
C LYS B 207 10.83 6.00 -5.70
N LEU B 208 10.96 5.09 -4.74
CA LEU B 208 12.31 4.61 -4.33
C LEU B 208 13.01 4.13 -5.62
N ASP B 209 14.27 4.50 -5.72
CA ASP B 209 15.03 4.13 -6.96
C ASP B 209 16.34 3.47 -6.60
N MET B 210 16.26 2.15 -6.39
CA MET B 210 17.40 1.36 -5.97
C MET B 210 18.51 1.39 -7.01
N ASN B 211 18.16 1.54 -8.27
CA ASN B 211 19.09 1.57 -9.37
C ASN B 211 19.95 2.83 -9.44
N ASN B 212 19.59 3.89 -8.82
CA ASN B 212 20.31 5.17 -8.84
C ASN B 212 21.07 5.40 -7.54
N ALA B 213 20.85 4.54 -6.58
CA ALA B 213 21.46 4.62 -5.27
C ALA B 213 22.94 4.30 -5.35
N ASN B 214 23.67 4.86 -4.44
CA ASN B 214 25.13 4.62 -4.29
C ASN B 214 25.20 3.65 -3.07
N PRO B 215 25.52 2.41 -3.40
CA PRO B 215 25.63 1.33 -2.40
C PRO B 215 26.56 1.78 -1.28
N MET B 216 26.20 1.49 -0.06
CA MET B 216 26.99 1.86 1.12
C MET B 216 27.10 3.39 1.20
N ASP B 217 26.23 4.11 0.52
CA ASP B 217 26.36 5.60 0.56
C ASP B 217 25.06 6.30 0.81
N CYS B 218 24.17 6.24 -0.17
CA CYS B 218 22.87 6.91 -0.12
C CYS B 218 21.86 6.27 -1.05
N LEU B 219 20.60 6.40 -0.71
CA LEU B 219 19.46 5.88 -1.52
C LEU B 219 19.10 6.94 -2.55
N ALA B 220 18.07 6.69 -3.35
CA ALA B 220 17.61 7.60 -4.38
C ALA B 220 16.09 7.49 -4.59
N TYR B 221 15.52 8.61 -4.94
CA TYR B 221 14.09 8.77 -5.22
C TYR B 221 13.98 9.38 -6.61
N ARG B 222 13.00 8.94 -7.34
CA ARG B 222 12.75 9.35 -8.71
C ARG B 222 11.51 10.24 -8.75
N PHE B 223 11.70 11.43 -9.29
CA PHE B 223 10.57 12.39 -9.37
C PHE B 223 10.55 13.10 -10.72
N ASP B 224 9.67 12.63 -11.59
CA ASP B 224 9.52 13.21 -12.93
C ASP B 224 8.43 14.29 -12.88
N ILE B 225 8.69 15.38 -13.60
CA ILE B 225 7.80 16.53 -13.64
C ILE B 225 7.34 16.78 -15.07
N VAL B 226 6.06 16.98 -15.22
CA VAL B 226 5.38 17.26 -16.46
C VAL B 226 4.79 18.69 -16.43
N LEU B 227 5.29 19.45 -17.38
CA LEU B 227 4.90 20.84 -17.63
C LEU B 227 3.92 20.86 -18.82
N ARG B 228 3.12 21.90 -18.87
CA ARG B 228 2.15 22.07 -19.98
C ARG B 228 2.85 21.82 -21.33
N GLY B 229 2.07 21.17 -22.17
CA GLY B 229 2.53 20.80 -23.53
C GLY B 229 2.69 22.08 -24.34
N GLN B 230 3.74 22.09 -25.13
CA GLN B 230 4.07 23.20 -26.02
C GLN B 230 3.76 22.78 -27.46
N ARG B 231 3.09 23.64 -28.19
CA ARG B 231 2.77 23.34 -29.59
C ARG B 231 3.04 24.57 -30.47
N LYS B 232 3.17 24.24 -31.76
CA LYS B 232 3.41 25.36 -32.72
C LYS B 232 2.01 25.92 -33.02
N THR B 233 1.98 27.22 -33.19
CA THR B 233 0.69 27.89 -33.53
C THR B 233 0.39 27.38 -34.95
N HIS B 234 -0.88 27.31 -35.26
CA HIS B 234 -1.29 26.83 -36.61
C HIS B 234 -2.60 27.49 -37.01
N PHE B 235 -2.71 27.75 -38.30
CA PHE B 235 -3.88 28.38 -38.91
C PHE B 235 -4.35 29.55 -38.06
N GLU B 236 -3.44 30.16 -37.33
CA GLU B 236 -3.79 31.28 -36.47
C GLU B 236 -4.07 32.59 -37.14
N PRO C 1 -2.39 3.08 9.74
CA PRO C 1 -2.60 3.72 11.03
C PRO C 1 -3.70 2.97 11.81
N ILE C 2 -3.78 3.31 13.08
CA ILE C 2 -4.75 2.74 14.01
C ILE C 2 -6.06 3.53 13.96
N GLU C 3 -7.19 2.86 14.18
CA GLU C 3 -8.50 3.51 14.22
C GLU C 3 -9.26 3.09 15.49
N LEU C 4 -9.93 4.05 16.10
CA LEU C 4 -10.72 3.78 17.35
C LEU C 4 -12.17 3.58 16.92
N LEU C 5 -13.08 3.47 17.88
CA LEU C 5 -14.53 3.40 17.48
C LEU C 5 -14.78 4.90 17.09
N PRO C 6 -15.63 5.09 16.14
CA PRO C 6 -15.96 6.46 15.67
C PRO C 6 -16.99 7.07 16.63
N GLU C 7 -16.76 8.35 16.89
CA GLU C 7 -17.65 9.12 17.79
C GLU C 7 -19.02 9.21 17.14
N THR C 8 -20.05 9.16 18.02
CA THR C 8 -21.42 9.31 17.51
C THR C 8 -21.50 10.74 16.90
N PRO C 9 -22.02 10.83 15.69
CA PRO C 9 -22.20 12.10 15.00
C PRO C 9 -23.20 13.01 15.70
N SER C 10 -22.86 14.30 15.60
CA SER C 10 -23.70 15.41 16.11
C SER C 10 -24.90 15.61 15.19
N GLN C 11 -25.93 16.24 15.68
CA GLN C 11 -27.13 16.60 14.88
C GLN C 11 -27.61 17.91 15.54
N THR C 12 -28.24 18.77 14.81
CA THR C 12 -28.76 20.03 15.35
C THR C 12 -29.70 19.68 16.54
N ALA C 13 -29.76 20.65 17.47
CA ALA C 13 -30.65 20.55 18.63
C ALA C 13 -32.08 20.72 18.23
N GLY C 14 -32.29 21.43 17.10
CA GLY C 14 -33.64 21.69 16.58
C GLY C 14 -34.23 22.92 17.30
N PRO C 15 -35.35 23.41 16.74
CA PRO C 15 -36.04 24.57 17.31
C PRO C 15 -36.71 24.29 18.64
N TYR C 16 -37.02 23.04 18.97
CA TYR C 16 -37.71 22.72 20.22
C TYR C 16 -36.84 22.25 21.36
N VAL C 17 -35.55 22.49 21.28
CA VAL C 17 -34.57 22.13 22.26
C VAL C 17 -35.01 22.43 23.69
N HIS C 18 -35.82 23.46 23.80
CA HIS C 18 -36.34 23.97 25.06
C HIS C 18 -37.21 23.00 25.84
N ILE C 19 -37.91 22.13 25.11
CA ILE C 19 -38.78 21.17 25.80
C ILE C 19 -37.93 20.26 26.69
N GLY C 20 -36.73 19.98 26.18
CA GLY C 20 -35.80 19.12 26.83
C GLY C 20 -34.76 19.72 27.72
N LEU C 21 -34.26 20.90 27.39
CA LEU C 21 -33.19 21.56 28.12
C LEU C 21 -33.47 22.88 28.77
N ALA C 22 -34.64 23.42 28.54
CA ALA C 22 -35.03 24.74 29.12
C ALA C 22 -36.56 24.78 29.17
N LEU C 23 -37.07 23.92 30.04
CA LEU C 23 -38.48 23.68 30.30
C LEU C 23 -39.34 24.92 30.40
N GLU C 24 -38.88 25.83 31.23
CA GLU C 24 -39.56 27.12 31.48
C GLU C 24 -39.84 27.78 30.14
N ALA C 25 -38.80 28.00 29.36
CA ALA C 25 -38.86 28.60 28.02
C ALA C 25 -39.84 27.89 27.10
N ALA C 26 -39.84 26.57 27.13
CA ALA C 26 -40.77 25.79 26.29
C ALA C 26 -42.20 26.17 26.70
N GLY C 27 -42.25 26.64 27.94
CA GLY C 27 -43.51 27.05 28.59
C GLY C 27 -44.18 25.81 29.19
N ASN C 28 -43.34 24.93 29.66
CA ASN C 28 -43.74 23.67 30.30
C ASN C 28 -43.39 23.72 31.79
N PRO C 29 -44.12 22.95 32.55
CA PRO C 29 -43.87 22.85 34.00
C PRO C 29 -42.47 22.28 34.18
N THR C 30 -41.76 22.84 35.12
CA THR C 30 -40.37 22.36 35.41
C THR C 30 -40.45 21.22 36.43
N ARG C 31 -39.30 20.64 36.67
CA ARG C 31 -39.12 19.55 37.65
C ARG C 31 -38.51 20.18 38.91
N ASP C 32 -38.38 19.43 39.98
CA ASP C 32 -37.83 19.89 41.24
C ASP C 32 -36.48 20.59 41.06
N GLN C 33 -35.60 19.95 40.32
CA GLN C 33 -34.27 20.45 40.04
C GLN C 33 -34.04 20.59 38.54
N GLU C 34 -33.58 21.78 38.19
CA GLU C 34 -33.26 22.18 36.82
C GLU C 34 -31.92 22.92 36.79
N ILE C 35 -31.19 22.65 35.72
CA ILE C 35 -29.88 23.30 35.50
C ILE C 35 -30.21 24.58 34.72
N TRP C 36 -30.02 25.72 35.37
CA TRP C 36 -30.34 27.01 34.75
C TRP C 36 -29.26 28.04 34.72
N ASN C 37 -29.62 29.30 34.59
CA ASN C 37 -28.77 30.44 34.43
C ASN C 37 -28.22 31.16 35.63
N ARG C 38 -28.24 30.52 36.77
CA ARG C 38 -27.76 31.14 38.03
C ARG C 38 -26.67 30.30 38.62
N LEU C 39 -25.43 30.59 38.28
CA LEU C 39 -24.25 29.89 38.71
C LEU C 39 -23.83 30.23 40.14
N ALA C 40 -24.20 31.42 40.56
CA ALA C 40 -23.83 31.88 41.89
C ALA C 40 -25.00 32.33 42.73
N LYS C 41 -24.90 31.90 44.00
CA LYS C 41 -25.90 32.30 45.03
C LYS C 41 -25.35 33.61 45.59
N PRO C 42 -26.24 34.50 45.98
CA PRO C 42 -25.88 35.80 46.55
C PRO C 42 -24.70 35.74 47.50
N ASP C 43 -24.60 34.64 48.22
CA ASP C 43 -23.53 34.46 49.20
C ASP C 43 -22.28 33.84 48.64
N ALA C 44 -22.09 33.88 47.33
CA ALA C 44 -20.88 33.27 46.73
C ALA C 44 -19.74 34.28 46.68
N PRO C 45 -18.57 33.83 47.06
CA PRO C 45 -17.36 34.67 47.05
C PRO C 45 -17.06 35.06 45.60
N GLY C 46 -16.47 36.21 45.41
CA GLY C 46 -16.10 36.73 44.10
C GLY C 46 -16.96 37.93 43.75
N GLU C 47 -16.63 38.56 42.63
CA GLU C 47 -17.39 39.74 42.18
C GLU C 47 -18.59 39.32 41.35
N HIS C 48 -19.77 39.53 41.88
CA HIS C 48 -21.01 39.20 41.19
C HIS C 48 -21.25 40.07 39.96
N ILE C 49 -21.48 39.42 38.84
CA ILE C 49 -21.73 40.12 37.56
C ILE C 49 -22.91 39.47 36.84
N LEU C 50 -23.44 40.21 35.89
CA LEU C 50 -24.54 39.78 35.03
C LEU C 50 -23.95 39.75 33.60
N LEU C 51 -24.21 38.67 32.93
CA LEU C 51 -23.75 38.48 31.53
C LEU C 51 -25.06 38.45 30.72
N LEU C 52 -24.99 39.12 29.60
CA LEU C 52 -26.12 39.23 28.66
C LEU C 52 -25.58 39.44 27.26
N GLY C 53 -26.37 39.03 26.30
CA GLY C 53 -26.02 39.13 24.91
C GLY C 53 -27.14 38.64 24.00
N GLN C 54 -26.88 38.86 22.74
CA GLN C 54 -27.69 38.50 21.61
C GLN C 54 -26.86 37.67 20.63
N VAL C 55 -27.59 36.90 19.85
CA VAL C 55 -27.02 36.02 18.83
C VAL C 55 -27.55 36.45 17.46
N TYR C 56 -26.61 36.70 16.56
CA TYR C 56 -26.91 37.09 15.19
C TYR C 56 -26.49 36.08 14.14
N ASP C 57 -27.30 35.92 13.13
CA ASP C 57 -27.01 35.03 12.00
C ASP C 57 -26.26 35.88 10.96
N GLY C 58 -25.97 35.32 9.84
CA GLY C 58 -25.26 35.87 8.72
C GLY C 58 -25.89 37.05 8.02
N ASN C 59 -27.19 37.24 8.18
CA ASN C 59 -27.96 38.31 7.62
C ASN C 59 -28.17 39.44 8.63
N GLY C 60 -27.60 39.32 9.79
CA GLY C 60 -27.71 40.31 10.85
C GLY C 60 -28.97 40.16 11.67
N HIS C 61 -29.75 39.13 11.43
CA HIS C 61 -30.98 38.88 12.20
C HIS C 61 -30.70 38.05 13.47
N LEU C 62 -31.51 38.29 14.47
CA LEU C 62 -31.43 37.63 15.76
C LEU C 62 -31.80 36.13 15.63
N VAL C 63 -31.06 35.36 16.38
CA VAL C 63 -31.28 33.89 16.48
C VAL C 63 -32.03 33.80 17.84
N ARG C 64 -33.34 33.60 17.73
CA ARG C 64 -34.16 33.58 18.93
C ARG C 64 -34.41 32.22 19.53
N ASP C 65 -33.83 31.20 18.97
CA ASP C 65 -34.00 29.82 19.44
C ASP C 65 -32.69 29.18 19.86
N SER C 66 -31.73 30.01 20.18
CA SER C 66 -30.41 29.53 20.59
C SER C 66 -30.39 29.06 22.03
N PHE C 67 -29.57 28.07 22.28
CA PHE C 67 -29.35 27.42 23.57
C PHE C 67 -27.85 27.49 23.89
N LEU C 68 -27.49 27.98 25.06
CA LEU C 68 -26.08 28.11 25.46
C LEU C 68 -25.76 27.37 26.76
N GLU C 69 -24.57 26.83 26.85
CA GLU C 69 -24.04 26.14 28.02
C GLU C 69 -22.77 26.85 28.42
N VAL C 70 -22.52 27.05 29.69
CA VAL C 70 -21.28 27.78 30.08
C VAL C 70 -20.51 26.96 31.08
N TRP C 71 -19.22 27.06 31.05
CA TRP C 71 -18.28 26.37 31.95
C TRP C 71 -17.20 27.39 32.35
N GLN C 72 -17.15 27.68 33.64
CA GLN C 72 -16.15 28.61 34.18
C GLN C 72 -15.65 28.26 35.57
N ALA C 73 -14.46 28.76 35.87
CA ALA C 73 -13.81 28.60 37.18
C ALA C 73 -14.50 29.58 38.14
N ASP C 74 -14.35 29.31 39.41
CA ASP C 74 -14.92 30.21 40.45
C ASP C 74 -13.92 31.38 40.58
N ALA C 75 -14.28 32.26 41.49
CA ALA C 75 -13.50 33.46 41.84
C ALA C 75 -12.05 33.12 42.14
N ASN C 76 -11.80 31.95 42.69
CA ASN C 76 -10.45 31.48 43.01
C ASN C 76 -9.74 30.81 41.85
N GLY C 77 -10.37 30.74 40.70
CA GLY C 77 -9.76 30.08 39.54
C GLY C 77 -9.83 28.56 39.68
N GLU C 78 -10.89 28.07 40.30
CA GLU C 78 -11.12 26.65 40.47
C GLU C 78 -12.42 26.15 39.88
N TYR C 79 -12.29 25.10 39.08
CA TYR C 79 -13.45 24.48 38.44
C TYR C 79 -14.20 23.61 39.45
N GLN C 80 -15.43 24.01 39.69
CA GLN C 80 -16.33 23.30 40.62
C GLN C 80 -17.20 22.31 39.85
N ASP C 81 -16.68 21.10 39.66
CA ASP C 81 -17.37 20.08 38.90
C ASP C 81 -18.52 19.37 39.57
N ALA C 82 -18.53 19.32 40.89
CA ALA C 82 -19.66 18.62 41.56
C ALA C 82 -20.88 19.50 41.47
N TYR C 83 -21.71 19.27 40.47
CA TYR C 83 -22.93 20.08 40.29
C TYR C 83 -23.98 19.73 41.33
N ASN C 84 -24.43 20.76 42.01
CA ASN C 84 -25.43 20.67 43.09
C ASN C 84 -26.08 22.03 43.34
N LEU C 85 -27.39 22.04 43.37
CA LEU C 85 -28.22 23.20 43.60
C LEU C 85 -28.00 23.78 45.00
N GLU C 86 -27.38 22.99 45.86
CA GLU C 86 -27.11 23.45 47.23
C GLU C 86 -25.89 24.36 47.23
N ASN C 87 -24.97 24.11 46.32
CA ASN C 87 -23.74 24.87 46.16
C ASN C 87 -24.02 26.37 46.12
N ALA C 88 -23.04 27.11 46.64
CA ALA C 88 -23.15 28.58 46.63
C ALA C 88 -22.76 29.08 45.23
N PHE C 89 -21.99 28.25 44.56
CA PHE C 89 -21.47 28.46 43.23
C PHE C 89 -21.33 27.10 42.49
N ASN C 90 -21.77 27.13 41.25
CA ASN C 90 -21.68 25.99 40.32
C ASN C 90 -20.91 26.48 39.10
N SER C 91 -19.94 25.73 38.66
CA SER C 91 -19.13 26.12 37.49
C SER C 91 -19.87 26.01 36.16
N PHE C 92 -20.97 25.30 36.16
CA PHE C 92 -21.82 25.00 35.02
C PHE C 92 -23.18 25.65 35.09
N GLY C 93 -23.65 26.05 33.91
CA GLY C 93 -24.95 26.70 33.73
C GLY C 93 -25.46 26.60 32.30
N ARG C 94 -26.73 26.94 32.18
CA ARG C 94 -27.49 26.96 30.96
C ARG C 94 -28.39 28.19 30.92
N THR C 95 -28.58 28.65 29.70
CA THR C 95 -29.38 29.82 29.36
C THR C 95 -29.83 29.69 27.90
N ALA C 96 -30.75 30.50 27.51
CA ALA C 96 -31.32 30.52 26.16
C ALA C 96 -31.81 31.93 25.86
N THR C 97 -31.93 32.24 24.58
CA THR C 97 -32.42 33.55 24.18
C THR C 97 -33.95 33.55 24.10
N THR C 98 -34.49 34.69 24.55
CA THR C 98 -35.94 34.94 24.53
C THR C 98 -36.49 34.97 23.10
N PHE C 99 -37.69 34.43 22.94
CA PHE C 99 -38.33 34.38 21.62
C PHE C 99 -38.66 35.80 21.16
N ASP C 100 -38.77 36.68 22.12
CA ASP C 100 -39.07 38.11 21.86
C ASP C 100 -37.77 38.86 21.62
N ALA C 101 -37.28 39.53 22.64
CA ALA C 101 -36.04 40.29 22.59
C ALA C 101 -34.89 39.51 21.97
N GLY C 102 -34.82 38.22 22.22
CA GLY C 102 -33.76 37.36 21.70
C GLY C 102 -32.46 37.51 22.50
N GLU C 103 -32.62 37.80 23.79
CA GLU C 103 -31.47 38.01 24.68
C GLU C 103 -31.35 36.98 25.78
N TRP C 104 -30.15 36.55 26.07
CA TRP C 104 -29.85 35.56 27.12
C TRP C 104 -29.24 36.33 28.30
N THR C 105 -29.38 35.76 29.48
CA THR C 105 -28.79 36.35 30.69
C THR C 105 -28.23 35.19 31.52
N LEU C 106 -27.21 35.55 32.27
CA LEU C 106 -26.53 34.61 33.18
C LEU C 106 -26.11 35.40 34.42
N HIS C 107 -26.35 34.83 35.56
CA HIS C 107 -25.98 35.44 36.85
C HIS C 107 -24.84 34.60 37.41
N THR C 108 -23.67 35.22 37.51
CA THR C 108 -22.46 34.51 37.99
C THR C 108 -21.51 35.45 38.70
N VAL C 109 -20.27 35.06 38.82
CA VAL C 109 -19.16 35.76 39.40
C VAL C 109 -17.99 35.69 38.40
N LYS C 110 -17.24 36.75 38.34
CA LYS C 110 -16.06 36.84 37.47
C LYS C 110 -15.08 35.74 37.87
N PRO C 111 -14.67 34.95 36.86
CA PRO C 111 -13.77 33.83 37.09
C PRO C 111 -12.36 34.29 37.38
N GLY C 112 -11.66 33.52 38.21
CA GLY C 112 -10.26 33.79 38.57
C GLY C 112 -9.41 33.15 37.49
N VAL C 113 -8.13 33.33 37.55
CA VAL C 113 -7.16 32.82 36.57
C VAL C 113 -6.82 31.36 36.70
N VAL C 114 -6.59 30.71 35.56
CA VAL C 114 -6.20 29.30 35.48
C VAL C 114 -5.04 29.22 34.49
N ASN C 115 -4.18 28.27 34.69
CA ASN C 115 -3.00 28.09 33.81
C ASN C 115 -3.34 27.02 32.74
N ASN C 116 -2.62 27.12 31.67
CA ASN C 116 -2.78 26.18 30.54
C ASN C 116 -1.88 24.98 30.92
N ALA C 117 -1.85 24.02 30.04
CA ALA C 117 -1.09 22.78 30.21
C ALA C 117 0.39 23.07 30.42
N ALA C 118 0.92 24.08 29.76
CA ALA C 118 2.33 24.46 29.89
C ALA C 118 2.59 25.35 31.10
N GLY C 119 1.63 25.52 31.98
CA GLY C 119 1.73 26.32 33.17
C GLY C 119 1.56 27.80 33.05
N VAL C 120 1.20 28.28 31.87
CA VAL C 120 0.99 29.74 31.60
C VAL C 120 -0.45 30.11 31.94
N PRO C 121 -0.62 31.21 32.67
CA PRO C 121 -1.95 31.70 33.05
C PRO C 121 -2.70 32.24 31.84
N MET C 122 -4.00 31.96 31.81
CA MET C 122 -4.95 32.36 30.78
C MET C 122 -5.79 33.48 31.42
N ALA C 123 -6.15 34.48 30.65
CA ALA C 123 -6.96 35.59 31.21
C ALA C 123 -8.29 35.03 31.64
N PRO C 124 -8.93 35.66 32.60
CA PRO C 124 -10.25 35.20 33.08
C PRO C 124 -11.12 34.94 31.87
N HIS C 125 -11.85 33.83 31.87
CA HIS C 125 -12.72 33.51 30.72
C HIS C 125 -13.80 32.52 31.07
N ILE C 126 -14.82 32.58 30.24
CA ILE C 126 -15.99 31.68 30.35
C ILE C 126 -16.02 30.87 29.08
N ASN C 127 -16.19 29.59 29.19
CA ASN C 127 -16.21 28.70 27.99
C ASN C 127 -17.69 28.64 27.57
N ILE C 128 -17.95 28.81 26.30
CA ILE C 128 -19.34 28.78 25.82
C ILE C 128 -19.50 27.78 24.68
N SER C 129 -20.65 27.13 24.70
CA SER C 129 -21.06 26.17 23.66
C SER C 129 -22.44 26.68 23.22
N LEU C 130 -22.57 26.88 21.92
CA LEU C 130 -23.84 27.35 21.35
C LEU C 130 -24.48 26.31 20.48
N PHE C 131 -25.77 26.14 20.71
CA PHE C 131 -26.60 25.15 20.02
C PHE C 131 -27.85 25.87 19.49
N ALA C 132 -28.38 25.32 18.41
CA ALA C 132 -29.57 25.84 17.81
C ALA C 132 -29.86 25.13 16.49
N ARG C 133 -31.09 25.38 16.08
CA ARG C 133 -31.62 24.89 14.76
C ARG C 133 -30.68 25.62 13.75
N GLY C 134 -30.25 24.89 12.75
CA GLY C 134 -29.37 25.35 11.72
C GLY C 134 -27.93 25.09 12.05
N ILE C 135 -27.67 24.74 13.32
CA ILE C 135 -26.27 24.42 13.74
C ILE C 135 -26.12 22.92 13.84
N ASN C 136 -25.41 22.30 12.92
CA ASN C 136 -25.22 20.84 12.86
C ASN C 136 -24.38 20.29 13.99
N ILE C 137 -23.38 21.05 14.35
CA ILE C 137 -22.50 20.72 15.49
C ILE C 137 -22.32 22.02 16.28
N HIS C 138 -22.34 21.94 17.58
CA HIS C 138 -22.23 23.13 18.43
C HIS C 138 -20.98 23.89 18.23
N LEU C 139 -21.05 25.20 18.54
CA LEU C 139 -19.89 26.10 18.36
C LEU C 139 -19.28 26.42 19.72
N HIS C 140 -17.96 26.33 19.73
CA HIS C 140 -17.20 26.62 20.95
C HIS C 140 -16.64 28.05 20.85
N THR C 141 -16.72 28.76 21.96
CA THR C 141 -16.14 30.09 22.06
C THR C 141 -15.76 30.40 23.48
N ARG C 142 -15.09 31.52 23.70
CA ARG C 142 -14.67 32.01 24.99
C ARG C 142 -15.10 33.46 25.18
N LEU C 143 -15.53 33.76 26.38
CA LEU C 143 -15.91 35.13 26.75
C LEU C 143 -14.80 35.67 27.65
N TYR C 144 -14.17 36.73 27.20
CA TYR C 144 -13.09 37.45 27.90
C TYR C 144 -13.72 38.81 28.31
N PHE C 145 -13.07 39.47 29.24
CA PHE C 145 -13.58 40.76 29.79
C PHE C 145 -12.70 41.93 29.36
N ASP C 146 -13.34 43.01 28.92
CA ASP C 146 -12.63 44.21 28.45
C ASP C 146 -11.81 44.91 29.51
N ASP C 147 -12.09 44.72 30.78
CA ASP C 147 -11.39 45.33 31.88
C ASP C 147 -10.19 44.51 32.35
N GLU C 148 -9.88 43.47 31.64
CA GLU C 148 -8.76 42.57 31.96
C GLU C 148 -7.73 42.67 30.85
N ALA C 149 -7.62 43.85 30.30
CA ALA C 149 -6.69 44.14 29.21
C ALA C 149 -5.31 43.61 29.45
N GLN C 150 -4.69 43.91 30.57
CA GLN C 150 -3.33 43.42 30.81
C GLN C 150 -3.23 41.91 30.66
N ALA C 151 -4.18 41.23 31.26
CA ALA C 151 -4.25 39.76 31.20
C ALA C 151 -4.50 39.27 29.79
N ASN C 152 -5.47 39.87 29.14
CA ASN C 152 -5.87 39.51 27.78
C ASN C 152 -4.73 39.55 26.78
N ALA C 153 -3.87 40.52 26.96
CA ALA C 153 -2.73 40.76 26.08
C ALA C 153 -1.76 39.60 26.11
N LYS C 154 -1.69 38.98 27.29
CA LYS C 154 -0.77 37.87 27.50
C LYS C 154 -1.33 36.48 27.40
N CYS C 155 -2.62 36.30 27.22
CA CYS C 155 -3.28 35.01 27.13
C CYS C 155 -2.76 34.16 25.99
N PRO C 156 -2.30 32.97 26.35
CA PRO C 156 -1.77 32.02 25.36
C PRO C 156 -2.85 31.55 24.39
N VAL C 157 -4.09 31.61 24.78
CA VAL C 157 -5.21 31.15 23.92
C VAL C 157 -5.58 32.22 22.90
N LEU C 158 -5.77 33.41 23.41
CA LEU C 158 -6.12 34.62 22.62
C LEU C 158 -5.03 34.89 21.58
N ASN C 159 -3.78 34.68 21.95
CA ASN C 159 -2.62 34.87 21.12
C ASN C 159 -2.50 33.86 20.00
N LEU C 160 -3.29 32.82 19.99
CA LEU C 160 -3.25 31.82 18.92
C LEU C 160 -4.04 32.37 17.72
N ILE C 161 -4.93 33.30 18.02
CA ILE C 161 -5.74 33.93 16.97
C ILE C 161 -4.75 34.86 16.24
N GLU C 162 -4.44 34.43 15.04
CA GLU C 162 -3.53 35.06 14.12
C GLU C 162 -3.74 36.52 13.92
N GLN C 163 -4.94 36.98 13.64
CA GLN C 163 -5.30 38.37 13.42
C GLN C 163 -5.88 39.03 14.66
N PRO C 164 -5.12 40.01 15.14
CA PRO C 164 -5.49 40.81 16.31
C PRO C 164 -6.92 41.31 16.30
N GLN C 165 -7.45 41.63 15.13
CA GLN C 165 -8.80 42.16 15.01
C GLN C 165 -9.87 41.15 15.37
N ARG C 166 -9.52 39.89 15.16
CA ARG C 166 -10.42 38.75 15.42
C ARG C 166 -10.48 38.45 16.91
N ARG C 167 -9.46 38.85 17.63
CA ARG C 167 -9.37 38.64 19.09
C ARG C 167 -10.40 39.50 19.82
N GLU C 168 -10.62 40.67 19.28
CA GLU C 168 -11.57 41.65 19.77
C GLU C 168 -13.00 41.14 19.86
N THR C 169 -13.33 40.15 19.04
CA THR C 169 -14.65 39.55 18.99
C THR C 169 -14.97 38.71 20.20
N LEU C 170 -13.95 38.38 20.96
CA LEU C 170 -14.11 37.55 22.16
C LEU C 170 -14.16 38.36 23.43
N ILE C 171 -14.15 39.67 23.33
CA ILE C 171 -14.13 40.54 24.52
C ILE C 171 -15.45 41.15 24.87
N ALA C 172 -15.98 40.76 26.02
CA ALA C 172 -17.26 41.28 26.52
C ALA C 172 -17.05 42.73 26.97
N LYS C 173 -18.05 43.54 26.73
CA LYS C 173 -18.04 44.97 27.09
C LYS C 173 -18.76 45.22 28.41
N ARG C 174 -18.03 45.86 29.31
CA ARG C 174 -18.53 46.23 30.62
C ARG C 174 -19.63 47.27 30.49
N CYS C 175 -20.67 47.08 31.27
CA CYS C 175 -21.84 47.95 31.30
C CYS C 175 -22.53 47.78 32.65
N GLU C 176 -23.65 48.42 32.79
CA GLU C 176 -24.42 48.34 34.04
C GLU C 176 -25.86 48.14 33.67
N VAL C 177 -26.48 47.18 34.31
CA VAL C 177 -27.91 46.81 34.11
C VAL C 177 -28.49 46.89 35.53
N ASP C 178 -29.44 47.79 35.70
CA ASP C 178 -30.07 48.08 36.98
C ASP C 178 -29.04 48.44 38.04
N GLY C 179 -28.02 49.15 37.61
CA GLY C 179 -26.94 49.61 38.47
C GLY C 179 -26.04 48.49 38.91
N LYS C 180 -26.18 47.35 38.27
CA LYS C 180 -25.37 46.15 38.58
C LYS C 180 -24.34 46.00 37.47
N THR C 181 -23.14 45.61 37.84
CA THR C 181 -22.05 45.40 36.87
C THR C 181 -22.53 44.28 35.93
N ALA C 182 -22.32 44.51 34.67
CA ALA C 182 -22.70 43.56 33.62
C ALA C 182 -21.67 43.63 32.51
N TYR C 183 -21.65 42.61 31.68
CA TYR C 183 -20.78 42.49 30.54
C TYR C 183 -21.70 41.96 29.40
N ARG C 184 -21.60 42.65 28.30
CA ARG C 184 -22.38 42.31 27.12
C ARG C 184 -21.48 41.55 26.17
N PHE C 185 -22.00 40.43 25.75
CA PHE C 185 -21.31 39.53 24.83
C PHE C 185 -22.24 39.05 23.72
N ASP C 186 -22.15 39.72 22.60
CA ASP C 186 -22.93 39.41 21.40
C ASP C 186 -22.14 38.40 20.54
N ILE C 187 -22.87 37.48 19.97
CA ILE C 187 -22.32 36.45 19.10
C ILE C 187 -22.81 36.67 17.66
N ARG C 188 -21.85 36.84 16.78
CA ARG C 188 -22.14 37.00 15.34
C ARG C 188 -21.65 35.69 14.74
N ILE C 189 -22.59 34.85 14.36
CA ILE C 189 -22.29 33.52 13.84
C ILE C 189 -21.57 33.55 12.51
N GLN C 190 -22.01 34.45 11.65
CA GLN C 190 -21.44 34.52 10.30
C GLN C 190 -21.38 35.95 9.80
N GLY C 191 -20.41 36.26 8.97
CA GLY C 191 -20.21 37.55 8.39
C GLY C 191 -19.26 38.50 9.10
N GLU C 192 -19.56 39.76 8.90
CA GLU C 192 -18.83 40.92 9.45
C GLU C 192 -18.81 40.84 10.98
N GLY C 193 -17.62 40.88 11.53
CA GLY C 193 -17.37 40.80 12.98
C GLY C 193 -17.72 39.43 13.52
N GLU C 194 -17.59 38.42 12.69
CA GLU C 194 -17.88 37.03 13.03
C GLU C 194 -16.94 36.60 14.17
N THR C 195 -17.57 36.15 15.22
CA THR C 195 -16.95 35.64 16.44
C THR C 195 -16.03 34.49 16.16
N VAL C 196 -14.89 34.49 16.84
CA VAL C 196 -13.92 33.41 16.75
C VAL C 196 -14.58 32.17 17.41
N PHE C 197 -14.46 31.06 16.74
CA PHE C 197 -15.02 29.77 17.22
C PHE C 197 -13.82 28.83 17.25
N PHE C 198 -13.77 28.02 18.30
CA PHE C 198 -12.63 27.12 18.49
C PHE C 198 -12.95 25.67 18.24
N ASP C 199 -11.88 24.94 18.04
CA ASP C 199 -11.84 23.48 17.85
C ASP C 199 -10.77 23.01 18.86
N PHE C 200 -11.17 22.06 19.63
CA PHE C 200 -10.30 21.46 20.67
C PHE C 200 -10.75 20.01 20.88
N PRO D 1 -11.42 20.59 43.37
CA PRO D 1 -12.01 20.81 42.04
C PRO D 1 -11.45 19.81 41.04
N ALA D 2 -11.90 19.96 39.80
CA ALA D 2 -11.45 19.08 38.70
C ALA D 2 -9.99 19.38 38.39
N GLN D 3 -9.35 18.50 37.64
CA GLN D 3 -7.94 18.63 37.27
C GLN D 3 -7.63 18.12 35.86
N ASP D 4 -6.59 18.73 35.32
CA ASP D 4 -6.09 18.43 33.98
C ASP D 4 -5.27 17.13 34.02
N ASN D 5 -5.99 16.02 33.90
CA ASN D 5 -5.32 14.70 33.88
C ASN D 5 -5.46 14.08 32.49
N SER D 6 -6.60 14.35 31.87
CA SER D 6 -6.93 13.79 30.56
C SER D 6 -6.69 14.68 29.35
N ARG D 7 -6.67 14.01 28.24
CA ARG D 7 -6.55 14.49 26.87
C ARG D 7 -7.69 13.73 26.14
N PHE D 8 -8.28 14.37 25.18
CA PHE D 8 -9.39 13.73 24.43
C PHE D 8 -9.02 13.58 22.98
N VAL D 9 -9.43 12.49 22.37
CA VAL D 9 -9.14 12.24 20.95
C VAL D 9 -9.72 13.41 20.14
N ILE D 10 -8.93 13.97 19.25
CA ILE D 10 -9.37 15.10 18.41
C ILE D 10 -10.60 14.67 17.62
N ARG D 11 -11.60 15.53 17.54
CA ARG D 11 -12.80 15.26 16.76
C ARG D 11 -12.48 15.16 15.27
N ASP D 12 -13.20 14.28 14.63
CA ASP D 12 -13.09 14.05 13.18
C ASP D 12 -14.26 14.86 12.56
N ARG D 13 -13.89 16.04 12.14
CA ARG D 13 -14.85 17.00 11.58
C ARG D 13 -15.33 16.67 10.20
N ASN D 14 -14.86 15.55 9.70
CA ASN D 14 -15.23 14.98 8.42
C ASN D 14 -16.23 13.85 8.61
N TRP D 15 -16.40 13.36 9.82
CA TRP D 15 -17.31 12.27 10.23
C TRP D 15 -18.68 12.89 10.62
N HIS D 16 -18.53 13.93 11.44
CA HIS D 16 -19.65 14.74 11.90
C HIS D 16 -20.13 15.57 10.66
N PRO D 17 -21.33 16.06 10.80
CA PRO D 17 -21.92 16.95 9.77
C PRO D 17 -21.06 18.23 9.69
N LYS D 18 -21.01 18.80 8.51
CA LYS D 18 -20.27 20.06 8.30
C LYS D 18 -21.26 21.15 8.77
N ALA D 19 -20.72 22.35 8.90
CA ALA D 19 -21.52 23.51 9.30
C ALA D 19 -22.52 23.93 8.21
N LEU D 20 -22.01 24.08 7.01
CA LEU D 20 -22.79 24.51 5.86
C LEU D 20 -23.28 23.35 5.02
N THR D 21 -24.56 23.07 5.10
CA THR D 21 -25.14 21.92 4.30
C THR D 21 -26.44 22.49 3.75
N PRO D 22 -26.30 23.11 2.58
CA PRO D 22 -27.37 23.82 1.92
C PRO D 22 -28.71 23.21 1.81
N ASP D 23 -28.86 21.91 1.68
CA ASP D 23 -30.25 21.33 1.62
C ASP D 23 -31.02 21.63 2.88
N TYR D 24 -30.27 21.85 3.95
CA TYR D 24 -30.85 22.18 5.28
C TYR D 24 -30.68 23.70 5.35
N LYS D 25 -31.66 24.38 4.85
CA LYS D 25 -31.75 25.81 4.67
C LYS D 25 -31.24 26.65 5.79
N THR D 26 -31.69 26.42 7.00
CA THR D 26 -31.26 27.20 8.16
C THR D 26 -29.76 27.23 8.35
N SER D 27 -29.02 26.23 7.91
CA SER D 27 -27.57 26.22 8.06
C SER D 27 -26.87 27.28 7.22
N ILE D 28 -27.47 27.76 6.18
CA ILE D 28 -26.88 28.78 5.28
C ILE D 28 -26.44 30.00 6.06
N ALA D 29 -27.37 30.59 6.78
CA ALA D 29 -27.13 31.76 7.61
C ALA D 29 -26.61 31.49 9.00
N ARG D 30 -26.64 30.25 9.46
CA ARG D 30 -26.14 29.92 10.81
C ARG D 30 -24.88 29.11 10.85
N SER D 31 -24.02 29.31 9.87
CA SER D 31 -22.73 28.60 9.78
C SER D 31 -21.63 29.64 9.59
N PRO D 32 -20.56 29.47 10.35
CA PRO D 32 -19.42 30.43 10.26
C PRO D 32 -18.79 30.34 8.88
N ARG D 33 -18.11 31.37 8.48
CA ARG D 33 -17.41 31.38 7.17
C ARG D 33 -15.91 31.33 7.45
N GLN D 34 -15.52 31.71 8.65
CA GLN D 34 -14.09 31.65 9.00
C GLN D 34 -13.82 30.25 9.57
N ALA D 35 -12.61 29.75 9.41
CA ALA D 35 -12.19 28.44 9.91
C ALA D 35 -12.15 28.49 11.44
N LEU D 36 -12.42 27.35 12.04
CA LEU D 36 -12.37 27.24 13.53
C LEU D 36 -10.88 27.41 13.91
N VAL D 37 -10.59 27.97 15.03
CA VAL D 37 -9.20 28.15 15.48
C VAL D 37 -8.91 26.98 16.46
N SER D 38 -7.94 26.19 16.05
CA SER D 38 -7.55 25.02 16.87
C SER D 38 -6.77 25.49 18.09
N ILE D 39 -7.14 24.94 19.23
CA ILE D 39 -6.41 25.30 20.47
C ILE D 39 -6.06 24.01 21.21
N PRO D 40 -4.96 24.03 21.92
CA PRO D 40 -4.53 22.85 22.73
C PRO D 40 -5.50 22.67 23.89
N GLN D 41 -5.60 21.43 24.40
CA GLN D 41 -6.49 21.15 25.53
C GLN D 41 -5.85 21.64 26.82
N SER D 42 -6.68 22.26 27.64
CA SER D 42 -6.27 22.78 28.96
C SER D 42 -7.40 22.36 29.92
N ILE D 43 -7.24 22.68 31.16
CA ILE D 43 -8.20 22.34 32.20
C ILE D 43 -9.60 22.85 31.88
N SER D 44 -9.63 23.96 31.16
CA SER D 44 -10.90 24.60 30.79
C SER D 44 -11.72 23.65 29.92
N GLU D 45 -11.03 22.97 29.01
CA GLU D 45 -11.63 22.04 28.06
C GLU D 45 -11.72 20.59 28.43
N THR D 46 -10.83 20.15 29.32
CA THR D 46 -10.74 18.76 29.75
C THR D 46 -11.55 18.39 30.95
N THR D 47 -12.26 19.32 31.53
CA THR D 47 -13.11 19.09 32.70
C THR D 47 -14.54 19.43 32.25
N GLY D 48 -15.49 19.10 33.09
CA GLY D 48 -16.92 19.29 32.87
C GLY D 48 -17.62 18.93 34.18
N PRO D 49 -18.91 19.25 34.21
CA PRO D 49 -19.73 19.01 35.40
C PRO D 49 -20.08 17.56 35.61
N ASN D 50 -20.28 17.24 36.88
CA ASN D 50 -20.66 15.87 37.32
C ASN D 50 -22.06 15.99 37.88
N PHE D 51 -22.99 15.24 37.36
CA PHE D 51 -24.39 15.32 37.78
C PHE D 51 -24.84 14.28 38.79
N SER D 52 -23.89 13.61 39.39
CA SER D 52 -24.12 12.58 40.41
C SER D 52 -25.06 13.08 41.50
N HIS D 53 -24.88 14.31 41.96
CA HIS D 53 -25.73 14.83 43.03
C HIS D 53 -26.98 15.53 42.61
N LEU D 54 -27.32 15.56 41.33
CA LEU D 54 -28.56 16.22 40.92
C LEU D 54 -29.75 15.40 41.44
N GLY D 55 -30.75 16.11 41.93
CA GLY D 55 -31.96 15.50 42.47
C GLY D 55 -32.88 15.05 41.36
N PHE D 56 -32.79 13.78 41.00
CA PHE D 56 -33.62 13.18 39.94
C PHE D 56 -34.95 12.67 40.51
N GLY D 57 -36.02 13.01 39.85
CA GLY D 57 -37.38 12.56 40.21
C GLY D 57 -37.46 11.05 39.88
N ALA D 58 -38.41 10.44 40.56
CA ALA D 58 -38.70 9.01 40.43
C ALA D 58 -39.02 8.57 39.01
N HIS D 59 -39.72 9.40 38.28
CA HIS D 59 -40.08 9.08 36.89
C HIS D 59 -39.39 9.96 35.87
N ASP D 60 -38.21 10.45 36.17
CA ASP D 60 -37.46 11.35 35.28
C ASP D 60 -37.19 10.71 33.93
N HIS D 61 -36.96 9.42 33.96
CA HIS D 61 -36.66 8.58 32.83
C HIS D 61 -37.85 7.81 32.30
N ASP D 62 -39.03 8.08 32.85
CA ASP D 62 -40.26 7.35 32.40
C ASP D 62 -41.30 8.30 31.85
N LEU D 63 -41.24 8.53 30.55
CA LEU D 63 -42.13 9.42 29.82
C LEU D 63 -43.57 8.95 29.81
N LEU D 64 -43.76 7.71 30.21
CA LEU D 64 -45.12 7.12 30.29
C LEU D 64 -45.85 7.59 31.53
N LEU D 65 -45.12 8.01 32.55
CA LEU D 65 -45.74 8.46 33.80
C LEU D 65 -45.27 9.84 34.26
N ASN D 66 -44.23 10.39 33.67
CA ASN D 66 -43.67 11.66 34.13
C ASN D 66 -44.45 12.88 33.76
N PHE D 67 -45.52 12.81 33.00
CA PHE D 67 -46.24 14.05 32.64
C PHE D 67 -47.44 14.21 33.60
N GLY D 71 -53.85 8.87 33.41
CA GLY D 71 -53.88 8.56 31.98
C GLY D 71 -52.50 8.17 31.45
N LEU D 72 -52.59 7.27 30.50
CA LEU D 72 -51.41 6.69 29.80
C LEU D 72 -51.46 7.31 28.39
N PRO D 73 -50.30 7.57 27.86
CA PRO D 73 -50.17 8.15 26.51
C PRO D 73 -50.59 7.09 25.49
N ILE D 74 -51.11 7.58 24.37
CA ILE D 74 -51.51 6.73 23.24
C ILE D 74 -50.26 6.60 22.36
N GLY D 75 -49.94 5.46 21.86
CA GLY D 75 -48.75 5.24 21.03
C GLY D 75 -48.05 3.94 21.40
N GLU D 76 -47.09 3.62 20.58
CA GLU D 76 -46.26 2.42 20.67
C GLU D 76 -45.31 2.50 21.87
N ARG D 77 -45.67 1.70 22.87
CA ARG D 77 -44.84 1.66 24.10
C ARG D 77 -43.50 1.04 23.72
N ILE D 78 -42.44 1.75 24.03
CA ILE D 78 -41.09 1.30 23.77
C ILE D 78 -40.15 1.71 24.91
N ILE D 79 -39.12 0.88 24.99
CA ILE D 79 -38.03 1.14 25.97
C ILE D 79 -36.86 1.56 25.08
N VAL D 80 -36.15 2.60 25.45
CA VAL D 80 -34.94 2.96 24.65
C VAL D 80 -33.78 2.76 25.63
N ALA D 81 -32.92 1.84 25.29
CA ALA D 81 -31.77 1.58 26.19
C ALA D 81 -30.52 1.42 25.35
N GLY D 82 -29.39 1.45 26.02
CA GLY D 82 -28.09 1.30 25.33
C GLY D 82 -27.02 1.69 26.34
N ARG D 83 -25.83 1.75 25.83
CA ARG D 83 -24.69 2.08 26.71
C ARG D 83 -23.89 3.23 26.13
N VAL D 84 -23.20 3.93 27.03
CA VAL D 84 -22.32 5.02 26.67
C VAL D 84 -20.87 4.62 26.92
N VAL D 85 -20.11 4.52 25.88
CA VAL D 85 -18.67 4.19 25.91
C VAL D 85 -17.90 5.31 25.18
N ASP D 86 -16.61 5.31 25.33
CA ASP D 86 -15.72 6.28 24.69
C ASP D 86 -15.09 5.56 23.50
N GLN D 87 -14.27 6.25 22.76
CA GLN D 87 -13.68 5.68 21.54
C GLN D 87 -12.89 4.42 21.79
N TYR D 88 -12.36 4.32 23.01
CA TYR D 88 -11.57 3.18 23.43
C TYR D 88 -12.45 2.01 23.85
N GLY D 89 -13.74 2.20 23.98
CA GLY D 89 -14.63 1.10 24.39
C GLY D 89 -14.93 1.16 25.89
N LYS D 90 -14.33 2.07 26.57
CA LYS D 90 -14.46 2.30 28.02
C LYS D 90 -15.79 2.95 28.31
N PRO D 91 -16.51 2.36 29.25
CA PRO D 91 -17.85 2.85 29.63
C PRO D 91 -17.73 4.20 30.30
N VAL D 92 -18.84 4.93 30.25
CA VAL D 92 -18.91 6.28 30.86
C VAL D 92 -20.02 6.20 31.91
N PRO D 93 -19.60 5.94 33.15
CA PRO D 93 -20.54 5.80 34.25
C PRO D 93 -20.94 7.17 34.75
N ASN D 94 -22.10 7.21 35.37
CA ASN D 94 -22.72 8.36 35.97
C ASN D 94 -22.71 9.60 35.08
N THR D 95 -23.10 9.42 33.84
CA THR D 95 -23.14 10.55 32.90
C THR D 95 -24.58 10.95 32.68
N LEU D 96 -24.82 12.22 32.37
CA LEU D 96 -26.18 12.69 32.16
C LEU D 96 -26.65 12.51 30.72
N VAL D 97 -27.78 11.86 30.61
CA VAL D 97 -28.43 11.65 29.31
C VAL D 97 -29.80 12.33 29.39
N GLU D 98 -30.07 13.14 28.38
CA GLU D 98 -31.38 13.85 28.32
C GLU D 98 -31.93 13.59 26.94
N MET D 99 -33.24 13.48 26.87
CA MET D 99 -33.91 13.22 25.57
C MET D 99 -35.24 13.97 25.57
N TRP D 100 -35.74 14.25 24.40
CA TRP D 100 -37.00 14.99 24.19
C TRP D 100 -37.51 14.56 22.84
N GLN D 101 -38.82 14.54 22.70
CA GLN D 101 -39.42 14.10 21.40
C GLN D 101 -40.84 14.63 21.29
N ALA D 102 -41.40 14.36 20.12
CA ALA D 102 -42.80 14.69 19.82
C ALA D 102 -43.63 13.48 20.28
N ASN D 103 -44.92 13.61 20.17
CA ASN D 103 -45.87 12.54 20.55
C ASN D 103 -46.00 11.57 19.39
N ALA D 104 -46.92 10.62 19.52
CA ALA D 104 -47.18 9.57 18.54
C ALA D 104 -47.58 10.09 17.18
N GLY D 105 -48.20 11.26 17.17
CA GLY D 105 -48.69 11.95 16.00
C GLY D 105 -47.68 12.88 15.36
N GLY D 106 -46.63 13.23 16.10
CA GLY D 106 -45.59 14.12 15.57
C GLY D 106 -45.72 15.55 16.06
N ARG D 107 -46.47 15.75 17.11
CA ARG D 107 -46.67 17.04 17.74
C ARG D 107 -45.81 17.18 19.01
N TYR D 108 -45.11 18.29 19.12
CA TYR D 108 -44.24 18.61 20.25
C TYR D 108 -45.03 19.48 21.23
N ARG D 109 -44.72 19.33 22.50
CA ARG D 109 -45.38 20.12 23.56
C ARG D 109 -44.52 21.38 23.77
N HIS D 110 -44.57 22.20 22.73
CA HIS D 110 -43.82 23.45 22.60
C HIS D 110 -44.66 24.53 21.91
N LYS D 111 -44.63 25.71 22.50
CA LYS D 111 -45.35 26.90 22.07
C LYS D 111 -45.32 27.05 20.53
N ASN D 112 -44.10 27.14 20.01
CA ASN D 112 -43.83 27.32 18.63
C ASN D 112 -44.32 26.24 17.70
N ASP D 113 -44.78 25.10 18.19
CA ASP D 113 -45.23 24.04 17.24
C ASP D 113 -46.71 24.20 16.94
N ARG D 114 -46.96 24.46 15.67
CA ARG D 114 -48.29 24.66 15.12
C ARG D 114 -48.81 23.53 14.27
N TYR D 115 -48.13 22.39 14.22
CA TYR D 115 -48.58 21.24 13.42
C TYR D 115 -49.96 20.86 13.95
N LEU D 116 -50.84 20.53 13.05
CA LEU D 116 -52.22 20.17 13.30
C LEU D 116 -52.46 18.92 14.09
N ALA D 117 -51.49 18.05 14.25
CA ALA D 117 -51.67 16.80 15.04
C ALA D 117 -51.88 17.29 16.48
N PRO D 118 -52.77 16.64 17.19
CA PRO D 118 -53.09 17.03 18.55
C PRO D 118 -52.05 16.64 19.58
N LEU D 119 -52.07 17.38 20.67
CA LEU D 119 -51.20 17.06 21.82
C LEU D 119 -51.89 15.85 22.51
N ASP D 120 -51.07 15.16 23.30
CA ASP D 120 -51.60 14.01 24.08
C ASP D 120 -51.61 14.52 25.54
N PRO D 121 -52.79 14.56 26.10
CA PRO D 121 -53.00 15.01 27.47
C PRO D 121 -52.14 14.33 28.50
N ASN D 122 -51.67 13.11 28.22
CA ASN D 122 -50.84 12.34 29.12
C ASN D 122 -49.39 12.24 28.70
N PHE D 123 -48.95 13.10 27.78
CA PHE D 123 -47.54 13.03 27.32
C PHE D 123 -46.87 14.39 27.28
N GLY D 124 -45.69 14.49 27.87
CA GLY D 124 -44.86 15.66 27.95
C GLY D 124 -43.74 15.65 26.91
N GLY D 125 -42.94 14.61 26.87
CA GLY D 125 -41.86 14.45 25.92
C GLY D 125 -40.47 14.68 26.43
N VAL D 126 -40.24 14.75 27.72
CA VAL D 126 -38.89 14.95 28.26
C VAL D 126 -38.47 13.82 29.21
N GLY D 127 -37.24 13.38 29.09
CA GLY D 127 -36.70 12.38 30.00
C GLY D 127 -35.24 12.73 30.28
N ARG D 128 -34.73 12.21 31.36
CA ARG D 128 -33.34 12.36 31.76
C ARG D 128 -33.00 11.23 32.74
N CYS D 129 -31.72 10.90 32.74
CA CYS D 129 -31.23 9.88 33.64
C CYS D 129 -29.71 9.85 33.62
N LEU D 130 -29.18 9.21 34.62
CA LEU D 130 -27.70 9.07 34.73
C LEU D 130 -27.39 7.63 34.33
N THR D 131 -26.32 7.41 33.63
CA THR D 131 -25.87 6.09 33.22
C THR D 131 -25.32 5.45 34.53
N ASP D 132 -25.34 4.14 34.53
CA ASP D 132 -24.89 3.39 35.74
C ASP D 132 -23.41 3.13 35.61
N SER D 133 -22.91 2.34 36.55
CA SER D 133 -21.49 1.97 36.59
C SER D 133 -21.01 1.34 35.31
N ASP D 134 -21.88 0.69 34.57
CA ASP D 134 -21.45 0.06 33.31
C ASP D 134 -21.66 0.92 32.09
N GLY D 135 -22.16 2.11 32.32
CA GLY D 135 -22.45 3.07 31.28
C GLY D 135 -23.78 2.85 30.60
N TYR D 136 -24.69 2.14 31.23
CA TYR D 136 -26.00 1.84 30.70
C TYR D 136 -27.06 2.84 31.13
N TYR D 137 -27.97 3.12 30.21
CA TYR D 137 -29.08 4.04 30.49
C TYR D 137 -30.33 3.36 29.88
N SER D 138 -31.48 3.81 30.29
CA SER D 138 -32.71 3.23 29.73
C SER D 138 -33.83 4.23 29.96
N PHE D 139 -34.74 4.32 29.02
CA PHE D 139 -35.88 5.23 29.13
C PHE D 139 -37.10 4.41 28.67
N ARG D 140 -38.22 4.96 29.04
CA ARG D 140 -39.51 4.35 28.62
C ARG D 140 -40.37 5.51 28.10
N THR D 141 -40.83 5.29 26.88
CA THR D 141 -41.64 6.30 26.19
C THR D 141 -42.52 5.63 25.13
N ILE D 142 -43.02 6.47 24.25
CA ILE D 142 -43.82 6.06 23.11
C ILE D 142 -42.99 6.48 21.87
N LYS D 143 -43.13 5.74 20.80
CA LYS D 143 -42.45 6.02 19.55
C LYS D 143 -43.12 7.28 18.94
N PRO D 144 -42.29 8.30 18.73
CA PRO D 144 -42.76 9.57 18.13
C PRO D 144 -43.11 9.36 16.67
N GLY D 145 -43.88 10.28 16.13
CA GLY D 145 -44.23 10.23 14.68
C GLY D 145 -43.37 11.24 13.92
N PRO D 146 -43.36 11.04 12.60
CA PRO D 146 -42.66 11.92 11.64
C PRO D 146 -43.36 13.29 11.79
N TYR D 147 -42.60 14.29 11.44
CA TYR D 147 -43.00 15.72 11.56
C TYR D 147 -42.68 16.50 10.30
N PRO D 148 -43.71 17.14 9.76
CA PRO D 148 -43.56 18.00 8.55
C PRO D 148 -42.92 19.31 8.99
N TRP D 149 -41.99 19.83 8.19
CA TRP D 149 -41.31 21.10 8.60
C TRP D 149 -41.06 21.95 7.35
N ARG D 150 -40.91 23.23 7.58
CA ARG D 150 -40.70 24.18 6.47
C ARG D 150 -39.26 24.24 6.04
N ASN D 151 -38.92 23.42 5.10
CA ASN D 151 -37.59 23.30 4.50
C ASN D 151 -37.88 23.36 2.98
N GLY D 152 -37.98 22.22 2.40
CA GLY D 152 -38.37 22.08 0.96
C GLY D 152 -39.92 22.10 1.11
N PRO D 153 -40.64 22.08 0.03
CA PRO D 153 -42.09 22.14 0.06
C PRO D 153 -42.73 20.92 0.67
N ASN D 154 -42.08 19.77 0.66
CA ASN D 154 -42.72 18.56 1.26
C ASN D 154 -41.68 17.80 2.08
N ASP D 155 -41.05 18.43 3.03
CA ASP D 155 -40.04 17.76 3.88
C ASP D 155 -40.71 17.23 5.15
N TRP D 156 -40.30 16.03 5.51
CA TRP D 156 -40.84 15.35 6.73
C TRP D 156 -39.66 14.77 7.51
N ARG D 157 -39.58 15.12 8.76
CA ARG D 157 -38.49 14.53 9.60
C ARG D 157 -38.91 13.06 9.89
N PRO D 158 -37.94 12.19 9.80
CA PRO D 158 -38.21 10.77 10.18
C PRO D 158 -38.54 10.80 11.68
N ALA D 159 -39.14 9.78 12.19
CA ALA D 159 -39.41 9.68 13.66
C ALA D 159 -38.01 9.74 14.30
N HIS D 160 -37.91 10.59 15.32
CA HIS D 160 -36.61 10.75 15.98
C HIS D 160 -36.79 11.26 17.39
N ILE D 161 -35.73 11.00 18.17
CA ILE D 161 -35.70 11.44 19.58
C ILE D 161 -34.40 12.28 19.73
N HIS D 162 -34.55 13.42 20.35
CA HIS D 162 -33.35 14.30 20.55
C HIS D 162 -32.60 13.82 21.78
N PHE D 163 -31.31 13.75 21.72
CA PHE D 163 -30.45 13.30 22.78
C PHE D 163 -29.35 14.31 23.11
N GLY D 164 -29.08 14.40 24.40
CA GLY D 164 -28.00 15.27 24.89
C GLY D 164 -27.22 14.40 25.90
N ILE D 165 -25.94 14.29 25.74
CA ILE D 165 -25.07 13.52 26.60
C ILE D 165 -23.89 14.38 27.05
N SER D 166 -23.68 14.42 28.37
CA SER D 166 -22.60 15.20 28.97
C SER D 166 -21.21 14.66 28.78
N GLY D 167 -20.98 13.47 29.29
CA GLY D 167 -19.63 12.84 29.19
C GLY D 167 -18.79 13.50 30.32
N PRO D 168 -17.52 13.12 30.38
CA PRO D 168 -16.61 13.61 31.38
C PRO D 168 -16.14 15.04 31.28
N SER D 169 -16.17 15.62 30.09
CA SER D 169 -15.72 17.01 29.93
C SER D 169 -16.68 17.78 29.02
N ILE D 170 -16.42 19.09 28.92
CA ILE D 170 -17.24 19.92 28.00
C ILE D 170 -16.79 19.56 26.58
N ALA D 171 -15.61 18.93 26.54
CA ALA D 171 -15.00 18.47 25.30
C ALA D 171 -15.75 17.30 24.69
N THR D 172 -16.45 16.54 25.50
CA THR D 172 -17.19 15.36 25.08
C THR D 172 -18.68 15.62 24.92
N LYS D 173 -19.17 16.67 25.51
CA LYS D 173 -20.61 17.00 25.44
C LYS D 173 -21.09 16.86 24.00
N LEU D 174 -22.21 16.19 23.82
CA LEU D 174 -22.79 15.95 22.50
C LEU D 174 -24.30 16.06 22.49
N ILE D 175 -24.82 16.61 21.37
CA ILE D 175 -26.26 16.70 21.13
C ILE D 175 -26.46 15.98 19.77
N THR D 176 -27.42 15.08 19.76
CA THR D 176 -27.66 14.28 18.54
C THR D 176 -29.12 13.88 18.50
N GLN D 177 -29.40 12.96 17.59
CA GLN D 177 -30.75 12.47 17.34
C GLN D 177 -30.69 10.97 17.03
N LEU D 178 -31.71 10.30 17.51
CA LEU D 178 -31.87 8.84 17.29
C LEU D 178 -32.96 8.63 16.20
N TYR D 179 -32.68 7.78 15.26
CA TYR D 179 -33.64 7.40 14.22
C TYR D 179 -33.94 5.90 14.43
N PHE D 180 -35.06 5.44 13.92
CA PHE D 180 -35.53 4.07 14.06
C PHE D 180 -35.29 3.23 12.83
N GLU D 181 -34.74 2.07 13.05
CA GLU D 181 -34.42 1.07 12.05
C GLU D 181 -35.54 0.90 11.02
N GLY D 182 -35.19 0.93 9.77
CA GLY D 182 -36.04 0.74 8.62
C GLY D 182 -36.91 1.90 8.21
N ASP D 183 -36.85 3.01 8.88
CA ASP D 183 -37.68 4.21 8.53
C ASP D 183 -37.31 4.71 7.15
N PRO D 184 -38.29 4.64 6.25
CA PRO D 184 -38.09 5.02 4.84
C PRO D 184 -37.78 6.48 4.69
N LEU D 185 -38.14 7.30 5.66
CA LEU D 185 -37.89 8.74 5.63
C LEU D 185 -36.43 9.11 5.87
N ILE D 186 -35.66 8.27 6.51
CA ILE D 186 -34.29 8.54 6.86
C ILE D 186 -33.42 9.02 5.74
N PRO D 187 -33.36 8.26 4.67
CA PRO D 187 -32.49 8.53 3.54
C PRO D 187 -32.87 9.77 2.74
N MET D 188 -34.04 10.31 3.07
CA MET D 188 -34.58 11.48 2.42
C MET D 188 -34.33 12.78 3.18
N CYS D 189 -34.11 12.73 4.48
CA CYS D 189 -33.91 13.90 5.31
C CYS D 189 -32.63 14.66 5.06
N PRO D 190 -32.79 15.97 4.85
CA PRO D 190 -31.67 16.89 4.65
C PRO D 190 -30.87 17.04 5.94
N ILE D 191 -31.51 16.94 7.10
CA ILE D 191 -30.80 17.02 8.38
C ILE D 191 -29.87 15.82 8.56
N VAL D 192 -30.43 14.66 8.21
CA VAL D 192 -29.70 13.37 8.30
C VAL D 192 -28.54 13.47 7.32
N LYS D 193 -28.87 13.92 6.11
CA LYS D 193 -27.94 14.06 5.01
C LYS D 193 -26.84 15.09 5.19
N SER D 194 -26.92 15.84 6.28
CA SER D 194 -25.90 16.86 6.64
C SER D 194 -24.64 16.03 6.88
N ILE D 195 -24.89 14.75 7.25
CA ILE D 195 -23.78 13.81 7.49
C ILE D 195 -23.42 13.19 6.13
N ALA D 196 -22.21 13.38 5.69
CA ALA D 196 -21.69 12.91 4.44
C ALA D 196 -21.35 11.45 4.35
N ASN D 197 -20.93 10.82 5.45
CA ASN D 197 -20.57 9.39 5.42
C ASN D 197 -21.74 8.51 5.82
N PRO D 198 -22.16 7.64 4.93
CA PRO D 198 -23.27 6.74 5.18
C PRO D 198 -23.00 5.85 6.36
N GLU D 199 -21.76 5.59 6.67
CA GLU D 199 -21.37 4.76 7.82
C GLU D 199 -21.69 5.51 9.10
N ALA D 200 -21.57 6.83 9.10
CA ALA D 200 -21.88 7.66 10.27
C ALA D 200 -23.39 7.69 10.51
N VAL D 201 -24.13 7.75 9.41
CA VAL D 201 -25.60 7.78 9.47
C VAL D 201 -26.05 6.51 10.19
N GLN D 202 -25.45 5.39 9.83
CA GLN D 202 -25.76 4.10 10.47
C GLN D 202 -25.61 4.17 11.98
N GLN D 203 -24.68 4.96 12.51
CA GLN D 203 -24.49 5.09 13.95
C GLN D 203 -25.69 5.71 14.65
N LEU D 204 -26.53 6.43 13.97
CA LEU D 204 -27.69 7.11 14.57
C LEU D 204 -28.98 6.32 14.53
N ILE D 205 -28.99 5.17 13.95
CA ILE D 205 -30.20 4.32 13.87
C ILE D 205 -30.22 3.27 14.99
N ALA D 206 -31.23 3.38 15.81
CA ALA D 206 -31.47 2.45 16.95
C ALA D 206 -31.99 1.15 16.33
N LYS D 207 -31.52 0.02 16.82
CA LYS D 207 -31.98 -1.28 16.26
C LYS D 207 -33.00 -1.92 17.17
N LEU D 208 -34.03 -2.47 16.56
CA LEU D 208 -35.10 -3.19 17.29
C LEU D 208 -34.38 -4.26 18.16
N ASP D 209 -34.79 -4.28 19.40
CA ASP D 209 -34.17 -5.20 20.41
C ASP D 209 -35.24 -6.07 21.08
N MET D 210 -35.55 -7.19 20.48
CA MET D 210 -36.55 -8.16 20.96
C MET D 210 -36.16 -8.77 22.31
N ASN D 211 -34.88 -8.94 22.57
CA ASN D 211 -34.35 -9.49 23.81
C ASN D 211 -34.62 -8.58 25.02
N ASN D 212 -34.79 -7.29 24.79
CA ASN D 212 -35.06 -6.33 25.84
C ASN D 212 -36.53 -5.98 25.94
N ALA D 213 -37.30 -6.49 25.01
CA ALA D 213 -38.73 -6.19 25.01
C ALA D 213 -39.40 -6.93 26.18
N ASN D 214 -40.50 -6.39 26.61
CA ASN D 214 -41.36 -6.89 27.65
C ASN D 214 -42.59 -7.49 26.93
N PRO D 215 -42.60 -8.81 26.87
CA PRO D 215 -43.69 -9.55 26.23
C PRO D 215 -45.05 -9.00 26.61
N MET D 216 -45.95 -8.96 25.65
CA MET D 216 -47.31 -8.45 25.81
C MET D 216 -47.36 -7.07 26.43
N ASP D 217 -46.29 -6.34 26.44
CA ASP D 217 -46.24 -4.99 27.09
C ASP D 217 -45.68 -3.92 26.18
N CYS D 218 -44.40 -3.98 25.91
CA CYS D 218 -43.71 -2.98 25.07
C CYS D 218 -42.48 -3.56 24.41
N LEU D 219 -42.11 -2.96 23.31
CA LEU D 219 -40.95 -3.34 22.49
C LEU D 219 -39.73 -2.53 22.97
N ALA D 220 -38.58 -2.81 22.40
CA ALA D 220 -37.38 -2.07 22.84
C ALA D 220 -36.46 -1.85 21.64
N TYR D 221 -35.71 -0.73 21.80
CA TYR D 221 -34.73 -0.29 20.82
C TYR D 221 -33.40 -0.11 21.52
N ARG D 222 -32.34 -0.47 20.87
CA ARG D 222 -30.97 -0.35 21.36
C ARG D 222 -30.29 0.86 20.70
N PHE D 223 -29.71 1.71 21.51
CA PHE D 223 -29.00 2.91 21.00
C PHE D 223 -27.76 3.11 21.88
N ASP D 224 -26.61 2.76 21.38
CA ASP D 224 -25.36 2.94 22.13
C ASP D 224 -24.77 4.24 21.59
N ILE D 225 -24.07 4.94 22.45
CA ILE D 225 -23.49 6.24 22.07
C ILE D 225 -22.01 6.16 22.34
N VAL D 226 -21.21 6.70 21.45
CA VAL D 226 -19.75 6.70 21.62
C VAL D 226 -19.32 8.17 21.74
N LEU D 227 -18.62 8.45 22.80
CA LEU D 227 -18.04 9.76 23.13
C LEU D 227 -16.54 9.68 22.85
N ARG D 228 -15.95 10.84 22.67
CA ARG D 228 -14.53 10.99 22.39
C ARG D 228 -13.70 10.15 23.39
N GLY D 229 -12.68 9.53 22.83
CA GLY D 229 -11.74 8.71 23.57
C GLY D 229 -11.02 9.60 24.58
N GLN D 230 -10.81 9.04 25.76
CA GLN D 230 -10.10 9.72 26.85
C GLN D 230 -8.81 8.96 27.16
N ARG D 231 -7.68 9.60 27.03
CA ARG D 231 -6.36 9.04 27.30
C ARG D 231 -5.63 9.90 28.34
N LYS D 232 -4.63 9.28 28.92
CA LYS D 232 -3.78 9.98 29.93
C LYS D 232 -2.71 10.72 29.10
N THR D 233 -2.28 11.83 29.64
CA THR D 233 -1.24 12.62 28.92
C THR D 233 0.06 11.85 29.03
N HIS D 234 0.97 12.07 28.11
CA HIS D 234 2.29 11.38 28.19
C HIS D 234 3.32 12.28 27.54
N PHE D 235 4.53 12.17 28.07
CA PHE D 235 5.69 12.93 27.65
C PHE D 235 5.36 14.39 27.34
N GLU D 236 4.32 14.94 27.97
CA GLU D 236 4.00 16.35 27.66
C GLU D 236 5.03 17.34 28.12
N PRO E 1 -39.58 3.66 -1.52
CA PRO E 1 -40.87 4.33 -1.74
C PRO E 1 -41.20 4.34 -3.23
N ILE E 2 -42.31 5.02 -3.59
CA ILE E 2 -42.67 5.07 -5.03
C ILE E 2 -41.83 6.11 -5.79
N GLU E 3 -41.51 5.81 -7.01
CA GLU E 3 -40.76 6.64 -7.93
C GLU E 3 -41.49 6.85 -9.26
N LEU E 4 -41.58 8.09 -9.67
CA LEU E 4 -42.25 8.43 -10.98
C LEU E 4 -41.12 8.65 -12.00
N LEU E 5 -41.52 9.05 -13.21
CA LEU E 5 -40.48 9.39 -14.23
C LEU E 5 -39.86 10.70 -13.67
N PRO E 6 -38.57 10.85 -13.88
CA PRO E 6 -37.89 12.08 -13.43
C PRO E 6 -38.21 13.17 -14.43
N GLU E 7 -38.35 14.40 -13.94
CA GLU E 7 -38.63 15.56 -14.85
C GLU E 7 -37.36 15.89 -15.65
N THR E 8 -37.54 16.36 -16.87
CA THR E 8 -36.39 16.80 -17.70
C THR E 8 -35.69 17.94 -16.93
N PRO E 9 -34.40 17.82 -16.74
CA PRO E 9 -33.60 18.82 -16.04
C PRO E 9 -33.53 20.15 -16.82
N SER E 10 -33.50 21.19 -16.03
CA SER E 10 -33.39 22.58 -16.52
C SER E 10 -31.97 22.82 -17.02
N GLN E 11 -31.84 23.83 -17.85
CA GLN E 11 -30.57 24.33 -18.40
C GLN E 11 -30.79 25.86 -18.55
N THR E 12 -29.70 26.58 -18.53
CA THR E 12 -29.71 28.04 -18.65
C THR E 12 -30.35 28.41 -20.01
N ALA E 13 -30.95 29.59 -20.01
CA ALA E 13 -31.62 30.09 -21.23
C ALA E 13 -30.53 30.50 -22.21
N GLY E 14 -29.38 30.86 -21.69
CA GLY E 14 -28.24 31.29 -22.52
C GLY E 14 -28.40 32.78 -22.87
N PRO E 15 -27.32 33.34 -23.41
CA PRO E 15 -27.29 34.75 -23.77
C PRO E 15 -28.16 35.12 -24.95
N TYR E 16 -28.43 34.23 -25.87
CA TYR E 16 -29.22 34.46 -27.06
C TYR E 16 -30.66 34.03 -26.96
N VAL E 17 -31.19 33.99 -25.76
CA VAL E 17 -32.59 33.58 -25.55
C VAL E 17 -33.56 34.40 -26.40
N HIS E 18 -33.18 35.63 -26.63
CA HIS E 18 -34.01 36.59 -27.37
C HIS E 18 -34.38 36.11 -28.76
N ILE E 19 -33.42 35.45 -29.41
CA ILE E 19 -33.68 34.96 -30.76
C ILE E 19 -34.97 34.12 -30.77
N GLY E 20 -35.21 33.39 -29.69
CA GLY E 20 -36.38 32.55 -29.62
C GLY E 20 -37.57 33.04 -28.86
N LEU E 21 -37.36 33.88 -27.86
CA LEU E 21 -38.44 34.38 -27.02
C LEU E 21 -38.68 35.88 -27.01
N ALA E 22 -37.79 36.64 -27.56
CA ALA E 22 -37.90 38.14 -27.62
C ALA E 22 -37.25 38.58 -28.93
N LEU E 23 -37.94 38.19 -30.00
CA LEU E 23 -37.53 38.40 -31.38
C LEU E 23 -37.00 39.79 -31.65
N GLU E 24 -37.84 40.75 -31.40
CA GLU E 24 -37.49 42.19 -31.59
C GLU E 24 -36.10 42.46 -31.03
N ALA E 25 -35.96 42.15 -29.75
CA ALA E 25 -34.73 42.33 -28.98
C ALA E 25 -33.52 41.69 -29.61
N ALA E 26 -33.70 40.57 -30.29
CA ALA E 26 -32.55 39.91 -30.95
C ALA E 26 -32.11 40.75 -32.17
N GLY E 27 -33.06 41.59 -32.56
CA GLY E 27 -32.94 42.48 -33.71
C GLY E 27 -33.34 41.67 -34.97
N ASN E 28 -34.30 40.79 -34.74
CA ASN E 28 -34.80 39.91 -35.82
C ASN E 28 -36.27 40.25 -36.07
N PRO E 29 -36.69 40.00 -37.29
CA PRO E 29 -38.08 40.27 -37.69
C PRO E 29 -39.00 39.41 -36.84
N THR E 30 -40.11 39.98 -36.42
CA THR E 30 -41.07 39.22 -35.59
C THR E 30 -41.99 38.43 -36.50
N ARG E 31 -42.87 37.68 -35.87
CA ARG E 31 -43.87 36.86 -36.60
C ARG E 31 -45.20 37.61 -36.42
N ASP E 32 -46.23 37.14 -37.06
CA ASP E 32 -47.55 37.77 -36.97
C ASP E 32 -47.97 37.94 -35.53
N GLN E 33 -47.92 36.84 -34.78
CA GLN E 33 -48.34 36.88 -33.36
C GLN E 33 -47.18 36.56 -32.42
N GLU E 34 -46.90 37.50 -31.53
CA GLU E 34 -45.83 37.39 -30.53
C GLU E 34 -46.37 37.64 -29.12
N ILE E 35 -45.80 36.92 -28.17
CA ILE E 35 -46.15 37.06 -26.73
C ILE E 35 -45.18 38.12 -26.20
N TRP E 36 -45.75 39.25 -25.78
CA TRP E 36 -44.93 40.38 -25.32
C TRP E 36 -45.38 41.02 -24.06
N ASN E 37 -44.86 42.20 -23.79
CA ASN E 37 -45.06 42.99 -22.60
C ASN E 37 -46.29 43.82 -22.40
N ARG E 38 -47.34 43.62 -23.17
CA ARG E 38 -48.58 44.40 -23.04
C ARG E 38 -49.75 43.47 -22.73
N LEU E 39 -50.02 43.32 -21.44
CA LEU E 39 -51.09 42.45 -20.96
C LEU E 39 -52.47 43.04 -21.16
N ALA E 40 -52.52 44.36 -21.06
CA ALA E 40 -53.81 45.06 -21.17
C ALA E 40 -53.90 46.04 -22.33
N LYS E 41 -55.03 45.91 -22.99
CA LYS E 41 -55.36 46.87 -24.10
C LYS E 41 -55.91 48.07 -23.30
N PRO E 42 -55.64 49.26 -23.78
CA PRO E 42 -56.06 50.49 -23.12
C PRO E 42 -57.49 50.48 -22.63
N ASP E 43 -58.34 49.74 -23.30
CA ASP E 43 -59.77 49.64 -22.95
C ASP E 43 -60.08 48.50 -21.99
N ALA E 44 -59.07 48.02 -21.27
CA ALA E 44 -59.29 46.92 -20.31
C ALA E 44 -59.68 47.53 -18.96
N PRO E 45 -60.60 46.84 -18.30
CA PRO E 45 -61.07 47.26 -16.97
C PRO E 45 -59.91 47.13 -15.97
N GLY E 46 -60.00 47.94 -14.93
CA GLY E 46 -59.02 47.97 -13.85
C GLY E 46 -58.14 49.22 -13.96
N GLU E 47 -57.21 49.30 -13.03
CA GLU E 47 -56.27 50.38 -12.93
C GLU E 47 -55.01 50.08 -13.73
N HIS E 48 -54.84 50.82 -14.81
CA HIS E 48 -53.69 50.65 -15.69
C HIS E 48 -52.42 51.12 -15.02
N ILE E 49 -51.41 50.25 -15.07
CA ILE E 49 -50.12 50.60 -14.47
C ILE E 49 -48.99 50.20 -15.42
N LEU E 50 -47.87 50.85 -15.22
CA LEU E 50 -46.63 50.60 -15.92
C LEU E 50 -45.65 50.06 -14.85
N LEU E 51 -45.04 48.95 -15.16
CA LEU E 51 -44.06 48.31 -14.24
C LEU E 51 -42.69 48.37 -14.93
N LEU E 52 -41.69 48.56 -14.12
CA LEU E 52 -40.31 48.61 -14.64
C LEU E 52 -39.34 48.27 -13.54
N GLY E 53 -38.14 47.92 -13.95
CA GLY E 53 -37.08 47.59 -13.02
C GLY E 53 -35.84 47.10 -13.73
N GLN E 54 -34.85 46.94 -12.85
CA GLN E 54 -33.53 46.44 -13.26
C GLN E 54 -33.27 45.17 -12.48
N VAL E 55 -32.29 44.43 -12.97
CA VAL E 55 -31.87 43.14 -12.38
C VAL E 55 -30.37 43.28 -12.13
N TYR E 56 -29.94 43.04 -10.93
CA TYR E 56 -28.56 43.13 -10.48
C TYR E 56 -27.99 41.77 -10.08
N ASP E 57 -26.72 41.60 -10.36
CA ASP E 57 -25.98 40.36 -10.02
C ASP E 57 -25.39 40.57 -8.62
N GLY E 58 -24.67 39.65 -8.10
CA GLY E 58 -24.05 39.73 -6.79
C GLY E 58 -22.99 40.79 -6.64
N ASN E 59 -22.52 41.39 -7.68
CA ASN E 59 -21.49 42.43 -7.67
C ASN E 59 -22.16 43.82 -7.77
N GLY E 60 -23.46 43.79 -7.91
CA GLY E 60 -24.30 44.96 -8.03
C GLY E 60 -24.31 45.45 -9.48
N HIS E 61 -23.90 44.60 -10.39
CA HIS E 61 -23.84 44.93 -11.83
C HIS E 61 -25.16 44.54 -12.47
N LEU E 62 -25.57 45.32 -13.45
CA LEU E 62 -26.83 45.12 -14.17
C LEU E 62 -26.69 43.83 -15.03
N VAL E 63 -27.81 43.18 -15.10
CA VAL E 63 -27.96 41.92 -15.88
C VAL E 63 -28.79 42.39 -17.09
N ARG E 64 -28.14 42.61 -18.20
CA ARG E 64 -28.76 43.07 -19.42
C ARG E 64 -29.26 42.05 -20.39
N ASP E 65 -29.13 40.77 -20.10
CA ASP E 65 -29.59 39.69 -20.98
C ASP E 65 -30.67 38.87 -20.31
N SER E 66 -31.27 39.46 -19.30
CA SER E 66 -32.33 38.77 -18.54
C SER E 66 -33.61 38.71 -19.34
N PHE E 67 -34.39 37.68 -19.07
CA PHE E 67 -35.70 37.41 -19.69
C PHE E 67 -36.69 37.07 -18.57
N LEU E 68 -37.84 37.69 -18.53
CA LEU E 68 -38.89 37.53 -17.57
C LEU E 68 -40.23 37.15 -18.17
N GLU E 69 -41.00 36.40 -17.40
CA GLU E 69 -42.34 35.95 -17.74
C GLU E 69 -43.22 36.28 -16.54
N VAL E 70 -44.42 36.75 -16.77
CA VAL E 70 -45.32 37.19 -15.71
C VAL E 70 -46.69 36.50 -15.85
N TRP E 71 -47.29 36.38 -14.68
CA TRP E 71 -48.62 35.73 -14.54
C TRP E 71 -49.39 36.43 -13.43
N GLN E 72 -50.54 36.95 -13.82
CA GLN E 72 -51.39 37.68 -12.86
C GLN E 72 -52.87 37.52 -13.17
N ALA E 73 -53.65 37.86 -12.16
CA ALA E 73 -55.13 37.85 -12.26
C ALA E 73 -55.51 39.24 -12.85
N ASP E 74 -56.71 39.25 -13.37
CA ASP E 74 -57.24 40.53 -13.96
C ASP E 74 -57.64 41.39 -12.77
N ALA E 75 -58.26 42.52 -13.04
CA ALA E 75 -58.72 43.47 -12.01
C ALA E 75 -59.77 42.87 -11.12
N ASN E 76 -60.38 41.76 -11.52
CA ASN E 76 -61.41 41.09 -10.72
C ASN E 76 -60.85 39.93 -9.91
N GLY E 77 -59.54 39.71 -10.02
CA GLY E 77 -58.87 38.63 -9.33
C GLY E 77 -59.11 37.29 -9.99
N GLU E 78 -59.19 37.29 -11.31
CA GLU E 78 -59.41 36.10 -12.11
C GLU E 78 -58.23 35.90 -13.06
N TYR E 79 -57.90 34.63 -13.25
CA TYR E 79 -56.76 34.28 -14.14
C TYR E 79 -57.35 33.94 -15.52
N GLN E 80 -56.91 34.74 -16.47
CA GLN E 80 -57.39 34.54 -17.87
C GLN E 80 -56.34 33.70 -18.58
N ASP E 81 -56.60 32.40 -18.61
CA ASP E 81 -55.69 31.43 -19.22
C ASP E 81 -55.81 31.32 -20.72
N ALA E 82 -56.98 31.55 -21.29
CA ALA E 82 -57.10 31.47 -22.78
C ALA E 82 -56.39 32.67 -23.37
N TYR E 83 -55.16 32.47 -23.75
CA TYR E 83 -54.31 33.51 -24.34
C TYR E 83 -54.75 33.78 -25.77
N ASN E 84 -54.89 35.06 -26.03
CA ASN E 84 -55.34 35.58 -27.35
C ASN E 84 -54.98 37.07 -27.49
N LEU E 85 -54.37 37.40 -28.61
CA LEU E 85 -53.96 38.78 -28.88
C LEU E 85 -55.16 39.71 -29.00
N GLU E 86 -56.33 39.12 -29.15
CA GLU E 86 -57.58 39.85 -29.27
C GLU E 86 -58.08 40.37 -27.96
N ASN E 87 -58.06 39.53 -26.94
CA ASN E 87 -58.51 39.88 -25.59
C ASN E 87 -57.94 41.27 -25.21
N ALA E 88 -58.72 41.93 -24.38
CA ALA E 88 -58.36 43.26 -23.87
C ALA E 88 -57.34 43.11 -22.72
N PHE E 89 -57.37 41.93 -22.12
CA PHE E 89 -56.54 41.50 -21.03
C PHE E 89 -56.09 40.04 -21.13
N ASN E 90 -54.78 39.89 -20.96
CA ASN E 90 -54.12 38.57 -20.92
C ASN E 90 -53.35 38.51 -19.55
N SER E 91 -53.50 37.37 -18.91
CA SER E 91 -52.87 37.07 -17.63
C SER E 91 -51.36 36.81 -17.75
N PHE E 92 -50.95 36.30 -18.91
CA PHE E 92 -49.56 35.98 -19.21
C PHE E 92 -48.86 37.03 -20.05
N GLY E 93 -47.58 37.27 -19.78
CA GLY E 93 -46.76 38.24 -20.53
C GLY E 93 -45.27 37.91 -20.48
N ARG E 94 -44.50 38.58 -21.33
CA ARG E 94 -43.05 38.43 -21.43
C ARG E 94 -42.38 39.79 -21.61
N THR E 95 -41.21 39.90 -21.05
CA THR E 95 -40.42 41.13 -21.07
C THR E 95 -38.95 40.71 -21.00
N ALA E 96 -38.08 41.66 -21.15
CA ALA E 96 -36.64 41.44 -21.15
C ALA E 96 -35.94 42.77 -20.90
N THR E 97 -34.75 42.78 -20.40
CA THR E 97 -34.01 44.00 -20.14
C THR E 97 -33.18 44.41 -21.35
N THR E 98 -33.07 45.72 -21.53
CA THR E 98 -32.34 46.36 -22.62
C THR E 98 -30.83 46.11 -22.53
N PHE E 99 -30.27 45.77 -23.69
CA PHE E 99 -28.81 45.54 -23.76
C PHE E 99 -28.09 46.81 -23.34
N ASP E 100 -28.76 47.92 -23.43
CA ASP E 100 -28.20 49.24 -23.05
C ASP E 100 -28.52 49.56 -21.59
N ALA E 101 -29.54 50.38 -21.43
CA ALA E 101 -30.01 50.78 -20.09
C ALA E 101 -30.19 49.60 -19.14
N GLY E 102 -30.57 48.44 -19.62
CA GLY E 102 -30.79 47.25 -18.81
C GLY E 102 -32.06 47.29 -17.98
N GLU E 103 -33.11 47.88 -18.52
CA GLU E 103 -34.41 48.00 -17.87
C GLU E 103 -35.50 47.26 -18.61
N TRP E 104 -36.43 46.68 -17.86
CA TRP E 104 -37.55 45.95 -18.46
C TRP E 104 -38.81 46.78 -18.15
N THR E 105 -39.84 46.59 -18.93
CA THR E 105 -41.11 47.27 -18.76
C THR E 105 -42.26 46.31 -19.08
N LEU E 106 -43.36 46.63 -18.44
CA LEU E 106 -44.61 45.84 -18.62
C LEU E 106 -45.80 46.80 -18.48
N HIS E 107 -46.75 46.65 -19.36
CA HIS E 107 -47.99 47.39 -19.42
C HIS E 107 -49.15 46.45 -19.09
N THR E 108 -49.71 46.69 -17.93
CA THR E 108 -50.82 45.89 -17.39
C THR E 108 -51.74 46.73 -16.52
N VAL E 109 -52.55 46.01 -15.77
CA VAL E 109 -53.49 46.47 -14.79
C VAL E 109 -53.15 45.76 -13.45
N LYS E 110 -53.47 46.48 -12.41
CA LYS E 110 -53.29 46.03 -11.03
C LYS E 110 -54.22 44.85 -10.78
N PRO E 111 -53.61 43.72 -10.35
CA PRO E 111 -54.34 42.50 -10.09
C PRO E 111 -55.24 42.63 -8.85
N GLY E 112 -56.36 41.96 -8.94
CA GLY E 112 -57.35 41.88 -7.85
C GLY E 112 -56.86 40.72 -6.95
N VAL E 113 -57.52 40.58 -5.83
CA VAL E 113 -57.24 39.58 -4.81
C VAL E 113 -57.74 38.19 -5.17
N VAL E 114 -56.86 37.23 -4.88
CA VAL E 114 -57.14 35.80 -5.07
C VAL E 114 -56.95 35.13 -3.70
N ASN E 115 -57.60 34.02 -3.49
CA ASN E 115 -57.48 33.30 -2.18
C ASN E 115 -56.51 32.12 -2.38
N ASN E 116 -55.93 31.71 -1.28
CA ASN E 116 -54.99 30.56 -1.29
C ASN E 116 -55.85 29.29 -1.14
N ALA E 117 -55.21 28.15 -1.16
CA ALA E 117 -55.86 26.85 -1.02
C ALA E 117 -56.72 26.78 0.21
N ALA E 118 -56.39 27.42 1.30
CA ALA E 118 -57.13 27.47 2.54
C ALA E 118 -58.29 28.45 2.54
N GLY E 119 -58.38 29.30 1.52
CA GLY E 119 -59.45 30.29 1.42
C GLY E 119 -59.09 31.65 1.97
N VAL E 120 -57.86 31.83 2.34
CA VAL E 120 -57.40 33.14 2.85
C VAL E 120 -56.91 33.95 1.63
N PRO E 121 -57.35 35.18 1.56
CA PRO E 121 -57.00 36.08 0.46
C PRO E 121 -55.54 36.53 0.50
N MET E 122 -54.92 36.57 -0.66
CA MET E 122 -53.52 37.01 -0.78
C MET E 122 -53.51 38.46 -1.24
N ALA E 123 -52.49 39.20 -0.82
CA ALA E 123 -52.42 40.63 -1.30
C ALA E 123 -52.23 40.53 -2.81
N PRO E 124 -52.64 41.58 -3.50
CA PRO E 124 -52.51 41.65 -4.97
C PRO E 124 -51.04 41.41 -5.31
N HIS E 125 -50.80 40.53 -6.27
CA HIS E 125 -49.40 40.23 -6.67
C HIS E 125 -49.29 39.76 -8.09
N ILE E 126 -48.06 39.86 -8.55
CA ILE E 126 -47.66 39.41 -9.89
C ILE E 126 -46.59 38.32 -9.65
N ASN E 127 -46.80 37.20 -10.30
CA ASN E 127 -45.86 36.06 -10.23
C ASN E 127 -44.86 36.30 -11.38
N ILE E 128 -43.60 36.27 -11.02
CA ILE E 128 -42.51 36.45 -11.96
C ILE E 128 -41.53 35.27 -11.95
N SER E 129 -41.08 34.89 -13.13
CA SER E 129 -40.07 33.86 -13.40
C SER E 129 -38.93 34.61 -14.14
N LEU E 130 -37.75 34.43 -13.64
CA LEU E 130 -36.55 35.07 -14.22
C LEU E 130 -35.59 34.00 -14.76
N PHE E 131 -35.20 34.17 -16.00
CA PHE E 131 -34.32 33.36 -16.79
C PHE E 131 -33.14 34.22 -17.29
N ALA E 132 -31.98 33.60 -17.48
CA ALA E 132 -30.82 34.29 -18.02
C ALA E 132 -29.57 33.41 -18.00
N ARG E 133 -28.65 33.88 -18.82
CA ARG E 133 -27.29 33.28 -18.91
C ARG E 133 -26.84 33.24 -17.41
N GLY E 134 -26.22 32.14 -17.06
CA GLY E 134 -25.71 31.97 -15.70
C GLY E 134 -26.77 31.54 -14.72
N ILE E 135 -27.98 31.38 -15.12
CA ILE E 135 -29.10 30.92 -14.26
C ILE E 135 -29.48 29.53 -14.72
N ASN E 136 -29.01 28.51 -14.01
CA ASN E 136 -29.25 27.09 -14.35
C ASN E 136 -30.70 26.70 -14.36
N ILE E 137 -31.39 27.15 -13.34
CA ILE E 137 -32.84 26.92 -13.19
C ILE E 137 -33.43 28.27 -12.84
N HIS E 138 -34.52 28.62 -13.49
CA HIS E 138 -35.18 29.91 -13.31
C HIS E 138 -35.62 30.15 -11.89
N LEU E 139 -35.64 31.43 -11.54
CA LEU E 139 -36.01 31.93 -10.21
C LEU E 139 -37.43 32.47 -10.23
N HIS E 140 -38.17 32.09 -9.19
CA HIS E 140 -39.55 32.49 -8.99
C HIS E 140 -39.64 33.54 -7.87
N THR E 141 -40.40 34.57 -8.12
CA THR E 141 -40.63 35.66 -7.17
C THR E 141 -42.03 36.19 -7.34
N ARG E 142 -42.38 37.11 -6.48
CA ARG E 142 -43.68 37.78 -6.50
C ARG E 142 -43.43 39.29 -6.37
N LEU E 143 -44.28 40.02 -7.04
CA LEU E 143 -44.26 41.50 -7.00
C LEU E 143 -45.55 41.93 -6.28
N TYR E 144 -45.34 42.63 -5.19
CA TYR E 144 -46.39 43.20 -4.34
C TYR E 144 -46.26 44.75 -4.49
N PHE E 145 -47.30 45.45 -4.14
CA PHE E 145 -47.41 46.90 -4.26
C PHE E 145 -47.35 47.62 -2.94
N ASP E 146 -46.51 48.64 -2.85
CA ASP E 146 -46.31 49.44 -1.64
C ASP E 146 -47.55 50.13 -1.13
N ASP E 147 -48.53 50.31 -1.99
CA ASP E 147 -49.77 51.01 -1.62
C ASP E 147 -50.85 50.04 -1.18
N GLU E 148 -50.52 48.77 -0.98
CA GLU E 148 -51.48 47.75 -0.54
C GLU E 148 -51.02 47.19 0.83
N ALA E 149 -50.40 48.06 1.57
CA ALA E 149 -49.84 47.81 2.87
C ALA E 149 -50.72 46.99 3.76
N GLN E 150 -51.97 47.36 3.91
CA GLN E 150 -52.93 46.65 4.75
C GLN E 150 -53.06 45.19 4.34
N ALA E 151 -53.11 44.96 3.05
CA ALA E 151 -53.26 43.61 2.48
C ALA E 151 -51.98 42.81 2.69
N ASN E 152 -50.88 43.44 2.32
CA ASN E 152 -49.54 42.84 2.43
C ASN E 152 -49.28 42.29 3.83
N ALA E 153 -49.67 43.03 4.83
CA ALA E 153 -49.47 42.63 6.24
C ALA E 153 -50.15 41.30 6.55
N LYS E 154 -51.25 41.05 5.85
CA LYS E 154 -52.03 39.83 6.06
C LYS E 154 -51.88 38.75 5.05
N CYS E 155 -51.03 38.90 4.07
CA CYS E 155 -50.83 37.90 3.03
C CYS E 155 -50.21 36.64 3.69
N PRO E 156 -50.86 35.52 3.43
CA PRO E 156 -50.40 34.24 3.96
C PRO E 156 -49.06 33.87 3.33
N VAL E 157 -48.82 34.36 2.11
CA VAL E 157 -47.55 34.01 1.42
C VAL E 157 -46.40 34.82 1.97
N LEU E 158 -46.64 36.09 2.09
CA LEU E 158 -45.66 37.08 2.58
C LEU E 158 -45.25 36.73 4.00
N ASN E 159 -46.22 36.20 4.73
CA ASN E 159 -46.07 35.80 6.11
C ASN E 159 -45.21 34.57 6.29
N LEU E 160 -45.01 33.76 5.27
CA LEU E 160 -44.16 32.58 5.33
C LEU E 160 -42.69 32.99 5.39
N ILE E 161 -42.40 34.22 4.99
CA ILE E 161 -40.99 34.69 5.01
C ILE E 161 -40.70 35.03 6.48
N GLU E 162 -39.78 34.27 7.07
CA GLU E 162 -39.39 34.43 8.45
C GLU E 162 -38.99 35.82 8.90
N GLN E 163 -38.03 36.42 8.24
CA GLN E 163 -37.51 37.74 8.55
C GLN E 163 -38.26 38.83 7.80
N PRO E 164 -38.85 39.72 8.58
CA PRO E 164 -39.64 40.83 8.06
C PRO E 164 -38.85 41.70 7.10
N GLN E 165 -37.56 41.82 7.32
CA GLN E 165 -36.73 42.67 6.45
C GLN E 165 -36.68 42.11 5.04
N ARG E 166 -36.82 40.80 4.93
CA ARG E 166 -36.77 40.11 3.64
C ARG E 166 -38.05 40.26 2.86
N ARG E 167 -39.12 40.56 3.55
CA ARG E 167 -40.45 40.75 2.94
C ARG E 167 -40.46 42.01 2.09
N GLU E 168 -39.80 43.04 2.59
CA GLU E 168 -39.71 44.33 1.91
C GLU E 168 -39.16 44.23 0.51
N THR E 169 -38.35 43.24 0.22
CA THR E 169 -37.73 43.01 -1.08
C THR E 169 -38.69 42.69 -2.22
N LEU E 170 -39.91 42.37 -1.88
CA LEU E 170 -40.96 42.01 -2.82
C LEU E 170 -41.95 43.13 -3.03
N ILE E 171 -41.72 44.25 -2.38
CA ILE E 171 -42.62 45.41 -2.52
C ILE E 171 -42.17 46.42 -3.54
N ALA E 172 -42.99 46.58 -4.57
CA ALA E 172 -42.73 47.56 -5.66
C ALA E 172 -43.11 48.96 -5.11
N LYS E 173 -42.26 49.91 -5.43
CA LYS E 173 -42.39 51.30 -5.04
C LYS E 173 -43.09 52.12 -6.12
N ARG E 174 -44.27 52.59 -5.73
CA ARG E 174 -45.13 53.39 -6.62
C ARG E 174 -44.45 54.70 -6.99
N CYS E 175 -44.79 55.16 -8.18
CA CYS E 175 -44.32 56.41 -8.78
C CYS E 175 -45.22 56.72 -9.97
N GLU E 176 -44.74 57.56 -10.84
CA GLU E 176 -45.47 58.00 -12.03
C GLU E 176 -44.50 58.32 -13.15
N VAL E 177 -44.83 57.75 -14.31
CA VAL E 177 -44.00 57.92 -15.52
C VAL E 177 -44.95 58.50 -16.58
N ASP E 178 -44.51 59.62 -17.14
CA ASP E 178 -45.32 60.32 -18.15
C ASP E 178 -46.73 60.54 -17.61
N GLY E 179 -46.83 60.85 -16.33
CA GLY E 179 -48.14 61.09 -15.71
C GLY E 179 -48.95 59.81 -15.57
N LYS E 180 -48.29 58.67 -15.75
CA LYS E 180 -48.95 57.35 -15.61
C LYS E 180 -48.43 56.68 -14.33
N THR E 181 -49.30 55.93 -13.68
CA THR E 181 -48.94 55.22 -12.45
C THR E 181 -47.88 54.14 -12.80
N ALA E 182 -46.76 54.26 -12.14
CA ALA E 182 -45.63 53.33 -12.33
C ALA E 182 -45.23 52.72 -10.98
N TYR E 183 -44.72 51.50 -11.07
CA TYR E 183 -44.19 50.77 -9.92
C TYR E 183 -42.81 50.23 -10.37
N ARG E 184 -41.81 50.58 -9.61
CA ARG E 184 -40.46 50.16 -9.84
C ARG E 184 -40.17 48.93 -8.95
N PHE E 185 -39.73 47.89 -9.65
CA PHE E 185 -39.40 46.60 -9.00
C PHE E 185 -38.04 46.08 -9.46
N ASP E 186 -37.03 46.36 -8.69
CA ASP E 186 -35.65 45.93 -8.92
C ASP E 186 -35.45 44.54 -8.29
N ILE E 187 -34.69 43.70 -8.98
CA ILE E 187 -34.37 42.36 -8.54
C ILE E 187 -32.90 42.25 -8.22
N ARG E 188 -32.58 41.87 -6.98
CA ARG E 188 -31.13 41.69 -6.62
C ARG E 188 -31.01 40.18 -6.43
N ILE E 189 -30.38 39.51 -7.35
CA ILE E 189 -30.18 38.08 -7.41
C ILE E 189 -29.33 37.56 -6.26
N GLN E 190 -28.33 38.34 -5.92
CA GLN E 190 -27.37 37.92 -4.89
C GLN E 190 -26.84 39.07 -4.07
N GLY E 191 -26.64 38.78 -2.79
CA GLY E 191 -26.07 39.75 -1.87
C GLY E 191 -27.01 40.61 -1.08
N GLU E 192 -26.45 41.79 -0.73
CA GLU E 192 -27.12 42.82 0.05
C GLU E 192 -28.47 43.16 -0.60
N GLY E 193 -29.50 42.90 0.16
CA GLY E 193 -30.89 43.13 -0.28
C GLY E 193 -31.38 42.07 -1.25
N GLU E 194 -30.73 40.92 -1.29
CA GLU E 194 -31.13 39.82 -2.19
C GLU E 194 -32.64 39.60 -2.11
N THR E 195 -33.30 39.56 -3.23
CA THR E 195 -34.76 39.38 -3.31
C THR E 195 -35.14 37.92 -2.96
N VAL E 196 -36.25 37.78 -2.25
CA VAL E 196 -36.80 36.49 -1.88
C VAL E 196 -37.21 35.74 -3.16
N PHE E 197 -36.72 34.52 -3.25
CA PHE E 197 -37.06 33.63 -4.39
C PHE E 197 -37.80 32.46 -3.71
N PHE E 198 -38.76 31.92 -4.42
CA PHE E 198 -39.62 30.85 -3.95
C PHE E 198 -39.43 29.51 -4.67
N ASP E 199 -39.93 28.51 -3.93
CA ASP E 199 -40.00 27.12 -4.39
C ASP E 199 -41.44 26.65 -4.17
N PHE E 200 -41.98 26.05 -5.21
CA PHE E 200 -43.37 25.53 -5.13
C PHE E 200 -43.47 24.38 -6.10
N PRO F 1 -62.55 31.34 -15.77
CA PRO F 1 -61.07 31.42 -15.76
C PRO F 1 -60.50 30.10 -15.26
N ALA F 2 -59.20 30.11 -15.06
CA ALA F 2 -58.45 28.93 -14.58
C ALA F 2 -58.97 28.57 -13.19
N GLN F 3 -58.79 27.31 -12.82
CA GLN F 3 -59.23 26.79 -11.52
C GLN F 3 -58.15 25.98 -10.79
N ASP F 4 -58.15 26.12 -9.47
CA ASP F 4 -57.20 25.41 -8.59
C ASP F 4 -57.72 23.98 -8.35
N ASN F 5 -57.50 23.15 -9.35
CA ASN F 5 -57.95 21.75 -9.27
C ASN F 5 -56.76 20.81 -9.15
N SER F 6 -55.58 21.29 -9.52
CA SER F 6 -54.38 20.47 -9.49
C SER F 6 -53.33 20.85 -8.47
N ARG F 7 -52.47 19.87 -8.26
CA ARG F 7 -51.28 19.96 -7.38
C ARG F 7 -50.19 19.32 -8.32
N PHE F 8 -48.98 19.82 -8.23
CA PHE F 8 -47.88 19.30 -9.06
C PHE F 8 -46.82 18.72 -8.13
N VAL F 9 -46.28 17.59 -8.56
CA VAL F 9 -45.24 16.92 -7.76
C VAL F 9 -44.16 17.98 -7.50
N ILE F 10 -43.60 17.92 -6.30
CA ILE F 10 -42.55 18.84 -5.87
C ILE F 10 -41.32 18.60 -6.73
N ARG F 11 -40.63 19.66 -7.12
CA ARG F 11 -39.45 19.49 -7.98
C ARG F 11 -38.30 18.89 -7.19
N ASP F 12 -37.49 18.14 -7.91
CA ASP F 12 -36.30 17.54 -7.27
C ASP F 12 -35.10 18.44 -7.66
N ARG F 13 -34.75 19.29 -6.72
CA ARG F 13 -33.66 20.23 -6.84
C ARG F 13 -32.27 19.65 -6.75
N ASN F 14 -32.22 18.33 -6.57
CA ASN F 14 -30.94 17.59 -6.57
C ASN F 14 -30.83 16.90 -7.92
N TRP F 15 -31.95 16.87 -8.67
CA TRP F 15 -31.97 16.29 -10.01
C TRP F 15 -31.54 17.37 -11.02
N HIS F 16 -32.18 18.53 -10.83
CA HIS F 16 -31.93 19.73 -11.63
C HIS F 16 -30.55 20.24 -11.19
N PRO F 17 -29.99 21.07 -12.06
CA PRO F 17 -28.68 21.68 -11.77
C PRO F 17 -28.87 22.60 -10.58
N LYS F 18 -27.80 22.71 -9.80
CA LYS F 18 -27.88 23.65 -8.63
C LYS F 18 -27.61 25.05 -9.23
N ALA F 19 -27.90 26.06 -8.47
CA ALA F 19 -27.68 27.46 -8.86
C ALA F 19 -26.21 27.78 -9.00
N LEU F 20 -25.40 27.45 -8.00
CA LEU F 20 -23.96 27.76 -8.02
C LEU F 20 -23.14 26.58 -8.52
N THR F 21 -22.69 26.67 -9.72
CA THR F 21 -21.82 25.62 -10.34
C THR F 21 -20.64 26.38 -10.94
N PRO F 22 -19.68 26.70 -10.09
CA PRO F 22 -18.54 27.50 -10.42
C PRO F 22 -17.83 27.31 -11.71
N ASP F 23 -17.80 26.12 -12.28
CA ASP F 23 -17.09 25.88 -13.56
C ASP F 23 -17.80 26.69 -14.66
N TYR F 24 -19.06 26.93 -14.43
CA TYR F 24 -19.90 27.76 -15.34
C TYR F 24 -19.81 29.15 -14.62
N LYS F 25 -18.75 29.84 -14.99
CA LYS F 25 -18.33 31.10 -14.43
C LYS F 25 -19.39 32.10 -14.10
N THR F 26 -20.31 32.30 -15.08
CA THR F 26 -21.39 33.25 -14.88
C THR F 26 -22.34 32.91 -13.75
N SER F 27 -22.44 31.65 -13.37
CA SER F 27 -23.37 31.28 -12.29
C SER F 27 -22.92 31.81 -10.96
N ILE F 28 -21.61 32.12 -10.87
CA ILE F 28 -21.04 32.64 -9.65
C ILE F 28 -21.79 33.88 -9.14
N ALA F 29 -21.94 34.91 -9.98
CA ALA F 29 -22.61 36.14 -9.59
C ALA F 29 -24.11 36.17 -9.81
N ARG F 30 -24.62 35.15 -10.49
CA ARG F 30 -26.05 35.06 -10.78
C ARG F 30 -26.82 34.01 -10.03
N SER F 31 -26.34 33.64 -8.84
CA SER F 31 -27.03 32.61 -8.02
C SER F 31 -27.28 33.17 -6.64
N PRO F 32 -28.50 32.98 -6.15
CA PRO F 32 -28.90 33.46 -4.83
C PRO F 32 -28.02 32.86 -3.74
N ARG F 33 -27.84 33.57 -2.66
CA ARG F 33 -27.03 33.09 -1.54
C ARG F 33 -27.96 32.65 -0.43
N GLN F 34 -29.13 33.23 -0.43
CA GLN F 34 -30.20 32.89 0.54
C GLN F 34 -30.92 31.66 -0.03
N ALA F 35 -31.52 30.91 0.85
CA ALA F 35 -32.27 29.71 0.51
C ALA F 35 -33.63 30.12 -0.04
N LEU F 36 -34.13 29.31 -0.96
CA LEU F 36 -35.45 29.54 -1.55
C LEU F 36 -36.46 29.38 -0.42
N VAL F 37 -37.53 30.11 -0.50
CA VAL F 37 -38.62 30.03 0.48
C VAL F 37 -39.72 29.16 -0.12
N SER F 38 -39.95 28.01 0.48
CA SER F 38 -40.98 27.10 -0.05
C SER F 38 -42.36 27.65 0.29
N ILE F 39 -43.29 27.52 -0.67
CA ILE F 39 -44.66 27.99 -0.38
C ILE F 39 -45.60 26.91 -0.89
N PRO F 40 -46.76 26.89 -0.30
CA PRO F 40 -47.81 25.91 -0.70
C PRO F 40 -48.29 26.36 -2.09
N GLN F 41 -48.76 25.42 -2.86
CA GLN F 41 -49.28 25.69 -4.21
C GLN F 41 -50.70 26.27 -4.05
N SER F 42 -50.95 27.35 -4.76
CA SER F 42 -52.25 28.02 -4.80
C SER F 42 -52.61 28.21 -6.29
N ILE F 43 -53.73 28.85 -6.51
CA ILE F 43 -54.22 29.08 -7.90
C ILE F 43 -53.21 29.86 -8.71
N SER F 44 -52.44 30.68 -8.02
CA SER F 44 -51.40 31.49 -8.70
C SER F 44 -50.36 30.60 -9.35
N GLU F 45 -49.99 29.54 -8.66
CA GLU F 45 -49.00 28.58 -9.05
C GLU F 45 -49.47 27.41 -9.82
N THR F 46 -50.71 27.00 -9.74
CA THR F 46 -51.25 25.84 -10.43
C THR F 46 -52.02 26.13 -11.70
N THR F 47 -51.94 27.34 -12.21
CA THR F 47 -52.61 27.76 -13.44
C THR F 47 -51.50 28.34 -14.32
N GLY F 48 -51.80 28.55 -15.57
CA GLY F 48 -50.84 29.09 -16.54
C GLY F 48 -51.64 29.27 -17.85
N PRO F 49 -50.97 29.87 -18.81
CA PRO F 49 -51.56 30.16 -20.11
C PRO F 49 -51.79 28.98 -21.03
N ASN F 50 -52.83 29.10 -21.84
CA ASN F 50 -53.23 28.13 -22.84
C ASN F 50 -53.01 28.81 -24.20
N PHE F 51 -52.15 28.24 -25.01
CA PHE F 51 -51.80 28.81 -26.31
C PHE F 51 -52.56 28.26 -27.50
N SER F 52 -53.67 27.61 -27.22
CA SER F 52 -54.52 27.03 -28.23
C SER F 52 -54.99 28.02 -29.27
N HIS F 53 -55.28 29.25 -28.91
CA HIS F 53 -55.72 30.26 -29.88
C HIS F 53 -54.64 31.16 -30.39
N LEU F 54 -53.38 30.84 -30.12
CA LEU F 54 -52.28 31.69 -30.65
C LEU F 54 -52.27 31.40 -32.16
N GLY F 55 -52.16 32.45 -32.93
CA GLY F 55 -52.17 32.33 -34.40
C GLY F 55 -50.81 31.93 -34.94
N PHE F 56 -50.57 30.64 -35.05
CA PHE F 56 -49.28 30.15 -35.57
C PHE F 56 -49.25 30.25 -37.10
N GLY F 57 -48.11 30.74 -37.60
CA GLY F 57 -47.90 30.83 -39.06
C GLY F 57 -47.73 29.37 -39.56
N ALA F 58 -47.88 29.21 -40.84
CA ALA F 58 -47.77 27.93 -41.53
C ALA F 58 -46.43 27.23 -41.37
N HIS F 59 -45.34 28.00 -41.34
CA HIS F 59 -44.00 27.39 -41.20
C HIS F 59 -43.34 27.70 -39.87
N ASP F 60 -44.11 27.85 -38.82
CA ASP F 60 -43.61 28.18 -37.50
C ASP F 60 -42.67 27.12 -36.92
N HIS F 61 -42.93 25.89 -37.29
CA HIS F 61 -42.15 24.74 -36.84
C HIS F 61 -41.19 24.21 -37.87
N ASP F 62 -41.07 24.93 -38.98
CA ASP F 62 -40.18 24.47 -40.07
C ASP F 62 -39.07 25.49 -40.32
N LEU F 63 -37.92 25.28 -39.73
CA LEU F 63 -36.79 26.18 -39.85
C LEU F 63 -36.11 26.20 -41.20
N LEU F 64 -36.47 25.29 -42.06
CA LEU F 64 -35.92 25.17 -43.42
C LEU F 64 -36.62 26.17 -44.36
N LEU F 65 -37.86 26.48 -44.04
CA LEU F 65 -38.71 27.36 -44.78
C LEU F 65 -39.11 28.66 -44.13
N ASN F 66 -39.11 28.80 -42.82
CA ASN F 66 -39.54 29.99 -42.13
C ASN F 66 -38.66 31.19 -42.07
N PHE F 67 -37.46 31.22 -42.61
CA PHE F 67 -36.63 32.44 -42.53
C PHE F 67 -36.74 33.16 -43.91
N GLY F 71 -34.06 30.31 -50.81
CA GLY F 71 -32.88 29.46 -50.60
C GLY F 71 -33.12 28.50 -49.42
N LEU F 72 -32.38 27.40 -49.51
CA LEU F 72 -32.41 26.34 -48.48
C LEU F 72 -31.13 26.58 -47.66
N PRO F 73 -31.30 26.38 -46.36
CA PRO F 73 -30.17 26.53 -45.42
C PRO F 73 -29.17 25.43 -45.74
N ILE F 74 -27.95 25.68 -45.42
CA ILE F 74 -26.85 24.69 -45.64
C ILE F 74 -26.70 24.00 -44.29
N GLY F 75 -26.53 22.69 -44.30
CA GLY F 75 -26.38 21.93 -43.04
C GLY F 75 -27.15 20.61 -43.19
N GLU F 76 -26.98 19.82 -42.15
CA GLU F 76 -27.62 18.48 -42.06
C GLU F 76 -29.08 18.68 -41.74
N ARG F 77 -29.92 18.25 -42.63
CA ARG F 77 -31.38 18.38 -42.53
C ARG F 77 -31.83 17.21 -41.61
N ILE F 78 -32.56 17.62 -40.59
CA ILE F 78 -33.08 16.66 -39.63
C ILE F 78 -34.47 17.17 -39.14
N ILE F 79 -35.17 16.20 -38.62
CA ILE F 79 -36.47 16.39 -37.95
C ILE F 79 -36.18 16.11 -36.45
N VAL F 80 -36.65 16.95 -35.60
CA VAL F 80 -36.53 16.80 -34.14
C VAL F 80 -38.00 16.62 -33.68
N ALA F 81 -38.29 15.43 -33.19
CA ALA F 81 -39.68 15.15 -32.77
C ALA F 81 -39.63 14.39 -31.46
N GLY F 82 -40.79 14.31 -30.80
CA GLY F 82 -40.83 13.59 -29.51
C GLY F 82 -42.18 13.82 -28.90
N ARG F 83 -42.25 13.45 -27.64
CA ARG F 83 -43.56 13.62 -26.93
C ARG F 83 -43.32 14.29 -25.60
N VAL F 84 -44.34 14.97 -25.14
CA VAL F 84 -44.34 15.66 -23.85
C VAL F 84 -45.41 14.94 -23.00
N VAL F 85 -44.92 14.43 -21.89
CA VAL F 85 -45.78 13.71 -20.91
C VAL F 85 -45.38 14.28 -19.54
N ASP F 86 -46.18 14.01 -18.54
CA ASP F 86 -45.85 14.45 -17.17
C ASP F 86 -45.18 13.22 -16.52
N GLN F 87 -44.88 13.31 -15.27
CA GLN F 87 -44.18 12.27 -14.49
C GLN F 87 -45.02 11.02 -14.37
N TYR F 88 -46.33 11.16 -14.47
CA TYR F 88 -47.22 10.00 -14.39
C TYR F 88 -47.26 9.31 -15.74
N GLY F 89 -46.57 9.88 -16.73
CA GLY F 89 -46.56 9.31 -18.09
C GLY F 89 -47.73 9.77 -18.94
N LYS F 90 -48.49 10.70 -18.42
CA LYS F 90 -49.68 11.27 -19.13
C LYS F 90 -49.22 12.29 -20.12
N PRO F 91 -49.83 12.27 -21.30
CA PRO F 91 -49.49 13.18 -22.40
C PRO F 91 -49.91 14.60 -22.03
N VAL F 92 -49.18 15.57 -22.57
CA VAL F 92 -49.50 17.00 -22.32
C VAL F 92 -49.89 17.60 -23.68
N PRO F 93 -51.17 17.56 -23.96
CA PRO F 93 -51.70 18.06 -25.25
C PRO F 93 -51.83 19.56 -25.29
N ASN F 94 -51.77 20.11 -26.50
CA ASN F 94 -51.89 21.53 -26.77
C ASN F 94 -50.99 22.41 -25.92
N THR F 95 -49.76 22.03 -25.75
CA THR F 95 -48.78 22.79 -24.98
C THR F 95 -47.83 23.47 -25.94
N LEU F 96 -47.26 24.59 -25.53
CA LEU F 96 -46.36 25.35 -26.38
C LEU F 96 -44.89 24.94 -26.24
N VAL F 97 -44.29 24.62 -27.35
CA VAL F 97 -42.89 24.25 -27.46
C VAL F 97 -42.21 25.29 -28.37
N GLU F 98 -41.18 25.91 -27.87
CA GLU F 98 -40.40 26.89 -28.64
C GLU F 98 -38.96 26.43 -28.64
N MET F 99 -38.27 26.66 -29.73
CA MET F 99 -36.86 26.24 -29.85
C MET F 99 -36.06 27.30 -30.58
N TRP F 100 -34.78 27.37 -30.35
CA TRP F 100 -33.87 28.34 -30.99
C TRP F 100 -32.52 27.65 -31.05
N GLN F 101 -31.68 28.04 -32.00
CA GLN F 101 -30.36 27.35 -32.10
C GLN F 101 -29.49 28.17 -33.08
N ALA F 102 -28.28 27.77 -33.22
CA ALA F 102 -27.29 28.39 -34.11
C ALA F 102 -27.49 27.62 -35.44
N ASN F 103 -26.76 28.04 -36.43
CA ASN F 103 -26.74 27.47 -37.77
C ASN F 103 -25.71 26.34 -37.76
N ALA F 104 -25.52 25.79 -38.93
CA ALA F 104 -24.61 24.68 -39.19
C ALA F 104 -23.20 24.91 -38.71
N GLY F 105 -22.77 26.14 -38.67
CA GLY F 105 -21.42 26.54 -38.26
C GLY F 105 -21.29 27.00 -36.84
N GLY F 106 -22.38 26.98 -36.10
CA GLY F 106 -22.39 27.41 -34.69
C GLY F 106 -22.57 28.90 -34.52
N ARG F 107 -23.13 29.57 -35.49
CA ARG F 107 -23.37 31.03 -35.44
C ARG F 107 -24.84 31.31 -35.23
N TYR F 108 -25.11 32.11 -34.21
CA TYR F 108 -26.50 32.50 -33.87
C TYR F 108 -26.82 33.80 -34.65
N ARG F 109 -28.10 33.93 -34.97
CA ARG F 109 -28.56 35.17 -35.66
C ARG F 109 -29.01 36.12 -34.53
N HIS F 110 -28.01 36.69 -33.90
CA HIS F 110 -28.17 37.60 -32.75
C HIS F 110 -27.06 38.65 -32.73
N LYS F 111 -27.48 39.86 -32.41
CA LYS F 111 -26.66 41.05 -32.34
C LYS F 111 -25.31 40.80 -31.68
N ASN F 112 -25.42 40.21 -30.49
CA ASN F 112 -24.29 39.92 -29.63
C ASN F 112 -23.39 38.79 -30.05
N ASP F 113 -23.69 38.06 -31.08
CA ASP F 113 -22.83 36.94 -31.52
C ASP F 113 -21.80 37.42 -32.53
N ARG F 114 -20.58 37.48 -32.02
CA ARG F 114 -19.41 37.89 -32.80
C ARG F 114 -18.55 36.72 -33.24
N TYR F 115 -19.06 35.51 -33.13
CA TYR F 115 -18.29 34.32 -33.56
C TYR F 115 -18.03 34.49 -35.06
N LEU F 116 -16.83 34.18 -35.49
CA LEU F 116 -16.37 34.33 -36.85
C LEU F 116 -17.00 33.44 -37.88
N ALA F 117 -17.85 32.52 -37.51
CA ALA F 117 -18.50 31.63 -38.51
C ALA F 117 -19.62 32.53 -39.07
N PRO F 118 -19.79 32.47 -40.38
CA PRO F 118 -20.76 33.31 -41.05
C PRO F 118 -22.20 32.90 -40.79
N LEU F 119 -23.06 33.87 -40.99
CA LEU F 119 -24.51 33.64 -40.90
C LEU F 119 -24.92 32.88 -42.17
N ASP F 120 -26.06 32.24 -42.07
CA ASP F 120 -26.65 31.49 -43.21
C ASP F 120 -27.85 32.35 -43.66
N PRO F 121 -27.74 32.89 -44.86
CA PRO F 121 -28.76 33.73 -45.47
C PRO F 121 -30.14 33.16 -45.49
N ASN F 122 -30.27 31.85 -45.47
CA ASN F 122 -31.60 31.21 -45.51
C ASN F 122 -31.99 30.65 -44.16
N PHE F 123 -31.24 30.99 -43.13
CA PHE F 123 -31.63 30.38 -41.79
C PHE F 123 -31.80 31.41 -40.71
N GLY F 124 -32.92 31.30 -40.00
CA GLY F 124 -33.18 32.22 -38.86
C GLY F 124 -32.81 31.57 -37.52
N GLY F 125 -33.29 30.37 -37.28
CA GLY F 125 -33.04 29.57 -36.11
C GLY F 125 -34.05 29.61 -35.01
N VAL F 126 -35.29 29.84 -35.32
CA VAL F 126 -36.37 29.88 -34.34
C VAL F 126 -37.59 29.10 -34.83
N GLY F 127 -38.17 28.33 -33.91
CA GLY F 127 -39.35 27.52 -34.26
C GLY F 127 -40.26 27.55 -33.04
N ARG F 128 -41.49 27.18 -33.26
CA ARG F 128 -42.50 27.10 -32.19
C ARG F 128 -43.61 26.21 -32.74
N CYS F 129 -44.32 25.59 -31.83
CA CYS F 129 -45.43 24.73 -32.25
C CYS F 129 -46.18 24.27 -30.99
N LEU F 130 -47.30 23.66 -31.23
CA LEU F 130 -48.20 23.15 -30.17
C LEU F 130 -48.26 21.64 -30.26
N THR F 131 -48.16 20.97 -29.13
CA THR F 131 -48.21 19.51 -29.07
C THR F 131 -49.66 19.12 -29.45
N ASP F 132 -49.78 17.94 -30.00
CA ASP F 132 -51.08 17.42 -30.43
C ASP F 132 -51.83 16.79 -29.27
N SER F 133 -52.95 16.16 -29.62
CA SER F 133 -53.81 15.47 -28.65
C SER F 133 -53.03 14.42 -27.88
N ASP F 134 -52.02 13.86 -28.52
CA ASP F 134 -51.19 12.83 -27.96
C ASP F 134 -49.91 13.30 -27.30
N GLY F 135 -49.71 14.60 -27.27
CA GLY F 135 -48.53 15.22 -26.69
C GLY F 135 -47.30 15.18 -27.59
N TYR F 136 -47.51 14.97 -28.89
CA TYR F 136 -46.44 14.95 -29.88
C TYR F 136 -46.18 16.33 -30.48
N TYR F 137 -44.92 16.58 -30.78
CA TYR F 137 -44.43 17.80 -31.37
C TYR F 137 -43.38 17.41 -32.42
N SER F 138 -43.13 18.33 -33.33
CA SER F 138 -42.13 18.08 -34.36
C SER F 138 -41.70 19.37 -35.05
N PHE F 139 -40.40 19.39 -35.30
CA PHE F 139 -39.72 20.52 -35.95
C PHE F 139 -38.82 19.97 -37.07
N ARG F 140 -38.60 20.84 -38.03
CA ARG F 140 -37.72 20.52 -39.17
C ARG F 140 -36.62 21.62 -39.10
N THR F 141 -35.38 21.14 -39.06
CA THR F 141 -34.30 22.14 -38.94
C THR F 141 -33.04 21.54 -39.52
N ILE F 142 -31.93 22.16 -39.22
CA ILE F 142 -30.60 21.69 -39.65
C ILE F 142 -29.81 21.49 -38.33
N LYS F 143 -28.92 20.54 -38.35
CA LYS F 143 -28.14 20.25 -37.13
C LYS F 143 -27.15 21.40 -36.86
N PRO F 144 -27.28 21.99 -35.68
CA PRO F 144 -26.44 23.10 -35.26
C PRO F 144 -25.00 22.69 -35.05
N GLY F 145 -24.08 23.64 -35.09
CA GLY F 145 -22.66 23.40 -34.86
C GLY F 145 -22.24 23.85 -33.46
N PRO F 146 -21.14 23.25 -33.01
CA PRO F 146 -20.55 23.57 -31.70
C PRO F 146 -20.19 25.06 -31.80
N TYR F 147 -20.14 25.66 -30.65
CA TYR F 147 -19.85 27.10 -30.51
C TYR F 147 -18.86 27.29 -29.37
N PRO F 148 -17.84 28.08 -29.65
CA PRO F 148 -16.79 28.44 -28.68
C PRO F 148 -17.38 29.59 -27.85
N TRP F 149 -17.04 29.63 -26.59
CA TRP F 149 -17.59 30.68 -25.70
C TRP F 149 -16.54 31.01 -24.66
N ARG F 150 -16.61 32.21 -24.15
CA ARG F 150 -15.61 32.67 -23.18
C ARG F 150 -15.93 32.24 -21.78
N ASN F 151 -15.55 31.04 -21.42
CA ASN F 151 -15.74 30.47 -20.07
C ASN F 151 -14.25 30.19 -19.66
N GLY F 152 -13.84 28.98 -19.88
CA GLY F 152 -12.39 28.63 -19.65
C GLY F 152 -11.77 29.11 -21.00
N PRO F 153 -10.48 29.07 -21.11
CA PRO F 153 -9.76 29.51 -22.31
C PRO F 153 -10.02 28.67 -23.54
N ASN F 154 -10.63 27.49 -23.44
CA ASN F 154 -10.88 26.69 -24.67
C ASN F 154 -12.17 25.90 -24.49
N ASP F 155 -13.26 26.55 -24.13
CA ASP F 155 -14.56 25.91 -23.93
C ASP F 155 -15.36 25.99 -25.21
N TRP F 156 -16.02 24.89 -25.51
CA TRP F 156 -16.87 24.73 -26.70
C TRP F 156 -18.22 24.12 -26.31
N ARG F 157 -19.29 24.81 -26.60
CA ARG F 157 -20.63 24.22 -26.29
C ARG F 157 -20.82 23.08 -27.30
N PRO F 158 -21.31 21.96 -26.80
CA PRO F 158 -21.64 20.84 -27.73
C PRO F 158 -22.77 21.40 -28.62
N ALA F 159 -23.01 20.76 -29.73
CA ALA F 159 -24.13 21.18 -30.61
C ALA F 159 -25.39 21.01 -29.74
N HIS F 160 -26.24 22.05 -29.73
CA HIS F 160 -27.47 21.97 -28.89
C HIS F 160 -28.60 22.78 -29.49
N ILE F 161 -29.78 22.55 -28.98
CA ILE F 161 -30.99 23.25 -29.40
C ILE F 161 -31.64 23.76 -28.10
N HIS F 162 -31.94 25.03 -28.02
CA HIS F 162 -32.57 25.53 -26.77
C HIS F 162 -34.04 25.20 -26.84
N PHE F 163 -34.62 24.73 -25.74
CA PHE F 163 -36.06 24.42 -25.72
C PHE F 163 -36.77 25.13 -24.58
N GLY F 164 -38.01 25.53 -24.83
CA GLY F 164 -38.88 26.18 -23.83
C GLY F 164 -40.23 25.43 -23.88
N ILE F 165 -40.71 24.96 -22.74
CA ILE F 165 -41.99 24.21 -22.74
C ILE F 165 -42.88 24.84 -21.69
N SER F 166 -44.11 25.14 -22.01
CA SER F 166 -45.02 25.76 -21.04
C SER F 166 -45.66 24.78 -20.07
N GLY F 167 -46.28 23.73 -20.58
CA GLY F 167 -47.00 22.75 -19.73
C GLY F 167 -48.29 23.44 -19.28
N PRO F 168 -49.02 22.77 -18.39
CA PRO F 168 -50.30 23.23 -17.87
C PRO F 168 -50.30 24.40 -16.92
N SER F 169 -49.22 24.71 -16.27
CA SER F 169 -49.20 25.83 -15.30
C SER F 169 -47.82 26.46 -15.28
N ILE F 170 -47.67 27.53 -14.55
CA ILE F 170 -46.35 28.18 -14.43
C ILE F 170 -45.43 27.31 -13.58
N ALA F 171 -46.04 26.32 -12.91
CA ALA F 171 -45.26 25.37 -12.05
C ALA F 171 -44.51 24.36 -12.90
N THR F 172 -45.04 24.09 -14.09
CA THR F 172 -44.45 23.14 -15.02
C THR F 172 -43.55 23.78 -16.06
N LYS F 173 -43.65 25.08 -16.28
CA LYS F 173 -42.85 25.76 -17.31
C LYS F 173 -41.37 25.44 -17.12
N LEU F 174 -40.71 25.10 -18.22
CA LEU F 174 -39.29 24.73 -18.20
C LEU F 174 -38.54 25.18 -19.44
N ILE F 175 -37.29 25.56 -19.29
CA ILE F 175 -36.35 25.91 -20.34
C ILE F 175 -35.17 24.94 -20.19
N THR F 176 -34.79 24.33 -21.30
CA THR F 176 -33.68 23.36 -21.26
C THR F 176 -32.96 23.39 -22.59
N GLN F 177 -32.09 22.38 -22.75
CA GLN F 177 -31.30 22.24 -23.98
C GLN F 177 -31.27 20.77 -24.39
N LEU F 178 -31.32 20.52 -25.68
CA LEU F 178 -31.25 19.17 -26.28
C LEU F 178 -29.85 18.96 -26.81
N TYR F 179 -29.23 17.83 -26.60
CA TYR F 179 -27.90 17.50 -27.09
C TYR F 179 -28.02 16.29 -28.02
N PHE F 180 -27.02 16.12 -28.85
CA PHE F 180 -27.07 15.01 -29.86
C PHE F 180 -26.26 13.80 -29.44
N GLU F 181 -26.91 12.65 -29.59
CA GLU F 181 -26.30 11.34 -29.24
C GLU F 181 -24.90 11.18 -29.78
N GLY F 182 -23.95 10.82 -28.93
CA GLY F 182 -22.59 10.56 -29.21
C GLY F 182 -21.62 11.71 -29.33
N ASP F 183 -22.13 12.93 -29.22
CA ASP F 183 -21.24 14.12 -29.32
C ASP F 183 -20.20 14.08 -28.21
N PRO F 184 -18.94 14.00 -28.58
CA PRO F 184 -17.84 13.96 -27.65
C PRO F 184 -17.69 15.18 -26.78
N LEU F 185 -18.27 16.31 -27.17
CA LEU F 185 -18.19 17.54 -26.39
C LEU F 185 -19.06 17.49 -25.16
N ILE F 186 -20.11 16.68 -25.17
CA ILE F 186 -21.04 16.61 -24.05
C ILE F 186 -20.43 16.54 -22.70
N PRO F 187 -19.63 15.50 -22.42
CA PRO F 187 -18.99 15.29 -21.14
C PRO F 187 -17.98 16.34 -20.69
N MET F 188 -17.56 17.22 -21.59
CA MET F 188 -16.58 18.25 -21.31
C MET F 188 -17.17 19.60 -20.96
N CYS F 189 -18.42 19.82 -21.26
CA CYS F 189 -19.10 21.05 -21.04
C CYS F 189 -19.56 21.36 -19.65
N PRO F 190 -19.11 22.51 -19.16
CA PRO F 190 -19.42 23.02 -17.85
C PRO F 190 -20.87 23.30 -17.58
N ILE F 191 -21.67 23.62 -18.56
CA ILE F 191 -23.10 23.87 -18.45
C ILE F 191 -23.86 22.57 -18.27
N VAL F 192 -23.36 21.57 -19.02
CA VAL F 192 -23.93 20.21 -18.96
C VAL F 192 -23.60 19.64 -17.56
N LYS F 193 -22.37 19.80 -17.16
CA LYS F 193 -21.86 19.32 -15.89
C LYS F 193 -22.45 20.02 -14.68
N SER F 194 -23.26 21.04 -14.93
CA SER F 194 -23.96 21.75 -13.83
C SER F 194 -24.96 20.72 -13.26
N ILE F 195 -25.25 19.70 -14.06
CA ILE F 195 -26.16 18.62 -13.68
C ILE F 195 -25.26 17.55 -13.01
N ALA F 196 -25.41 17.37 -11.71
CA ALA F 196 -24.62 16.41 -10.96
C ALA F 196 -24.89 14.96 -11.24
N ASN F 197 -26.06 14.53 -11.53
CA ASN F 197 -26.36 13.11 -11.79
C ASN F 197 -26.27 12.80 -13.29
N PRO F 198 -25.37 11.89 -13.62
CA PRO F 198 -25.14 11.48 -15.01
C PRO F 198 -26.38 10.92 -15.67
N GLU F 199 -27.30 10.52 -14.82
CA GLU F 199 -28.57 9.92 -15.26
C GLU F 199 -29.50 10.98 -15.78
N ALA F 200 -29.36 12.17 -15.18
CA ALA F 200 -30.17 13.34 -15.55
C ALA F 200 -29.69 13.88 -16.89
N VAL F 201 -28.37 13.80 -17.08
CA VAL F 201 -27.72 14.27 -18.31
C VAL F 201 -28.23 13.47 -19.50
N GLN F 202 -28.40 12.18 -19.29
CA GLN F 202 -28.88 11.26 -20.31
C GLN F 202 -30.22 11.68 -20.86
N GLN F 203 -31.05 12.32 -20.07
CA GLN F 203 -32.40 12.75 -20.47
C GLN F 203 -32.37 13.92 -21.46
N LEU F 204 -31.19 14.52 -21.59
CA LEU F 204 -31.05 15.69 -22.48
C LEU F 204 -30.47 15.31 -23.83
N ILE F 205 -30.14 14.07 -24.02
CA ILE F 205 -29.59 13.57 -25.28
C ILE F 205 -30.68 13.00 -26.17
N ALA F 206 -30.78 13.55 -27.35
CA ALA F 206 -31.74 13.18 -28.40
C ALA F 206 -31.11 11.98 -29.09
N LYS F 207 -31.88 10.94 -29.29
CA LYS F 207 -31.37 9.71 -29.91
C LYS F 207 -31.69 9.72 -31.42
N LEU F 208 -30.76 9.25 -32.19
CA LEU F 208 -30.91 9.15 -33.66
C LEU F 208 -32.14 8.26 -33.88
N ASP F 209 -33.03 8.68 -34.74
CA ASP F 209 -34.29 7.95 -34.99
C ASP F 209 -34.49 7.63 -36.47
N MET F 210 -33.90 6.53 -36.90
CA MET F 210 -33.93 6.04 -38.26
C MET F 210 -35.32 5.77 -38.76
N ASN F 211 -36.22 5.38 -37.87
CA ASN F 211 -37.61 5.05 -38.25
C ASN F 211 -38.40 6.30 -38.61
N ASN F 212 -37.97 7.44 -38.15
CA ASN F 212 -38.66 8.72 -38.40
C ASN F 212 -38.01 9.52 -39.52
N ALA F 213 -36.92 9.00 -40.04
CA ALA F 213 -36.15 9.62 -41.09
C ALA F 213 -36.89 9.49 -42.44
N ASN F 214 -36.64 10.45 -43.29
CA ASN F 214 -37.21 10.48 -44.66
C ASN F 214 -36.03 10.09 -45.57
N PRO F 215 -36.11 8.87 -46.10
CA PRO F 215 -35.09 8.34 -46.98
C PRO F 215 -34.75 9.33 -48.10
N MET F 216 -33.48 9.41 -48.41
CA MET F 216 -32.94 10.27 -49.45
C MET F 216 -33.28 11.73 -49.16
N ASP F 217 -33.58 12.05 -47.90
CA ASP F 217 -33.95 13.45 -47.57
C ASP F 217 -33.39 14.00 -46.30
N CYS F 218 -33.80 13.47 -45.17
CA CYS F 218 -33.37 13.91 -43.83
C CYS F 218 -33.42 12.81 -42.77
N LEU F 219 -32.58 13.02 -41.78
CA LEU F 219 -32.46 12.18 -40.59
C LEU F 219 -33.45 12.72 -39.54
N ALA F 220 -33.59 11.99 -38.46
CA ALA F 220 -34.53 12.41 -37.40
C ALA F 220 -33.92 12.03 -36.04
N TYR F 221 -34.25 12.87 -35.08
CA TYR F 221 -33.83 12.71 -33.69
C TYR F 221 -35.10 12.74 -32.84
N ARG F 222 -35.11 11.94 -31.82
CA ARG F 222 -36.26 11.83 -30.92
C ARG F 222 -35.88 12.44 -29.56
N PHE F 223 -36.74 13.33 -29.08
CA PHE F 223 -36.50 14.00 -27.77
C PHE F 223 -37.81 14.11 -27.01
N ASP F 224 -37.97 13.30 -26.00
CA ASP F 224 -39.22 13.32 -25.18
C ASP F 224 -38.97 14.28 -24.02
N ILE F 225 -40.00 14.92 -23.53
CA ILE F 225 -39.87 15.86 -22.42
C ILE F 225 -40.83 15.44 -21.32
N VAL F 226 -40.36 15.49 -20.08
CA VAL F 226 -41.21 15.12 -18.93
C VAL F 226 -41.37 16.34 -18.02
N LEU F 227 -42.61 16.71 -17.81
CA LEU F 227 -42.99 17.84 -16.97
C LEU F 227 -43.47 17.27 -15.61
N ARG F 228 -43.49 18.13 -14.61
CA ARG F 228 -43.92 17.76 -13.28
C ARG F 228 -45.28 17.04 -13.41
N GLY F 229 -45.38 16.01 -12.58
CA GLY F 229 -46.57 15.16 -12.51
C GLY F 229 -47.66 16.03 -11.89
N GLN F 230 -48.83 15.86 -12.49
CA GLN F 230 -50.05 16.58 -12.08
C GLN F 230 -51.01 15.57 -11.45
N ARG F 231 -51.56 15.93 -10.31
CA ARG F 231 -52.51 14.99 -9.66
C ARG F 231 -53.64 15.79 -9.09
N LYS F 232 -54.76 15.14 -8.82
CA LYS F 232 -55.90 15.92 -8.23
C LYS F 232 -55.62 16.04 -6.73
N THR F 233 -56.19 17.07 -6.15
CA THR F 233 -56.05 17.32 -4.69
C THR F 233 -56.88 16.23 -3.97
N HIS F 234 -56.52 16.01 -2.72
CA HIS F 234 -57.25 15.00 -1.91
C HIS F 234 -57.10 15.37 -0.45
N PHE F 235 -58.17 15.17 0.28
CA PHE F 235 -58.26 15.43 1.70
C PHE F 235 -57.70 16.77 2.10
N GLU F 236 -57.72 17.74 1.19
CA GLU F 236 -57.19 19.08 1.51
C GLU F 236 -58.00 19.87 2.50
N PRO G 1 -9.35 -26.91 13.70
CA PRO G 1 -8.80 -26.83 15.05
C PRO G 1 -8.86 -25.38 15.53
N ILE G 2 -8.47 -25.18 16.79
CA ILE G 2 -8.48 -23.87 17.43
C ILE G 2 -7.16 -23.13 17.12
N GLU G 3 -7.28 -21.84 16.86
CA GLU G 3 -6.10 -21.00 16.61
C GLU G 3 -6.07 -19.89 17.68
N LEU G 4 -4.87 -19.59 18.13
CA LEU G 4 -4.67 -18.52 19.15
C LEU G 4 -4.07 -17.33 18.39
N LEU G 5 -3.71 -16.28 19.09
CA LEU G 5 -3.00 -15.15 18.39
C LEU G 5 -1.59 -15.75 18.15
N PRO G 6 -1.09 -15.55 16.97
CA PRO G 6 0.26 -16.01 16.62
C PRO G 6 1.30 -15.19 17.36
N GLU G 7 2.37 -15.87 17.76
CA GLU G 7 3.47 -15.19 18.47
C GLU G 7 4.19 -14.25 17.48
N THR G 8 4.72 -13.18 18.06
CA THR G 8 5.48 -12.17 17.23
C THR G 8 6.68 -12.93 16.73
N PRO G 9 6.94 -12.88 15.44
CA PRO G 9 8.10 -13.54 14.84
C PRO G 9 9.41 -12.95 15.33
N SER G 10 10.43 -13.76 15.44
CA SER G 10 11.77 -13.47 15.84
C SER G 10 12.56 -12.88 14.66
N GLN G 11 13.62 -12.19 15.04
CA GLN G 11 14.54 -11.59 14.04
C GLN G 11 15.93 -11.64 14.69
N THR G 12 16.92 -11.70 13.86
CA THR G 12 18.32 -11.76 14.36
C THR G 12 18.52 -10.59 15.31
N ALA G 13 19.53 -10.73 16.17
CA ALA G 13 19.90 -9.72 17.15
C ALA G 13 20.69 -8.60 16.44
N GLY G 14 21.29 -8.98 15.33
CA GLY G 14 22.11 -8.06 14.52
C GLY G 14 23.51 -7.97 15.15
N PRO G 15 24.44 -7.42 14.40
CA PRO G 15 25.81 -7.26 14.82
C PRO G 15 26.02 -6.25 15.95
N TYR G 16 25.14 -5.30 16.08
CA TYR G 16 25.24 -4.24 17.09
C TYR G 16 24.44 -4.46 18.33
N VAL G 17 24.10 -5.68 18.65
CA VAL G 17 23.32 -6.07 19.81
C VAL G 17 23.85 -5.52 21.11
N HIS G 18 25.15 -5.37 21.16
CA HIS G 18 25.86 -4.86 22.33
C HIS G 18 25.40 -3.51 22.81
N ILE G 19 25.07 -2.62 21.88
CA ILE G 19 24.62 -1.28 22.30
C ILE G 19 23.41 -1.40 23.20
N GLY G 20 22.56 -2.38 22.88
CA GLY G 20 21.34 -2.61 23.64
C GLY G 20 21.45 -3.52 24.84
N LEU G 21 22.23 -4.59 24.69
CA LEU G 21 22.37 -5.60 25.71
C LEU G 21 23.71 -5.80 26.36
N ALA G 22 24.76 -5.17 25.95
CA ALA G 22 26.12 -5.30 26.50
C ALA G 22 26.90 -3.99 26.29
N LEU G 23 26.36 -2.94 26.88
CA LEU G 23 26.84 -1.57 26.79
C LEU G 23 28.35 -1.46 26.82
N GLU G 24 28.91 -1.98 27.89
CA GLU G 24 30.41 -1.96 28.05
C GLU G 24 30.99 -2.35 26.71
N ALA G 25 30.66 -3.54 26.24
CA ALA G 25 31.10 -4.12 24.98
C ALA G 25 30.95 -3.23 23.78
N ALA G 26 29.84 -2.53 23.67
CA ALA G 26 29.60 -1.62 22.52
C ALA G 26 30.64 -0.49 22.61
N GLY G 27 31.11 -0.30 23.83
CA GLY G 27 32.09 0.74 24.17
C GLY G 27 31.34 2.02 24.54
N ASN G 28 30.18 1.84 25.13
CA ASN G 28 29.33 2.97 25.56
C ASN G 28 29.26 2.95 27.09
N PRO G 29 28.98 4.10 27.63
CA PRO G 29 28.86 4.23 29.10
C PRO G 29 27.75 3.26 29.49
N THR G 30 27.81 2.81 30.71
CA THR G 30 26.78 1.85 31.22
C THR G 30 25.86 2.66 32.11
N ARG G 31 24.76 2.05 32.49
CA ARG G 31 23.77 2.73 33.37
C ARG G 31 24.09 2.29 34.80
N ASP G 32 23.39 2.79 35.77
CA ASP G 32 23.55 2.49 37.18
C ASP G 32 23.65 0.96 37.36
N GLN G 33 22.59 0.32 36.92
CA GLN G 33 22.44 -1.13 37.00
C GLN G 33 22.34 -1.76 35.61
N GLU G 34 23.13 -2.78 35.43
CA GLU G 34 23.21 -3.60 34.22
C GLU G 34 23.14 -5.08 34.56
N ILE G 35 22.61 -5.86 33.64
CA ILE G 35 22.54 -7.34 33.80
C ILE G 35 23.79 -7.85 33.08
N TRP G 36 24.72 -8.37 33.86
CA TRP G 36 25.99 -8.84 33.30
C TRP G 36 26.36 -10.26 33.68
N ASN G 37 27.62 -10.63 33.53
CA ASN G 37 28.17 -11.94 33.71
C ASN G 37 28.62 -12.44 35.06
N ARG G 38 28.13 -11.87 36.12
CA ARG G 38 28.47 -12.23 37.50
C ARG G 38 27.22 -12.60 38.28
N LEU G 39 26.87 -13.87 38.29
CA LEU G 39 25.68 -14.36 38.97
C LEU G 39 25.83 -14.49 40.48
N ALA G 40 27.05 -14.71 40.93
CA ALA G 40 27.31 -14.86 42.36
C ALA G 40 28.33 -13.91 42.96
N LYS G 41 27.94 -13.38 44.12
CA LYS G 41 28.90 -12.49 44.85
C LYS G 41 29.74 -13.50 45.66
N PRO G 42 30.95 -13.10 45.99
CA PRO G 42 31.89 -13.93 46.75
C PRO G 42 31.23 -14.65 47.92
N ASP G 43 30.29 -13.98 48.56
CA ASP G 43 29.58 -14.47 49.74
C ASP G 43 28.36 -15.33 49.45
N ALA G 44 28.28 -15.84 48.25
CA ALA G 44 27.16 -16.70 47.81
C ALA G 44 27.56 -18.15 48.13
N PRO G 45 26.62 -18.88 48.67
CA PRO G 45 26.83 -20.30 49.03
C PRO G 45 27.01 -21.11 47.76
N GLY G 46 27.76 -22.17 47.89
CA GLY G 46 28.04 -23.10 46.79
C GLY G 46 29.50 -23.00 46.39
N GLU G 47 29.84 -23.79 45.40
CA GLU G 47 31.20 -23.85 44.86
C GLU G 47 31.31 -22.88 43.69
N HIS G 48 32.16 -21.89 43.85
CA HIS G 48 32.43 -20.86 42.88
C HIS G 48 33.30 -21.37 41.74
N ILE G 49 32.76 -21.26 40.56
CA ILE G 49 33.45 -21.70 39.33
C ILE G 49 33.44 -20.55 38.32
N LEU G 50 34.26 -20.73 37.33
CA LEU G 50 34.37 -19.84 36.18
C LEU G 50 34.00 -20.70 34.93
N LEU G 51 33.23 -20.06 34.07
CA LEU G 51 32.82 -20.65 32.80
C LEU G 51 33.38 -19.77 31.68
N LEU G 52 33.89 -20.45 30.68
CA LEU G 52 34.47 -19.80 29.49
C LEU G 52 34.28 -20.73 28.30
N GLY G 53 34.24 -20.12 27.14
CA GLY G 53 34.04 -20.82 25.89
C GLY G 53 34.12 -19.87 24.70
N GLN G 54 34.10 -20.53 23.56
CA GLN G 54 34.12 -19.91 22.24
C GLN G 54 32.96 -20.49 21.44
N VAL G 55 32.63 -19.75 20.40
CA VAL G 55 31.50 -20.14 19.50
C VAL G 55 32.09 -20.21 18.11
N TYR G 56 31.80 -21.29 17.42
CA TYR G 56 32.30 -21.53 16.07
C TYR G 56 31.14 -21.65 15.09
N ASP G 57 31.43 -21.21 13.89
CA ASP G 57 30.48 -21.25 12.78
C ASP G 57 30.78 -22.56 12.04
N GLY G 58 30.08 -22.79 10.95
CA GLY G 58 30.23 -23.99 10.16
C GLY G 58 31.56 -24.12 9.46
N ASN G 59 32.31 -23.04 9.42
CA ASN G 59 33.62 -23.03 8.78
C ASN G 59 34.74 -23.20 9.82
N GLY G 60 34.36 -23.30 11.07
CA GLY G 60 35.31 -23.46 12.17
C GLY G 60 35.91 -22.12 12.53
N HIS G 61 35.24 -21.05 12.14
CA HIS G 61 35.71 -19.68 12.41
C HIS G 61 34.99 -19.18 13.65
N LEU G 62 35.64 -18.38 14.45
CA LEU G 62 35.09 -17.80 15.67
C LEU G 62 33.93 -16.85 15.32
N VAL G 63 32.95 -16.86 16.16
CA VAL G 63 31.75 -16.00 16.05
C VAL G 63 32.01 -14.98 17.18
N ARG G 64 32.56 -13.86 16.77
CA ARG G 64 32.95 -12.80 17.69
C ARG G 64 31.88 -11.83 18.08
N ASP G 65 30.67 -11.95 17.60
CA ASP G 65 29.58 -11.04 17.90
C ASP G 65 28.43 -11.69 18.63
N SER G 66 28.72 -12.87 19.20
CA SER G 66 27.66 -13.60 19.92
C SER G 66 27.32 -12.95 21.24
N PHE G 67 26.09 -13.17 21.63
CA PHE G 67 25.46 -12.69 22.87
C PHE G 67 24.78 -13.94 23.46
N LEU G 68 24.98 -14.17 24.74
CA LEU G 68 24.48 -15.32 25.46
C LEU G 68 23.73 -14.98 26.74
N GLU G 69 22.66 -15.66 26.98
CA GLU G 69 21.84 -15.55 28.18
C GLU G 69 21.83 -16.91 28.88
N VAL G 70 21.98 -16.89 30.19
CA VAL G 70 22.06 -18.08 31.03
C VAL G 70 21.04 -18.05 32.16
N TRP G 71 20.53 -19.22 32.44
CA TRP G 71 19.51 -19.41 33.50
C TRP G 71 19.96 -20.67 34.25
N GLN G 72 20.03 -20.57 35.56
CA GLN G 72 20.48 -21.67 36.40
C GLN G 72 19.94 -21.59 37.81
N ALA G 73 19.87 -22.78 38.39
CA ALA G 73 19.41 -22.89 39.82
C ALA G 73 20.64 -22.59 40.68
N ASP G 74 20.40 -22.22 41.92
CA ASP G 74 21.56 -21.94 42.83
C ASP G 74 22.10 -23.29 43.34
N ALA G 75 23.05 -23.22 44.26
CA ALA G 75 23.67 -24.42 44.84
C ALA G 75 22.64 -25.36 45.43
N ASN G 76 21.52 -24.86 45.90
CA ASN G 76 20.47 -25.69 46.48
C ASN G 76 19.50 -26.28 45.44
N GLY G 77 19.76 -25.98 44.19
CA GLY G 77 18.93 -26.49 43.11
C GLY G 77 17.63 -25.69 43.03
N GLU G 78 17.72 -24.45 43.48
CA GLU G 78 16.63 -23.50 43.48
C GLU G 78 16.81 -22.34 42.51
N TYR G 79 15.72 -22.08 41.79
CA TYR G 79 15.71 -20.97 40.82
C TYR G 79 15.29 -19.66 41.50
N GLN G 80 16.24 -18.75 41.52
CA GLN G 80 16.05 -17.41 42.12
C GLN G 80 15.60 -16.44 41.04
N ASP G 81 14.30 -16.20 40.97
CA ASP G 81 13.69 -15.35 39.96
C ASP G 81 13.68 -13.87 40.21
N ALA G 82 13.60 -13.47 41.46
CA ALA G 82 13.59 -12.04 41.83
C ALA G 82 14.97 -11.46 41.58
N TYR G 83 15.22 -11.02 40.36
CA TYR G 83 16.51 -10.45 39.97
C TYR G 83 16.81 -9.20 40.77
N ASN G 84 17.99 -9.19 41.36
CA ASN G 84 18.43 -8.02 42.18
C ASN G 84 19.93 -8.02 42.33
N LEU G 85 20.53 -6.84 42.09
CA LEU G 85 21.98 -6.64 42.18
C LEU G 85 22.50 -6.73 43.60
N GLU G 86 21.60 -6.65 44.56
CA GLU G 86 21.91 -6.76 45.97
C GLU G 86 22.08 -8.21 46.38
N ASN G 87 21.40 -9.10 45.67
CA ASN G 87 21.47 -10.54 45.94
C ASN G 87 22.91 -11.05 45.90
N ALA G 88 23.11 -12.09 46.69
CA ALA G 88 24.44 -12.75 46.77
C ALA G 88 24.56 -13.64 45.51
N PHE G 89 23.38 -14.06 45.03
CA PHE G 89 23.26 -14.87 43.85
C PHE G 89 22.00 -14.53 43.02
N ASN G 90 22.21 -14.56 41.72
CA ASN G 90 21.15 -14.35 40.73
C ASN G 90 21.20 -15.55 39.77
N SER G 91 20.05 -16.11 39.50
CA SER G 91 19.93 -17.24 38.58
C SER G 91 20.11 -16.81 37.12
N PHE G 92 19.94 -15.51 36.86
CA PHE G 92 20.04 -15.01 35.48
C PHE G 92 21.28 -14.18 35.24
N GLY G 93 21.84 -14.35 34.04
CA GLY G 93 23.04 -13.58 33.66
C GLY G 93 23.15 -13.38 32.16
N ARG G 94 24.10 -12.52 31.77
CA ARG G 94 24.34 -12.22 30.35
C ARG G 94 25.84 -12.11 30.15
N THR G 95 26.28 -12.50 29.00
CA THR G 95 27.69 -12.47 28.60
C THR G 95 27.76 -12.37 27.07
N ALA G 96 28.93 -12.07 26.56
CA ALA G 96 29.19 -11.93 25.14
C ALA G 96 30.64 -12.22 24.85
N THR G 97 30.92 -12.57 23.60
CA THR G 97 32.27 -12.89 23.17
C THR G 97 32.99 -11.62 22.70
N THR G 98 34.29 -11.57 23.04
CA THR G 98 35.18 -10.47 22.72
C THR G 98 35.38 -10.30 21.21
N PHE G 99 35.56 -9.06 20.81
CA PHE G 99 35.76 -8.77 19.36
C PHE G 99 37.12 -9.30 18.92
N ASP G 100 38.04 -9.36 19.84
CA ASP G 100 39.41 -9.88 19.58
C ASP G 100 39.45 -11.39 19.78
N ALA G 101 39.86 -11.80 20.97
CA ALA G 101 39.95 -13.22 21.34
C ALA G 101 38.68 -13.97 20.96
N GLY G 102 37.53 -13.40 21.25
CA GLY G 102 36.23 -14.00 20.93
C GLY G 102 35.81 -15.04 21.94
N GLU G 103 36.09 -14.75 23.19
CA GLU G 103 35.76 -15.66 24.30
C GLU G 103 34.81 -15.03 25.29
N TRP G 104 33.96 -15.87 25.85
CA TRP G 104 32.98 -15.39 26.85
C TRP G 104 33.40 -15.98 28.20
N THR G 105 32.99 -15.32 29.26
CA THR G 105 33.26 -15.73 30.63
C THR G 105 32.06 -15.40 31.49
N LEU G 106 31.91 -16.26 32.47
CA LEU G 106 30.79 -16.13 33.45
C LEU G 106 31.33 -16.56 34.81
N HIS G 107 30.94 -15.83 35.81
CA HIS G 107 31.31 -16.06 37.20
C HIS G 107 30.03 -16.43 37.96
N THR G 108 29.98 -17.68 38.34
CA THR G 108 28.80 -18.22 39.06
C THR G 108 29.26 -19.34 40.00
N VAL G 109 28.31 -20.15 40.38
CA VAL G 109 28.46 -21.32 41.22
C VAL G 109 27.79 -22.51 40.53
N LYS G 110 28.33 -23.70 40.82
CA LYS G 110 27.78 -24.95 40.26
C LYS G 110 26.36 -25.13 40.79
N PRO G 111 25.40 -25.27 39.87
CA PRO G 111 23.99 -25.40 40.21
C PRO G 111 23.64 -26.71 40.90
N GLY G 112 22.64 -26.64 41.78
CA GLY G 112 22.12 -27.80 42.50
C GLY G 112 21.23 -28.54 41.47
N VAL G 113 20.76 -29.68 41.84
CA VAL G 113 19.90 -30.59 41.11
C VAL G 113 18.43 -30.18 41.20
N VAL G 114 17.75 -30.32 40.10
CA VAL G 114 16.31 -30.02 40.01
C VAL G 114 15.65 -31.18 39.28
N ASN G 115 14.43 -31.43 39.63
CA ASN G 115 13.62 -32.52 39.08
C ASN G 115 12.83 -32.02 37.85
N ASN G 116 12.54 -32.96 36.98
CA ASN G 116 11.75 -32.69 35.80
C ASN G 116 10.27 -32.78 36.30
N ALA G 117 9.39 -32.53 35.37
CA ALA G 117 7.96 -32.56 35.62
C ALA G 117 7.56 -33.89 36.21
N ALA G 118 8.20 -34.97 35.78
CA ALA G 118 7.88 -36.30 36.28
C ALA G 118 8.44 -36.62 37.64
N GLY G 119 9.20 -35.74 38.24
CA GLY G 119 9.79 -35.99 39.57
C GLY G 119 11.18 -36.57 39.51
N VAL G 120 11.71 -36.84 38.35
CA VAL G 120 13.05 -37.39 38.13
C VAL G 120 14.09 -36.26 38.11
N PRO G 121 15.20 -36.49 38.77
CA PRO G 121 16.28 -35.51 38.85
C PRO G 121 17.04 -35.37 37.54
N MET G 122 17.44 -34.15 37.29
CA MET G 122 18.21 -33.80 36.07
C MET G 122 19.64 -33.53 36.54
N ALA G 123 20.61 -33.90 35.74
CA ALA G 123 22.03 -33.63 36.18
C ALA G 123 22.17 -32.10 36.25
N PRO G 124 23.12 -31.65 37.04
CA PRO G 124 23.39 -30.19 37.18
C PRO G 124 23.57 -29.62 35.78
N HIS G 125 22.90 -28.49 35.50
CA HIS G 125 23.04 -27.88 34.15
C HIS G 125 22.74 -26.39 34.23
N ILE G 126 23.10 -25.74 33.14
CA ILE G 126 22.89 -24.31 32.92
C ILE G 126 22.17 -24.17 31.56
N ASN G 127 21.09 -23.45 31.59
CA ASN G 127 20.30 -23.22 30.34
C ASN G 127 20.96 -22.03 29.64
N ILE G 128 21.30 -22.23 28.40
CA ILE G 128 21.93 -21.23 27.56
C ILE G 128 21.07 -20.94 26.30
N SER G 129 21.02 -19.65 26.05
CA SER G 129 20.34 -19.08 24.87
C SER G 129 21.42 -18.27 24.09
N LEU G 130 21.63 -18.67 22.86
CA LEU G 130 22.59 -18.05 21.96
C LEU G 130 21.91 -17.16 20.90
N PHE G 131 22.43 -15.95 20.81
CA PHE G 131 21.95 -14.91 19.90
C PHE G 131 23.15 -14.32 19.13
N ALA G 132 22.81 -13.84 17.93
CA ALA G 132 23.80 -13.23 17.07
C ALA G 132 23.33 -13.01 15.63
N ARG G 133 24.16 -12.19 15.02
CA ARG G 133 24.01 -11.83 13.57
C ARG G 133 24.04 -13.18 12.84
N GLY G 134 23.16 -13.40 11.87
CA GLY G 134 23.13 -14.67 11.16
C GLY G 134 22.24 -15.68 11.84
N ILE G 135 21.75 -15.40 13.04
CA ILE G 135 20.85 -16.35 13.74
C ILE G 135 19.47 -15.70 13.78
N ASN G 136 18.54 -16.20 13.01
CA ASN G 136 17.17 -15.70 12.87
C ASN G 136 16.34 -15.89 14.12
N ILE G 137 16.53 -17.08 14.73
CA ILE G 137 15.85 -17.40 15.98
C ILE G 137 16.90 -18.00 16.89
N HIS G 138 17.00 -17.49 18.08
CA HIS G 138 17.98 -17.91 19.10
C HIS G 138 18.02 -19.41 19.32
N LEU G 139 19.24 -19.89 19.60
CA LEU G 139 19.50 -21.33 19.84
C LEU G 139 19.52 -21.61 21.34
N HIS G 140 18.82 -22.65 21.71
CA HIS G 140 18.70 -23.14 23.09
C HIS G 140 19.63 -24.37 23.29
N THR G 141 20.43 -24.32 24.33
CA THR G 141 21.31 -25.45 24.69
C THR G 141 21.42 -25.56 26.21
N ARG G 142 22.14 -26.60 26.62
CA ARG G 142 22.37 -26.84 28.05
C ARG G 142 23.85 -27.19 28.27
N LEU G 143 24.40 -26.66 29.33
CA LEU G 143 25.81 -26.92 29.68
C LEU G 143 25.82 -27.87 30.90
N TYR G 144 26.43 -29.03 30.68
CA TYR G 144 26.57 -30.05 31.75
C TYR G 144 28.06 -30.11 32.12
N PHE G 145 28.39 -30.69 33.25
CA PHE G 145 29.81 -30.74 33.71
C PHE G 145 30.32 -32.16 33.66
N ASP G 146 31.57 -32.30 33.23
CA ASP G 146 32.22 -33.58 33.08
C ASP G 146 32.48 -34.29 34.41
N ASP G 147 32.52 -33.58 35.49
CA ASP G 147 32.77 -34.14 36.81
C ASP G 147 31.50 -34.64 37.45
N GLU G 148 30.43 -34.69 36.69
CA GLU G 148 29.11 -35.15 37.13
C GLU G 148 28.62 -36.31 36.27
N ALA G 149 29.58 -37.06 35.77
CA ALA G 149 29.35 -38.21 34.92
C ALA G 149 28.26 -39.14 35.41
N GLN G 150 28.16 -39.40 36.70
CA GLN G 150 27.15 -40.31 37.24
C GLN G 150 25.75 -39.73 37.05
N ALA G 151 25.61 -38.50 37.43
CA ALA G 151 24.34 -37.77 37.28
C ALA G 151 23.92 -37.71 35.81
N ASN G 152 24.84 -37.32 34.98
CA ASN G 152 24.68 -37.18 33.54
C ASN G 152 24.14 -38.42 32.85
N ALA G 153 24.63 -39.57 33.25
CA ALA G 153 24.21 -40.85 32.68
C ALA G 153 22.74 -41.12 32.96
N LYS G 154 22.20 -40.48 33.99
CA LYS G 154 20.82 -40.69 34.38
C LYS G 154 19.88 -39.53 34.09
N CYS G 155 20.38 -38.51 33.40
CA CYS G 155 19.57 -37.32 33.09
C CYS G 155 18.51 -37.65 32.05
N PRO G 156 17.26 -37.37 32.43
CA PRO G 156 16.11 -37.62 31.57
C PRO G 156 16.18 -36.78 30.30
N VAL G 157 16.81 -35.62 30.38
CA VAL G 157 16.94 -34.73 29.23
C VAL G 157 18.03 -35.22 28.31
N LEU G 158 19.18 -35.44 28.92
CA LEU G 158 20.38 -35.90 28.19
C LEU G 158 20.09 -37.21 27.49
N ASN G 159 19.28 -38.06 28.07
CA ASN G 159 18.88 -39.34 27.53
C ASN G 159 17.89 -39.25 26.39
N LEU G 160 17.33 -38.08 26.10
CA LEU G 160 16.39 -37.91 25.00
C LEU G 160 17.18 -37.81 23.69
N ILE G 161 18.44 -37.48 23.82
CA ILE G 161 19.35 -37.35 22.68
C ILE G 161 19.69 -38.79 22.25
N GLU G 162 19.03 -39.18 21.18
CA GLU G 162 19.15 -40.51 20.60
C GLU G 162 20.54 -41.04 20.48
N GLN G 163 21.50 -40.27 19.99
CA GLN G 163 22.88 -40.70 19.78
C GLN G 163 23.81 -40.20 20.87
N PRO G 164 24.43 -41.16 21.55
CA PRO G 164 25.35 -40.91 22.64
C PRO G 164 26.44 -39.92 22.31
N GLN G 165 26.97 -40.03 21.10
CA GLN G 165 28.08 -39.15 20.68
C GLN G 165 27.71 -37.68 20.74
N ARG G 166 26.44 -37.38 20.52
CA ARG G 166 25.87 -36.05 20.52
C ARG G 166 25.75 -35.44 21.89
N ARG G 167 25.54 -36.30 22.87
CA ARG G 167 25.41 -35.98 24.29
C ARG G 167 26.71 -35.35 24.82
N GLU G 168 27.82 -35.87 24.33
CA GLU G 168 29.13 -35.35 24.74
C GLU G 168 29.33 -33.89 24.38
N THR G 169 28.62 -33.38 23.39
CA THR G 169 28.70 -31.99 22.93
C THR G 169 28.22 -31.03 23.99
N LEU G 170 27.41 -31.52 24.92
CA LEU G 170 26.84 -30.77 26.00
C LEU G 170 27.68 -30.79 27.27
N ILE G 171 28.81 -31.46 27.27
CA ILE G 171 29.65 -31.59 28.46
C ILE G 171 30.85 -30.73 28.58
N ALA G 172 30.82 -29.82 29.54
CA ALA G 172 31.90 -28.87 29.80
C ALA G 172 33.09 -29.61 30.46
N LYS G 173 34.26 -29.30 29.98
CA LYS G 173 35.53 -29.86 30.42
C LYS G 173 36.13 -28.99 31.51
N ARG G 174 36.33 -29.63 32.65
CA ARG G 174 36.90 -28.99 33.84
C ARG G 174 38.39 -28.72 33.66
N CYS G 175 38.82 -27.65 34.28
CA CYS G 175 40.21 -27.18 34.29
C CYS G 175 40.29 -26.10 35.39
N GLU G 176 41.36 -25.36 35.33
CA GLU G 176 41.59 -24.29 36.31
C GLU G 176 42.15 -23.05 35.65
N VAL G 177 41.67 -21.91 36.15
CA VAL G 177 42.12 -20.60 35.65
C VAL G 177 42.44 -19.77 36.88
N ASP G 178 43.68 -19.31 36.90
CA ASP G 178 44.19 -18.53 38.06
C ASP G 178 43.90 -19.34 39.33
N GLY G 179 44.15 -20.63 39.21
CA GLY G 179 43.94 -21.55 40.32
C GLY G 179 42.49 -21.56 40.80
N LYS G 180 41.59 -21.25 39.89
CA LYS G 180 40.15 -21.26 40.18
C LYS G 180 39.53 -22.34 39.27
N THR G 181 38.57 -23.06 39.82
CA THR G 181 37.89 -24.12 39.06
C THR G 181 37.19 -23.40 37.87
N ALA G 182 37.46 -23.93 36.70
CA ALA G 182 36.89 -23.42 35.45
C ALA G 182 36.43 -24.61 34.61
N TYR G 183 35.41 -24.38 33.81
CA TYR G 183 34.89 -25.40 32.89
C TYR G 183 34.84 -24.70 31.53
N ARG G 184 35.30 -25.38 30.51
CA ARG G 184 35.30 -24.82 29.18
C ARG G 184 34.15 -25.45 28.40
N PHE G 185 33.37 -24.56 27.81
CA PHE G 185 32.20 -24.98 27.00
C PHE G 185 32.17 -24.20 25.70
N ASP G 186 32.62 -24.87 24.67
CA ASP G 186 32.69 -24.36 23.30
C ASP G 186 31.41 -24.81 22.57
N ILE G 187 30.86 -23.88 21.82
CA ILE G 187 29.65 -24.14 21.02
C ILE G 187 30.04 -24.22 19.57
N ARG G 188 29.59 -25.24 18.88
CA ARG G 188 29.86 -25.39 17.43
C ARG G 188 28.48 -25.36 16.79
N ILE G 189 28.10 -24.22 16.25
CA ILE G 189 26.80 -23.98 15.64
C ILE G 189 26.47 -24.93 14.52
N GLN G 190 27.45 -25.27 13.73
CA GLN G 190 27.29 -26.11 12.54
C GLN G 190 28.51 -26.99 12.28
N GLY G 191 28.29 -28.11 11.64
CA GLY G 191 29.27 -29.08 11.22
C GLY G 191 29.68 -30.13 12.21
N GLU G 192 30.90 -30.59 11.98
CA GLU G 192 31.53 -31.66 12.81
C GLU G 192 31.58 -31.18 14.24
N GLY G 193 31.00 -31.96 15.13
CA GLY G 193 30.94 -31.66 16.56
C GLY G 193 29.82 -30.70 16.89
N GLU G 194 28.91 -30.54 15.96
CA GLU G 194 27.77 -29.65 16.11
C GLU G 194 27.10 -29.90 17.46
N THR G 195 26.93 -28.83 18.21
CA THR G 195 26.32 -28.83 19.52
C THR G 195 24.82 -29.09 19.38
N VAL G 196 24.32 -29.82 20.36
CA VAL G 196 22.90 -30.15 20.43
C VAL G 196 22.15 -28.86 20.83
N PHE G 197 21.09 -28.63 20.11
CA PHE G 197 20.23 -27.41 20.37
C PHE G 197 18.84 -28.01 20.60
N PHE G 198 18.09 -27.48 21.50
CA PHE G 198 16.76 -27.92 21.89
C PHE G 198 15.63 -27.01 21.45
N ASP G 199 14.46 -27.60 21.46
CA ASP G 199 13.17 -26.98 21.16
C ASP G 199 12.25 -27.39 22.32
N PHE G 200 11.59 -26.44 22.91
CA PHE G 200 10.65 -26.62 24.02
C PHE G 200 9.64 -25.45 24.07
N PRO H 1 11.32 -19.54 45.70
CA PRO H 1 11.86 -19.42 44.33
C PRO H 1 10.71 -19.68 43.36
N ALA H 2 11.07 -19.68 42.09
CA ALA H 2 10.07 -19.91 41.02
C ALA H 2 9.66 -21.37 41.07
N GLN H 3 8.51 -21.69 40.50
CA GLN H 3 8.03 -23.09 40.46
C GLN H 3 7.31 -23.41 39.16
N ASP H 4 7.32 -24.71 38.83
CA ASP H 4 6.72 -25.26 37.62
C ASP H 4 5.19 -25.32 37.72
N ASN H 5 4.56 -24.18 37.44
CA ASN H 5 3.09 -24.12 37.49
C ASN H 5 2.50 -23.91 36.11
N SER H 6 3.32 -23.54 35.13
CA SER H 6 2.83 -23.29 33.79
C SER H 6 3.50 -24.09 32.68
N ARG H 7 2.74 -24.11 31.60
CA ARG H 7 3.09 -24.75 30.33
C ARG H 7 2.93 -23.63 29.28
N PHE H 8 3.78 -23.63 28.31
CA PHE H 8 3.78 -22.62 27.22
C PHE H 8 3.45 -23.30 25.91
N VAL H 9 2.47 -22.72 25.24
CA VAL H 9 2.04 -23.27 23.93
C VAL H 9 3.35 -23.41 23.14
N ILE H 10 3.50 -24.49 22.45
CA ILE H 10 4.67 -24.80 21.63
C ILE H 10 4.81 -23.78 20.52
N ARG H 11 6.05 -23.43 20.23
CA ARG H 11 6.39 -22.48 19.19
C ARG H 11 6.14 -23.05 17.78
N ASP H 12 5.65 -22.17 16.93
CA ASP H 12 5.41 -22.53 15.52
C ASP H 12 6.64 -22.07 14.73
N ARG H 13 7.51 -23.00 14.44
CA ARG H 13 8.74 -22.82 13.71
C ARG H 13 8.56 -22.68 12.22
N ASN H 14 7.31 -22.69 11.81
CA ASN H 14 6.97 -22.45 10.40
C ASN H 14 6.54 -20.96 10.33
N TRP H 15 6.12 -20.39 11.42
CA TRP H 15 5.71 -18.99 11.56
C TRP H 15 6.94 -18.07 11.70
N HIS H 16 7.86 -18.49 12.54
CA HIS H 16 9.12 -17.82 12.79
C HIS H 16 10.01 -18.11 11.57
N PRO H 17 10.99 -17.27 11.39
CA PRO H 17 11.96 -17.49 10.30
C PRO H 17 12.70 -18.83 10.56
N LYS H 18 13.12 -19.51 9.51
CA LYS H 18 13.89 -20.78 9.62
C LYS H 18 15.36 -20.38 9.82
N ALA H 19 16.22 -21.29 10.19
CA ALA H 19 17.61 -21.05 10.45
C ALA H 19 18.41 -20.69 9.21
N LEU H 20 18.24 -21.48 8.17
CA LEU H 20 18.92 -21.32 6.93
C LEU H 20 18.08 -20.54 5.92
N THR H 21 18.43 -19.29 5.77
CA THR H 21 17.75 -18.39 4.80
C THR H 21 18.91 -17.73 4.01
N PRO H 22 19.33 -18.43 2.98
CA PRO H 22 20.46 -18.07 2.17
C PRO H 22 20.65 -16.69 1.63
N ASP H 23 19.61 -15.94 1.32
CA ASP H 23 19.71 -14.56 0.83
C ASP H 23 20.31 -13.68 1.91
N TYR H 24 20.09 -14.10 3.12
CA TYR H 24 20.63 -13.51 4.35
C TYR H 24 21.89 -14.40 4.56
N LYS H 25 22.93 -13.98 3.84
CA LYS H 25 24.18 -14.64 3.76
C LYS H 25 24.81 -15.17 5.02
N THR H 26 24.78 -14.41 6.07
CA THR H 26 25.41 -14.82 7.33
C THR H 26 24.81 -16.05 7.96
N SER H 27 23.57 -16.33 7.64
CA SER H 27 22.82 -17.45 8.18
C SER H 27 23.30 -18.75 7.58
N ILE H 28 24.04 -18.68 6.48
CA ILE H 28 24.55 -19.90 5.84
C ILE H 28 25.44 -20.71 6.77
N ALA H 29 26.40 -20.10 7.42
CA ALA H 29 27.36 -20.71 8.33
C ALA H 29 27.01 -20.67 9.80
N ARG H 30 25.99 -19.93 10.16
CA ARG H 30 25.51 -19.80 11.52
C ARG H 30 24.18 -20.45 11.78
N SER H 31 23.91 -21.50 11.02
CA SER H 31 22.63 -22.26 11.22
C SER H 31 22.97 -23.75 11.41
N PRO H 32 22.30 -24.37 12.37
CA PRO H 32 22.53 -25.81 12.66
C PRO H 32 22.12 -26.67 11.47
N ARG H 33 22.85 -27.72 11.20
CA ARG H 33 22.49 -28.64 10.12
C ARG H 33 21.71 -29.83 10.69
N GLN H 34 21.85 -30.05 11.99
CA GLN H 34 21.13 -31.15 12.67
C GLN H 34 19.78 -30.61 13.18
N ALA H 35 18.81 -31.48 13.29
CA ALA H 35 17.48 -31.16 13.79
C ALA H 35 17.56 -30.78 15.27
N LEU H 36 16.72 -29.86 15.68
CA LEU H 36 16.69 -29.46 17.10
C LEU H 36 16.15 -30.69 17.86
N VAL H 37 16.55 -30.84 19.10
CA VAL H 37 16.02 -31.99 19.88
C VAL H 37 14.90 -31.46 20.76
N SER H 38 13.70 -31.96 20.57
CA SER H 38 12.56 -31.48 21.39
C SER H 38 12.63 -32.12 22.78
N ILE H 39 12.32 -31.34 23.79
CA ILE H 39 12.29 -31.78 25.17
C ILE H 39 11.06 -31.19 25.86
N PRO H 40 10.52 -31.98 26.77
CA PRO H 40 9.33 -31.56 27.55
C PRO H 40 9.75 -30.39 28.44
N GLN H 41 8.77 -29.61 28.82
CA GLN H 41 8.99 -28.42 29.68
C GLN H 41 9.12 -28.88 31.14
N SER H 42 10.10 -28.31 31.81
CA SER H 42 10.37 -28.56 33.23
C SER H 42 10.55 -27.17 33.89
N ILE H 43 10.91 -27.20 35.14
CA ILE H 43 11.10 -25.94 35.89
C ILE H 43 12.19 -25.10 35.23
N SER H 44 13.10 -25.76 34.55
CA SER H 44 14.24 -25.12 33.90
C SER H 44 13.79 -24.13 32.81
N GLU H 45 12.85 -24.57 32.01
CA GLU H 45 12.28 -23.90 30.87
C GLU H 45 11.07 -23.01 31.14
N THR H 46 10.23 -23.39 32.09
CA THR H 46 9.02 -22.67 32.45
C THR H 46 9.22 -21.55 33.45
N THR H 47 10.45 -21.28 33.85
CA THR H 47 10.77 -20.19 34.78
C THR H 47 11.70 -19.20 34.07
N GLY H 48 11.84 -18.04 34.70
CA GLY H 48 12.71 -16.96 34.19
C GLY H 48 12.73 -15.80 35.20
N PRO H 49 13.65 -14.88 34.98
CA PRO H 49 13.85 -13.73 35.82
C PRO H 49 12.68 -12.75 35.83
N ASN H 50 12.57 -12.10 36.96
CA ASN H 50 11.58 -11.06 37.24
C ASN H 50 12.43 -9.80 37.47
N PHE H 51 12.15 -8.78 36.67
CA PHE H 51 12.97 -7.53 36.78
C PHE H 51 12.31 -6.40 37.52
N SER H 52 11.31 -6.68 38.31
CA SER H 52 10.62 -5.68 39.09
C SER H 52 11.54 -4.89 39.99
N HIS H 53 12.64 -5.45 40.43
CA HIS H 53 13.57 -4.76 41.32
C HIS H 53 14.79 -4.21 40.68
N LEU H 54 14.84 -4.23 39.36
CA LEU H 54 16.03 -3.62 38.67
C LEU H 54 15.84 -2.10 38.88
N GLY H 55 16.92 -1.42 39.11
CA GLY H 55 16.92 0.02 39.35
C GLY H 55 17.01 0.82 38.06
N PHE H 56 15.85 1.17 37.54
CA PHE H 56 15.71 1.92 36.30
C PHE H 56 15.92 3.42 36.51
N GLY H 57 16.77 3.97 35.69
CA GLY H 57 17.06 5.42 35.67
C GLY H 57 15.74 6.11 35.27
N ALA H 58 15.64 7.36 35.61
CA ALA H 58 14.46 8.18 35.35
C ALA H 58 14.14 8.28 33.88
N HIS H 59 15.17 8.27 33.05
CA HIS H 59 14.98 8.36 31.59
C HIS H 59 15.40 7.12 30.84
N ASP H 60 15.32 5.98 31.47
CA ASP H 60 15.76 4.72 30.79
C ASP H 60 15.00 4.53 29.48
N HIS H 61 13.76 4.95 29.45
CA HIS H 61 12.88 4.81 28.31
C HIS H 61 12.76 6.00 27.38
N ASP H 62 13.51 7.05 27.66
CA ASP H 62 13.47 8.29 26.89
C ASP H 62 14.81 8.57 26.19
N LEU H 63 14.91 8.10 24.95
CA LEU H 63 16.08 8.21 24.12
C LEU H 63 16.39 9.64 23.68
N LEU H 64 15.53 10.56 24.00
CA LEU H 64 15.62 11.97 23.72
C LEU H 64 16.42 12.68 24.82
N LEU H 65 16.34 12.16 26.03
CA LEU H 65 17.00 12.67 27.20
C LEU H 65 18.08 11.81 27.83
N ASN H 66 18.05 10.53 27.63
CA ASN H 66 18.94 9.56 28.23
C ASN H 66 20.37 9.53 27.78
N PHE H 67 20.77 10.20 26.74
CA PHE H 67 22.17 10.11 26.31
C PHE H 67 23.00 11.23 26.99
N GLY H 71 21.84 18.90 24.84
CA GLY H 71 21.20 19.07 23.53
C GLY H 71 20.16 17.99 23.25
N LEU H 72 19.39 18.28 22.22
CA LEU H 72 18.29 17.40 21.74
C LEU H 72 18.77 16.76 20.46
N PRO H 73 18.47 15.48 20.31
CA PRO H 73 18.83 14.73 19.11
C PRO H 73 18.08 15.38 17.91
N ILE H 74 18.65 15.13 16.74
CA ILE H 74 18.07 15.60 15.48
C ILE H 74 17.33 14.39 14.87
N GLY H 75 16.14 14.61 14.39
CA GLY H 75 15.33 13.54 13.78
C GLY H 75 13.86 13.72 14.16
N GLU H 76 13.05 12.85 13.58
CA GLU H 76 11.59 12.82 13.79
C GLU H 76 11.32 12.27 15.19
N ARG H 77 10.74 13.12 15.99
CA ARG H 77 10.40 12.77 17.38
C ARG H 77 9.20 11.85 17.31
N ILE H 78 9.29 10.73 18.02
CA ILE H 78 8.18 9.77 18.03
C ILE H 78 8.11 9.04 19.37
N ILE H 79 6.94 8.57 19.65
CA ILE H 79 6.65 7.74 20.84
C ILE H 79 6.45 6.32 20.27
N VAL H 80 7.08 5.34 20.84
CA VAL H 80 6.84 3.91 20.37
C VAL H 80 6.14 3.29 21.59
N ALA H 81 4.93 2.89 21.41
CA ALA H 81 4.10 2.33 22.46
C ALA H 81 3.32 1.12 21.98
N GLY H 82 2.81 0.37 22.94
CA GLY H 82 2.03 -0.82 22.66
C GLY H 82 1.85 -1.64 23.92
N ARG H 83 1.33 -2.83 23.69
CA ARG H 83 1.05 -3.74 24.84
C ARG H 83 1.67 -5.09 24.53
N VAL H 84 2.08 -5.75 25.61
CA VAL H 84 2.66 -7.11 25.53
C VAL H 84 1.58 -8.04 26.12
N VAL H 85 1.15 -8.97 25.30
CA VAL H 85 0.11 -9.95 25.71
C VAL H 85 0.60 -11.33 25.23
N ASP H 86 0.01 -12.35 25.77
CA ASP H 86 0.38 -13.75 25.40
C ASP H 86 -0.63 -14.19 24.35
N GLN H 87 -0.42 -15.35 23.79
CA GLN H 87 -1.32 -15.89 22.76
C GLN H 87 -2.77 -15.96 23.21
N TYR H 88 -3.03 -16.00 24.51
CA TYR H 88 -4.41 -16.07 24.98
C TYR H 88 -5.04 -14.70 25.02
N GLY H 89 -4.23 -13.66 24.85
CA GLY H 89 -4.70 -12.27 24.83
C GLY H 89 -4.56 -11.67 26.22
N LYS H 90 -3.88 -12.42 27.05
CA LYS H 90 -3.65 -12.00 28.46
C LYS H 90 -2.45 -11.10 28.51
N PRO H 91 -2.60 -9.98 29.21
CA PRO H 91 -1.54 -8.99 29.37
C PRO H 91 -0.40 -9.55 30.20
N VAL H 92 0.80 -9.12 29.86
CA VAL H 92 2.03 -9.54 30.55
C VAL H 92 2.60 -8.35 31.34
N PRO H 93 2.20 -8.24 32.59
CA PRO H 93 2.64 -7.13 33.46
C PRO H 93 4.08 -7.28 33.90
N ASN H 94 4.71 -6.18 34.23
CA ASN H 94 6.05 -6.00 34.71
C ASN H 94 7.07 -6.90 34.03
N THR H 95 7.05 -6.89 32.73
CA THR H 95 8.01 -7.66 31.92
C THR H 95 9.03 -6.68 31.38
N LEU H 96 10.24 -7.16 31.12
CA LEU H 96 11.34 -6.34 30.65
C LEU H 96 11.34 -6.18 29.13
N VAL H 97 11.30 -4.95 28.71
CA VAL H 97 11.33 -4.53 27.31
C VAL H 97 12.56 -3.64 27.07
N GLU H 98 13.44 -4.12 26.21
CA GLU H 98 14.66 -3.39 25.84
C GLU H 98 14.68 -3.11 24.35
N MET H 99 15.25 -1.99 23.98
CA MET H 99 15.30 -1.60 22.52
C MET H 99 16.57 -0.82 22.24
N TRP H 100 17.02 -0.92 21.01
CA TRP H 100 18.24 -0.23 20.56
C TRP H 100 18.03 0.07 19.09
N GLN H 101 18.74 1.10 18.59
CA GLN H 101 18.59 1.51 17.20
C GLN H 101 19.71 2.46 16.78
N ALA H 102 19.69 2.77 15.49
CA ALA H 102 20.64 3.72 14.88
C ALA H 102 20.00 5.11 15.03
N ASN H 103 20.75 6.12 14.61
CA ASN H 103 20.24 7.51 14.70
C ASN H 103 19.43 7.83 13.44
N ALA H 104 19.05 9.11 13.36
CA ALA H 104 18.25 9.63 12.24
C ALA H 104 18.89 9.37 10.90
N GLY H 105 20.20 9.28 10.81
CA GLY H 105 20.95 9.02 9.62
C GLY H 105 21.28 7.57 9.31
N GLY H 106 20.95 6.70 10.23
CA GLY H 106 21.23 5.25 10.07
C GLY H 106 22.60 4.90 10.64
N ARG H 107 23.08 5.68 11.57
CA ARG H 107 24.39 5.43 12.20
C ARG H 107 24.21 4.88 13.60
N TYR H 108 24.90 3.77 13.86
CA TYR H 108 24.84 3.12 15.21
C TYR H 108 26.02 3.59 16.06
N ARG H 109 25.75 3.83 17.33
CA ARG H 109 26.82 4.26 18.27
C ARG H 109 27.46 2.95 18.79
N HIS H 110 28.20 2.33 17.88
CA HIS H 110 28.91 1.09 18.06
C HIS H 110 30.24 1.10 17.29
N LYS H 111 31.26 0.67 17.98
CA LYS H 111 32.64 0.55 17.60
C LYS H 111 32.80 0.02 16.17
N ASN H 112 32.06 -1.03 15.90
CA ASN H 112 32.11 -1.69 14.60
C ASN H 112 31.34 -1.01 13.49
N ASP H 113 30.59 0.06 13.76
CA ASP H 113 29.82 0.73 12.73
C ASP H 113 30.70 1.75 12.00
N ARG H 114 30.98 1.44 10.76
CA ARG H 114 31.83 2.31 9.93
C ARG H 114 31.05 3.11 8.90
N TYR H 115 29.74 3.09 8.96
CA TYR H 115 28.91 3.83 7.98
C TYR H 115 29.30 5.30 8.06
N LEU H 116 29.41 5.92 6.92
CA LEU H 116 29.80 7.32 6.77
C LEU H 116 28.84 8.32 7.33
N ALA H 117 27.58 7.99 7.54
CA ALA H 117 26.63 8.99 8.14
C ALA H 117 27.19 9.21 9.54
N PRO H 118 27.12 10.46 10.00
CA PRO H 118 27.67 10.84 11.29
C PRO H 118 26.88 10.40 12.50
N LEU H 119 27.59 10.44 13.62
CA LEU H 119 26.97 10.13 14.91
C LEU H 119 26.23 11.42 15.33
N ASP H 120 25.34 11.27 16.26
CA ASP H 120 24.59 12.46 16.79
C ASP H 120 25.04 12.56 18.24
N PRO H 121 25.70 13.68 18.56
CA PRO H 121 26.24 13.95 19.87
C PRO H 121 25.28 13.90 21.02
N ASN H 122 23.98 13.93 20.78
CA ASN H 122 22.95 13.89 21.80
C ASN H 122 22.11 12.61 21.78
N PHE H 123 22.61 11.64 21.06
CA PHE H 123 21.85 10.37 20.90
C PHE H 123 22.70 9.12 21.08
N GLY H 124 22.23 8.26 21.98
CA GLY H 124 22.88 6.97 22.30
C GLY H 124 22.20 5.83 21.51
N GLY H 125 20.91 5.65 21.69
CA GLY H 125 20.12 4.64 21.01
C GLY H 125 19.70 3.41 21.77
N VAL H 126 19.60 3.50 23.08
CA VAL H 126 19.20 2.42 23.94
C VAL H 126 18.15 2.89 24.96
N GLY H 127 17.16 2.06 25.12
CA GLY H 127 16.07 2.35 26.10
C GLY H 127 15.67 0.98 26.68
N ARG H 128 15.01 1.03 27.78
CA ARG H 128 14.51 -0.13 28.51
C ARG H 128 13.38 0.43 29.40
N CYS H 129 12.54 -0.51 29.76
CA CYS H 129 11.41 -0.17 30.64
C CYS H 129 10.63 -1.45 30.93
N LEU H 130 9.77 -1.30 31.90
CA LEU H 130 8.95 -2.38 32.42
C LEU H 130 7.51 -2.19 32.03
N THR H 131 6.87 -3.24 31.54
CA THR H 131 5.44 -3.08 31.20
C THR H 131 4.73 -2.89 32.55
N ASP H 132 3.56 -2.30 32.44
CA ASP H 132 2.72 -1.98 33.60
C ASP H 132 1.72 -3.08 33.87
N SER H 133 0.89 -2.83 34.86
CA SER H 133 -0.15 -3.83 35.23
C SER H 133 -0.97 -4.23 34.03
N ASP H 134 -1.09 -3.42 33.00
CA ASP H 134 -1.90 -3.79 31.84
C ASP H 134 -1.16 -4.36 30.66
N GLY H 135 0.15 -4.40 30.74
CA GLY H 135 1.00 -4.89 29.69
C GLY H 135 1.54 -3.82 28.77
N TYR H 136 1.32 -2.54 29.14
CA TYR H 136 1.75 -1.39 28.39
C TYR H 136 3.17 -0.93 28.65
N TYR H 137 3.80 -0.55 27.56
CA TYR H 137 5.17 -0.02 27.56
C TYR H 137 5.12 1.22 26.62
N SER H 138 6.14 2.04 26.80
CA SER H 138 6.26 3.19 25.90
C SER H 138 7.64 3.79 26.03
N PHE H 139 8.15 4.16 24.86
CA PHE H 139 9.46 4.78 24.71
C PHE H 139 9.30 6.11 23.95
N ARG H 140 10.33 6.90 24.08
CA ARG H 140 10.40 8.19 23.39
C ARG H 140 11.74 8.21 22.70
N THR H 141 11.68 8.40 21.39
CA THR H 141 12.96 8.37 20.60
C THR H 141 12.70 9.19 19.31
N ILE H 142 13.61 9.06 18.39
CA ILE H 142 13.53 9.65 17.07
C ILE H 142 13.55 8.43 16.08
N LYS H 143 12.93 8.63 14.93
CA LYS H 143 12.82 7.61 13.90
C LYS H 143 14.17 7.35 13.29
N PRO H 144 14.61 6.10 13.32
CA PRO H 144 15.90 5.71 12.76
C PRO H 144 15.88 5.74 11.23
N GLY H 145 17.04 5.82 10.63
CA GLY H 145 17.20 5.81 9.19
C GLY H 145 17.69 4.47 8.68
N PRO H 146 17.41 4.22 7.41
CA PRO H 146 17.81 2.99 6.72
C PRO H 146 19.33 2.89 6.84
N TYR H 147 19.76 1.65 6.73
CA TYR H 147 21.21 1.30 6.84
C TYR H 147 21.67 0.34 5.77
N PRO H 148 22.69 0.74 5.00
CA PRO H 148 23.29 -0.12 3.96
C PRO H 148 24.20 -1.12 4.72
N TRP H 149 24.34 -2.31 4.19
CA TRP H 149 25.17 -3.34 4.86
C TRP H 149 25.70 -4.32 3.84
N ARG H 150 26.80 -4.95 4.18
CA ARG H 150 27.42 -5.88 3.24
C ARG H 150 26.71 -7.20 3.15
N ASN H 151 25.70 -7.32 2.33
CA ASN H 151 24.97 -8.58 2.08
C ASN H 151 25.12 -8.71 0.52
N GLY H 152 24.09 -8.26 -0.15
CA GLY H 152 24.15 -8.24 -1.65
C GLY H 152 24.93 -6.88 -1.85
N PRO H 153 25.24 -6.59 -3.09
CA PRO H 153 25.98 -5.38 -3.45
C PRO H 153 25.23 -4.08 -3.18
N ASN H 154 23.92 -4.16 -2.97
CA ASN H 154 23.11 -2.96 -2.72
C ASN H 154 21.94 -3.23 -1.81
N ASP H 155 22.19 -3.80 -0.65
CA ASP H 155 21.19 -4.12 0.38
C ASP H 155 21.15 -2.96 1.37
N TRP H 156 19.93 -2.64 1.76
CA TRP H 156 19.66 -1.58 2.73
C TRP H 156 18.63 -2.07 3.71
N ARG H 157 18.94 -1.99 4.98
CA ARG H 157 17.93 -2.40 5.98
C ARG H 157 16.90 -1.25 6.04
N PRO H 158 15.65 -1.61 6.22
CA PRO H 158 14.60 -0.62 6.40
C PRO H 158 14.85 0.05 7.75
N ALA H 159 14.19 1.20 8.00
CA ALA H 159 14.38 1.81 9.34
C ALA H 159 13.82 0.72 10.27
N HIS H 160 14.49 0.45 11.35
CA HIS H 160 14.00 -0.59 12.28
C HIS H 160 14.50 -0.31 13.70
N ILE H 161 13.76 -0.85 14.64
CA ILE H 161 14.18 -0.75 16.08
C ILE H 161 14.33 -2.20 16.56
N HIS H 162 15.45 -2.47 17.20
CA HIS H 162 15.69 -3.85 17.75
C HIS H 162 14.99 -3.91 19.09
N PHE H 163 14.23 -4.97 19.33
CA PHE H 163 13.50 -5.18 20.60
C PHE H 163 13.92 -6.53 21.24
N GLY H 164 13.83 -6.55 22.56
CA GLY H 164 14.12 -7.71 23.38
C GLY H 164 13.04 -7.72 24.47
N ILE H 165 12.35 -8.86 24.55
CA ILE H 165 11.25 -9.01 25.53
C ILE H 165 11.50 -10.26 26.37
N SER H 166 11.39 -10.10 27.68
CA SER H 166 11.61 -11.22 28.61
C SER H 166 10.42 -12.17 28.71
N GLY H 167 9.28 -11.68 29.15
CA GLY H 167 8.09 -12.58 29.32
C GLY H 167 8.31 -13.25 30.72
N PRO H 168 7.36 -14.10 31.09
CA PRO H 168 7.37 -14.81 32.34
C PRO H 168 8.40 -15.91 32.49
N SER H 169 9.10 -16.27 31.43
CA SER H 169 10.10 -17.33 31.51
C SER H 169 11.07 -17.30 30.36
N ILE H 170 12.09 -18.13 30.39
CA ILE H 170 13.08 -18.23 29.33
C ILE H 170 12.48 -18.80 28.05
N ALA H 171 11.35 -19.46 28.15
CA ALA H 171 10.66 -20.07 27.00
C ALA H 171 9.92 -19.05 26.13
N THR H 172 9.59 -17.92 26.72
CA THR H 172 8.88 -16.83 26.09
C THR H 172 9.77 -15.72 25.63
N LYS H 173 10.99 -15.64 26.11
CA LYS H 173 11.99 -14.61 25.76
C LYS H 173 12.16 -14.53 24.26
N LEU H 174 12.10 -13.26 23.79
CA LEU H 174 12.20 -12.99 22.35
C LEU H 174 13.00 -11.76 22.02
N ILE H 175 13.68 -11.84 20.89
CA ILE H 175 14.43 -10.75 20.29
C ILE H 175 13.81 -10.57 18.87
N THR H 176 13.41 -9.34 18.59
CA THR H 176 12.77 -9.07 17.29
C THR H 176 13.13 -7.67 16.80
N GLN H 177 12.45 -7.27 15.72
CA GLN H 177 12.67 -5.97 15.08
C GLN H 177 11.33 -5.33 14.72
N LEU H 178 11.22 -4.05 14.98
CA LEU H 178 10.02 -3.23 14.63
C LEU H 178 10.34 -2.54 13.30
N TYR H 179 9.40 -2.51 12.40
CA TYR H 179 9.53 -1.86 11.08
C TYR H 179 8.42 -0.79 11.05
N PHE H 180 8.56 0.21 10.20
CA PHE H 180 7.55 1.30 10.15
C PHE H 180 6.62 1.16 8.96
N GLU H 181 5.36 1.42 9.26
CA GLU H 181 4.29 1.34 8.28
C GLU H 181 4.64 2.09 7.02
N GLY H 182 4.49 1.41 5.88
CA GLY H 182 4.70 1.92 4.57
C GLY H 182 6.04 1.96 3.95
N ASP H 183 7.07 1.70 4.75
CA ASP H 183 8.47 1.66 4.30
C ASP H 183 8.63 0.70 3.13
N PRO H 184 8.99 1.30 1.98
CA PRO H 184 9.16 0.56 0.74
C PRO H 184 10.33 -0.38 0.78
N LEU H 185 11.25 -0.17 1.70
CA LEU H 185 12.43 -1.01 1.86
C LEU H 185 12.04 -2.40 2.39
N ILE H 186 11.02 -2.45 3.17
CA ILE H 186 10.54 -3.65 3.84
C ILE H 186 10.52 -4.90 3.00
N PRO H 187 9.73 -4.88 1.92
CA PRO H 187 9.59 -6.05 1.06
C PRO H 187 10.85 -6.45 0.36
N MET H 188 11.94 -5.73 0.48
CA MET H 188 13.15 -6.09 -0.25
C MET H 188 14.23 -6.66 0.65
N CYS H 189 14.11 -6.51 1.92
CA CYS H 189 15.08 -6.98 2.89
C CYS H 189 15.14 -8.48 3.13
N PRO H 190 16.32 -9.03 2.93
CA PRO H 190 16.59 -10.46 3.10
C PRO H 190 16.37 -10.92 4.51
N ILE H 191 16.55 -10.08 5.50
CA ILE H 191 16.29 -10.42 6.90
C ILE H 191 14.79 -10.50 7.11
N VAL H 192 14.05 -9.49 6.68
CA VAL H 192 12.58 -9.50 6.78
C VAL H 192 12.09 -10.79 6.08
N LYS H 193 12.63 -11.07 4.92
CA LYS H 193 12.30 -12.20 4.07
C LYS H 193 12.71 -13.56 4.60
N SER H 194 13.36 -13.61 5.75
CA SER H 194 13.72 -14.88 6.42
C SER H 194 12.40 -15.45 6.92
N ILE H 195 11.41 -14.57 7.06
CA ILE H 195 10.05 -14.98 7.50
C ILE H 195 9.29 -15.36 6.23
N ALA H 196 8.91 -16.61 6.09
CA ALA H 196 8.19 -17.07 4.91
C ALA H 196 6.76 -16.61 4.78
N ASN H 197 6.06 -16.33 5.84
CA ASN H 197 4.67 -15.94 5.85
C ASN H 197 4.43 -14.44 5.90
N PRO H 198 3.85 -13.93 4.84
CA PRO H 198 3.52 -12.51 4.69
C PRO H 198 2.71 -12.02 5.87
N GLU H 199 1.85 -12.88 6.39
CA GLU H 199 1.05 -12.49 7.54
C GLU H 199 1.95 -12.32 8.75
N ALA H 200 3.05 -13.05 8.79
CA ALA H 200 3.98 -12.95 9.95
C ALA H 200 4.70 -11.62 9.88
N VAL H 201 5.12 -11.28 8.66
CA VAL H 201 5.82 -10.01 8.39
C VAL H 201 5.00 -8.82 8.91
N GLN H 202 3.71 -8.86 8.65
CA GLN H 202 2.78 -7.81 9.07
C GLN H 202 2.79 -7.57 10.56
N GLN H 203 3.09 -8.61 11.34
CA GLN H 203 3.08 -8.47 12.81
C GLN H 203 4.24 -7.60 13.30
N LEU H 204 5.23 -7.41 12.46
CA LEU H 204 6.42 -6.66 12.78
C LEU H 204 6.36 -5.17 12.37
N ILE H 205 5.24 -4.81 11.76
CA ILE H 205 5.12 -3.39 11.30
C ILE H 205 4.33 -2.55 12.28
N ALA H 206 5.01 -1.54 12.81
CA ALA H 206 4.34 -0.63 13.77
C ALA H 206 3.44 0.28 12.92
N LYS H 207 2.28 0.59 13.43
CA LYS H 207 1.30 1.44 12.76
C LYS H 207 1.29 2.86 13.34
N LEU H 208 1.16 3.82 12.43
CA LEU H 208 1.09 5.24 12.79
C LEU H 208 -0.14 5.35 13.70
N ASP H 209 0.10 6.00 14.80
CA ASP H 209 -0.93 6.21 15.82
C ASP H 209 -1.12 7.68 16.14
N MET H 210 -1.95 8.35 15.35
CA MET H 210 -2.24 9.78 15.53
C MET H 210 -2.88 10.05 16.89
N ASN H 211 -3.69 9.15 17.36
CA ASN H 211 -4.41 9.32 18.63
C ASN H 211 -3.47 9.40 19.84
N ASN H 212 -2.27 8.96 19.71
CA ASN H 212 -1.27 8.96 20.78
C ASN H 212 -0.19 10.01 20.58
N ALA H 213 -0.25 10.69 19.45
CA ALA H 213 0.73 11.74 19.13
C ALA H 213 0.50 12.96 20.03
N ASN H 214 1.54 13.71 20.20
CA ASN H 214 1.47 14.96 20.98
C ASN H 214 1.47 16.10 19.93
N PRO H 215 0.28 16.66 19.74
CA PRO H 215 0.11 17.75 18.75
C PRO H 215 1.26 18.75 18.90
N MET H 216 1.85 19.19 17.83
CA MET H 216 2.95 20.14 17.77
C MET H 216 4.18 19.62 18.50
N ASP H 217 4.26 18.32 18.71
CA ASP H 217 5.48 17.80 19.45
C ASP H 217 6.11 16.61 18.76
N CYS H 218 5.31 15.54 18.81
CA CYS H 218 5.76 14.25 18.21
C CYS H 218 4.63 13.33 17.84
N LEU H 219 4.94 12.51 16.88
CA LEU H 219 4.13 11.46 16.29
C LEU H 219 4.27 10.20 17.15
N ALA H 220 3.46 9.18 16.83
CA ALA H 220 3.47 7.93 17.61
C ALA H 220 3.14 6.75 16.72
N TYR H 221 3.81 5.64 17.08
CA TYR H 221 3.65 4.35 16.41
C TYR H 221 3.26 3.34 17.48
N ARG H 222 2.36 2.46 17.10
CA ARG H 222 1.84 1.42 18.00
C ARG H 222 2.47 0.07 17.65
N PHE H 223 3.06 -0.57 18.67
CA PHE H 223 3.71 -1.88 18.41
C PHE H 223 3.35 -2.88 19.52
N ASP H 224 2.38 -3.73 19.22
CA ASP H 224 1.93 -4.78 20.17
C ASP H 224 2.78 -6.02 19.94
N ILE H 225 3.07 -6.69 21.04
CA ILE H 225 3.91 -7.90 20.99
C ILE H 225 3.16 -9.05 21.64
N VAL H 226 3.18 -10.20 20.97
CA VAL H 226 2.49 -11.39 21.45
C VAL H 226 3.58 -12.43 21.82
N LEU H 227 3.51 -12.86 23.04
CA LEU H 227 4.47 -13.88 23.55
C LEU H 227 3.70 -15.20 23.60
N ARG H 228 4.42 -16.28 23.80
CA ARG H 228 3.81 -17.63 23.87
C ARG H 228 2.72 -17.66 24.94
N GLY H 229 1.65 -18.33 24.57
CA GLY H 229 0.50 -18.48 25.51
C GLY H 229 1.00 -19.37 26.67
N GLN H 230 0.54 -19.00 27.82
CA GLN H 230 0.83 -19.66 29.11
C GLN H 230 -0.45 -20.30 29.62
N ARG H 231 -0.38 -21.60 29.87
CA ARG H 231 -1.60 -22.29 30.40
C ARG H 231 -1.18 -23.03 31.66
N LYS H 232 -2.16 -23.41 32.44
CA LYS H 232 -1.91 -24.19 33.67
C LYS H 232 -1.86 -25.64 33.17
N THR H 233 -1.06 -26.43 33.86
CA THR H 233 -0.91 -27.87 33.44
C THR H 233 -2.21 -28.56 33.82
N HIS H 234 -2.50 -29.66 33.18
CA HIS H 234 -3.74 -30.42 33.47
C HIS H 234 -3.47 -31.91 33.28
N PHE H 235 -4.17 -32.70 34.09
CA PHE H 235 -4.03 -34.17 34.10
C PHE H 235 -2.59 -34.55 33.81
N GLU H 236 -1.63 -33.82 34.32
CA GLU H 236 -0.21 -34.13 34.03
C GLU H 236 0.42 -35.31 34.69
N PRO I 1 8.45 1.22 -5.95
CA PRO I 1 9.74 1.80 -6.42
C PRO I 1 9.83 1.61 -7.93
N ILE I 2 10.91 2.11 -8.53
CA ILE I 2 11.13 1.98 -9.96
C ILE I 2 11.65 0.60 -10.34
N GLU I 3 11.22 0.11 -11.48
CA GLU I 3 11.67 -1.19 -12.03
C GLU I 3 12.11 -0.93 -13.49
N LEU I 4 13.25 -1.52 -13.85
CA LEU I 4 13.78 -1.37 -15.23
C LEU I 4 13.34 -2.62 -16.02
N LEU I 5 13.86 -2.79 -17.21
CA LEU I 5 13.54 -4.03 -17.98
C LEU I 5 14.44 -5.10 -17.22
N PRO I 6 13.93 -6.29 -17.12
CA PRO I 6 14.67 -7.37 -16.45
C PRO I 6 15.73 -7.93 -17.37
N GLU I 7 16.90 -8.20 -16.80
CA GLU I 7 18.03 -8.76 -17.55
C GLU I 7 17.68 -10.16 -18.03
N THR I 8 18.23 -10.52 -19.21
CA THR I 8 17.99 -11.90 -19.72
C THR I 8 18.67 -12.88 -18.72
N PRO I 9 17.90 -13.89 -18.34
CA PRO I 9 18.41 -14.90 -17.40
C PRO I 9 19.50 -15.77 -17.98
N SER I 10 20.41 -16.11 -17.08
CA SER I 10 21.55 -17.01 -17.41
C SER I 10 21.10 -18.44 -17.61
N GLN I 11 21.94 -19.22 -18.24
CA GLN I 11 21.73 -20.67 -18.48
C GLN I 11 23.08 -21.35 -18.55
N THR I 12 23.19 -22.55 -18.02
CA THR I 12 24.50 -23.27 -18.05
C THR I 12 25.00 -23.19 -19.50
N ALA I 13 26.34 -23.30 -19.65
CA ALA I 13 26.96 -23.25 -20.98
C ALA I 13 26.86 -24.61 -21.64
N GLY I 14 26.61 -25.63 -20.84
CA GLY I 14 26.45 -27.00 -21.28
C GLY I 14 27.81 -27.65 -21.46
N PRO I 15 27.80 -28.96 -21.71
CA PRO I 15 28.99 -29.74 -21.91
C PRO I 15 29.69 -29.51 -23.23
N TYR I 16 28.95 -29.03 -24.22
CA TYR I 16 29.50 -28.81 -25.56
C TYR I 16 29.85 -27.39 -25.88
N VAL I 17 30.09 -26.58 -24.85
CA VAL I 17 30.43 -25.17 -24.99
C VAL I 17 31.56 -24.97 -26.00
N HIS I 18 32.40 -25.99 -26.06
CA HIS I 18 33.59 -25.98 -26.93
C HIS I 18 33.28 -25.71 -28.39
N ILE I 19 32.24 -26.35 -28.89
CA ILE I 19 31.89 -26.18 -30.31
C ILE I 19 31.73 -24.70 -30.64
N GLY I 20 31.30 -23.90 -29.68
CA GLY I 20 31.09 -22.48 -29.91
C GLY I 20 32.19 -21.54 -29.48
N LEU I 21 32.80 -21.82 -28.34
CA LEU I 21 33.85 -20.98 -27.76
C LEU I 21 35.25 -21.54 -27.69
N ALA I 22 35.46 -22.77 -28.07
CA ALA I 22 36.77 -23.41 -28.05
C ALA I 22 36.79 -24.57 -29.05
N LEU I 23 36.68 -24.16 -30.32
CA LEU I 23 36.62 -25.03 -31.49
C LEU I 23 37.63 -26.15 -31.52
N GLU I 24 38.86 -25.77 -31.27
CA GLU I 24 39.99 -26.75 -31.24
C GLU I 24 39.57 -27.89 -30.32
N ALA I 25 39.40 -27.56 -29.04
CA ALA I 25 39.00 -28.47 -27.99
C ALA I 25 37.85 -29.35 -28.44
N ALA I 26 36.88 -28.70 -29.07
CA ALA I 26 35.69 -29.43 -29.57
C ALA I 26 36.15 -30.44 -30.61
N GLY I 27 37.31 -30.14 -31.17
CA GLY I 27 37.97 -30.97 -32.18
C GLY I 27 37.42 -30.66 -33.57
N ASN I 28 36.99 -29.43 -33.75
CA ASN I 28 36.44 -28.96 -35.03
C ASN I 28 37.44 -27.93 -35.59
N PRO I 29 37.32 -27.69 -36.88
CA PRO I 29 38.18 -26.74 -37.58
C PRO I 29 37.96 -25.35 -37.01
N THR I 30 39.05 -24.61 -36.85
CA THR I 30 38.92 -23.25 -36.30
C THR I 30 38.69 -22.29 -37.45
N ARG I 31 38.55 -21.03 -37.12
CA ARG I 31 38.31 -19.93 -38.08
C ARG I 31 39.60 -19.12 -38.19
N ASP I 32 39.62 -18.15 -39.08
CA ASP I 32 40.81 -17.32 -39.28
C ASP I 32 41.28 -16.78 -37.93
N GLN I 33 40.32 -16.13 -37.28
CA GLN I 33 40.59 -15.50 -35.97
C GLN I 33 39.72 -16.03 -34.85
N GLU I 34 40.44 -16.45 -33.81
CA GLU I 34 39.83 -17.00 -32.60
C GLU I 34 40.38 -16.30 -31.36
N ILE I 35 39.55 -16.22 -30.34
CA ILE I 35 39.97 -15.62 -29.05
C ILE I 35 40.47 -16.83 -28.25
N TRP I 36 41.75 -16.86 -27.93
CA TRP I 36 42.31 -18.01 -27.18
C TRP I 36 43.16 -17.63 -26.01
N ASN I 37 43.95 -18.60 -25.54
CA ASN I 37 44.77 -18.46 -24.35
C ASN I 37 46.11 -17.81 -24.46
N ARG I 38 46.32 -16.93 -25.40
CA ARG I 38 47.66 -16.25 -25.52
C ARG I 38 47.47 -14.76 -25.54
N LEU I 39 47.44 -14.14 -24.37
CA LEU I 39 47.22 -12.71 -24.24
C LEU I 39 48.36 -11.85 -24.74
N ALA I 40 49.58 -12.39 -24.60
CA ALA I 40 50.76 -11.61 -25.01
C ALA I 40 51.63 -12.29 -26.04
N LYS I 41 52.15 -11.42 -26.90
CA LYS I 41 53.11 -11.88 -27.95
C LYS I 41 54.50 -11.71 -27.28
N PRO I 42 55.40 -12.58 -27.69
CA PRO I 42 56.76 -12.64 -27.18
C PRO I 42 57.32 -11.26 -26.87
N ASP I 43 57.03 -10.34 -27.79
CA ASP I 43 57.51 -8.97 -27.68
C ASP I 43 56.66 -8.03 -26.88
N ALA I 44 55.85 -8.55 -26.00
CA ALA I 44 54.97 -7.72 -25.15
C ALA I 44 55.76 -7.36 -23.88
N PRO I 45 55.71 -6.08 -23.55
CA PRO I 45 56.40 -5.57 -22.36
C PRO I 45 55.80 -6.18 -21.09
N GLY I 46 56.64 -6.38 -20.10
CA GLY I 46 56.24 -6.92 -18.79
C GLY I 46 56.84 -8.30 -18.62
N GLU I 47 56.65 -8.85 -17.42
CA GLU I 47 57.17 -10.20 -17.13
C GLU I 47 56.21 -11.24 -17.70
N HIS I 48 56.70 -12.01 -18.65
CA HIS I 48 55.89 -13.08 -19.27
C HIS I 48 55.82 -14.27 -18.31
N ILE I 49 54.60 -14.72 -18.08
CA ILE I 49 54.32 -15.84 -17.17
C ILE I 49 53.35 -16.82 -17.79
N LEU I 50 53.30 -18.01 -17.20
CA LEU I 50 52.40 -19.08 -17.64
C LEU I 50 51.46 -19.34 -16.46
N LEU I 51 50.18 -19.47 -16.78
CA LEU I 51 49.17 -19.74 -15.72
C LEU I 51 48.58 -21.12 -16.02
N LEU I 52 48.37 -21.88 -14.98
CA LEU I 52 47.79 -23.23 -15.12
C LEU I 52 47.03 -23.54 -13.83
N GLY I 53 46.16 -24.51 -13.95
CA GLY I 53 45.36 -24.95 -12.80
C GLY I 53 44.32 -25.94 -13.26
N GLN I 54 43.64 -26.41 -12.22
CA GLN I 54 42.53 -27.38 -12.37
C GLN I 54 41.31 -26.83 -11.65
N VAL I 55 40.19 -27.44 -11.96
CA VAL I 55 38.90 -27.06 -11.31
C VAL I 55 38.36 -28.35 -10.67
N TYR I 56 37.95 -28.26 -9.42
CA TYR I 56 37.40 -29.38 -8.68
C TYR I 56 35.96 -29.13 -8.24
N ASP I 57 35.19 -30.18 -8.25
CA ASP I 57 33.79 -30.15 -7.84
C ASP I 57 33.77 -30.44 -6.34
N GLY I 58 32.58 -30.42 -5.80
CA GLY I 58 32.33 -30.64 -4.38
C GLY I 58 32.75 -32.01 -3.89
N ASN I 59 32.93 -32.95 -4.76
CA ASN I 59 33.33 -34.33 -4.38
C ASN I 59 34.84 -34.49 -4.51
N GLY I 60 35.54 -33.47 -4.92
CA GLY I 60 36.97 -33.47 -5.11
C GLY I 60 37.37 -33.97 -6.48
N HIS I 61 36.40 -34.11 -7.37
CA HIS I 61 36.66 -34.62 -8.74
C HIS I 61 36.91 -33.47 -9.69
N LEU I 62 37.79 -33.69 -10.66
CA LEU I 62 38.16 -32.68 -11.66
C LEU I 62 36.96 -32.36 -12.59
N VAL I 63 36.85 -31.09 -12.85
CA VAL I 63 35.82 -30.55 -13.79
C VAL I 63 36.55 -30.43 -15.13
N ARG I 64 36.33 -31.42 -15.99
CA ARG I 64 37.02 -31.47 -17.28
C ARG I 64 36.34 -30.77 -18.42
N ASP I 65 35.23 -30.09 -18.19
CA ASP I 65 34.49 -29.41 -19.27
C ASP I 65 34.33 -27.92 -18.97
N SER I 66 35.17 -27.43 -18.07
CA SER I 66 35.09 -26.02 -17.68
C SER I 66 35.66 -25.16 -18.80
N PHE I 67 35.16 -23.94 -18.82
CA PHE I 67 35.55 -22.91 -19.78
C PHE I 67 35.77 -21.64 -18.95
N LEU I 68 36.90 -20.98 -19.15
CA LEU I 68 37.21 -19.76 -18.41
C LEU I 68 37.47 -18.59 -19.36
N GLU I 69 37.24 -17.41 -18.81
CA GLU I 69 37.47 -16.15 -19.52
C GLU I 69 38.22 -15.29 -18.48
N VAL I 70 39.22 -14.56 -18.99
CA VAL I 70 40.05 -13.72 -18.09
C VAL I 70 40.13 -12.31 -18.65
N TRP I 71 40.28 -11.39 -17.75
CA TRP I 71 40.38 -9.95 -18.01
C TRP I 71 41.47 -9.44 -17.05
N GLN I 72 42.43 -8.73 -17.66
CA GLN I 72 43.52 -8.16 -16.82
C GLN I 72 44.16 -6.95 -17.48
N ALA I 73 44.78 -6.14 -16.64
CA ALA I 73 45.52 -4.94 -17.10
C ALA I 73 46.87 -5.44 -17.64
N ASP I 74 47.50 -4.55 -18.39
CA ASP I 74 48.83 -4.85 -18.98
C ASP I 74 49.88 -4.56 -17.90
N ALA I 75 51.12 -4.83 -18.26
CA ALA I 75 52.27 -4.61 -17.36
C ALA I 75 52.22 -3.21 -16.75
N ASN I 76 51.67 -2.25 -17.45
CA ASN I 76 51.56 -0.88 -16.98
C ASN I 76 50.31 -0.60 -16.17
N GLY I 77 49.54 -1.64 -15.89
CA GLY I 77 48.29 -1.49 -15.10
C GLY I 77 47.25 -0.72 -15.88
N GLU I 78 47.16 -0.99 -17.15
CA GLU I 78 46.21 -0.42 -18.09
C GLU I 78 45.43 -1.56 -18.78
N TYR I 79 44.15 -1.27 -18.97
CA TYR I 79 43.25 -2.26 -19.62
C TYR I 79 43.21 -2.00 -21.12
N GLN I 80 43.64 -2.99 -21.86
CA GLN I 80 43.67 -2.94 -23.34
C GLN I 80 42.39 -3.57 -23.89
N ASP I 81 41.35 -2.75 -23.99
CA ASP I 81 40.04 -3.16 -24.44
C ASP I 81 39.86 -3.40 -25.92
N ALA I 82 40.58 -2.70 -26.77
CA ALA I 82 40.45 -2.87 -28.23
C ALA I 82 41.10 -4.17 -28.66
N TYR I 83 40.36 -5.25 -28.64
CA TYR I 83 40.87 -6.58 -28.98
C TYR I 83 41.29 -6.67 -30.44
N ASN I 84 42.47 -7.16 -30.64
CA ASN I 84 43.04 -7.33 -32.01
C ASN I 84 44.14 -8.40 -31.89
N LEU I 85 44.15 -9.34 -32.80
CA LEU I 85 45.12 -10.43 -32.81
C LEU I 85 46.53 -9.92 -33.17
N GLU I 86 46.55 -8.68 -33.62
CA GLU I 86 47.82 -8.04 -34.00
C GLU I 86 48.47 -7.39 -32.80
N ASN I 87 47.64 -7.10 -31.79
CA ASN I 87 48.12 -6.48 -30.55
C ASN I 87 49.27 -7.33 -29.99
N ALA I 88 50.16 -6.63 -29.31
CA ALA I 88 51.34 -7.28 -28.69
C ALA I 88 50.84 -8.00 -27.43
N PHE I 89 49.82 -7.34 -26.89
CA PHE I 89 49.11 -7.82 -25.69
C PHE I 89 47.62 -7.48 -25.82
N ASN I 90 46.82 -8.40 -25.33
CA ASN I 90 45.34 -8.27 -25.28
C ASN I 90 45.01 -8.52 -23.78
N SER I 91 44.10 -7.73 -23.28
CA SER I 91 43.65 -7.79 -21.90
C SER I 91 42.71 -8.96 -21.63
N PHE I 92 42.07 -9.42 -22.70
CA PHE I 92 41.08 -10.49 -22.66
C PHE I 92 41.56 -11.75 -23.32
N GLY I 93 41.16 -12.89 -22.74
CA GLY I 93 41.58 -14.21 -23.31
C GLY I 93 40.60 -15.28 -22.82
N ARG I 94 40.71 -16.47 -23.39
CA ARG I 94 39.87 -17.59 -23.04
C ARG I 94 40.71 -18.87 -23.00
N THR I 95 40.26 -19.79 -22.16
CA THR I 95 40.94 -21.08 -22.00
C THR I 95 39.92 -22.11 -21.55
N ALA I 96 40.34 -23.35 -21.47
CA ALA I 96 39.43 -24.44 -21.05
C ALA I 96 40.23 -25.59 -20.49
N THR I 97 39.57 -26.51 -19.79
CA THR I 97 40.30 -27.66 -19.22
C THR I 97 40.20 -28.86 -20.17
N THR I 98 41.34 -29.56 -20.25
CA THR I 98 41.47 -30.75 -21.11
C THR I 98 40.56 -31.85 -20.58
N PHE I 99 39.97 -32.58 -21.53
CA PHE I 99 39.07 -33.68 -21.18
C PHE I 99 39.89 -34.82 -20.57
N ASP I 100 41.18 -34.79 -20.73
CA ASP I 100 42.09 -35.82 -20.19
C ASP I 100 42.56 -35.41 -18.80
N ALA I 101 43.64 -34.67 -18.76
CA ALA I 101 44.26 -34.14 -17.55
C ALA I 101 43.31 -33.23 -16.78
N GLY I 102 42.64 -32.36 -17.51
CA GLY I 102 41.68 -31.42 -16.91
C GLY I 102 42.35 -30.16 -16.40
N GLU I 103 43.39 -29.75 -17.11
CA GLU I 103 44.14 -28.53 -16.75
C GLU I 103 44.03 -27.49 -17.85
N TRP I 104 44.00 -26.25 -17.45
CA TRP I 104 43.91 -25.11 -18.41
C TRP I 104 45.27 -24.42 -18.28
N THR I 105 45.62 -23.69 -19.31
CA THR I 105 46.86 -22.92 -19.33
C THR I 105 46.56 -21.60 -20.05
N LEU I 106 47.30 -20.62 -19.58
CA LEU I 106 47.17 -19.26 -20.12
C LEU I 106 48.59 -18.72 -20.28
N HIS I 107 48.75 -17.93 -21.31
CA HIS I 107 50.07 -17.31 -21.63
C HIS I 107 49.89 -15.80 -21.62
N THR I 108 50.50 -15.16 -20.63
CA THR I 108 50.34 -13.68 -20.51
C THR I 108 51.52 -13.04 -19.83
N VAL I 109 51.29 -11.85 -19.26
CA VAL I 109 52.28 -11.11 -18.51
C VAL I 109 51.63 -10.70 -17.17
N LYS I 110 52.46 -10.67 -16.15
CA LYS I 110 51.99 -10.26 -14.79
C LYS I 110 51.46 -8.85 -14.94
N PRO I 111 50.21 -8.67 -14.52
CA PRO I 111 49.51 -7.37 -14.65
C PRO I 111 50.06 -6.34 -13.68
N GLY I 112 49.89 -5.09 -14.04
CA GLY I 112 50.32 -3.93 -13.24
C GLY I 112 49.13 -3.59 -12.34
N VAL I 113 49.32 -2.72 -11.42
CA VAL I 113 48.40 -2.21 -10.44
C VAL I 113 47.38 -1.25 -10.97
N VAL I 114 46.18 -1.38 -10.44
CA VAL I 114 45.03 -0.52 -10.81
C VAL I 114 44.37 -0.07 -9.50
N ASN I 115 43.81 1.11 -9.49
CA ASN I 115 43.16 1.68 -8.30
C ASN I 115 41.66 1.40 -8.31
N ASN I 116 41.08 1.39 -7.13
CA ASN I 116 39.61 1.15 -7.05
C ASN I 116 38.97 2.54 -7.25
N ALA I 117 37.68 2.58 -7.26
CA ALA I 117 36.89 3.78 -7.44
C ALA I 117 37.25 4.85 -6.42
N ALA I 118 37.69 4.46 -5.25
CA ALA I 118 38.08 5.41 -4.20
C ALA I 118 39.51 5.91 -4.36
N GLY I 119 40.26 5.41 -5.33
CA GLY I 119 41.63 5.81 -5.56
C GLY I 119 42.69 4.95 -4.92
N VAL I 120 42.30 3.95 -4.16
CA VAL I 120 43.22 3.01 -3.48
C VAL I 120 43.62 1.90 -4.44
N PRO I 121 44.92 1.63 -4.51
CA PRO I 121 45.48 0.60 -5.37
C PRO I 121 45.16 -0.81 -4.92
N MET I 122 44.96 -1.68 -5.92
CA MET I 122 44.64 -3.09 -5.69
C MET I 122 45.84 -3.96 -6.09
N ALA I 123 46.05 -5.06 -5.39
CA ALA I 123 47.20 -5.91 -5.73
C ALA I 123 46.97 -6.37 -7.17
N PRO I 124 48.04 -6.57 -7.88
CA PRO I 124 47.94 -7.04 -9.28
C PRO I 124 46.97 -8.22 -9.21
N HIS I 125 46.14 -8.37 -10.24
CA HIS I 125 45.18 -9.51 -10.22
C HIS I 125 44.58 -9.68 -11.59
N ILE I 126 44.11 -10.90 -11.79
CA ILE I 126 43.43 -11.32 -13.04
C ILE I 126 41.99 -11.64 -12.66
N ASN I 127 41.06 -11.12 -13.43
CA ASN I 127 39.60 -11.36 -13.18
C ASN I 127 39.24 -12.63 -13.96
N ILE I 128 38.51 -13.53 -13.31
CA ILE I 128 38.12 -14.77 -13.97
C ILE I 128 36.61 -15.03 -13.86
N SER I 129 36.09 -15.59 -14.93
CA SER I 129 34.65 -15.99 -15.00
C SER I 129 34.75 -17.48 -15.40
N LEU I 130 34.10 -18.31 -14.65
CA LEU I 130 34.11 -19.76 -14.94
C LEU I 130 32.69 -20.17 -15.37
N PHE I 131 32.66 -20.95 -16.44
CA PHE I 131 31.40 -21.45 -17.03
C PHE I 131 31.55 -22.96 -17.16
N ALA I 132 30.43 -23.67 -17.09
CA ALA I 132 30.54 -25.14 -17.27
C ALA I 132 29.16 -25.75 -17.07
N ARG I 133 29.09 -26.98 -17.50
CA ARG I 133 27.81 -27.78 -17.34
C ARG I 133 27.66 -27.87 -15.80
N GLY I 134 26.44 -27.75 -15.35
CA GLY I 134 26.12 -27.83 -13.91
C GLY I 134 26.21 -26.46 -13.26
N ILE I 135 26.68 -25.44 -14.00
CA ILE I 135 26.78 -24.08 -13.42
C ILE I 135 25.74 -23.22 -14.08
N ASN I 136 24.65 -22.96 -13.38
CA ASN I 136 23.53 -22.18 -13.92
C ASN I 136 23.94 -20.77 -14.27
N ILE I 137 24.76 -20.18 -13.45
CA ILE I 137 25.23 -18.77 -13.73
C ILE I 137 26.71 -18.77 -13.47
N HIS I 138 27.48 -18.13 -14.33
CA HIS I 138 28.94 -18.17 -14.16
C HIS I 138 29.36 -17.59 -12.84
N LEU I 139 30.55 -18.06 -12.44
CA LEU I 139 31.22 -17.71 -11.19
C LEU I 139 32.40 -16.77 -11.50
N HIS I 140 32.45 -15.75 -10.66
CA HIS I 140 33.46 -14.72 -10.71
C HIS I 140 34.48 -14.89 -9.57
N THR I 141 35.74 -14.77 -9.96
CA THR I 141 36.85 -14.83 -9.00
C THR I 141 38.01 -13.98 -9.47
N ARG I 142 39.03 -13.89 -8.64
CA ARG I 142 40.24 -13.13 -8.94
C ARG I 142 41.47 -13.98 -8.56
N LEU I 143 42.44 -13.95 -9.43
CA LEU I 143 43.73 -14.65 -9.20
C LEU I 143 44.72 -13.60 -8.69
N TYR I 144 45.34 -13.82 -7.56
CA TYR I 144 46.36 -12.96 -6.94
C TYR I 144 47.65 -13.81 -6.92
N PHE I 145 48.80 -13.15 -6.82
CA PHE I 145 50.10 -13.86 -6.87
C PHE I 145 50.78 -13.84 -5.51
N ASP I 146 51.23 -15.03 -5.10
CA ASP I 146 51.86 -15.22 -3.81
C ASP I 146 53.09 -14.36 -3.57
N ASP I 147 53.72 -13.91 -4.62
CA ASP I 147 54.91 -13.08 -4.56
C ASP I 147 54.67 -11.59 -4.43
N GLU I 148 53.45 -11.20 -4.13
CA GLU I 148 53.05 -9.81 -3.94
C GLU I 148 52.37 -9.63 -2.59
N ALA I 149 52.86 -10.43 -1.64
CA ALA I 149 52.35 -10.42 -0.27
C ALA I 149 52.14 -9.03 0.26
N GLN I 150 53.06 -8.11 0.08
CA GLN I 150 52.88 -6.74 0.63
C GLN I 150 51.66 -6.07 0.04
N ALA I 151 51.47 -6.32 -1.25
CA ALA I 151 50.32 -5.71 -1.97
C ALA I 151 49.02 -6.36 -1.53
N ASN I 152 49.04 -7.69 -1.53
CA ASN I 152 47.87 -8.48 -1.15
C ASN I 152 47.30 -8.07 0.20
N ALA I 153 48.20 -7.68 1.08
CA ALA I 153 47.80 -7.34 2.47
C ALA I 153 46.99 -6.07 2.52
N LYS I 154 47.30 -5.23 1.55
CA LYS I 154 46.69 -3.91 1.40
C LYS I 154 45.48 -3.86 0.47
N CYS I 155 45.32 -4.83 -0.40
CA CYS I 155 44.21 -4.82 -1.37
C CYS I 155 42.87 -4.58 -0.72
N PRO I 156 42.17 -3.56 -1.22
CA PRO I 156 40.87 -3.18 -0.70
C PRO I 156 39.83 -4.23 -0.99
N VAL I 157 40.01 -5.01 -2.03
CA VAL I 157 39.05 -6.08 -2.39
C VAL I 157 39.26 -7.31 -1.51
N LEU I 158 40.50 -7.74 -1.48
CA LEU I 158 40.89 -8.94 -0.69
C LEU I 158 40.48 -8.73 0.76
N ASN I 159 40.61 -7.48 1.22
CA ASN I 159 40.27 -7.11 2.58
C ASN I 159 38.78 -7.12 2.86
N LEU I 160 37.95 -7.24 1.84
CA LEU I 160 36.50 -7.29 2.03
C LEU I 160 36.11 -8.71 2.47
N ILE I 161 37.03 -9.64 2.26
CA ILE I 161 36.78 -11.04 2.66
C ILE I 161 36.98 -11.14 4.17
N GLU I 162 35.84 -11.28 4.84
CA GLU I 162 35.79 -11.35 6.29
C GLU I 162 36.78 -12.28 6.93
N GLN I 163 36.85 -13.53 6.52
CA GLN I 163 37.77 -14.52 7.11
C GLN I 163 39.08 -14.60 6.34
N PRO I 164 40.14 -14.23 7.02
CA PRO I 164 41.48 -14.26 6.43
C PRO I 164 41.80 -15.56 5.73
N GLN I 165 41.37 -16.68 6.29
CA GLN I 165 41.64 -18.00 5.72
C GLN I 165 41.12 -18.17 4.29
N ARG I 166 39.97 -17.57 4.04
CA ARG I 166 39.29 -17.60 2.75
C ARG I 166 40.06 -16.82 1.71
N ARG I 167 40.81 -15.82 2.14
CA ARG I 167 41.62 -15.01 1.22
C ARG I 167 42.68 -15.83 0.52
N GLU I 168 43.27 -16.77 1.23
CA GLU I 168 44.33 -17.62 0.69
C GLU I 168 43.88 -18.37 -0.56
N THR I 169 42.58 -18.68 -0.64
CA THR I 169 42.06 -19.41 -1.80
C THR I 169 42.29 -18.65 -3.09
N LEU I 170 42.52 -17.36 -2.99
CA LEU I 170 42.70 -16.51 -4.16
C LEU I 170 44.14 -16.25 -4.55
N ILE I 171 45.07 -16.83 -3.83
CA ILE I 171 46.52 -16.57 -4.16
C ILE I 171 47.12 -17.70 -4.92
N ALA I 172 47.66 -17.38 -6.09
CA ALA I 172 48.33 -18.34 -6.97
C ALA I 172 49.74 -18.64 -6.43
N LYS I 173 50.16 -19.88 -6.60
CA LYS I 173 51.46 -20.33 -6.13
C LYS I 173 52.47 -20.37 -7.29
N ARG I 174 53.48 -19.54 -7.11
CA ARG I 174 54.56 -19.42 -8.11
C ARG I 174 55.38 -20.72 -8.13
N CYS I 175 55.79 -21.03 -9.32
CA CYS I 175 56.61 -22.18 -9.66
C CYS I 175 57.24 -21.83 -11.02
N GLU I 176 57.70 -22.90 -11.64
CA GLU I 176 58.36 -22.78 -12.96
C GLU I 176 58.00 -23.99 -13.78
N VAL I 177 57.76 -23.73 -15.04
CA VAL I 177 57.38 -24.80 -15.99
C VAL I 177 58.33 -24.63 -17.18
N ASP I 178 59.12 -25.68 -17.40
CA ASP I 178 60.09 -25.61 -18.51
C ASP I 178 60.96 -24.35 -18.28
N GLY I 179 61.39 -24.15 -17.06
CA GLY I 179 62.23 -23.03 -16.69
C GLY I 179 61.60 -21.67 -16.93
N LYS I 180 60.27 -21.68 -17.04
CA LYS I 180 59.52 -20.43 -17.24
C LYS I 180 58.69 -20.17 -15.98
N THR I 181 58.58 -18.90 -15.63
CA THR I 181 57.81 -18.51 -14.46
C THR I 181 56.34 -18.95 -14.63
N ALA I 182 55.88 -19.68 -13.64
CA ALA I 182 54.49 -20.15 -13.64
C ALA I 182 53.85 -19.88 -12.27
N TYR I 183 52.53 -19.75 -12.35
CA TYR I 183 51.72 -19.55 -11.11
C TYR I 183 50.58 -20.58 -11.26
N ARG I 184 50.42 -21.39 -10.24
CA ARG I 184 49.37 -22.42 -10.28
C ARG I 184 48.16 -21.93 -9.50
N PHE I 185 47.01 -22.01 -10.14
CA PHE I 185 45.77 -21.54 -9.48
C PHE I 185 44.63 -22.53 -9.75
N ASP I 186 44.36 -23.27 -8.71
CA ASP I 186 43.30 -24.29 -8.67
C ASP I 186 42.03 -23.68 -8.06
N ILE I 187 40.92 -24.04 -8.70
CA ILE I 187 39.60 -23.55 -8.25
C ILE I 187 38.85 -24.72 -7.63
N ARG I 188 38.36 -24.51 -6.45
CA ARG I 188 37.55 -25.48 -5.70
C ARG I 188 36.16 -24.85 -5.66
N ILE I 189 35.27 -25.42 -6.48
CA ILE I 189 33.92 -24.92 -6.58
C ILE I 189 33.14 -25.03 -5.28
N GLN I 190 33.29 -26.18 -4.64
CA GLN I 190 32.51 -26.43 -3.40
C GLN I 190 33.24 -27.27 -2.38
N GLY I 191 32.88 -27.06 -1.11
CA GLY I 191 33.43 -27.81 -0.01
C GLY I 191 34.65 -27.19 0.64
N GLU I 192 35.49 -28.09 1.12
CA GLU I 192 36.74 -27.80 1.81
C GLU I 192 37.67 -26.97 0.95
N GLY I 193 38.05 -25.81 1.45
CA GLY I 193 38.94 -24.89 0.71
C GLY I 193 38.23 -24.28 -0.49
N GLU I 194 36.95 -24.10 -0.41
CA GLU I 194 36.11 -23.54 -1.47
C GLU I 194 36.65 -22.15 -1.85
N THR I 195 36.82 -21.92 -3.12
CA THR I 195 37.33 -20.65 -3.64
C THR I 195 36.33 -19.53 -3.45
N VAL I 196 36.84 -18.37 -3.05
CA VAL I 196 35.99 -17.20 -2.89
C VAL I 196 35.47 -16.83 -4.31
N PHE I 197 34.15 -16.62 -4.33
CA PHE I 197 33.43 -16.23 -5.58
C PHE I 197 32.78 -14.88 -5.26
N PHE I 198 32.82 -14.00 -6.24
CA PHE I 198 32.29 -12.62 -6.02
C PHE I 198 30.96 -12.32 -6.72
N ASP I 199 30.41 -11.22 -6.24
CA ASP I 199 29.16 -10.65 -6.78
C ASP I 199 29.45 -9.14 -6.94
N PHE I 200 29.21 -8.67 -8.14
CA PHE I 200 29.42 -7.24 -8.45
C PHE I 200 28.47 -6.77 -9.57
N PRO J 1 43.24 3.56 -23.24
CA PRO J 1 42.70 2.30 -22.67
C PRO J 1 41.33 2.58 -22.05
N ALA J 2 40.71 1.53 -21.52
CA ALA J 2 39.37 1.66 -20.89
C ALA J 2 39.48 2.48 -19.61
N GLN J 3 38.37 3.07 -19.22
CA GLN J 3 38.27 3.87 -17.99
C GLN J 3 36.94 3.61 -17.26
N ASP J 4 37.00 3.83 -15.95
CA ASP J 4 35.88 3.64 -15.04
C ASP J 4 34.99 4.89 -15.08
N ASN J 5 33.94 4.79 -15.85
CA ASN J 5 33.00 5.94 -15.97
C ASN J 5 31.57 5.46 -15.76
N SER J 6 31.45 4.14 -15.85
CA SER J 6 30.16 3.47 -15.73
C SER J 6 30.01 2.61 -14.49
N ARG J 7 28.76 2.41 -14.15
CA ARG J 7 28.29 1.59 -13.04
C ARG J 7 27.18 0.72 -13.67
N PHE J 8 27.08 -0.52 -13.21
CA PHE J 8 26.04 -1.40 -13.78
C PHE J 8 25.01 -1.73 -12.72
N VAL J 9 23.76 -1.80 -13.15
CA VAL J 9 22.65 -2.12 -12.22
C VAL J 9 23.02 -3.48 -11.58
N ILE J 10 22.81 -3.60 -10.29
CA ILE J 10 23.12 -4.85 -9.57
C ILE J 10 22.32 -6.00 -10.10
N ARG J 11 22.92 -7.14 -10.43
CA ARG J 11 22.09 -8.29 -10.91
C ARG J 11 21.06 -8.73 -9.86
N ASP J 12 19.95 -9.21 -10.39
CA ASP J 12 18.86 -9.77 -9.51
C ASP J 12 19.14 -11.27 -9.46
N ARG J 13 19.76 -11.74 -8.39
CA ARG J 13 20.08 -13.16 -8.27
C ARG J 13 18.92 -14.05 -7.91
N ASN J 14 17.72 -13.47 -7.88
CA ASN J 14 16.49 -14.27 -7.63
C ASN J 14 15.74 -14.40 -8.94
N TRP J 15 16.17 -13.69 -9.95
CA TRP J 15 15.58 -13.67 -11.29
C TRP J 15 16.27 -14.73 -12.15
N HIS J 16 17.58 -14.74 -11.97
CA HIS J 16 18.51 -15.67 -12.60
C HIS J 16 18.36 -16.97 -11.79
N PRO J 17 18.66 -18.08 -12.42
CA PRO J 17 18.61 -19.40 -11.73
C PRO J 17 19.59 -19.33 -10.55
N LYS J 18 19.30 -20.13 -9.54
CA LYS J 18 20.23 -20.19 -8.37
C LYS J 18 21.29 -21.24 -8.76
N ALA J 19 22.30 -21.32 -7.92
CA ALA J 19 23.38 -22.30 -8.12
C ALA J 19 22.91 -23.73 -7.94
N LEU J 20 22.31 -24.01 -6.82
CA LEU J 20 21.84 -25.38 -6.50
C LEU J 20 20.38 -25.58 -6.86
N THR J 21 20.15 -26.38 -7.86
CA THR J 21 18.78 -26.72 -8.36
C THR J 21 18.88 -28.25 -8.57
N PRO J 22 18.65 -28.97 -7.47
CA PRO J 22 18.79 -30.39 -7.43
C PRO J 22 18.23 -31.19 -8.55
N ASP J 23 17.15 -30.82 -9.21
CA ASP J 23 16.59 -31.62 -10.31
C ASP J 23 17.58 -31.70 -11.47
N TYR J 24 18.39 -30.66 -11.54
CA TYR J 24 19.45 -30.58 -12.60
C TYR J 24 20.65 -31.12 -11.79
N LYS J 25 20.77 -32.43 -11.80
CA LYS J 25 21.72 -33.19 -11.04
C LYS J 25 23.13 -32.67 -10.93
N THR J 26 23.78 -32.39 -12.01
CA THR J 26 25.16 -31.87 -12.04
C THR J 26 25.34 -30.63 -11.22
N SER J 27 24.28 -29.86 -10.96
CA SER J 27 24.45 -28.64 -10.15
C SER J 27 24.72 -28.92 -8.69
N ILE J 28 24.40 -30.14 -8.25
CA ILE J 28 24.60 -30.50 -6.84
C ILE J 28 26.04 -30.30 -6.40
N ALA J 29 26.95 -30.88 -7.17
CA ALA J 29 28.37 -30.85 -6.89
C ALA J 29 29.15 -29.72 -7.47
N ARG J 30 28.56 -28.94 -8.35
CA ARG J 30 29.19 -27.79 -8.97
C ARG J 30 28.58 -26.47 -8.55
N SER J 31 28.13 -26.34 -7.33
CA SER J 31 27.54 -25.13 -6.77
C SER J 31 28.22 -24.81 -5.43
N PRO J 32 28.64 -23.54 -5.30
CA PRO J 32 29.32 -23.08 -4.08
C PRO J 32 28.34 -23.19 -2.91
N ARG J 33 28.87 -23.49 -1.77
CA ARG J 33 28.08 -23.61 -0.53
C ARG J 33 28.26 -22.34 0.30
N GLN J 34 29.40 -21.67 0.14
CA GLN J 34 29.62 -20.40 0.86
C GLN J 34 28.86 -19.33 0.08
N ALA J 35 28.61 -18.19 0.71
CA ALA J 35 27.89 -17.08 0.04
C ALA J 35 28.89 -16.33 -0.84
N LEU J 36 28.38 -15.76 -1.92
CA LEU J 36 29.26 -14.98 -2.86
C LEU J 36 29.70 -13.73 -2.07
N VAL J 37 30.87 -13.21 -2.38
CA VAL J 37 31.32 -11.99 -1.64
C VAL J 37 31.04 -10.77 -2.55
N SER J 38 30.23 -9.88 -2.02
CA SER J 38 29.85 -8.67 -2.76
C SER J 38 31.03 -7.70 -2.69
N ILE J 39 31.34 -7.14 -3.84
CA ILE J 39 32.43 -6.15 -3.91
C ILE J 39 31.92 -5.00 -4.80
N PRO J 40 32.38 -3.81 -4.44
CA PRO J 40 32.02 -2.59 -5.22
C PRO J 40 32.68 -2.69 -6.58
N GLN J 41 32.01 -2.12 -7.59
CA GLN J 41 32.57 -2.13 -8.97
C GLN J 41 33.75 -1.16 -9.08
N SER J 42 34.69 -1.60 -9.90
CA SER J 42 35.94 -0.85 -10.18
C SER J 42 36.20 -1.02 -11.68
N ILE J 43 37.25 -0.39 -12.14
CA ILE J 43 37.62 -0.44 -13.57
C ILE J 43 37.82 -1.90 -13.98
N SER J 44 38.26 -2.70 -13.02
CA SER J 44 38.45 -4.14 -13.35
C SER J 44 37.13 -4.76 -13.83
N GLU J 45 36.03 -4.46 -13.18
CA GLU J 45 34.70 -4.96 -13.47
C GLU J 45 33.82 -4.18 -14.41
N THR J 46 34.04 -2.87 -14.53
CA THR J 46 33.20 -2.01 -15.35
C THR J 46 33.73 -1.86 -16.76
N THR J 47 34.78 -2.61 -17.09
CA THR J 47 35.36 -2.53 -18.44
C THR J 47 35.31 -3.92 -19.03
N GLY J 48 35.71 -4.03 -20.28
CA GLY J 48 35.71 -5.34 -20.97
C GLY J 48 36.18 -5.06 -22.41
N PRO J 49 36.41 -6.17 -23.11
CA PRO J 49 36.85 -6.17 -24.48
C PRO J 49 35.83 -5.64 -25.48
N ASN J 50 36.40 -5.10 -26.54
CA ASN J 50 35.67 -4.56 -27.69
C ASN J 50 36.17 -5.39 -28.87
N PHE J 51 35.26 -6.03 -29.54
CA PHE J 51 35.60 -6.91 -30.67
C PHE J 51 35.41 -6.23 -32.01
N SER J 52 35.32 -4.91 -31.99
CA SER J 52 35.16 -4.11 -33.19
C SER J 52 36.21 -4.47 -34.26
N HIS J 53 37.43 -4.72 -33.85
CA HIS J 53 38.49 -5.04 -34.79
C HIS J 53 38.74 -6.50 -35.07
N LEU J 54 37.89 -7.38 -34.58
CA LEU J 54 38.05 -8.82 -34.84
C LEU J 54 37.73 -9.10 -36.30
N GLY J 55 38.58 -9.94 -36.89
CA GLY J 55 38.44 -10.30 -38.32
C GLY J 55 37.40 -11.38 -38.50
N PHE J 56 36.17 -10.93 -38.74
CA PHE J 56 35.04 -11.87 -38.93
C PHE J 56 34.99 -12.38 -40.37
N GLY J 57 34.87 -13.67 -40.53
CA GLY J 57 34.74 -14.29 -41.86
C GLY J 57 33.39 -13.84 -42.44
N ALA J 58 33.32 -14.00 -43.76
CA ALA J 58 32.14 -13.64 -44.53
C ALA J 58 30.87 -14.33 -44.07
N HIS J 59 30.94 -15.61 -43.82
CA HIS J 59 29.77 -16.38 -43.37
C HIS J 59 29.85 -16.76 -41.91
N ASP J 60 30.41 -15.88 -41.09
CA ASP J 60 30.57 -16.22 -39.64
C ASP J 60 29.21 -16.47 -39.00
N HIS J 61 28.23 -15.72 -39.41
CA HIS J 61 26.86 -15.74 -38.96
C HIS J 61 25.92 -16.54 -39.80
N ASP J 62 26.38 -17.31 -40.78
CA ASP J 62 25.50 -18.12 -41.65
C ASP J 62 25.88 -19.59 -41.56
N LEU J 63 25.14 -20.30 -40.71
CA LEU J 63 25.41 -21.72 -40.48
C LEU J 63 24.98 -22.61 -41.62
N LEU J 64 24.36 -22.01 -42.62
CA LEU J 64 23.87 -22.70 -43.81
C LEU J 64 25.02 -22.91 -44.78
N LEU J 65 26.02 -22.05 -44.73
CA LEU J 65 27.17 -22.14 -45.62
C LEU J 65 28.51 -22.11 -44.90
N ASN J 66 28.56 -21.76 -43.63
CA ASN J 66 29.85 -21.65 -42.94
C ASN J 66 30.52 -22.92 -42.54
N PHE J 67 30.00 -24.09 -42.86
CA PHE J 67 30.68 -25.33 -42.43
C PHE J 67 31.42 -25.89 -43.67
N GLY J 71 27.31 -28.89 -50.12
CA GLY J 71 25.90 -29.24 -49.85
C GLY J 71 25.29 -28.28 -48.82
N LEU J 72 23.98 -28.40 -48.69
CA LEU J 72 23.21 -27.56 -47.74
C LEU J 72 22.78 -28.51 -46.62
N PRO J 73 22.70 -28.02 -45.41
CA PRO J 73 22.28 -28.81 -44.27
C PRO J 73 20.81 -29.21 -44.45
N ILE J 74 20.47 -30.31 -43.79
CA ILE J 74 19.05 -30.77 -43.84
C ILE J 74 18.35 -30.22 -42.60
N GLY J 75 17.20 -29.59 -42.79
CA GLY J 75 16.49 -29.05 -41.60
C GLY J 75 15.66 -27.85 -41.99
N GLU J 76 15.05 -27.32 -40.94
CA GLU J 76 14.16 -26.16 -41.07
C GLU J 76 14.98 -24.88 -41.15
N ARG J 77 15.00 -24.35 -42.36
CA ARG J 77 15.78 -23.10 -42.58
C ARG J 77 15.10 -22.00 -41.78
N ILE J 78 15.93 -21.34 -40.96
CA ILE J 78 15.42 -20.24 -40.14
C ILE J 78 16.51 -19.17 -39.99
N ILE J 79 15.95 -18.03 -39.63
CA ILE J 79 16.79 -16.83 -39.36
C ILE J 79 16.49 -16.50 -37.87
N VAL J 80 17.56 -16.26 -37.14
CA VAL J 80 17.43 -15.88 -35.73
C VAL J 80 17.98 -14.43 -35.62
N ALA J 81 17.10 -13.53 -35.25
CA ALA J 81 17.52 -12.11 -35.12
C ALA J 81 16.83 -11.48 -33.95
N GLY J 82 17.28 -10.32 -33.58
CA GLY J 82 16.70 -9.54 -32.46
C GLY J 82 17.67 -8.40 -32.16
N ARG J 83 17.42 -7.74 -31.08
CA ARG J 83 18.28 -6.60 -30.66
C ARG J 83 18.80 -6.83 -29.25
N VAL J 84 19.94 -6.21 -28.98
CA VAL J 84 20.56 -6.25 -27.64
C VAL J 84 20.44 -4.85 -27.07
N VAL J 85 19.81 -4.69 -25.96
CA VAL J 85 19.62 -3.40 -25.26
C VAL J 85 19.99 -3.66 -23.79
N ASP J 86 20.07 -2.63 -23.01
CA ASP J 86 20.40 -2.73 -21.59
C ASP J 86 19.10 -2.54 -20.81
N GLN J 87 19.14 -2.65 -19.50
CA GLN J 87 17.89 -2.52 -18.72
C GLN J 87 17.26 -1.15 -18.93
N TYR J 88 18.03 -0.20 -19.46
CA TYR J 88 17.46 1.15 -19.69
C TYR J 88 16.73 1.22 -21.01
N GLY J 89 16.90 0.19 -21.83
CA GLY J 89 16.22 0.12 -23.14
C GLY J 89 17.17 0.64 -24.21
N LYS J 90 18.40 0.90 -23.79
CA LYS J 90 19.45 1.45 -24.69
C LYS J 90 20.10 0.34 -25.45
N PRO J 91 20.28 0.58 -26.76
CA PRO J 91 20.90 -0.41 -27.66
C PRO J 91 22.35 -0.63 -27.28
N VAL J 92 22.86 -1.82 -27.61
CA VAL J 92 24.28 -2.14 -27.33
C VAL J 92 24.92 -2.42 -28.69
N PRO J 93 25.54 -1.38 -29.24
CA PRO J 93 26.17 -1.47 -30.55
C PRO J 93 27.51 -2.15 -30.56
N ASN J 94 27.81 -2.82 -31.66
CA ASN J 94 29.08 -3.50 -31.88
C ASN J 94 29.46 -4.41 -30.72
N THR J 95 28.50 -5.24 -30.33
CA THR J 95 28.72 -6.22 -29.24
C THR J 95 28.87 -7.60 -29.86
N LEU J 96 29.61 -8.47 -29.20
CA LEU J 96 29.85 -9.81 -29.75
C LEU J 96 28.79 -10.81 -29.31
N VAL J 97 28.15 -11.41 -30.28
CA VAL J 97 27.15 -12.44 -30.08
C VAL J 97 27.66 -13.74 -30.69
N GLU J 98 27.65 -14.78 -29.87
CA GLU J 98 28.09 -16.12 -30.35
C GLU J 98 27.01 -17.13 -30.00
N MET J 99 26.79 -18.09 -30.89
CA MET J 99 25.78 -19.13 -30.69
C MET J 99 26.34 -20.44 -31.22
N TRP J 100 25.88 -21.54 -30.71
CA TRP J 100 26.24 -22.91 -31.08
C TRP J 100 24.99 -23.76 -30.81
N GLN J 101 24.87 -24.86 -31.55
CA GLN J 101 23.71 -25.73 -31.40
C GLN J 101 23.93 -27.09 -32.01
N ALA J 102 22.93 -27.96 -31.84
CA ALA J 102 22.99 -29.31 -32.46
C ALA J 102 22.41 -29.15 -33.89
N ASN J 103 22.34 -30.26 -34.59
CA ASN J 103 21.76 -30.30 -35.96
C ASN J 103 20.25 -30.55 -35.83
N ALA J 104 19.62 -30.74 -36.96
CA ALA J 104 18.17 -30.96 -37.09
C ALA J 104 17.68 -32.14 -36.28
N GLY J 105 18.60 -33.10 -36.06
CA GLY J 105 18.28 -34.31 -35.32
C GLY J 105 18.67 -34.32 -33.86
N GLY J 106 19.34 -33.28 -33.38
CA GLY J 106 19.73 -33.22 -31.96
C GLY J 106 21.13 -33.77 -31.72
N ARG J 107 21.97 -33.68 -32.71
CA ARG J 107 23.35 -34.16 -32.63
C ARG J 107 24.31 -32.99 -32.70
N TYR J 108 25.21 -32.91 -31.75
CA TYR J 108 26.23 -31.84 -31.71
C TYR J 108 27.51 -32.37 -32.38
N ARG J 109 28.20 -31.47 -33.06
CA ARG J 109 29.48 -31.86 -33.73
C ARG J 109 30.56 -31.72 -32.63
N HIS J 110 30.51 -32.69 -31.71
CA HIS J 110 31.45 -32.70 -30.56
C HIS J 110 31.81 -34.13 -30.22
N LYS J 111 33.08 -34.32 -29.89
CA LYS J 111 33.70 -35.57 -29.53
C LYS J 111 32.83 -36.41 -28.59
N ASN J 112 32.45 -35.72 -27.51
CA ASN J 112 31.68 -36.29 -26.44
C ASN J 112 30.23 -36.56 -26.74
N ASP J 113 29.77 -36.19 -27.92
CA ASP J 113 28.33 -36.45 -28.24
C ASP J 113 28.22 -37.83 -28.87
N ARG J 114 27.66 -38.72 -28.09
CA ARG J 114 27.42 -40.12 -28.42
C ARG J 114 25.99 -40.45 -28.83
N TYR J 115 25.15 -39.45 -28.94
CA TYR J 115 23.72 -39.67 -29.32
C TYR J 115 23.70 -40.32 -30.69
N LEU J 116 22.84 -41.30 -30.88
CA LEU J 116 22.71 -42.07 -32.10
C LEU J 116 22.24 -41.31 -33.32
N ALA J 117 21.74 -40.11 -33.19
CA ALA J 117 21.26 -39.35 -34.38
C ALA J 117 22.54 -38.99 -35.14
N PRO J 118 22.51 -39.14 -36.45
CA PRO J 118 23.69 -38.89 -37.28
C PRO J 118 24.03 -37.43 -37.38
N LEU J 119 25.29 -37.17 -37.67
CA LEU J 119 25.79 -35.81 -37.90
C LEU J 119 25.33 -35.46 -39.34
N ASP J 120 25.37 -34.16 -39.60
CA ASP J 120 24.97 -33.63 -40.93
C ASP J 120 26.27 -33.17 -41.62
N PRO J 121 26.60 -33.85 -42.69
CA PRO J 121 27.80 -33.55 -43.48
C PRO J 121 28.01 -32.10 -43.77
N ASN J 122 26.95 -31.35 -43.94
CA ASN J 122 27.03 -29.91 -44.25
C ASN J 122 26.73 -29.03 -43.08
N PHE J 123 26.85 -29.55 -41.86
CA PHE J 123 26.50 -28.67 -40.69
C PHE J 123 27.54 -28.76 -39.59
N GLY J 124 27.95 -27.58 -39.18
CA GLY J 124 28.94 -27.38 -38.10
C GLY J 124 28.21 -26.99 -36.82
N GLY J 125 27.48 -25.90 -36.82
CA GLY J 125 26.75 -25.46 -35.64
C GLY J 125 27.27 -24.29 -34.87
N VAL J 126 28.24 -23.54 -35.37
CA VAL J 126 28.75 -22.35 -34.70
C VAL J 126 28.58 -21.08 -35.55
N GLY J 127 28.20 -20.02 -34.88
CA GLY J 127 28.05 -18.73 -35.60
C GLY J 127 28.40 -17.62 -34.60
N ARG J 128 28.80 -16.49 -35.17
CA ARG J 128 29.15 -15.32 -34.38
C ARG J 128 28.91 -14.09 -35.27
N CYS J 129 28.78 -12.98 -34.56
CA CYS J 129 28.57 -11.72 -35.29
C CYS J 129 28.54 -10.57 -34.30
N LEU J 130 28.70 -9.40 -34.85
CA LEU J 130 28.73 -8.17 -33.99
C LEU J 130 27.39 -7.49 -34.13
N THR J 131 26.88 -6.84 -33.08
CA THR J 131 25.58 -6.16 -33.25
C THR J 131 25.86 -4.89 -34.05
N ASP J 132 24.81 -4.36 -34.63
CA ASP J 132 24.94 -3.11 -35.44
C ASP J 132 24.80 -1.90 -34.54
N SER J 133 24.91 -0.75 -35.20
CA SER J 133 24.81 0.54 -34.46
C SER J 133 23.51 0.70 -33.75
N ASP J 134 22.52 -0.09 -34.15
CA ASP J 134 21.20 -0.05 -33.51
C ASP J 134 20.95 -1.16 -32.52
N GLY J 135 21.93 -2.00 -32.33
CA GLY J 135 21.90 -3.13 -31.44
C GLY J 135 21.32 -4.40 -32.00
N TYR J 136 21.26 -4.54 -33.32
CA TYR J 136 20.70 -5.68 -34.01
C TYR J 136 21.71 -6.71 -34.43
N TYR J 137 21.31 -7.97 -34.35
CA TYR J 137 22.18 -9.10 -34.79
C TYR J 137 21.27 -9.99 -35.62
N SER J 138 21.85 -10.97 -36.25
CA SER J 138 21.05 -11.91 -37.06
C SER J 138 21.99 -13.01 -37.53
N PHE J 139 21.41 -14.19 -37.54
CA PHE J 139 22.12 -15.40 -37.95
C PHE J 139 21.14 -16.16 -38.86
N ARG J 140 21.71 -17.14 -39.51
CA ARG J 140 20.87 -18.00 -40.38
C ARG J 140 21.32 -19.43 -40.07
N THR J 141 20.32 -20.25 -39.80
CA THR J 141 20.76 -21.70 -39.47
C THR J 141 19.53 -22.51 -39.72
N ILE J 142 19.55 -23.71 -39.18
CA ILE J 142 18.43 -24.66 -39.22
C ILE J 142 18.05 -24.87 -37.73
N LYS J 143 16.78 -25.15 -37.50
CA LYS J 143 16.25 -25.35 -36.15
C LYS J 143 16.76 -26.68 -35.61
N PRO J 144 17.40 -26.66 -34.46
CA PRO J 144 17.94 -27.88 -33.85
C PRO J 144 16.86 -28.77 -33.28
N GLY J 145 17.21 -30.05 -33.09
CA GLY J 145 16.26 -31.05 -32.52
C GLY J 145 16.47 -31.24 -31.03
N PRO J 146 15.45 -31.77 -30.39
CA PRO J 146 15.46 -32.06 -28.95
C PRO J 146 16.61 -33.03 -28.74
N TYR J 147 17.12 -33.03 -27.54
CA TYR J 147 18.28 -33.87 -27.18
C TYR J 147 18.01 -34.60 -25.85
N PRO J 148 18.21 -35.91 -25.90
CA PRO J 148 18.05 -36.78 -24.70
C PRO J 148 19.37 -36.69 -23.92
N TRP J 149 19.29 -36.59 -22.60
CA TRP J 149 20.56 -36.45 -21.83
C TRP J 149 20.49 -37.21 -20.54
N ARG J 150 21.61 -37.58 -19.98
CA ARG J 150 21.54 -38.42 -18.74
C ARG J 150 21.35 -37.60 -17.51
N ASN J 151 20.09 -37.33 -17.17
CA ASN J 151 19.70 -36.58 -15.97
C ASN J 151 18.78 -37.60 -15.25
N GLY J 152 17.51 -37.42 -15.50
CA GLY J 152 16.49 -38.38 -14.96
C GLY J 152 16.57 -39.51 -16.04
N PRO J 153 15.82 -40.57 -15.83
CA PRO J 153 15.79 -41.69 -16.76
C PRO J 153 15.21 -41.35 -18.12
N ASN J 154 14.52 -40.24 -18.29
CA ASN J 154 13.94 -39.95 -19.64
C ASN J 154 13.77 -38.43 -19.84
N ASP J 155 14.85 -37.71 -19.74
CA ASP J 155 14.94 -36.28 -19.90
C ASP J 155 15.35 -35.94 -21.33
N TRP J 156 14.75 -34.88 -21.82
CA TRP J 156 15.02 -34.40 -23.19
C TRP J 156 15.14 -32.88 -23.16
N ARG J 157 16.21 -32.36 -23.70
CA ARG J 157 16.31 -30.84 -23.70
C ARG J 157 15.36 -30.37 -24.81
N PRO J 158 14.70 -29.27 -24.59
CA PRO J 158 13.86 -28.68 -25.66
C PRO J 158 14.84 -28.27 -26.78
N ALA J 159 14.31 -28.15 -27.99
CA ALA J 159 15.23 -27.67 -29.10
C ALA J 159 15.76 -26.33 -28.53
N HIS J 160 17.09 -26.12 -28.66
CA HIS J 160 17.60 -24.84 -28.09
C HIS J 160 18.87 -24.38 -28.76
N ILE J 161 19.14 -23.07 -28.59
CA ILE J 161 20.42 -22.54 -29.17
C ILE J 161 21.23 -21.92 -28.03
N HIS J 162 22.52 -22.20 -28.03
CA HIS J 162 23.35 -21.59 -26.91
C HIS J 162 23.80 -20.22 -27.37
N PHE J 163 23.71 -19.25 -26.49
CA PHE J 163 24.10 -17.88 -26.81
C PHE J 163 25.12 -17.40 -25.77
N GLY J 164 26.03 -16.57 -26.27
CA GLY J 164 27.04 -15.92 -25.39
C GLY J 164 27.02 -14.43 -25.83
N ILE J 165 26.83 -13.52 -24.90
CA ILE J 165 26.82 -12.09 -25.27
C ILE J 165 27.82 -11.36 -24.37
N SER J 166 28.71 -10.56 -24.99
CA SER J 166 29.73 -9.82 -24.27
C SER J 166 29.29 -8.57 -23.58
N GLY J 167 28.72 -7.63 -24.32
CA GLY J 167 28.27 -6.34 -23.72
C GLY J 167 29.46 -5.44 -23.49
N PRO J 168 29.23 -4.28 -22.88
CA PRO J 168 30.28 -3.31 -22.61
C PRO J 168 31.38 -3.63 -21.61
N SER J 169 31.12 -4.53 -20.68
CA SER J 169 32.05 -4.91 -19.62
C SER J 169 31.90 -6.40 -19.30
N ILE J 170 32.81 -6.87 -18.45
CA ILE J 170 32.80 -8.27 -18.02
C ILE J 170 31.66 -8.47 -17.04
N ALA J 171 31.13 -7.35 -16.57
CA ALA J 171 30.01 -7.26 -15.65
C ALA J 171 28.71 -7.59 -16.39
N THR J 172 28.69 -7.31 -17.70
CA THR J 172 27.52 -7.58 -18.51
C THR J 172 27.53 -8.93 -19.22
N LYS J 173 28.63 -9.56 -19.42
CA LYS J 173 28.76 -10.83 -20.13
C LYS J 173 27.80 -11.87 -19.63
N LEU J 174 27.26 -12.66 -20.60
CA LEU J 174 26.24 -13.66 -20.25
C LEU J 174 26.18 -14.80 -21.25
N ILE J 175 25.86 -15.96 -20.69
CA ILE J 175 25.69 -17.17 -21.54
C ILE J 175 24.25 -17.61 -21.21
N THR J 176 23.51 -17.95 -22.26
CA THR J 176 22.09 -18.35 -21.99
C THR J 176 21.69 -19.32 -23.06
N GLN J 177 20.40 -19.62 -23.09
CA GLN J 177 19.93 -20.55 -24.16
C GLN J 177 18.63 -19.98 -24.70
N LEU J 178 18.44 -20.16 -25.99
CA LEU J 178 17.19 -19.71 -26.64
C LEU J 178 16.34 -20.99 -26.84
N TYR J 179 15.05 -20.85 -26.62
CA TYR J 179 14.05 -21.91 -26.79
C TYR J 179 13.02 -21.39 -27.80
N PHE J 180 12.28 -22.27 -28.40
CA PHE J 180 11.27 -21.96 -29.40
C PHE J 180 9.87 -21.92 -28.92
N GLU J 181 9.16 -20.88 -29.35
CA GLU J 181 7.75 -20.69 -28.96
C GLU J 181 6.99 -22.01 -29.18
N GLY J 182 6.17 -22.38 -28.22
CA GLY J 182 5.31 -23.53 -28.26
C GLY J 182 5.86 -24.89 -27.92
N ASP J 183 7.17 -25.02 -27.84
CA ASP J 183 7.85 -26.29 -27.52
C ASP J 183 7.34 -26.86 -26.22
N PRO J 184 6.66 -28.00 -26.33
CA PRO J 184 6.09 -28.69 -25.17
C PRO J 184 7.12 -29.25 -24.22
N LEU J 185 8.35 -29.38 -24.61
CA LEU J 185 9.41 -29.90 -23.72
C LEU J 185 9.90 -28.85 -22.74
N ILE J 186 9.72 -27.58 -23.04
CA ILE J 186 10.17 -26.48 -22.22
C ILE J 186 9.80 -26.57 -20.77
N PRO J 187 8.52 -26.74 -20.47
CA PRO J 187 8.05 -26.80 -19.09
C PRO J 187 8.54 -28.00 -18.31
N MET J 188 8.98 -29.04 -18.99
CA MET J 188 9.46 -30.26 -18.34
C MET J 188 10.94 -30.26 -18.08
N CYS J 189 11.68 -29.29 -18.60
CA CYS J 189 13.14 -29.29 -18.48
C CYS J 189 13.67 -28.76 -17.18
N PRO J 190 14.45 -29.63 -16.50
CA PRO J 190 15.08 -29.30 -15.24
C PRO J 190 16.01 -28.13 -15.35
N ILE J 191 16.73 -27.96 -16.43
CA ILE J 191 17.62 -26.81 -16.64
C ILE J 191 16.81 -25.52 -16.76
N VAL J 192 15.72 -25.61 -17.55
CA VAL J 192 14.83 -24.46 -17.75
C VAL J 192 14.28 -24.07 -16.37
N LYS J 193 13.83 -25.11 -15.67
CA LYS J 193 13.26 -24.98 -14.34
C LYS J 193 14.20 -24.51 -13.27
N SER J 194 15.48 -24.36 -13.62
CA SER J 194 16.48 -23.84 -12.65
C SER J 194 16.07 -22.39 -12.34
N ILE J 195 15.24 -21.84 -13.21
CA ILE J 195 14.69 -20.49 -13.13
C ILE J 195 13.34 -20.59 -12.40
N ALA J 196 13.30 -20.03 -11.22
CA ALA J 196 12.10 -20.08 -10.39
C ALA J 196 10.94 -19.25 -10.89
N ASN J 197 11.18 -18.10 -11.46
CA ASN J 197 10.07 -17.20 -11.92
C ASN J 197 9.67 -17.52 -13.32
N PRO J 198 8.41 -17.81 -13.58
CA PRO J 198 7.90 -18.14 -14.90
C PRO J 198 8.03 -16.98 -15.89
N GLU J 199 7.99 -15.78 -15.34
CA GLU J 199 8.11 -14.57 -16.12
C GLU J 199 9.52 -14.52 -16.72
N ALA J 200 10.50 -15.02 -15.98
CA ALA J 200 11.90 -15.01 -16.47
C ALA J 200 12.07 -16.03 -17.58
N VAL J 201 11.32 -17.13 -17.44
CA VAL J 201 11.41 -18.20 -18.44
C VAL J 201 10.96 -17.65 -19.80
N GLN J 202 9.89 -16.89 -19.82
CA GLN J 202 9.34 -16.30 -21.03
C GLN J 202 10.40 -15.50 -21.80
N GLN J 203 11.38 -14.94 -21.12
CA GLN J 203 12.41 -14.11 -21.76
C GLN J 203 13.36 -14.95 -22.60
N LEU J 204 13.32 -16.25 -22.41
CA LEU J 204 14.22 -17.17 -23.16
C LEU J 204 13.54 -17.80 -24.37
N ILE J 205 12.26 -17.52 -24.55
CA ILE J 205 11.53 -18.09 -25.70
C ILE J 205 11.50 -17.19 -26.92
N ALA J 206 12.05 -17.70 -28.00
CA ALA J 206 12.08 -16.91 -29.27
C ALA J 206 10.67 -17.01 -29.88
N LYS J 207 10.15 -15.88 -30.34
CA LYS J 207 8.82 -15.78 -30.93
C LYS J 207 8.94 -15.87 -32.45
N LEU J 208 8.05 -16.69 -33.00
CA LEU J 208 8.03 -16.81 -34.50
C LEU J 208 7.81 -15.37 -35.04
N ASP J 209 8.60 -15.09 -36.05
CA ASP J 209 8.55 -13.72 -36.69
C ASP J 209 8.28 -13.85 -38.18
N MET J 210 7.01 -13.89 -38.54
CA MET J 210 6.55 -14.03 -39.92
C MET J 210 6.95 -12.85 -40.81
N ASN J 211 6.96 -11.67 -40.24
CA ASN J 211 7.33 -10.44 -40.97
C ASN J 211 8.81 -10.46 -41.34
N ASN J 212 9.60 -11.29 -40.71
CA ASN J 212 11.05 -11.30 -41.04
C ASN J 212 11.42 -12.53 -41.84
N ALA J 213 10.43 -13.34 -42.13
CA ALA J 213 10.67 -14.58 -42.91
C ALA J 213 10.81 -14.22 -44.39
N ASN J 214 11.52 -15.08 -45.10
CA ASN J 214 11.74 -14.91 -46.54
C ASN J 214 10.79 -15.96 -47.17
N PRO J 215 9.73 -15.45 -47.73
CA PRO J 215 8.69 -16.27 -48.37
C PRO J 215 9.28 -17.34 -49.23
N MET J 216 8.76 -18.54 -49.18
CA MET J 216 9.26 -19.67 -50.00
C MET J 216 10.71 -20.00 -49.71
N ASP J 217 11.28 -19.48 -48.65
CA ASP J 217 12.71 -19.78 -48.34
C ASP J 217 12.89 -20.27 -46.93
N CYS J 218 12.65 -19.40 -45.96
CA CYS J 218 12.82 -19.75 -44.53
C CYS J 218 12.01 -18.83 -43.64
N LEU J 219 11.78 -19.34 -42.45
CA LEU J 219 11.03 -18.68 -41.37
C LEU J 219 12.00 -17.89 -40.50
N ALA J 220 11.46 -17.16 -39.55
CA ALA J 220 12.32 -16.35 -38.69
C ALA J 220 11.76 -16.30 -37.27
N TYR J 221 12.75 -16.26 -36.37
CA TYR J 221 12.48 -16.17 -34.94
C TYR J 221 13.08 -14.87 -34.43
N ARG J 222 12.38 -14.28 -33.53
CA ARG J 222 12.80 -13.01 -32.90
C ARG J 222 13.30 -13.33 -31.48
N PHE J 223 14.50 -12.91 -31.15
CA PHE J 223 15.05 -13.13 -29.80
C PHE J 223 15.81 -11.89 -29.35
N ASP J 224 15.25 -11.06 -28.51
CA ASP J 224 15.95 -9.87 -27.99
C ASP J 224 16.61 -10.24 -26.65
N ILE J 225 17.72 -9.57 -26.38
CA ILE J 225 18.52 -9.83 -25.18
C ILE J 225 18.64 -8.55 -24.39
N VAL J 226 18.54 -8.63 -23.09
CA VAL J 226 18.64 -7.48 -22.19
C VAL J 226 19.84 -7.69 -21.25
N LEU J 227 20.77 -6.78 -21.34
CA LEU J 227 21.97 -6.86 -20.46
C LEU J 227 21.79 -5.84 -19.33
N ARG J 228 22.64 -5.92 -18.34
CA ARG J 228 22.58 -5.00 -17.19
C ARG J 228 22.56 -3.56 -17.67
N GLY J 229 21.71 -2.79 -17.00
CA GLY J 229 21.59 -1.34 -17.33
C GLY J 229 22.93 -0.70 -16.96
N GLN J 230 23.34 0.22 -17.82
CA GLN J 230 24.58 1.00 -17.66
C GLN J 230 24.18 2.44 -17.29
N ARG J 231 24.80 2.99 -16.29
CA ARG J 231 24.53 4.37 -15.85
C ARG J 231 25.86 5.05 -15.55
N LYS J 232 25.78 6.38 -15.47
CA LYS J 232 27.00 7.18 -15.16
C LYS J 232 27.10 7.25 -13.61
N THR J 233 28.34 7.38 -13.17
CA THR J 233 28.53 7.46 -11.68
C THR J 233 28.05 8.86 -11.27
N HIS J 234 27.59 9.03 -10.08
CA HIS J 234 27.15 10.35 -9.57
C HIS J 234 27.48 10.39 -8.08
N PHE J 235 27.77 11.57 -7.61
CA PHE J 235 28.12 11.90 -6.24
C PHE J 235 28.99 10.87 -5.56
N GLU J 236 29.88 10.22 -6.27
CA GLU J 236 30.74 9.18 -5.70
C GLU J 236 32.02 9.70 -5.06
N PRO K 1 0.79 -32.53 -23.57
CA PRO K 1 1.30 -33.89 -23.49
C PRO K 1 0.22 -34.72 -22.73
N ILE K 2 0.35 -36.03 -22.94
CA ILE K 2 -0.59 -36.98 -22.29
C ILE K 2 -0.22 -37.22 -20.82
N GLU K 3 -1.23 -37.39 -20.02
CA GLU K 3 -1.12 -37.68 -18.58
C GLU K 3 -1.86 -38.93 -18.18
N LEU K 4 -1.16 -39.82 -17.44
CA LEU K 4 -1.83 -41.07 -16.95
C LEU K 4 -2.30 -40.85 -15.52
N LEU K 5 -2.80 -41.92 -14.89
CA LEU K 5 -3.20 -41.79 -13.45
C LEU K 5 -1.84 -41.66 -12.70
N PRO K 6 -1.81 -40.78 -11.73
CA PRO K 6 -0.59 -40.58 -10.93
C PRO K 6 -0.42 -41.79 -10.00
N GLU K 7 0.81 -42.20 -9.81
CA GLU K 7 1.09 -43.36 -8.93
C GLU K 7 0.84 -42.95 -7.49
N THR K 8 0.49 -43.94 -6.65
CA THR K 8 0.30 -43.60 -5.21
C THR K 8 1.66 -43.16 -4.67
N PRO K 9 1.71 -42.06 -3.95
CA PRO K 9 2.91 -41.57 -3.33
C PRO K 9 3.40 -42.47 -2.18
N SER K 10 4.70 -42.58 -2.09
CA SER K 10 5.41 -43.37 -1.08
C SER K 10 5.40 -42.63 0.24
N GLN K 11 5.55 -43.40 1.32
CA GLN K 11 5.56 -42.83 2.70
C GLN K 11 6.62 -43.73 3.39
N THR K 12 7.27 -43.19 4.39
CA THR K 12 8.32 -43.92 5.10
C THR K 12 7.68 -45.20 5.68
N ALA K 13 8.52 -46.20 5.79
CA ALA K 13 8.15 -47.51 6.35
C ALA K 13 7.83 -47.34 7.82
N GLY K 14 8.46 -46.35 8.45
CA GLY K 14 8.25 -46.05 9.89
C GLY K 14 9.15 -46.97 10.72
N PRO K 15 9.26 -46.64 12.00
CA PRO K 15 10.13 -47.39 12.92
C PRO K 15 9.68 -48.78 13.23
N TYR K 16 8.40 -49.03 13.23
CA TYR K 16 7.78 -50.30 13.53
C TYR K 16 7.47 -51.15 12.33
N VAL K 17 8.16 -51.03 11.23
CA VAL K 17 7.92 -51.81 10.02
C VAL K 17 7.93 -53.32 10.25
N HIS K 18 8.73 -53.71 11.21
CA HIS K 18 8.93 -55.10 11.59
C HIS K 18 7.66 -55.85 11.90
N ILE K 19 6.77 -55.22 12.64
CA ILE K 19 5.50 -55.85 13.00
C ILE K 19 4.79 -56.34 11.76
N GLY K 20 5.02 -55.69 10.63
CA GLY K 20 4.39 -56.06 9.38
C GLY K 20 5.20 -56.89 8.46
N LEU K 21 6.49 -56.65 8.38
CA LEU K 21 7.41 -57.33 7.47
C LEU K 21 8.54 -58.14 8.05
N ALA K 22 8.68 -58.12 9.35
CA ALA K 22 9.79 -58.87 10.01
C ALA K 22 9.36 -59.16 11.45
N LEU K 23 8.27 -59.95 11.48
CA LEU K 23 7.58 -60.37 12.68
C LEU K 23 8.51 -60.78 13.81
N GLU K 24 9.43 -61.66 13.49
CA GLU K 24 10.41 -62.14 14.51
C GLU K 24 11.02 -60.96 15.23
N ALA K 25 11.72 -60.12 14.46
CA ALA K 25 12.38 -58.90 14.94
C ALA K 25 11.45 -58.01 15.74
N ALA K 26 10.20 -57.82 15.31
CA ALA K 26 9.27 -56.97 16.10
C ALA K 26 9.17 -57.57 17.50
N GLY K 27 9.41 -58.88 17.52
CA GLY K 27 9.35 -59.67 18.75
C GLY K 27 7.94 -60.24 18.91
N ASN K 28 7.35 -60.52 17.78
CA ASN K 28 5.99 -61.08 17.69
C ASN K 28 6.09 -62.49 17.09
N PRO K 29 5.04 -63.26 17.33
CA PRO K 29 4.95 -64.62 16.78
C PRO K 29 4.85 -64.48 15.25
N THR K 30 5.34 -65.48 14.56
CA THR K 30 5.31 -65.50 13.09
C THR K 30 4.20 -66.38 12.58
N ARG K 31 3.93 -66.34 11.29
CA ARG K 31 2.87 -67.16 10.67
C ARG K 31 3.52 -68.41 10.10
N ASP K 32 2.74 -69.28 9.50
CA ASP K 32 3.25 -70.53 8.92
C ASP K 32 4.41 -70.17 7.97
N GLN K 33 4.03 -69.37 7.00
CA GLN K 33 5.00 -68.93 5.96
C GLN K 33 5.28 -67.43 6.08
N GLU K 34 6.57 -67.14 6.00
CA GLU K 34 7.15 -65.81 6.07
C GLU K 34 8.29 -65.68 5.07
N ILE K 35 8.37 -64.53 4.45
CA ILE K 35 9.43 -64.19 3.47
C ILE K 35 10.60 -63.65 4.33
N TRP K 36 11.68 -64.39 4.32
CA TRP K 36 12.84 -64.01 5.16
C TRP K 36 14.13 -64.01 4.46
N ASN K 37 15.26 -64.07 5.16
CA ASN K 37 16.60 -63.96 4.61
C ASN K 37 17.39 -65.16 4.17
N ARG K 38 16.73 -66.22 3.81
CA ARG K 38 17.39 -67.48 3.35
C ARG K 38 16.85 -67.79 1.97
N LEU K 39 17.54 -67.29 0.96
CA LEU K 39 17.08 -67.50 -0.42
C LEU K 39 17.37 -68.90 -0.93
N ALA K 40 18.45 -69.47 -0.40
CA ALA K 40 18.90 -70.79 -0.81
C ALA K 40 18.93 -71.85 0.26
N LYS K 41 18.45 -73.00 -0.19
CA LYS K 41 18.44 -74.24 0.64
C LYS K 41 19.79 -74.92 0.30
N PRO K 42 20.43 -75.41 1.33
CA PRO K 42 21.73 -76.08 1.20
C PRO K 42 21.89 -76.88 -0.09
N ASP K 43 20.77 -77.41 -0.57
CA ASP K 43 20.80 -78.24 -1.79
C ASP K 43 20.62 -77.42 -3.04
N ALA K 44 20.91 -76.13 -2.93
CA ALA K 44 20.75 -75.25 -4.11
C ALA K 44 22.07 -75.18 -4.87
N PRO K 45 22.00 -75.44 -6.17
CA PRO K 45 23.17 -75.35 -7.05
C PRO K 45 23.73 -73.92 -6.97
N GLY K 46 25.03 -73.82 -7.09
CA GLY K 46 25.73 -72.52 -7.08
C GLY K 46 26.56 -72.41 -5.80
N GLU K 47 27.42 -71.42 -5.76
CA GLU K 47 28.28 -71.19 -4.60
C GLU K 47 27.49 -70.47 -3.49
N HIS K 48 27.26 -71.19 -2.41
CA HIS K 48 26.52 -70.61 -1.27
C HIS K 48 27.45 -69.61 -0.59
N ILE K 49 26.85 -68.48 -0.21
CA ILE K 49 27.63 -67.41 0.46
C ILE K 49 26.77 -66.73 1.51
N LEU K 50 27.48 -66.03 2.37
CA LEU K 50 26.85 -65.26 3.45
C LEU K 50 27.10 -63.77 3.17
N LEU K 51 26.01 -63.04 3.15
CA LEU K 51 26.06 -61.57 2.92
C LEU K 51 25.76 -60.90 4.29
N LEU K 52 26.51 -59.85 4.56
CA LEU K 52 26.28 -59.08 5.79
C LEU K 52 26.73 -57.64 5.59
N GLY K 53 26.26 -56.79 6.50
CA GLY K 53 26.64 -55.38 6.45
C GLY K 53 25.79 -54.53 7.38
N GLN K 54 26.29 -53.32 7.53
CA GLN K 54 25.61 -52.27 8.34
C GLN K 54 25.16 -51.13 7.45
N VAL K 55 24.36 -50.26 8.05
CA VAL K 55 23.81 -49.07 7.35
C VAL K 55 24.12 -47.87 8.24
N TYR K 56 24.71 -46.85 7.68
CA TYR K 56 25.10 -45.64 8.40
C TYR K 56 24.32 -44.43 7.83
N ASP K 57 24.08 -43.50 8.71
CA ASP K 57 23.41 -42.26 8.38
C ASP K 57 24.51 -41.23 8.06
N GLY K 58 24.12 -40.01 7.80
CA GLY K 58 25.04 -38.94 7.46
C GLY K 58 25.95 -38.57 8.61
N ASN K 59 25.60 -39.00 9.82
CA ASN K 59 26.45 -38.68 10.99
C ASN K 59 27.46 -39.82 11.21
N GLY K 60 27.29 -40.87 10.43
CA GLY K 60 28.19 -42.04 10.58
C GLY K 60 27.67 -42.95 11.69
N HIS K 61 26.44 -42.78 12.07
CA HIS K 61 25.76 -43.56 13.10
C HIS K 61 24.96 -44.68 12.44
N LEU K 62 24.86 -45.78 13.14
CA LEU K 62 24.20 -47.00 12.68
C LEU K 62 22.68 -46.78 12.61
N VAL K 63 22.12 -47.27 11.54
CA VAL K 63 20.65 -47.18 11.33
C VAL K 63 20.18 -48.57 11.76
N ARG K 64 19.64 -48.65 12.95
CA ARG K 64 19.19 -49.90 13.56
C ARG K 64 17.81 -50.36 13.22
N ASP K 65 17.04 -49.54 12.51
CA ASP K 65 15.65 -49.89 12.15
C ASP K 65 15.47 -50.06 10.67
N SER K 66 16.53 -50.38 9.95
CA SER K 66 16.39 -50.54 8.49
C SER K 66 15.85 -51.88 8.10
N PHE K 67 15.25 -51.89 6.94
CA PHE K 67 14.60 -53.08 6.34
C PHE K 67 15.06 -53.10 4.88
N LEU K 68 15.47 -54.28 4.42
CA LEU K 68 15.99 -54.49 3.09
C LEU K 68 15.25 -55.61 2.38
N GLU K 69 15.19 -55.49 1.06
CA GLU K 69 14.58 -56.50 0.18
C GLU K 69 15.59 -56.74 -0.91
N VAL K 70 15.77 -58.01 -1.30
CA VAL K 70 16.80 -58.34 -2.32
C VAL K 70 16.16 -59.11 -3.45
N TRP K 71 16.77 -59.04 -4.60
CA TRP K 71 16.29 -59.69 -5.83
C TRP K 71 17.52 -60.00 -6.67
N GLN K 72 17.64 -61.31 -6.95
CA GLN K 72 18.81 -61.74 -7.74
C GLN K 72 18.49 -62.94 -8.61
N ALA K 73 19.43 -63.18 -9.52
CA ALA K 73 19.33 -64.36 -10.41
C ALA K 73 20.01 -65.49 -9.59
N ASP K 74 19.67 -66.72 -9.98
CA ASP K 74 20.29 -67.88 -9.29
C ASP K 74 21.72 -68.01 -9.87
N ALA K 75 22.21 -69.23 -9.73
CA ALA K 75 23.55 -69.62 -10.16
C ALA K 75 23.66 -69.61 -11.67
N ASN K 76 22.61 -69.97 -12.34
CA ASN K 76 22.53 -70.03 -13.81
C ASN K 76 22.16 -68.68 -14.40
N GLY K 77 22.09 -67.67 -13.55
CA GLY K 77 21.76 -66.30 -14.00
C GLY K 77 20.29 -66.21 -14.40
N GLU K 78 19.46 -66.96 -13.69
CA GLU K 78 18.00 -66.90 -14.00
C GLU K 78 17.23 -66.37 -12.79
N TYR K 79 16.20 -65.59 -13.12
CA TYR K 79 15.34 -65.02 -12.04
C TYR K 79 14.16 -65.97 -11.82
N GLN K 80 14.13 -66.49 -10.59
CA GLN K 80 13.05 -67.43 -10.17
C GLN K 80 11.98 -66.60 -9.47
N ASP K 81 10.97 -66.24 -10.26
CA ASP K 81 9.90 -65.40 -9.74
C ASP K 81 8.83 -66.14 -9.00
N ALA K 82 8.65 -67.42 -9.26
CA ALA K 82 7.59 -68.16 -8.55
C ALA K 82 8.07 -68.50 -7.14
N TYR K 83 7.83 -67.59 -6.21
CA TYR K 83 8.20 -67.68 -4.81
C TYR K 83 7.47 -68.79 -4.09
N ASN K 84 8.25 -69.67 -3.49
CA ASN K 84 7.70 -70.84 -2.74
C ASN K 84 8.80 -71.24 -1.73
N LEU K 85 8.38 -71.50 -0.51
CA LEU K 85 9.26 -71.90 0.58
C LEU K 85 9.83 -73.30 0.29
N GLU K 86 9.15 -73.99 -0.60
CA GLU K 86 9.56 -75.34 -1.01
C GLU K 86 10.83 -75.26 -1.84
N ASN K 87 10.87 -74.32 -2.76
CA ASN K 87 12.00 -74.12 -3.65
C ASN K 87 13.32 -74.26 -2.90
N ALA K 88 14.31 -74.72 -3.68
CA ALA K 88 15.68 -74.87 -3.08
C ALA K 88 16.30 -73.47 -3.07
N PHE K 89 15.81 -72.69 -4.04
CA PHE K 89 16.23 -71.31 -4.23
C PHE K 89 15.06 -70.40 -4.63
N ASN K 90 15.09 -69.22 -4.06
CA ASN K 90 14.10 -68.15 -4.34
C ASN K 90 15.01 -66.90 -4.57
N SER K 91 14.62 -66.18 -5.60
CA SER K 91 15.29 -64.96 -6.04
C SER K 91 14.95 -63.76 -5.16
N PHE K 92 13.91 -63.91 -4.35
CA PHE K 92 13.43 -62.85 -3.46
C PHE K 92 13.69 -63.18 -2.00
N GLY K 93 14.12 -62.15 -1.25
CA GLY K 93 14.40 -62.28 0.18
C GLY K 93 14.21 -60.93 0.90
N ARG K 94 14.18 -60.99 2.22
CA ARG K 94 14.02 -59.84 3.08
C ARG K 94 14.97 -59.99 4.27
N THR K 95 15.40 -58.86 4.81
CA THR K 95 16.27 -58.87 6.00
C THR K 95 16.09 -57.56 6.73
N ALA K 96 16.58 -57.47 7.93
CA ALA K 96 16.50 -56.26 8.77
C ALA K 96 17.76 -56.20 9.64
N THR K 97 18.11 -55.02 10.12
CA THR K 97 19.28 -54.85 10.98
C THR K 97 18.85 -54.95 12.44
N THR K 98 19.73 -55.62 13.20
CA THR K 98 19.50 -55.83 14.64
C THR K 98 19.39 -54.51 15.38
N PHE K 99 18.47 -54.44 16.33
CA PHE K 99 18.31 -53.21 17.13
C PHE K 99 19.57 -53.02 17.99
N ASP K 100 20.28 -54.12 18.19
CA ASP K 100 21.51 -54.10 19.02
C ASP K 100 22.75 -53.80 18.20
N ALA K 101 23.22 -54.82 17.53
CA ALA K 101 24.41 -54.77 16.67
C ALA K 101 24.23 -53.91 15.44
N GLY K 102 23.00 -53.79 15.00
CA GLY K 102 22.65 -53.03 13.80
C GLY K 102 23.25 -53.68 12.56
N GLU K 103 23.16 -54.99 12.45
CA GLU K 103 23.70 -55.72 11.28
C GLU K 103 22.66 -56.62 10.63
N TRP K 104 22.72 -56.69 9.30
CA TRP K 104 21.75 -57.58 8.60
C TRP K 104 22.55 -58.73 7.98
N THR K 105 21.88 -59.83 7.72
CA THR K 105 22.54 -60.97 7.09
C THR K 105 21.55 -61.62 6.13
N LEU K 106 22.17 -62.27 5.15
CA LEU K 106 21.38 -62.98 4.11
C LEU K 106 22.17 -64.25 3.75
N HIS K 107 21.40 -65.30 3.56
CA HIS K 107 21.99 -66.61 3.16
C HIS K 107 21.52 -66.93 1.74
N THR K 108 22.45 -66.87 0.81
CA THR K 108 22.14 -67.12 -0.62
C THR K 108 23.28 -67.82 -1.34
N VAL K 109 23.31 -67.63 -2.66
CA VAL K 109 24.33 -68.13 -3.57
C VAL K 109 24.68 -67.03 -4.59
N LYS K 110 25.96 -66.97 -4.96
CA LYS K 110 26.41 -65.95 -5.95
C LYS K 110 25.58 -66.06 -7.22
N PRO K 111 25.01 -64.94 -7.65
CA PRO K 111 24.18 -64.88 -8.85
C PRO K 111 25.00 -65.03 -10.12
N GLY K 112 24.36 -65.64 -11.12
CA GLY K 112 24.94 -65.84 -12.45
C GLY K 112 24.70 -64.51 -13.20
N VAL K 113 25.38 -64.33 -14.29
CA VAL K 113 25.33 -63.16 -15.13
C VAL K 113 24.08 -63.10 -16.00
N VAL K 114 23.52 -61.89 -16.16
CA VAL K 114 22.34 -61.71 -17.02
C VAL K 114 22.74 -60.52 -17.93
N ASN K 115 22.15 -60.42 -19.09
CA ASN K 115 22.47 -59.33 -20.02
C ASN K 115 21.44 -58.20 -19.87
N ASN K 116 21.86 -57.03 -20.32
CA ASN K 116 20.97 -55.86 -20.26
C ASN K 116 20.06 -55.93 -21.48
N ALA K 117 19.29 -54.88 -21.64
CA ALA K 117 18.34 -54.77 -22.76
C ALA K 117 19.08 -54.90 -24.08
N ALA K 118 20.29 -54.37 -24.14
CA ALA K 118 21.10 -54.39 -25.34
C ALA K 118 21.81 -55.69 -25.63
N GLY K 119 21.75 -56.65 -24.74
CA GLY K 119 22.39 -57.96 -24.93
C GLY K 119 23.77 -58.06 -24.28
N VAL K 120 24.23 -56.97 -23.73
CA VAL K 120 25.53 -56.89 -23.03
C VAL K 120 25.30 -57.44 -21.62
N PRO K 121 26.16 -58.35 -21.23
CA PRO K 121 26.09 -58.99 -19.92
C PRO K 121 26.53 -57.99 -18.85
N MET K 122 25.91 -58.12 -17.71
CA MET K 122 26.19 -57.28 -16.51
C MET K 122 26.95 -58.18 -15.53
N ALA K 123 27.83 -57.58 -14.76
CA ALA K 123 28.61 -58.39 -13.76
C ALA K 123 27.57 -58.90 -12.79
N PRO K 124 27.87 -60.02 -12.16
CA PRO K 124 26.92 -60.60 -11.17
C PRO K 124 26.61 -59.49 -10.17
N HIS K 125 25.32 -59.43 -9.79
CA HIS K 125 24.89 -58.42 -8.80
C HIS K 125 23.57 -58.87 -8.17
N ILE K 126 23.27 -58.18 -7.10
CA ILE K 126 22.06 -58.35 -6.30
C ILE K 126 21.39 -56.97 -6.16
N ASN K 127 20.11 -56.93 -6.49
CA ASN K 127 19.36 -55.66 -6.37
C ASN K 127 18.83 -55.56 -4.95
N ILE K 128 19.00 -54.38 -4.38
CA ILE K 128 18.58 -54.04 -3.04
C ILE K 128 17.73 -52.77 -2.99
N SER K 129 16.74 -52.87 -2.12
CA SER K 129 15.80 -51.75 -1.84
C SER K 129 15.95 -51.56 -0.30
N LEU K 130 16.15 -50.33 0.09
CA LEU K 130 16.30 -50.05 1.53
C LEU K 130 15.17 -49.18 2.03
N PHE K 131 14.55 -49.61 3.12
CA PHE K 131 13.46 -48.89 3.77
C PHE K 131 13.83 -48.60 5.23
N ALA K 132 13.19 -47.55 5.74
CA ALA K 132 13.35 -47.15 7.13
C ALA K 132 12.77 -45.80 7.44
N ARG K 133 12.60 -45.62 8.71
CA ARG K 133 12.14 -44.36 9.35
C ARG K 133 13.13 -43.33 8.75
N GLY K 134 12.61 -42.17 8.39
CA GLY K 134 13.41 -41.10 7.82
C GLY K 134 13.69 -41.21 6.35
N ILE K 135 13.26 -42.26 5.71
CA ILE K 135 13.46 -42.44 4.23
C ILE K 135 12.05 -42.40 3.65
N ASN K 136 11.68 -41.30 3.01
CA ASN K 136 10.35 -41.07 2.44
C ASN K 136 10.02 -41.98 1.28
N ILE K 137 11.05 -42.31 0.50
CA ILE K 137 10.92 -43.22 -0.65
C ILE K 137 12.15 -44.10 -0.58
N HIS K 138 11.93 -45.38 -0.77
CA HIS K 138 13.01 -46.36 -0.67
C HIS K 138 14.11 -46.11 -1.65
N LEU K 139 15.33 -46.49 -1.25
CA LEU K 139 16.55 -46.36 -2.04
C LEU K 139 16.91 -47.69 -2.70
N HIS K 140 17.27 -47.63 -3.95
CA HIS K 140 17.68 -48.75 -4.79
C HIS K 140 19.21 -48.74 -5.00
N THR K 141 19.84 -49.86 -4.78
CA THR K 141 21.29 -50.03 -4.96
C THR K 141 21.56 -51.45 -5.45
N ARG K 142 22.80 -51.66 -5.82
CA ARG K 142 23.19 -53.01 -6.31
C ARG K 142 24.41 -53.41 -5.51
N LEU K 143 24.53 -54.71 -5.31
CA LEU K 143 25.72 -55.26 -4.62
C LEU K 143 26.49 -56.06 -5.68
N TYR K 144 27.75 -55.75 -5.81
CA TYR K 144 28.71 -56.38 -6.70
C TYR K 144 29.75 -57.05 -5.78
N PHE K 145 30.48 -57.97 -6.37
CA PHE K 145 31.52 -58.73 -5.62
C PHE K 145 32.92 -58.29 -6.01
N ASP K 146 33.80 -58.20 -5.02
CA ASP K 146 35.18 -57.77 -5.26
C ASP K 146 35.99 -58.77 -6.06
N ASP K 147 35.54 -60.01 -6.10
CA ASP K 147 36.24 -61.07 -6.85
C ASP K 147 35.73 -61.23 -8.26
N GLU K 148 35.10 -60.23 -8.81
CA GLU K 148 34.60 -60.29 -10.19
C GLU K 148 35.07 -59.06 -10.96
N ALA K 149 36.22 -58.61 -10.54
CA ALA K 149 36.93 -57.47 -11.05
C ALA K 149 36.82 -57.31 -12.55
N GLN K 150 37.14 -58.36 -13.29
CA GLN K 150 37.10 -58.29 -14.76
C GLN K 150 35.69 -58.01 -15.25
N ALA K 151 34.74 -58.73 -14.66
CA ALA K 151 33.32 -58.53 -15.08
C ALA K 151 32.89 -57.11 -14.73
N ASN K 152 33.15 -56.71 -13.50
CA ASN K 152 32.81 -55.39 -12.96
C ASN K 152 33.30 -54.26 -13.87
N ALA K 153 34.49 -54.50 -14.39
CA ALA K 153 35.20 -53.56 -15.27
C ALA K 153 34.39 -53.27 -16.50
N LYS K 154 33.69 -54.30 -16.94
CA LYS K 154 32.87 -54.27 -18.13
C LYS K 154 31.42 -53.93 -17.98
N CYS K 155 30.82 -54.12 -16.84
CA CYS K 155 29.43 -53.86 -16.54
C CYS K 155 28.90 -52.53 -17.07
N PRO K 156 27.88 -52.66 -17.91
CA PRO K 156 27.21 -51.53 -18.53
C PRO K 156 26.56 -50.61 -17.49
N VAL K 157 26.14 -51.22 -16.38
CA VAL K 157 25.47 -50.46 -15.30
C VAL K 157 26.47 -49.68 -14.48
N LEU K 158 27.52 -50.35 -14.09
CA LEU K 158 28.60 -49.78 -13.25
C LEU K 158 29.31 -48.70 -14.04
N ASN K 159 29.34 -48.84 -15.35
CA ASN K 159 29.96 -47.87 -16.25
C ASN K 159 29.16 -46.59 -16.39
N LEU K 160 27.92 -46.60 -15.95
CA LEU K 160 27.05 -45.42 -16.03
C LEU K 160 27.45 -44.43 -14.94
N ILE K 161 28.06 -44.94 -13.88
CA ILE K 161 28.51 -44.07 -12.77
C ILE K 161 29.71 -43.28 -13.31
N GLU K 162 29.47 -42.01 -13.54
CA GLU K 162 30.44 -41.07 -14.08
C GLU K 162 31.76 -41.06 -13.36
N GLN K 163 31.75 -41.03 -12.03
CA GLN K 163 32.98 -41.03 -11.24
C GLN K 163 33.34 -42.41 -10.72
N PRO K 164 34.44 -42.93 -11.25
CA PRO K 164 34.95 -44.25 -10.86
C PRO K 164 35.04 -44.46 -9.36
N GLN K 165 35.39 -43.44 -8.59
CA GLN K 165 35.53 -43.58 -7.15
C GLN K 165 34.22 -44.09 -6.51
N ARG K 166 33.11 -43.63 -7.05
CA ARG K 166 31.78 -43.94 -6.57
C ARG K 166 31.35 -45.34 -6.91
N ARG K 167 31.99 -45.91 -7.93
CA ARG K 167 31.70 -47.28 -8.36
C ARG K 167 32.11 -48.24 -7.26
N GLU K 168 33.23 -47.95 -6.60
CA GLU K 168 33.73 -48.79 -5.53
C GLU K 168 32.82 -48.89 -4.35
N THR K 169 31.88 -47.99 -4.17
CA THR K 169 30.95 -48.00 -3.04
C THR K 169 29.96 -49.16 -3.21
N LEU K 170 29.90 -49.72 -4.40
CA LEU K 170 28.99 -50.83 -4.71
C LEU K 170 29.64 -52.18 -4.65
N ILE K 171 30.93 -52.28 -4.37
CA ILE K 171 31.60 -53.61 -4.32
C ILE K 171 31.73 -54.16 -2.91
N ALA K 172 31.20 -55.35 -2.73
CA ALA K 172 31.26 -56.05 -1.45
C ALA K 172 32.64 -56.74 -1.32
N LYS K 173 33.20 -56.54 -0.15
CA LYS K 173 34.51 -57.04 0.25
C LYS K 173 34.37 -58.46 0.81
N ARG K 174 34.97 -59.36 0.05
CA ARG K 174 34.97 -60.79 0.37
C ARG K 174 35.83 -61.06 1.61
N CYS K 175 35.36 -62.02 2.35
CA CYS K 175 35.98 -62.51 3.60
C CYS K 175 35.34 -63.87 3.88
N GLU K 176 35.53 -64.34 5.09
CA GLU K 176 34.97 -65.64 5.51
C GLU K 176 34.44 -65.51 6.92
N VAL K 177 33.27 -66.13 7.11
CA VAL K 177 32.62 -66.12 8.43
C VAL K 177 32.37 -67.58 8.80
N ASP K 178 33.02 -67.98 9.88
CA ASP K 178 32.90 -69.37 10.35
C ASP K 178 33.31 -70.33 9.23
N GLY K 179 34.37 -69.95 8.53
CA GLY K 179 34.92 -70.75 7.45
C GLY K 179 34.03 -70.80 6.22
N LYS K 180 33.03 -69.95 6.19
CA LYS K 180 32.10 -69.89 5.03
C LYS K 180 32.43 -68.59 4.29
N THR K 181 32.26 -68.62 2.99
CA THR K 181 32.50 -67.42 2.16
C THR K 181 31.38 -66.42 2.54
N ALA K 182 31.86 -65.24 2.83
CA ALA K 182 30.99 -64.10 3.24
C ALA K 182 31.46 -62.89 2.45
N TYR K 183 30.58 -61.94 2.28
CA TYR K 183 30.92 -60.67 1.58
C TYR K 183 30.23 -59.59 2.44
N ARG K 184 31.03 -58.62 2.80
CA ARG K 184 30.52 -57.50 3.61
C ARG K 184 30.11 -56.36 2.67
N PHE K 185 28.91 -55.85 2.94
CA PHE K 185 28.34 -54.74 2.17
C PHE K 185 27.70 -53.68 3.10
N ASP K 186 28.48 -52.68 3.40
CA ASP K 186 28.06 -51.57 4.24
C ASP K 186 27.43 -50.50 3.33
N ILE K 187 26.31 -49.98 3.78
CA ILE K 187 25.59 -48.94 3.03
C ILE K 187 25.75 -47.63 3.79
N ARG K 188 26.25 -46.62 3.10
CA ARG K 188 26.40 -45.27 3.75
C ARG K 188 25.36 -44.42 3.01
N ILE K 189 24.34 -43.98 3.75
CA ILE K 189 23.23 -43.24 3.22
C ILE K 189 23.59 -41.84 2.77
N GLN K 190 24.48 -41.24 3.53
CA GLN K 190 24.86 -39.84 3.24
C GLN K 190 26.26 -39.50 3.70
N GLY K 191 26.85 -38.51 3.04
CA GLY K 191 28.18 -38.02 3.39
C GLY K 191 29.30 -38.80 2.74
N GLU K 192 30.44 -38.81 3.41
CA GLU K 192 31.66 -39.49 2.97
C GLU K 192 31.41 -40.96 2.67
N GLY K 193 31.79 -41.32 1.46
CA GLY K 193 31.65 -42.64 0.90
C GLY K 193 30.20 -42.99 0.60
N GLU K 194 29.33 -42.01 0.53
CA GLU K 194 27.88 -42.25 0.28
C GLU K 194 27.75 -43.28 -0.84
N THR K 195 26.89 -44.22 -0.63
CA THR K 195 26.63 -45.30 -1.61
C THR K 195 25.83 -44.75 -2.78
N VAL K 196 26.08 -45.34 -3.93
CA VAL K 196 25.37 -44.99 -5.16
C VAL K 196 23.94 -45.60 -5.02
N PHE K 197 22.99 -44.76 -5.32
CA PHE K 197 21.57 -45.13 -5.33
C PHE K 197 21.12 -44.80 -6.78
N PHE K 198 20.27 -45.64 -7.28
CA PHE K 198 19.72 -45.61 -8.61
C PHE K 198 18.26 -45.23 -8.72
N ASP K 199 17.94 -44.85 -9.95
CA ASP K 199 16.57 -44.47 -10.36
C ASP K 199 16.33 -45.27 -11.65
N PHE K 200 15.19 -45.90 -11.75
CA PHE K 200 14.83 -46.70 -12.93
C PHE K 200 13.31 -46.85 -12.97
N PRO L 1 11.96 -68.81 -16.65
CA PRO L 1 12.00 -67.77 -15.58
C PRO L 1 11.39 -66.49 -16.09
N ALA L 2 11.47 -65.44 -15.25
CA ALA L 2 10.86 -64.15 -15.66
C ALA L 2 11.59 -63.67 -16.90
N GLN L 3 10.91 -62.81 -17.65
CA GLN L 3 11.46 -62.25 -18.89
C GLN L 3 11.28 -60.74 -18.99
N ASP L 4 12.22 -60.14 -19.72
CA ASP L 4 12.22 -58.68 -19.93
C ASP L 4 11.28 -58.35 -21.09
N ASN L 5 10.00 -58.26 -20.80
CA ASN L 5 9.05 -57.93 -21.89
C ASN L 5 8.46 -56.54 -21.68
N SER L 6 8.32 -56.18 -20.41
CA SER L 6 7.71 -54.87 -20.07
C SER L 6 8.75 -53.79 -19.81
N ARG L 7 8.23 -52.60 -19.71
CA ARG L 7 8.97 -51.36 -19.40
C ARG L 7 7.96 -50.64 -18.47
N PHE L 8 8.48 -49.94 -17.47
CA PHE L 8 7.55 -49.25 -16.54
C PHE L 8 7.68 -47.77 -16.74
N VAL L 9 6.57 -47.08 -16.54
CA VAL L 9 6.59 -45.58 -16.71
C VAL L 9 7.58 -45.09 -15.64
N ILE L 10 8.42 -44.16 -16.03
CA ILE L 10 9.41 -43.58 -15.11
C ILE L 10 8.62 -42.97 -13.95
N ARG L 11 9.14 -43.09 -12.75
CA ARG L 11 8.51 -42.51 -11.56
C ARG L 11 8.71 -40.99 -11.60
N ASP L 12 7.77 -40.29 -11.08
CA ASP L 12 7.78 -38.84 -11.00
C ASP L 12 8.22 -38.54 -9.55
N ARG L 13 9.44 -38.17 -9.40
CA ARG L 13 10.02 -37.84 -8.09
C ARG L 13 9.64 -36.50 -7.55
N ASN L 14 8.75 -35.80 -8.24
CA ASN L 14 8.26 -34.48 -7.74
C ASN L 14 6.83 -34.77 -7.23
N TRP L 15 6.34 -35.97 -7.53
CA TRP L 15 4.98 -36.35 -7.08
C TRP L 15 5.11 -36.96 -5.69
N HIS L 16 6.06 -37.86 -5.62
CA HIS L 16 6.44 -38.55 -4.38
C HIS L 16 7.19 -37.50 -3.55
N PRO L 17 7.28 -37.78 -2.26
CA PRO L 17 7.98 -36.89 -1.32
C PRO L 17 9.46 -36.94 -1.70
N LYS L 18 10.14 -35.86 -1.41
CA LYS L 18 11.60 -35.79 -1.67
C LYS L 18 12.29 -36.51 -0.51
N ALA L 19 13.57 -36.75 -0.72
CA ALA L 19 14.42 -37.40 0.27
C ALA L 19 14.56 -36.49 1.49
N LEU L 20 14.96 -35.24 1.30
CA LEU L 20 15.16 -34.32 2.45
C LEU L 20 13.99 -33.41 2.69
N THR L 21 13.31 -33.64 3.80
CA THR L 21 12.14 -32.82 4.20
C THR L 21 12.33 -32.53 5.68
N PRO L 22 13.08 -31.46 5.94
CA PRO L 22 13.46 -31.07 7.27
C PRO L 22 12.50 -31.12 8.41
N ASP L 23 11.23 -30.88 8.26
CA ASP L 23 10.28 -30.85 9.39
C ASP L 23 10.12 -32.26 9.99
N TYR L 24 10.39 -33.19 9.11
CA TYR L 24 10.40 -34.64 9.43
C TYR L 24 11.89 -34.89 9.73
N LYS L 25 12.25 -34.52 10.93
CA LYS L 25 13.58 -34.53 11.49
C LYS L 25 14.49 -35.64 11.11
N THR L 26 14.04 -36.89 11.12
CA THR L 26 14.88 -38.03 10.78
C THR L 26 15.39 -38.04 9.36
N SER L 27 14.66 -37.47 8.43
CA SER L 27 15.05 -37.42 7.02
C SER L 27 16.33 -36.60 6.85
N ILE L 28 16.69 -35.78 7.82
CA ILE L 28 17.90 -34.95 7.76
C ILE L 28 19.14 -35.76 7.53
N ALA L 29 19.42 -36.73 8.38
CA ALA L 29 20.57 -37.60 8.30
C ALA L 29 20.39 -38.83 7.45
N ARG L 30 19.18 -39.12 7.05
CA ARG L 30 18.87 -40.31 6.24
C ARG L 30 18.50 -40.08 4.82
N SER L 31 19.03 -39.02 4.23
CA SER L 31 18.74 -38.71 2.79
C SER L 31 20.07 -38.49 2.10
N PRO L 32 20.26 -39.06 0.93
CA PRO L 32 21.48 -38.91 0.16
C PRO L 32 21.67 -37.46 -0.26
N ARG L 33 22.94 -37.09 -0.39
CA ARG L 33 23.33 -35.72 -0.79
C ARG L 33 23.68 -35.75 -2.27
N GLN L 34 24.04 -36.93 -2.78
CA GLN L 34 24.37 -37.08 -4.19
C GLN L 34 23.07 -37.37 -4.96
N ALA L 35 23.09 -37.03 -6.25
CA ALA L 35 21.91 -37.32 -7.10
C ALA L 35 21.86 -38.85 -7.34
N LEU L 36 20.63 -39.27 -7.59
CA LEU L 36 20.39 -40.71 -7.89
C LEU L 36 21.01 -40.90 -9.29
N VAL L 37 21.50 -42.08 -9.55
CA VAL L 37 22.07 -42.36 -10.88
C VAL L 37 20.95 -43.04 -11.69
N SER L 38 20.51 -42.40 -12.77
CA SER L 38 19.45 -43.04 -13.57
C SER L 38 20.07 -44.18 -14.37
N ILE L 39 19.31 -45.27 -14.46
CA ILE L 39 19.78 -46.43 -15.25
C ILE L 39 18.59 -46.95 -16.05
N PRO L 40 18.93 -47.46 -17.22
CA PRO L 40 17.89 -48.04 -18.11
C PRO L 40 17.37 -49.28 -17.41
N GLN L 41 16.14 -49.62 -17.75
CA GLN L 41 15.52 -50.83 -17.18
C GLN L 41 16.08 -52.06 -17.93
N SER L 42 16.32 -53.11 -17.17
CA SER L 42 16.82 -54.40 -17.66
C SER L 42 15.96 -55.46 -16.95
N ILE L 43 16.24 -56.69 -17.21
CA ILE L 43 15.46 -57.82 -16.60
C ILE L 43 15.56 -57.73 -15.09
N SER L 44 16.69 -57.22 -14.65
CA SER L 44 16.94 -57.06 -13.20
C SER L 44 15.87 -56.23 -12.54
N GLU L 45 15.49 -55.12 -13.20
CA GLU L 45 14.49 -54.20 -12.69
C GLU L 45 13.07 -54.42 -13.11
N THR L 46 12.83 -55.05 -14.25
CA THR L 46 11.48 -55.29 -14.74
C THR L 46 10.87 -56.58 -14.28
N THR L 47 11.52 -57.36 -13.46
CA THR L 47 10.96 -58.63 -12.96
C THR L 47 10.84 -58.50 -11.43
N GLY L 48 10.07 -59.37 -10.85
CA GLY L 48 9.91 -59.41 -9.40
C GLY L 48 9.21 -60.76 -9.06
N PRO L 49 9.12 -61.02 -7.78
CA PRO L 49 8.49 -62.21 -7.27
C PRO L 49 6.95 -62.20 -7.42
N ASN L 50 6.46 -63.41 -7.56
CA ASN L 50 5.03 -63.68 -7.64
C ASN L 50 4.75 -64.57 -6.40
N PHE L 51 3.82 -64.14 -5.60
CA PHE L 51 3.47 -64.84 -4.35
C PHE L 51 2.24 -65.69 -4.45
N SER L 52 1.89 -66.10 -5.65
CA SER L 52 0.71 -66.95 -5.89
C SER L 52 0.73 -68.19 -5.03
N HIS L 53 1.91 -68.78 -4.88
CA HIS L 53 2.03 -70.00 -4.06
C HIS L 53 2.45 -69.78 -2.66
N LEU L 54 2.23 -68.58 -2.11
CA LEU L 54 2.63 -68.37 -0.68
C LEU L 54 1.45 -68.96 0.11
N GLY L 55 1.81 -69.68 1.16
CA GLY L 55 0.77 -70.33 1.98
C GLY L 55 0.16 -69.36 2.95
N PHE L 56 -0.97 -68.79 2.58
CA PHE L 56 -1.69 -67.82 3.40
C PHE L 56 -2.61 -68.45 4.44
N GLY L 57 -2.46 -67.99 5.66
CA GLY L 57 -3.33 -68.44 6.77
C GLY L 57 -4.77 -68.06 6.39
N ALA L 58 -5.73 -68.71 6.98
CA ALA L 58 -7.15 -68.49 6.73
C ALA L 58 -7.64 -67.12 7.14
N HIS L 59 -7.03 -66.58 8.17
CA HIS L 59 -7.39 -65.25 8.70
C HIS L 59 -6.26 -64.24 8.49
N ASP L 60 -5.45 -64.47 7.49
CA ASP L 60 -4.31 -63.61 7.19
C ASP L 60 -4.69 -62.15 7.03
N HIS L 61 -5.85 -61.90 6.48
CA HIS L 61 -6.40 -60.59 6.22
C HIS L 61 -7.50 -60.14 7.17
N ASP L 62 -7.68 -60.84 8.26
CA ASP L 62 -8.72 -60.50 9.24
C ASP L 62 -8.08 -60.28 10.60
N LEU L 63 -7.77 -59.01 10.88
CA LEU L 63 -7.12 -58.60 12.11
C LEU L 63 -7.97 -58.75 13.35
N LEU L 64 -9.25 -58.97 13.17
CA LEU L 64 -10.20 -59.15 14.28
C LEU L 64 -10.08 -60.57 14.86
N LEU L 65 -9.58 -61.50 14.07
CA LEU L 65 -9.43 -62.89 14.51
C LEU L 65 -8.02 -63.45 14.40
N ASN L 66 -7.15 -62.89 13.61
CA ASN L 66 -5.81 -63.39 13.38
C ASN L 66 -4.81 -63.24 14.49
N PHE L 67 -5.12 -62.77 15.66
CA PHE L 67 -4.08 -62.63 16.70
C PHE L 67 -4.40 -63.65 17.83
N GLY L 71 -10.81 -63.47 22.36
CA GLY L 71 -11.55 -62.20 22.44
C GLY L 71 -11.52 -61.46 21.10
N LEU L 72 -12.30 -60.41 21.09
CA LEU L 72 -12.43 -59.50 19.92
C LEU L 72 -11.74 -58.20 20.35
N PRO L 73 -11.03 -57.60 19.44
CA PRO L 73 -10.34 -56.33 19.73
C PRO L 73 -11.37 -55.25 20.06
N ILE L 74 -10.95 -54.28 20.85
CA ILE L 74 -11.80 -53.14 21.22
C ILE L 74 -11.49 -52.00 20.21
N GLY L 75 -12.54 -51.43 19.66
CA GLY L 75 -12.35 -50.38 18.65
C GLY L 75 -13.43 -50.50 17.58
N GLU L 76 -13.28 -49.56 16.62
CA GLU L 76 -14.23 -49.42 15.52
C GLU L 76 -13.91 -50.44 14.45
N ARG L 77 -14.85 -51.34 14.31
CA ARG L 77 -14.75 -52.43 13.34
C ARG L 77 -15.06 -51.80 11.98
N ILE L 78 -14.12 -51.96 11.09
CA ILE L 78 -14.21 -51.45 9.72
C ILE L 78 -13.57 -52.49 8.79
N ILE L 79 -13.93 -52.35 7.52
CA ILE L 79 -13.35 -53.13 6.42
C ILE L 79 -12.52 -52.13 5.60
N VAL L 80 -11.33 -52.51 5.22
CA VAL L 80 -10.48 -51.67 4.36
C VAL L 80 -10.43 -52.52 3.06
N ALA L 81 -10.94 -51.94 2.01
CA ALA L 81 -10.95 -52.70 0.70
C ALA L 81 -10.66 -51.67 -0.38
N GLY L 82 -10.32 -52.14 -1.56
CA GLY L 82 -10.01 -51.26 -2.69
C GLY L 82 -9.43 -52.12 -3.80
N ARG L 83 -8.95 -51.47 -4.83
CA ARG L 83 -8.40 -52.20 -6.00
C ARG L 83 -7.03 -51.62 -6.33
N VAL L 84 -6.20 -52.45 -6.89
CA VAL L 84 -4.83 -52.11 -7.30
C VAL L 84 -4.80 -52.10 -8.83
N VAL L 85 -4.54 -50.94 -9.38
CA VAL L 85 -4.45 -50.81 -10.85
C VAL L 85 -3.06 -50.19 -11.15
N ASP L 86 -2.69 -50.18 -12.40
CA ASP L 86 -1.45 -49.56 -12.83
C ASP L 86 -1.87 -48.16 -13.33
N GLN L 87 -0.96 -47.40 -13.85
CA GLN L 87 -1.24 -46.02 -14.28
C GLN L 87 -2.17 -45.99 -15.49
N TYR L 88 -2.22 -47.08 -16.24
CA TYR L 88 -3.06 -47.18 -17.43
C TYR L 88 -4.49 -47.55 -17.03
N GLY L 89 -4.67 -47.86 -15.75
CA GLY L 89 -5.99 -48.24 -15.22
C GLY L 89 -6.22 -49.73 -15.29
N LYS L 90 -5.19 -50.48 -15.57
CA LYS L 90 -5.22 -51.95 -15.68
C LYS L 90 -5.05 -52.56 -14.31
N PRO L 91 -5.88 -53.55 -14.01
CA PRO L 91 -5.82 -54.24 -12.72
C PRO L 91 -4.54 -55.03 -12.64
N VAL L 92 -4.07 -55.15 -11.40
CA VAL L 92 -2.82 -55.93 -11.12
C VAL L 92 -3.34 -57.10 -10.24
N PRO L 93 -3.54 -58.23 -10.88
CA PRO L 93 -4.08 -59.43 -10.19
C PRO L 93 -3.04 -60.21 -9.42
N ASN L 94 -3.50 -60.87 -8.37
CA ASN L 94 -2.72 -61.69 -7.48
C ASN L 94 -1.42 -61.01 -7.03
N THR L 95 -1.54 -59.78 -6.60
CA THR L 95 -0.32 -59.02 -6.12
C THR L 95 -0.36 -59.11 -4.59
N LEU L 96 0.77 -58.94 -3.93
CA LEU L 96 0.77 -59.09 -2.46
C LEU L 96 0.63 -57.70 -1.81
N VAL L 97 -0.31 -57.64 -0.91
CA VAL L 97 -0.60 -56.43 -0.12
C VAL L 97 -0.38 -56.78 1.35
N GLU L 98 0.44 -56.03 2.03
CA GLU L 98 0.65 -56.28 3.48
C GLU L 98 0.33 -54.97 4.18
N MET L 99 -0.25 -55.00 5.33
CA MET L 99 -0.64 -53.84 6.12
C MET L 99 -0.33 -54.11 7.59
N TRP L 100 -0.03 -53.10 8.36
CA TRP L 100 0.29 -53.17 9.79
C TRP L 100 -0.15 -51.84 10.37
N GLN L 101 -0.44 -51.80 11.66
CA GLN L 101 -0.93 -50.56 12.30
C GLN L 101 -0.93 -50.66 13.80
N ALA L 102 -1.31 -49.57 14.46
CA ALA L 102 -1.40 -49.54 15.94
C ALA L 102 -2.82 -49.99 16.31
N ASN L 103 -3.10 -50.15 17.57
CA ASN L 103 -4.46 -50.52 18.02
C ASN L 103 -5.33 -49.25 18.10
N ALA L 104 -6.54 -49.45 18.56
CA ALA L 104 -7.54 -48.42 18.74
C ALA L 104 -7.07 -47.23 19.53
N GLY L 105 -6.10 -47.38 20.38
CA GLY L 105 -5.54 -46.36 21.24
C GLY L 105 -4.24 -45.76 20.77
N GLY L 106 -3.72 -46.21 19.64
CA GLY L 106 -2.47 -45.69 19.10
C GLY L 106 -1.23 -46.42 19.59
N ARG L 107 -1.44 -47.57 20.20
CA ARG L 107 -0.36 -48.42 20.71
C ARG L 107 0.03 -49.49 19.71
N TYR L 108 1.33 -49.60 19.42
CA TYR L 108 1.87 -50.61 18.49
C TYR L 108 2.38 -51.83 19.32
N ARG L 109 2.21 -52.99 18.70
CA ARG L 109 2.68 -54.23 19.37
C ARG L 109 4.11 -54.44 18.90
N HIS L 110 5.00 -53.60 19.37
CA HIS L 110 6.42 -53.57 19.01
C HIS L 110 7.23 -53.26 20.28
N LYS L 111 8.31 -53.96 20.45
CA LYS L 111 9.19 -53.82 21.62
C LYS L 111 9.53 -52.35 21.91
N ASN L 112 9.84 -51.64 20.83
CA ASN L 112 10.27 -50.24 20.91
C ASN L 112 9.17 -49.23 21.17
N ASP L 113 7.93 -49.63 21.29
CA ASP L 113 6.83 -48.68 21.51
C ASP L 113 6.51 -48.56 22.99
N ARG L 114 6.93 -47.41 23.51
CA ARG L 114 6.79 -47.04 24.91
C ARG L 114 5.62 -46.15 25.19
N TYR L 115 4.69 -46.01 24.27
CA TYR L 115 3.54 -45.11 24.49
C TYR L 115 2.71 -45.71 25.60
N LEU L 116 2.22 -44.84 26.46
CA LEU L 116 1.45 -45.23 27.63
C LEU L 116 0.10 -45.82 27.34
N ALA L 117 -0.44 -45.69 26.14
CA ALA L 117 -1.77 -46.30 25.86
C ALA L 117 -1.47 -47.80 25.92
N PRO L 118 -2.38 -48.58 26.46
CA PRO L 118 -2.22 -50.01 26.63
C PRO L 118 -2.37 -50.83 25.36
N LEU L 119 -1.81 -52.04 25.45
CA LEU L 119 -1.90 -53.02 24.37
C LEU L 119 -3.31 -53.66 24.49
N ASP L 120 -3.75 -54.21 23.40
CA ASP L 120 -5.08 -54.88 23.33
C ASP L 120 -4.74 -56.36 23.15
N PRO L 121 -5.16 -57.12 24.16
CA PRO L 121 -4.88 -58.56 24.21
C PRO L 121 -5.36 -59.34 23.03
N ASN L 122 -6.37 -58.84 22.33
CA ASN L 122 -6.92 -59.52 21.15
C ASN L 122 -6.43 -58.87 19.87
N PHE L 123 -5.39 -58.03 19.98
CA PHE L 123 -4.97 -57.37 18.72
C PHE L 123 -3.50 -57.46 18.45
N GLY L 124 -3.20 -57.93 17.23
CA GLY L 124 -1.81 -58.06 16.74
C GLY L 124 -1.44 -56.82 15.93
N GLY L 125 -2.19 -56.60 14.85
CA GLY L 125 -1.99 -55.46 13.98
C GLY L 125 -1.37 -55.71 12.63
N VAL L 126 -1.32 -56.92 12.12
CA VAL L 126 -0.74 -57.27 10.84
C VAL L 126 -1.72 -58.05 9.97
N GLY L 127 -1.61 -57.85 8.68
CA GLY L 127 -2.46 -58.53 7.69
C GLY L 127 -1.69 -58.57 6.37
N ARG L 128 -2.05 -59.51 5.55
CA ARG L 128 -1.48 -59.75 4.23
C ARG L 128 -2.61 -60.43 3.46
N CYS L 129 -2.58 -60.27 2.16
CA CYS L 129 -3.60 -60.90 1.31
C CYS L 129 -3.13 -60.69 -0.12
N LEU L 130 -3.75 -61.41 -1.01
CA LEU L 130 -3.37 -61.32 -2.44
C LEU L 130 -4.56 -60.71 -3.16
N THR L 131 -4.32 -59.83 -4.10
CA THR L 131 -5.47 -59.23 -4.82
C THR L 131 -6.00 -60.38 -5.70
N ASP L 132 -7.27 -60.26 -6.02
CA ASP L 132 -7.95 -61.26 -6.87
C ASP L 132 -7.74 -60.86 -8.33
N SER L 133 -8.37 -61.63 -9.20
CA SER L 133 -8.25 -61.43 -10.66
C SER L 133 -8.58 -60.03 -11.09
N ASP L 134 -9.42 -59.32 -10.36
CA ASP L 134 -9.80 -57.96 -10.70
C ASP L 134 -8.94 -56.90 -10.02
N GLY L 135 -7.95 -57.35 -9.26
CA GLY L 135 -7.05 -56.45 -8.55
C GLY L 135 -7.66 -55.89 -7.28
N TYR L 136 -8.62 -56.62 -6.70
CA TYR L 136 -9.30 -56.24 -5.47
C TYR L 136 -8.73 -56.93 -4.24
N TYR L 137 -8.66 -56.18 -3.15
CA TYR L 137 -8.16 -56.70 -1.87
C TYR L 137 -9.15 -56.21 -0.79
N SER L 138 -9.04 -56.85 0.37
CA SER L 138 -9.88 -56.45 1.50
C SER L 138 -9.34 -57.01 2.78
N PHE L 139 -9.44 -56.18 3.81
CA PHE L 139 -8.96 -56.53 5.16
C PHE L 139 -10.10 -56.18 6.12
N ARG L 140 -9.99 -56.74 7.29
CA ARG L 140 -11.01 -56.46 8.34
C ARG L 140 -10.15 -56.14 9.56
N THR L 141 -10.39 -54.98 10.14
CA THR L 141 -9.54 -54.58 11.29
C THR L 141 -10.37 -53.60 12.08
N ILE L 142 -9.67 -52.93 12.98
CA ILE L 142 -10.24 -51.86 13.79
C ILE L 142 -9.43 -50.56 13.42
N LYS L 143 -10.15 -49.46 13.43
CA LYS L 143 -9.49 -48.18 13.09
C LYS L 143 -8.47 -47.84 14.18
N PRO L 144 -7.25 -47.58 13.78
CA PRO L 144 -6.18 -47.23 14.71
C PRO L 144 -6.35 -45.80 15.22
N GLY L 145 -5.69 -45.49 16.32
CA GLY L 145 -5.70 -44.17 16.94
C GLY L 145 -4.41 -43.44 16.62
N PRO L 146 -4.49 -42.11 16.72
CA PRO L 146 -3.34 -41.22 16.49
C PRO L 146 -2.29 -41.60 17.51
N TYR L 147 -1.07 -41.30 17.21
CA TYR L 147 0.13 -41.62 18.01
C TYR L 147 1.06 -40.43 18.15
N PRO L 148 1.51 -40.14 19.36
CA PRO L 148 2.44 -39.04 19.64
C PRO L 148 3.83 -39.58 19.32
N TRP L 149 4.66 -38.77 18.73
CA TRP L 149 6.02 -39.20 18.35
C TRP L 149 6.97 -38.02 18.60
N ARG L 150 8.22 -38.36 18.83
CA ARG L 150 9.21 -37.32 19.13
C ARG L 150 9.79 -36.75 17.86
N ASN L 151 9.16 -35.72 17.38
CA ASN L 151 9.54 -34.94 16.18
C ASN L 151 9.62 -33.50 16.80
N GLY L 152 8.53 -32.80 16.70
CA GLY L 152 8.47 -31.44 17.33
C GLY L 152 7.96 -31.77 18.75
N PRO L 153 7.85 -30.81 19.61
CA PRO L 153 7.41 -31.00 20.98
C PRO L 153 6.00 -31.52 21.12
N ASN L 154 5.17 -31.41 20.09
CA ASN L 154 3.76 -31.89 20.24
C ASN L 154 3.24 -32.39 18.89
N ASP L 155 3.94 -33.31 18.28
CA ASP L 155 3.58 -33.93 17.01
C ASP L 155 2.75 -35.20 17.26
N TRP L 156 1.67 -35.30 16.48
CA TRP L 156 0.77 -36.47 16.59
C TRP L 156 0.58 -37.04 15.20
N ARG L 157 0.77 -38.34 15.07
CA ARG L 157 0.54 -38.91 13.69
C ARG L 157 -1.00 -39.07 13.62
N PRO L 158 -1.50 -38.77 12.44
CA PRO L 158 -2.94 -39.00 12.20
C PRO L 158 -3.13 -40.54 12.27
N ALA L 159 -4.38 -40.95 12.43
CA ALA L 159 -4.66 -42.41 12.42
C ALA L 159 -4.23 -42.85 11.00
N HIS L 160 -3.53 -43.96 10.90
CA HIS L 160 -3.07 -44.46 9.61
C HIS L 160 -2.80 -45.96 9.68
N ILE L 161 -2.71 -46.53 8.50
CA ILE L 161 -2.38 -47.97 8.36
C ILE L 161 -1.20 -48.01 7.37
N HIS L 162 -0.17 -48.75 7.70
CA HIS L 162 1.00 -48.86 6.78
C HIS L 162 0.70 -49.91 5.73
N PHE L 163 1.10 -49.62 4.48
CA PHE L 163 0.83 -50.55 3.37
C PHE L 163 2.13 -50.79 2.61
N GLY L 164 2.20 -51.97 2.03
CA GLY L 164 3.33 -52.47 1.21
C GLY L 164 2.64 -53.28 0.08
N ILE L 165 2.94 -52.95 -1.15
CA ILE L 165 2.35 -53.61 -2.33
C ILE L 165 3.53 -54.02 -3.23
N SER L 166 3.54 -55.27 -3.68
CA SER L 166 4.66 -55.71 -4.54
C SER L 166 4.51 -55.28 -5.96
N GLY L 167 3.39 -55.58 -6.57
CA GLY L 167 3.21 -55.22 -8.04
C GLY L 167 3.90 -56.37 -8.77
N PRO L 168 3.99 -56.25 -10.08
CA PRO L 168 4.61 -57.23 -10.95
C PRO L 168 6.11 -57.22 -11.04
N SER L 169 6.79 -56.18 -10.55
CA SER L 169 8.25 -56.14 -10.65
C SER L 169 8.79 -55.36 -9.45
N ILE L 170 10.10 -55.40 -9.29
CA ILE L 170 10.72 -54.65 -8.19
C ILE L 170 10.64 -53.15 -8.44
N ALA L 171 10.26 -52.81 -9.66
CA ALA L 171 10.15 -51.40 -10.10
C ALA L 171 8.87 -50.77 -9.58
N THR L 172 7.84 -51.57 -9.34
CA THR L 172 6.56 -51.18 -8.85
C THR L 172 6.41 -51.24 -7.35
N LYS L 173 7.23 -52.06 -6.71
CA LYS L 173 7.17 -52.22 -5.25
C LYS L 173 7.02 -50.87 -4.57
N LEU L 174 6.06 -50.80 -3.65
CA LEU L 174 5.79 -49.54 -2.91
C LEU L 174 5.39 -49.77 -1.48
N ILE L 175 5.76 -48.84 -0.63
CA ILE L 175 5.35 -48.88 0.80
C ILE L 175 4.75 -47.45 1.01
N THR L 176 3.58 -47.41 1.59
CA THR L 176 2.90 -46.13 1.81
C THR L 176 2.09 -46.19 3.10
N GLN L 177 1.23 -45.18 3.27
CA GLN L 177 0.37 -45.07 4.42
C GLN L 177 -1.02 -44.66 3.94
N LEU L 178 -2.00 -45.14 4.64
CA LEU L 178 -3.43 -44.85 4.40
C LEU L 178 -3.87 -43.91 5.55
N TYR L 179 -4.63 -42.90 5.19
CA TYR L 179 -5.16 -41.96 6.19
C TYR L 179 -6.67 -42.00 6.05
N PHE L 180 -7.36 -41.53 7.07
CA PHE L 180 -8.83 -41.58 7.09
C PHE L 180 -9.44 -40.22 6.85
N GLU L 181 -10.39 -40.21 5.95
CA GLU L 181 -11.16 -39.06 5.51
C GLU L 181 -11.64 -38.22 6.68
N GLY L 182 -11.37 -36.93 6.62
CA GLY L 182 -11.74 -35.91 7.59
C GLY L 182 -10.83 -35.74 8.77
N ASP L 183 -9.83 -36.59 8.86
CA ASP L 183 -8.90 -36.46 10.06
C ASP L 183 -8.20 -35.15 10.08
N PRO L 184 -8.47 -34.37 11.14
CA PRO L 184 -7.88 -33.03 11.31
C PRO L 184 -6.39 -32.99 11.52
N LEU L 185 -5.79 -34.13 11.88
CA LEU L 185 -4.34 -34.16 12.09
C LEU L 185 -3.62 -34.27 10.76
N ILE L 186 -4.36 -34.70 9.75
CA ILE L 186 -3.70 -34.92 8.45
C ILE L 186 -2.84 -33.77 7.99
N PRO L 187 -3.41 -32.57 7.94
CA PRO L 187 -2.71 -31.39 7.45
C PRO L 187 -1.58 -30.91 8.31
N MET L 188 -1.51 -31.32 9.56
CA MET L 188 -0.46 -30.83 10.46
C MET L 188 0.71 -31.76 10.55
N CYS L 189 0.61 -32.96 10.04
CA CYS L 189 1.67 -33.95 10.08
C CYS L 189 2.79 -33.70 9.08
N PRO L 190 4.01 -33.68 9.64
CA PRO L 190 5.25 -33.50 8.91
C PRO L 190 5.57 -34.62 7.94
N ILE L 191 5.19 -35.85 8.26
CA ILE L 191 5.40 -37.00 7.34
C ILE L 191 4.49 -36.81 6.12
N VAL L 192 3.22 -36.49 6.32
CA VAL L 192 2.26 -36.23 5.24
C VAL L 192 2.83 -35.10 4.35
N LYS L 193 3.16 -34.00 5.01
CA LYS L 193 3.74 -32.81 4.41
C LYS L 193 5.04 -33.06 3.70
N SER L 194 5.55 -34.28 3.69
CA SER L 194 6.80 -34.56 2.92
C SER L 194 6.36 -34.59 1.44
N ILE L 195 5.07 -34.69 1.22
CA ILE L 195 4.46 -34.70 -0.11
C ILE L 195 4.09 -33.23 -0.43
N ALA L 196 4.79 -32.61 -1.33
CA ALA L 196 4.58 -31.22 -1.74
C ALA L 196 3.28 -30.94 -2.43
N ASN L 197 2.78 -31.81 -3.26
CA ASN L 197 1.52 -31.61 -3.98
C ASN L 197 0.30 -32.03 -3.17
N PRO L 198 -0.57 -31.08 -2.90
CA PRO L 198 -1.81 -31.31 -2.17
C PRO L 198 -2.66 -32.41 -2.80
N GLU L 199 -2.55 -32.52 -4.12
CA GLU L 199 -3.28 -33.52 -4.88
C GLU L 199 -2.72 -34.91 -4.61
N ALA L 200 -1.43 -34.97 -4.34
CA ALA L 200 -0.78 -36.26 -4.04
C ALA L 200 -1.29 -36.76 -2.67
N VAL L 201 -1.39 -35.83 -1.74
CA VAL L 201 -1.87 -36.13 -0.38
C VAL L 201 -3.26 -36.77 -0.44
N GLN L 202 -4.12 -36.25 -1.30
CA GLN L 202 -5.49 -36.73 -1.47
C GLN L 202 -5.54 -38.20 -1.82
N GLN L 203 -4.53 -38.69 -2.51
CA GLN L 203 -4.48 -40.09 -2.92
C GLN L 203 -4.21 -41.04 -1.72
N LEU L 204 -3.82 -40.50 -0.60
CA LEU L 204 -3.52 -41.34 0.58
C LEU L 204 -4.66 -41.41 1.58
N ILE L 205 -5.76 -40.75 1.19
CA ILE L 205 -6.94 -40.67 2.05
C ILE L 205 -8.02 -41.64 1.64
N ALA L 206 -8.29 -42.58 2.53
CA ALA L 206 -9.33 -43.63 2.27
C ALA L 206 -10.66 -42.94 2.49
N LYS L 207 -11.62 -43.15 1.63
CA LYS L 207 -12.95 -42.55 1.75
C LYS L 207 -13.94 -43.52 2.42
N LEU L 208 -14.80 -42.99 3.24
CA LEU L 208 -15.85 -43.74 3.94
C LEU L 208 -16.71 -44.39 2.82
N ASP L 209 -16.98 -45.67 3.00
CA ASP L 209 -17.78 -46.37 1.95
C ASP L 209 -18.98 -47.03 2.61
N MET L 210 -20.08 -46.29 2.66
CA MET L 210 -21.30 -46.79 3.30
C MET L 210 -21.86 -47.98 2.54
N ASN L 211 -21.57 -48.08 1.26
CA ASN L 211 -22.10 -49.18 0.40
C ASN L 211 -21.44 -50.51 0.70
N ASN L 212 -20.26 -50.51 1.28
CA ASN L 212 -19.52 -51.73 1.56
C ASN L 212 -19.60 -52.15 3.01
N ALA L 213 -20.31 -51.36 3.79
CA ALA L 213 -20.48 -51.57 5.22
C ALA L 213 -21.51 -52.67 5.50
N ASN L 214 -21.29 -53.35 6.61
CA ASN L 214 -22.22 -54.40 7.06
C ASN L 214 -23.10 -53.77 8.15
N PRO L 215 -24.34 -53.52 7.78
CA PRO L 215 -25.28 -52.88 8.72
C PRO L 215 -25.22 -53.64 10.04
N MET L 216 -25.27 -52.93 11.11
CA MET L 216 -25.25 -53.38 12.48
C MET L 216 -23.96 -54.11 12.81
N ASP L 217 -22.93 -53.94 11.99
CA ASP L 217 -21.66 -54.67 12.26
C ASP L 217 -20.41 -53.85 12.14
N CYS L 218 -20.08 -53.42 10.92
CA CYS L 218 -18.86 -52.61 10.71
C CYS L 218 -19.00 -51.67 9.52
N LEU L 219 -18.25 -50.60 9.59
CA LEU L 219 -18.24 -49.59 8.51
C LEU L 219 -17.16 -50.03 7.52
N ALA L 220 -16.95 -49.26 6.49
CA ALA L 220 -15.91 -49.61 5.50
C ALA L 220 -15.29 -48.36 4.89
N TYR L 221 -14.04 -48.55 4.50
CA TYR L 221 -13.25 -47.48 3.86
C TYR L 221 -12.72 -48.06 2.57
N ARG L 222 -12.65 -47.20 1.56
CA ARG L 222 -12.19 -47.58 0.22
C ARG L 222 -10.82 -46.93 0.00
N PHE L 223 -9.88 -47.74 -0.45
CA PHE L 223 -8.50 -47.25 -0.69
C PHE L 223 -7.93 -47.92 -1.94
N ASP L 224 -7.99 -47.22 -3.07
CA ASP L 224 -7.44 -47.81 -4.32
C ASP L 224 -5.99 -47.43 -4.38
N ILE L 225 -5.23 -48.32 -5.03
CA ILE L 225 -3.78 -48.08 -5.18
C ILE L 225 -3.40 -48.06 -6.62
N VAL L 226 -2.49 -47.19 -7.00
CA VAL L 226 -2.05 -47.13 -8.41
C VAL L 226 -0.55 -47.40 -8.47
N LEU L 227 -0.17 -48.39 -9.28
CA LEU L 227 1.25 -48.70 -9.46
C LEU L 227 1.70 -48.16 -10.81
N ARG L 228 3.02 -48.09 -10.95
CA ARG L 228 3.65 -47.60 -12.17
C ARG L 228 3.00 -48.34 -13.35
N GLY L 229 2.68 -47.56 -14.37
CA GLY L 229 2.06 -48.15 -15.59
C GLY L 229 3.09 -49.06 -16.23
N GLN L 230 2.61 -50.16 -16.77
CA GLN L 230 3.40 -51.19 -17.42
C GLN L 230 3.05 -51.20 -18.91
N ARG L 231 4.05 -51.18 -19.74
CA ARG L 231 3.79 -51.21 -21.21
C ARG L 231 4.82 -52.13 -21.87
N LYS L 232 4.50 -52.44 -23.11
CA LYS L 232 5.43 -53.32 -23.88
C LYS L 232 6.50 -52.40 -24.48
N THR L 233 7.64 -53.03 -24.68
CA THR L 233 8.79 -52.29 -25.29
C THR L 233 8.40 -52.11 -26.76
N HIS L 234 8.93 -51.12 -27.41
CA HIS L 234 8.62 -50.87 -28.84
C HIS L 234 9.85 -50.22 -29.48
N PHE L 235 10.08 -50.60 -30.71
CA PHE L 235 11.21 -50.13 -31.52
C PHE L 235 12.51 -50.11 -30.74
N GLU L 236 12.59 -50.85 -29.65
CA GLU L 236 13.79 -50.91 -28.82
C GLU L 236 15.05 -51.43 -29.44
C CYN M . 6.31 25.30 4.16
N CYN M . 7.13 26.17 4.04
FE FE N . 6.67 22.88 3.96
N1 NNO O . 3.95 23.62 4.27
C2 NNO O . 2.87 24.37 4.13
C3 NNO O . 2.20 24.97 5.22
C4 NNO O . 2.72 24.72 6.51
C5 NNO O . 3.85 23.93 6.65
C6 NNO O . 4.46 23.41 5.51
C7 NNO O . 0.97 25.85 5.04
O1 NNO O . 0.52 26.06 3.91
O2 NNO O . 0.40 26.37 6.03
O4 NNO O . 5.49 22.69 5.63
O3 NNO O . 4.52 23.10 3.27
C CYN P . -36.80 19.54 16.84
N CYN P . -36.89 20.42 17.64
FE FE Q . -37.16 17.40 16.39
N1 NNO R . -36.07 18.91 14.11
C2 NNO R . -35.32 19.86 13.56
C3 NNO R . -35.87 20.93 12.82
C4 NNO R . -37.25 20.97 12.68
C5 NNO R . -38.04 19.98 13.25
C6 NNO R . -37.41 18.95 13.95
C7 NNO R . -34.99 22.04 12.22
O1 NNO R . -33.77 22.04 12.34
O2 NNO R . -35.48 22.98 11.60
O4 NNO R . -38.15 18.04 14.49
O3 NNO R . -35.52 17.99 14.76
C CYN S . -27.10 30.11 -26.51
N CYN S . -27.28 31.15 -25.96
FE FE T . -26.67 28.25 -26.91
N1 NNO U . -25.25 28.87 -24.52
C2 NNO U . -25.06 29.37 -23.32
C3 NNO U . -23.99 30.25 -23.03
C4 NNO U . -23.13 30.61 -24.09
C5 NNO U . -23.37 30.10 -25.37
C6 NNO U . -24.43 29.22 -25.54
C7 NNO U . -23.80 30.86 -21.64
O1 NNO U . -24.56 30.54 -20.73
O2 NNO U . -22.92 31.65 -21.36
O4 NNO U . -24.63 28.72 -26.71
O3 NNO U . -26.22 28.08 -24.69
C CYN V . 21.65 -4.11 13.85
N CYN V . 22.68 -4.56 14.24
FE FE W . 20.13 -3.03 12.97
N1 NNO X . 20.84 -5.20 11.28
C2 NNO X . 21.32 -6.41 11.06
C3 NNO X . 22.49 -6.66 10.29
C4 NNO X . 23.16 -5.54 9.80
C5 NNO X . 22.67 -4.25 10.04
C6 NNO X . 21.49 -4.14 10.79
C7 NNO X . 23.04 -8.06 10.03
O1 NNO X . 22.46 -9.05 10.47
O2 NNO X . 24.06 -8.26 9.37
O4 NNO X . 21.04 -2.94 11.02
O3 NNO X . 19.78 -5.02 11.97
C CYN Y . 24.80 -28.42 -24.94
N CYN Y . 25.88 -28.67 -24.49
FE FE Z . 22.83 -27.91 -25.55
N1 NNO AA . 22.67 -28.89 -22.60
C2 NNO AA . 23.06 -29.07 -21.34
C3 NNO AA . 23.39 -30.34 -20.81
C4 NNO AA . 23.28 -31.43 -21.69
C5 NNO AA . 22.85 -31.25 -22.99
C6 NNO AA . 22.56 -29.95 -23.42
C7 NNO AA . 23.90 -30.52 -19.38
O1 NNO AA . 24.00 -29.56 -18.59
O2 NNO AA . 24.18 -31.66 -18.96
O4 NNO AA . 22.17 -29.79 -24.63
O3 NNO AA . 22.42 -27.72 -22.98
C CYN BA . 4.84 -46.68 12.42
N CYN BA . 6.00 -46.96 12.24
FE FE CA . 3.06 -45.59 12.10
N1 NNO DA . 5.14 -43.52 11.83
C2 NNO DA . 6.34 -43.05 11.47
C3 NNO DA . 7.25 -42.54 12.42
C4 NNO DA . 6.84 -42.51 13.77
C5 NNO DA . 5.60 -43.01 14.12
C6 NNO DA . 4.78 -43.52 13.10
C7 NNO DA . 8.64 -42.02 12.03
O1 NNO DA . 9.01 -42.02 10.85
O2 NNO DA . 9.42 -41.55 12.87
O4 NNO DA . 3.64 -43.98 13.43
O3 NNO DA . 4.38 -44.01 10.92
#